data_6WG3
#
_entry.id   6WG3
#
_cell.length_a   1.00
_cell.length_b   1.00
_cell.length_c   1.00
_cell.angle_alpha   90.00
_cell.angle_beta   90.00
_cell.angle_gamma   90.00
#
_symmetry.space_group_name_H-M   'P 1'
#
loop_
_entity.id
_entity.type
_entity.pdbx_description
1 polymer 'Structural maintenance of chromosomes protein 1A'
2 polymer 'Structural maintenance of chromosomes protein 3'
3 polymer 'Double-strand-break repair protein rad21 homolog'
4 polymer 'Cohesin subunit SA-1'
5 polymer 'Nipped-B-like protein'
6 polymer 'DNA (51-MER)'
7 polymer 'DNA (51-MER)'
8 non-polymer 'PHOSPHOAMINOPHOSPHONIC ACID-ADENYLATE ESTER'
#
loop_
_entity_poly.entity_id
_entity_poly.type
_entity_poly.pdbx_seq_one_letter_code
_entity_poly.pdbx_strand_id
1 'polypeptide(L)'
;MGFLKLIEIENFKSYKGRQIIGPFQRFTAIIGPNGSGKSNLMDAISFVLGEKTSNLRVKTLRDLIHGAPVGKPAANRAFV
SMVYSEEGAEDRTFARVIVGGSSEYKINNKVVQLHEYSEELEKLGILIKARNFLVFQGAVESIAMKNPKERTALFEEISR
SGELAQEYDKRKKEMVKAEEDTQFNYHRKKNIAAERKEAKQEKEEADRYQRLKDEVVRAQVQLQLFKLYHNEVEIEKLNK
ELASKNKEIEKDKKRMDKVEDELKEKKKELGKMMREQQQIEKEIKEKDSELNQKRPQYIKAKENTSHKIKKLEAAKKSLQ
NAQKHYKKRKGDMDELEKEMLSVEKARQEFEERMEEESQSQGRDLTLEENQVKKYHRLKEEASKRAATLAQELEKFNRDQ
KADQDRLDLEERKKVETEAKIKQKLREIEENQKRIEKLEEYITTSKQSLEEQKKLEGELTEEVEMAKRRIDEINKELNQV
MEQLGDARIDRQESSRQQRKAEIMESIKRLYPGSVYGRLIDLCQPTQKKYQIAVTKVLGKNMDAIIVDSEKTGRDCIQYI
KEQRGEPETFLPLDYLEVKPTDEKLRELKGAKLVIDVIRYEPPHIKKALQYACGNALVCDNVEDARRIAFGGHQRHKTVA
LDGTLFQKSGVISGGASDLKAKARRWDEKAVDKLKEKKERLTEELKEQMKAKRKEAELRQVQSQAHGLQMRLKYSQSDLE
QTKTRHLALNLQEKSKLESELANFGPRINDIKRIIQSREREMKDLKEKMNQVEDEVFEEFCREIGVRNIREFEEEKVKRQ
NEIAKKRLEFENQKTRLGIQLDFEKNQLKEDQDKVHMWEQTVKKDENEIEKLKKEEQRHMKIIDETMAQLQDLKNQHLAK
KSEVNDKNHEMEEIRKKLGGANKEMTHLQKEVTAIETKLEQKRSDRHNLLQACKMQDIKLPLSKGTMDDISQEEGSSQGE
DSVSGSQRISSIYAREALIEIDYGDLCEDLKDAQAEEEIKQEMNTLQQKLNEQQSVLQRIAAPNMKAMEKLESVRDKFQE
TSDEFEAARKRAKKAKQAFEQIKKERFDRFNACFESVATNIDEIYKALSRNSSAQAFLGPENPEEPYLDGINYNCVAPGK
RFRPMDNLSGGEKTVAALALLFAIHSYKPAPFFVLDQIDAALDNTNIGKVANYIKEQSTCNFQAIVISLKEEFYTKAESL
IGVYPEQGDCVISKVLTFDLTKYPDANPNPNEQ
;
A
2 'polypeptide(L)'
;MYIKQVIIQGFRSYRDQTIVDPFSSKHNVIVGRNGSGKSNFFYAIQFVLSDEFSHLRPEQRLALLHEGTGPRVISAFVEI
IFDNSDNRLPIDKEEVSLRRVIGAKKDQYFLDKKMVTKNDVMNLLESAGFSRSNPYYIVKQGKINQMATAPDSQRLKLLR
EVAGTRVYDERKEESISLMKETEGKREKINELLKYIEERLHTLEEEKEELAQYQKWDKMRRALEYTIYNQELNETRAKLD
ELSAKRETSGEKSRQLRDAQQDARDKMEDIERQVRELKTKISAMKEEKEQLSAERQEQIKQRTKLELKAKDLQDELAGNS
EQRKRLLKERQKLLEKIEEKQKELAETEPKFNSVKEKEERGIARLAQATQERTDLYAKQGRGSQFTSKEERDKWIKKELK
SLDQAINDKKRQIAAIHKDLEDTEANKEKNLEQYNKLDQDLNEVKARVEELDRKYYEVKNKKDELQSERNYLWREENAEQ
QALAAKREDLEKKQQLLRAATGKAILNGIDSINKVLDHFRRKGINQHVQNGYHGIVMNNFECEPAFYTCVEVTAGNRLFY
HIVDSDEVSTKILMEFNKMNLPGEVTFLPLNKLDVRDTAYPETNDAIPMISKLRYNPRFDKAFKHVFGKTLICRSMEVST
QLARAFTMDCITLEGDQVSHRGALTGGYYDTRKSRLELQKDVRKAEEELGELEAKLNENLRRNIERINNEIDQLMNQMQQ
IETQQRKFKASRDSILSEMKMLKEKRQQSEKTFMPKQRSLQSLEASLHAMESTRESLKAELGTDLLSQLSLEDQKRVDAL
NDEIRQLQQENRQLLNERIKLEGIITRVETYLNENLRKRLDQVEQELNELRETEGGTVLTATTSELEAINKRVKDTMARS
EDLDNSIDKTEAGIKELQKSMERWKNMEKEHMDAINHDTKELEKMTNRQGMLLKKKEECMKKIRELGSLPQEAFEKYQTL
SLKQLFRKLEQCNTELKKYSHVNKKALDQFVNFSEQKEKLIKRQEELDRGYKSIMELMNVLELRKYEAIQLTFKQVSKNF
SEVFQKLVPGGKATLVMKKGDVEGSQSQDEGEGSGESERGSGSQSSVPSVDQFTGVGIRVSFTGKQGEMREMQQLSGGQK
SLVALALIFAIQKCDPAPFYLFDQIDQALDAQHRKAVSDMIMELAVHAQFITTTFRPELLESADKFYGVKFRNKVSHIDV
ITAEMAKDFVEDDTTHG
;
B
3 'polypeptide(L)'
;MFYAHFVLSKRGPLAKIWLAAHWDKKLTKAHVFECNLESSVESIISPKVKMALRTSGHLLLGVVRIYHRKAKYLLADCNE
AFIKIKMAFRPGVVDLPEENREAAYNAITLPEEFHDFDQPLPDLDDIDVAQQFSLNQSRVEEITMREEVGNISILQENDF
GDFGMDDREIMAEGSAFEDDDMLVSTTTSNLLLESEQSTSNLNEKINHLEYEDQYKDDNFGEGNDGGILDDKLISNNDGG
IFDDPPALSEAGVMLPEQPAHDDMDEDDNVSMGGPDSPASVDPVEPMPTMTDQTTLVPNEEEAFALEPIDITVKETKAKR
KRKLIVDSVKELDSKTIRAQLSDYSDIVTTLDLAPPTKKLMMWKETGGVEKLFSLPAQPLWNNRLLKLFTRCLTPLVPED
LRKRRKGGEADNLDEFLKEFENPEVPREDQQQQHQQRDVIDEPIIEEPSALQESVMEASRTNIDESAMPPPPPQGVKRKA
GQIDPEPVMPPQQVEQMEIPPVELPPEEPPNICQLIPELELLPEKEKEKEKEKEDDEEEEDEDASGGDQDQEERRWNKRT
QQMLHGLQRALAKTGAESISLLELCRNTNRKQAAAKFYSFLVLKKQQAIELTQEEPYSDIIATPGPRFHII
;
C
4 'polypeptide(L)'
;MITSELPVLQDSTNETTAHSDAGSELEETEVKGKRKRGRPGRPPSTNKKPRKSPGEKSRIEAGIRGAGRGRANGHPQQNG
EGEPVTLFEVVKLGKSAMQSVVDDWIESYKQDRDIALLDLINFFIQCSGCRGTVRIEMFRNMQNAEIIRKMTEEFDEDSG
DYPLTMPGPQWKKFRSNFCEFIGVLIRQCQYSIIYDEYMMDTVISLLTGLSDSQVRAFRHTSTLAAMKLMTALVNVALNL
SIHQDNTQRQYEAERNKMIGKRANERLELLLQKRKELQENQDEIENMMNSIFKGIFVHRYRDAIAEIRAICIEEIGVWMK
MYSDAFLNDSYLKYVGWTLHDRQGEVRLKCLKALQSLYTNRELFPKLELFTNRFKDRIVSMTLDKEYDVAVEAIRLVTLI
LHGSEEALSNEDCENVYHLVYSAHRPVAVAAGEFLHKKLFSRHDPQAEEALAKRRGRNSPNGNLIRMLVLFFLESELHEH
AAYLVDSLWESSQELLKDWECMTELLLEEPVQGEEAMSDRQESALIELMVCTIRQAAEAHPPVGRGTGKRVLTAKERKTQ
IDDRNKLTEHFIITLPMLLSKYSADAEKVANLLQIPQYFDLEIYSTGRMEKHLDALLKQIKFVVEKHVESDVLEACSKTY
SILCSEEYTIQNRVDIARSQLIDEFVDRFNHSVEDLLQEGEEADDDDIYNVLSTLKRLTSFHNAHDLTKWDLFGNCYRLL
KTGIEHGAMPEQIVVQALQCSHYSILWQLVKITDGSPSKEDLLVLRKTVKSFLAVCQQCLSNVNTPVKEQAFMLLCDLLM
IFSHQLMTGGREGLQPLVFNPDTGLQSELLSFVMDHVFIDQDEENQSMEGDEEDEANKIEALHKRRNLLAAFSKLIIYDI
VDMHAAADIFKHYMKYYNDYGDIIKETLSKTRQIDKIQCAKTLILSLQQLFNELVQEQGPNLDRTSAHVSGIKELARRFA
LTFGLDQIKTREAVATLHKDGIEFAFKYQNQKGQEYPPPNLAFLEVLSEFSSKLLRQDKKTVHSYLEKFLTEQMMERRED
VWLPLISYRNSLVTGGEDDRMSVNSGSSSSKTSSVRNKKGRPPLHKKRVEDESLDNTWLNRTDTMIQTPGPLPAPQLTST
VLRENSRPMGDQIQEPESEHGSEPDFLHNPQMQISWLGQPKLEDLNRKDRTGMNYMKVRTGVRHAVRGLMEEDAEPIFED
VMMSSRSQLEDMNEEFEDTMVIDLPPSRNRRERAELRPDFFDSAAIIEDDSGFGMPMFGAPMRSGALEVLFQ
;
D
5 'polypeptide(L)'
;MSYYHHHHHHPSLSEVARKMKKKEKQKKRKAYEPKLTPEEMMDSSTFKRFTASIENILDNLEDMDFTAFGDDDEIPQELL
LGKHQLNELGSESAKIKAMGIMDKLSTDKTVKVLNILEKNIQDGSKLSTLLNHNNDTEEEERLWRDLIMERVTKSADACL
TTINIMTSPNMPKAVYIEDVIERVIQYTKFHLQNTLYPQYDPVYRLDPHGGGLLSSKAKRAKCSTHKQRVIVMLYNKVCD
IVSSLSELLEIQLLTDTTILQVSSMGITPFFVENVSELQLCAIKLVTAVFSRYEKHRQLILEEIFTSLARLPTSKRSLRN
FRLNSSDMDGEPMYIQMVTALVLQLIQCVVHLPSSEKDSNAEEDSNKKIDQDVVITNSYETAMRTAQNFLSIFLKKCGSK
QGEEDYRPLFENFVQDLLSTVNKPEWPAAELLLSLLGRLLVHQFSNKSTEMALRVASLDYLGTVAARLRKDAVTSKMDQG
SIERILKQVSGGEDEIQQLQKALLDYLDENTETDPSLVFSRKFYIAQWFRDTTLETEKAMKSQKDEESSEGTHHAKEIET
TGQIMHRAENRKKFLRSIIKTTPSQFSTLKMNSDTVDYDDACLIVRYLASMRPFAQSFDIYLTQILRVLGENAIAVRTKA
MKCLSEVVAVDPSILARLDMQRGVHGRLMDNSTSVREAAVELLGRFVLCRPQLAEQYYDMLIERILDTGISVRKRVIKIL
RDICIEQPTFPKITEMCVKMIRRVNDEEGIKKLVNETFQKLWFTPTPHNDKEAMTRKILNITDVVAACRDTGYDWFEQLL
QNLLKSEEDSSYKPVKKACTQLVDNLVEHILKYEESLADSDNKGVNSGRLVACITTLFLFSKIRPQLMVKHAMTMQPYLT
TKCSTQNDFMVICNVAKILELVVPLMEHPSETFLATIEEDLMKLIIKYGMTVVQHCVSCLGAVVNKVTQNFKFVWACFNR
YYGAISKLKSQHQEDPNNTSLLTNKPALLRSLFTVGALCRHFDFDLEDFKGNSKVNIKDKVLELLMYFTKHSDEEVQTKA
IIGLGFAFIQHPSLMFEQEVKNLYNNILSDKNSSVNLKIQVLKNLQTYLQEEDTRMQQADRDWKKVAKQEDLKEMGDVSS
GMSSSIMQLYLKQVLEAFFHTQSSVRHFALNVIALTLNQGLIHPVQCVPYLIAMGTDPEPAMRNKADQQLVEIDKKYAGF
IHMKAVAGMKMSYQVQQAINTCLKDPVRGFRQDESSSALCSHLYSMIRGNRQHRRAFLISLLNLFDDTAKTDVTMLLYIA
DNLACFPYQTQEEPLFIMHHIDITLSVSGSNLLQSFKESMVKDKRKERKSSPSKENESSDSEEEVSRPRKSRKRVDSDSD
SDSEDDINSVMKCLPENSAPLIEFANVSQGILLLLMLKQHLKNLCGFSDSKIQKYSPSESAKVYDKAINRKTGVHFHPKQ
TLDFLRSDMANSKITEEVKRSIVKQYLDFKLLMEHLDPDEEEEEGEVSASTNARNKAITSLLGGGSPKNNTAAETEDDES
DGEDRGGGTSGSLRRSKRNSDSTELAAQMNESVDVMDVIAICCPKYKDRPQIARVVQKTSSGFSVQWMAGSYSGSWTEAK
RRDGRKLVPWVDTIKESDIIYKKIALTSANKLTNKVVQTLRSLYAAKDGTSS
;
E
6 'polydeoxyribonucleotide'
;(DA)(DA)(DA)(DA)(DA)(DA)(DA)(DA)(DA)(DA)(DA)(DA)(DA)(DA)(DA)(DA)(DA)(DA)(DA)(DA)
(DA)(DA)(DA)(DA)(DA)(DA)(DA)(DA)(DA)(DA)(DA)(DA)(DA)(DA)(DA)(DA)(DA)(DA)(DA)(DA)
(DA)(DA)(DA)(DA)(DA)(DA)(DA)(DA)(DA)(DA)(DA)
;
F
7 'polydeoxyribonucleotide'
;(DT)(DT)(DT)(DT)(DT)(DT)(DT)(DT)(DT)(DT)(DT)(DT)(DT)(DT)(DT)(DT)(DT)(DT)(DT)(DT)
(DT)(DT)(DT)(DT)(DT)(DT)(DT)(DT)(DT)(DT)(DT)(DT)(DT)(DT)(DT)(DT)(DT)(DT)(DT)(DT)
(DT)(DT)(DT)(DT)(DT)(DT)(DT)(DT)(DT)(DT)(DT)
;
G
#
# COMPACT_ATOMS: atom_id res chain seq x y z
N GLY A 2 -83.77 -26.59 24.83
CA GLY A 2 -84.61 -25.74 24.00
C GLY A 2 -83.83 -25.08 22.90
N PHE A 3 -84.31 -23.93 22.43
CA PHE A 3 -83.70 -23.20 21.33
C PHE A 3 -84.20 -21.77 21.34
N LEU A 4 -83.86 -21.01 20.31
CA LEU A 4 -84.15 -19.58 20.24
C LEU A 4 -85.31 -19.38 19.28
N LYS A 5 -86.51 -19.19 19.84
CA LYS A 5 -87.71 -19.16 19.02
C LYS A 5 -87.82 -17.86 18.22
N LEU A 6 -87.97 -16.73 18.90
CA LEU A 6 -88.07 -15.44 18.24
C LEU A 6 -87.83 -14.34 19.25
N ILE A 7 -87.60 -13.13 18.74
CA ILE A 7 -87.32 -11.97 19.58
C ILE A 7 -88.29 -10.82 19.30
N GLU A 8 -88.09 -9.69 19.99
CA GLU A 8 -89.00 -8.56 19.95
C GLU A 8 -88.22 -7.26 20.14
N ILE A 9 -88.44 -6.30 19.24
CA ILE A 9 -87.69 -5.05 19.23
C ILE A 9 -88.65 -3.87 19.50
N GLU A 10 -88.09 -2.77 20.00
CA GLU A 10 -88.82 -1.51 20.16
C GLU A 10 -87.83 -0.37 20.29
N ASN A 11 -87.83 0.54 19.31
CA ASN A 11 -87.03 1.77 19.28
C ASN A 11 -85.52 1.59 19.37
N PHE A 12 -85.03 0.36 19.38
CA PHE A 12 -83.61 0.14 19.63
C PHE A 12 -82.88 0.12 18.29
N LYS A 13 -82.07 1.15 18.04
CA LYS A 13 -81.05 1.16 16.99
C LYS A 13 -81.65 0.91 15.61
N SER A 14 -82.41 1.91 15.17
CA SER A 14 -83.01 1.97 13.83
C SER A 14 -84.06 0.88 13.65
N TYR A 15 -84.86 0.65 14.69
CA TYR A 15 -86.08 -0.15 14.58
C TYR A 15 -87.22 0.58 15.28
N LYS A 16 -87.91 1.45 14.57
CA LYS A 16 -88.99 2.21 15.17
C LYS A 16 -90.20 1.29 15.37
N GLY A 17 -91.05 1.63 16.34
CA GLY A 17 -92.24 0.86 16.61
C GLY A 17 -92.02 -0.57 17.09
N ARG A 18 -93.10 -1.30 17.35
CA ARG A 18 -93.04 -2.70 17.74
C ARG A 18 -93.30 -3.58 16.54
N GLN A 19 -92.41 -4.52 16.29
CA GLN A 19 -92.62 -5.55 15.29
C GLN A 19 -92.02 -6.83 15.81
N ILE A 20 -92.59 -7.95 15.39
CA ILE A 20 -92.20 -9.27 15.87
C ILE A 20 -91.33 -9.92 14.81
N ILE A 21 -90.07 -10.19 15.16
CA ILE A 21 -89.26 -11.09 14.35
C ILE A 21 -89.93 -12.44 14.33
N GLY A 22 -90.09 -12.99 13.13
CA GLY A 22 -90.77 -14.25 12.91
C GLY A 22 -90.20 -15.43 13.66
N PRO A 23 -90.95 -16.53 13.72
CA PRO A 23 -90.43 -17.74 14.36
C PRO A 23 -89.24 -18.28 13.58
N PHE A 24 -88.26 -18.77 14.33
CA PHE A 24 -87.02 -19.27 13.75
C PHE A 24 -87.15 -20.76 13.51
N GLN A 25 -86.64 -21.20 12.38
CA GLN A 25 -86.60 -22.62 12.10
C GLN A 25 -85.33 -23.18 12.71
N ARG A 26 -84.94 -24.40 12.33
CA ARG A 26 -83.81 -25.04 12.98
C ARG A 26 -82.49 -24.33 12.66
N PHE A 27 -82.37 -23.75 11.47
CA PHE A 27 -81.11 -23.16 11.05
C PHE A 27 -81.44 -22.11 9.99
N THR A 28 -81.45 -20.84 10.40
CA THR A 28 -81.88 -19.72 9.58
C THR A 28 -80.67 -18.86 9.19
N ALA A 29 -80.94 -17.74 8.51
CA ALA A 29 -79.92 -16.80 8.11
C ALA A 29 -80.58 -15.44 7.90
N ILE A 30 -79.79 -14.37 8.03
CA ILE A 30 -80.30 -13.00 8.07
C ILE A 30 -79.57 -12.21 6.98
N ILE A 31 -80.13 -12.23 5.77
CA ILE A 31 -79.51 -11.63 4.60
C ILE A 31 -80.06 -10.24 4.36
N GLY A 32 -79.35 -9.47 3.52
CA GLY A 32 -79.77 -8.13 3.17
C GLY A 32 -78.63 -7.31 2.60
N PRO A 33 -78.97 -6.32 1.77
CA PRO A 33 -77.94 -5.51 1.12
C PRO A 33 -77.27 -4.57 2.10
N ASN A 34 -76.15 -4.00 1.67
CA ASN A 34 -75.31 -3.18 2.54
C ASN A 34 -76.04 -1.98 3.12
N GLY A 35 -75.58 -1.55 4.30
CA GLY A 35 -76.11 -0.40 5.03
C GLY A 35 -77.55 -0.51 5.49
N SER A 36 -78.19 -1.65 5.22
CA SER A 36 -79.57 -1.87 5.64
C SER A 36 -79.74 -1.92 7.16
N GLY A 37 -78.67 -2.12 7.93
CA GLY A 37 -78.85 -2.23 9.36
C GLY A 37 -79.31 -3.62 9.79
N LYS A 38 -78.42 -4.58 9.71
CA LYS A 38 -78.69 -5.95 10.11
C LYS A 38 -77.85 -6.41 11.28
N SER A 39 -76.66 -5.85 11.46
CA SER A 39 -75.81 -6.17 12.60
C SER A 39 -76.50 -5.84 13.92
N ASN A 40 -77.32 -4.80 13.91
CA ASN A 40 -77.97 -4.32 15.11
C ASN A 40 -78.97 -5.31 15.71
N LEU A 41 -79.51 -6.25 14.95
CA LEU A 41 -80.26 -7.35 15.58
C LEU A 41 -79.37 -8.18 16.50
N MET A 42 -78.17 -8.51 16.02
CA MET A 42 -77.18 -9.15 16.88
C MET A 42 -76.85 -8.28 18.08
N ASP A 43 -76.69 -6.97 17.86
CA ASP A 43 -76.52 -6.05 18.98
C ASP A 43 -77.62 -6.20 20.02
N ALA A 44 -78.86 -6.30 19.54
CA ALA A 44 -80.01 -6.53 20.41
C ALA A 44 -79.86 -7.84 21.19
N ILE A 45 -79.44 -8.90 20.49
CA ILE A 45 -79.24 -10.18 21.14
C ILE A 45 -78.18 -10.08 22.21
N SER A 46 -77.11 -9.34 21.93
CA SER A 46 -76.07 -9.16 22.92
C SER A 46 -76.48 -8.23 24.03
N PHE A 47 -77.62 -7.56 23.88
CA PHE A 47 -78.05 -6.65 24.91
C PHE A 47 -79.09 -7.30 25.83
N VAL A 48 -80.00 -8.11 25.28
CA VAL A 48 -80.85 -8.93 26.14
C VAL A 48 -80.01 -9.90 26.95
N LEU A 49 -79.12 -10.65 26.30
CA LEU A 49 -78.37 -11.57 27.13
C LEU A 49 -77.23 -10.90 27.88
N GLY A 50 -77.05 -9.60 27.72
CA GLY A 50 -76.01 -8.92 28.46
C GLY A 50 -74.61 -8.92 27.87
N GLU A 51 -74.09 -7.71 27.73
CA GLU A 51 -72.77 -7.42 27.21
C GLU A 51 -72.45 -6.01 27.68
N LYS A 52 -71.20 -5.80 28.09
CA LYS A 52 -70.78 -4.47 28.50
C LYS A 52 -70.99 -3.48 27.38
N THR A 53 -71.32 -2.24 27.77
CA THR A 53 -71.75 -1.23 26.80
C THR A 53 -70.66 -0.85 25.82
N SER A 54 -69.40 -0.93 26.25
CA SER A 54 -68.28 -0.55 25.39
C SER A 54 -68.18 -1.46 24.17
N ASN A 55 -68.63 -2.71 24.32
CA ASN A 55 -68.62 -3.67 23.24
C ASN A 55 -69.77 -3.47 22.26
N LEU A 56 -70.74 -2.63 22.63
CA LEU A 56 -71.91 -2.35 21.81
C LEU A 56 -71.68 -1.31 20.73
N ARG A 57 -70.43 -1.04 20.33
CA ARG A 57 -69.99 -0.07 19.33
C ARG A 57 -70.72 1.27 19.38
N VAL A 58 -71.06 1.72 20.58
CA VAL A 58 -71.61 3.06 20.76
C VAL A 58 -71.27 3.57 22.15
N LYS A 59 -70.80 4.80 22.22
CA LYS A 59 -70.51 5.42 23.50
C LYS A 59 -71.82 5.70 24.25
N THR A 60 -71.68 5.93 25.56
CA THR A 60 -72.58 6.65 26.49
C THR A 60 -73.97 6.04 26.72
N LEU A 61 -74.35 5.02 25.94
CA LEU A 61 -75.61 4.29 26.11
C LEU A 61 -76.86 5.16 25.95
N ARG A 62 -76.71 6.45 25.64
CA ARG A 62 -77.89 7.27 25.43
C ARG A 62 -78.23 7.43 23.97
N ASP A 63 -77.26 7.26 23.07
CA ASP A 63 -77.56 7.22 21.65
C ASP A 63 -78.10 5.87 21.22
N LEU A 64 -78.52 5.04 22.17
CA LEU A 64 -79.14 3.76 21.85
C LEU A 64 -80.51 3.96 21.25
N ILE A 65 -81.28 4.89 21.80
CA ILE A 65 -82.64 5.16 21.33
C ILE A 65 -82.62 5.60 19.87
N HIS A 66 -83.61 5.12 19.11
CA HIS A 66 -83.69 5.33 17.66
C HIS A 66 -83.60 6.81 17.35
N GLY A 67 -82.65 7.18 16.50
CA GLY A 67 -82.60 8.52 15.96
C GLY A 67 -81.82 9.48 16.82
N ALA A 68 -81.38 9.04 18.00
CA ALA A 68 -80.52 9.87 18.83
C ALA A 68 -79.17 10.23 18.20
N PRO A 69 -78.41 9.32 17.57
CA PRO A 69 -77.13 9.75 16.98
C PRO A 69 -77.30 10.76 15.87
N VAL A 70 -78.48 10.81 15.26
CA VAL A 70 -78.76 11.84 14.27
C VAL A 70 -78.97 13.16 14.97
N GLY A 71 -79.73 13.16 16.07
CA GLY A 71 -79.91 14.38 16.83
C GLY A 71 -81.26 14.55 17.50
N LYS A 72 -82.24 13.73 17.14
CA LYS A 72 -83.58 13.84 17.70
C LYS A 72 -84.10 12.51 18.22
N PRO A 73 -84.28 12.33 19.54
CA PRO A 73 -84.80 11.06 20.06
C PRO A 73 -86.27 10.85 19.76
N ALA A 74 -86.82 9.72 20.20
CA ALA A 74 -88.24 9.44 19.98
C ALA A 74 -89.04 9.33 21.27
N ALA A 75 -88.48 8.71 22.30
CA ALA A 75 -89.14 8.57 23.60
C ALA A 75 -88.07 8.47 24.67
N ASN A 76 -88.43 7.95 25.83
CA ASN A 76 -87.47 7.66 26.88
C ASN A 76 -87.61 6.21 27.34
N ARG A 77 -87.70 5.31 26.36
CA ARG A 77 -87.75 3.88 26.62
C ARG A 77 -87.09 3.11 25.50
N ALA A 78 -86.95 1.82 25.74
CA ALA A 78 -86.56 0.83 24.75
C ALA A 78 -86.92 -0.52 25.35
N PHE A 79 -87.13 -1.50 24.47
CA PHE A 79 -87.69 -2.76 24.94
C PHE A 79 -87.31 -3.85 23.97
N VAL A 80 -86.38 -4.70 24.37
CA VAL A 80 -85.92 -5.81 23.56
C VAL A 80 -86.14 -7.05 24.39
N SER A 81 -86.64 -8.12 23.76
CA SER A 81 -87.11 -9.26 24.52
C SER A 81 -87.21 -10.48 23.63
N MET A 82 -86.71 -11.60 24.10
CA MET A 82 -86.82 -12.87 23.42
C MET A 82 -87.84 -13.75 24.14
N VAL A 83 -88.12 -14.91 23.54
CA VAL A 83 -89.00 -15.91 24.14
C VAL A 83 -88.36 -17.29 24.00
N TYR A 84 -87.67 -17.72 25.04
CA TYR A 84 -87.01 -19.01 25.04
C TYR A 84 -88.04 -20.12 25.21
N SER A 85 -87.98 -21.12 24.35
CA SER A 85 -88.92 -22.24 24.36
C SER A 85 -88.10 -23.51 24.58
N GLU A 86 -88.37 -24.18 25.68
CA GLU A 86 -87.73 -25.43 26.07
C GLU A 86 -88.76 -26.54 26.24
N GLU A 87 -88.25 -27.76 26.43
CA GLU A 87 -89.09 -28.94 26.57
C GLU A 87 -89.95 -28.83 27.82
N GLY A 88 -91.20 -29.30 27.73
CA GLY A 88 -92.12 -29.21 28.84
C GLY A 88 -93.34 -28.34 28.59
N ALA A 89 -93.47 -27.73 27.41
CA ALA A 89 -94.65 -26.96 26.99
C ALA A 89 -94.87 -25.73 27.86
N GLU A 90 -93.79 -25.10 28.28
CA GLU A 90 -93.85 -23.77 28.89
C GLU A 90 -92.99 -22.80 28.08
N ASP A 91 -93.19 -21.52 28.33
CA ASP A 91 -92.53 -20.46 27.56
C ASP A 91 -92.14 -19.33 28.49
N ARG A 92 -90.86 -18.96 28.42
CA ARG A 92 -90.28 -17.92 29.25
C ARG A 92 -90.11 -16.63 28.45
N THR A 93 -90.34 -15.51 29.11
CA THR A 93 -90.26 -14.18 28.50
C THR A 93 -89.28 -13.35 29.32
N PHE A 94 -88.08 -13.18 28.78
CA PHE A 94 -87.08 -12.32 29.38
C PHE A 94 -87.23 -10.91 28.83
N ALA A 95 -86.86 -9.90 29.62
CA ALA A 95 -86.85 -8.54 29.10
C ALA A 95 -85.75 -7.71 29.75
N ARG A 96 -85.53 -6.52 29.19
CA ARG A 96 -84.59 -5.54 29.78
C ARG A 96 -84.85 -4.15 29.22
N VAL A 97 -85.37 -3.26 30.06
CA VAL A 97 -85.71 -1.89 29.70
C VAL A 97 -84.67 -0.95 30.32
N ILE A 98 -84.37 0.16 29.64
CA ILE A 98 -83.38 1.13 30.13
C ILE A 98 -84.06 2.42 30.55
N VAL A 99 -83.63 2.95 31.69
CA VAL A 99 -84.15 4.22 32.22
C VAL A 99 -82.98 5.06 32.71
N GLY A 100 -82.93 6.32 32.25
CA GLY A 100 -81.86 7.23 32.60
C GLY A 100 -80.51 6.70 32.17
N GLY A 101 -79.74 6.23 33.14
CA GLY A 101 -78.52 5.52 32.85
C GLY A 101 -78.67 4.05 33.17
N SER A 102 -79.45 3.74 34.19
CA SER A 102 -79.56 2.38 34.68
C SER A 102 -80.41 1.51 33.73
N SER A 103 -80.41 0.21 34.02
CA SER A 103 -81.12 -0.78 33.22
C SER A 103 -81.78 -1.77 34.16
N GLU A 104 -83.04 -2.10 33.87
CA GLU A 104 -83.82 -2.99 34.71
C GLU A 104 -84.24 -4.21 33.89
N TYR A 105 -84.24 -5.35 34.56
CA TYR A 105 -84.44 -6.65 33.96
C TYR A 105 -85.79 -7.20 34.38
N LYS A 106 -86.40 -8.00 33.51
CA LYS A 106 -87.70 -8.58 33.83
C LYS A 106 -87.72 -10.06 33.51
N ILE A 107 -88.34 -10.81 34.42
CA ILE A 107 -88.60 -12.24 34.26
C ILE A 107 -90.09 -12.45 34.43
N ASN A 108 -90.72 -13.08 33.44
CA ASN A 108 -92.15 -13.38 33.44
C ASN A 108 -92.99 -12.13 33.64
N ASN A 109 -92.51 -11.01 33.06
CA ASN A 109 -93.11 -9.68 33.18
C ASN A 109 -93.21 -9.26 34.66
N LYS A 110 -92.09 -9.40 35.37
CA LYS A 110 -91.93 -8.96 36.75
C LYS A 110 -90.52 -8.41 36.90
N VAL A 111 -90.40 -7.18 37.44
CA VAL A 111 -89.09 -6.55 37.58
C VAL A 111 -88.22 -7.36 38.54
N VAL A 112 -86.98 -7.62 38.12
CA VAL A 112 -85.99 -8.37 38.87
C VAL A 112 -84.70 -7.55 38.87
N GLN A 113 -83.72 -8.01 39.62
CA GLN A 113 -82.37 -7.45 39.70
C GLN A 113 -81.44 -8.35 38.88
N LEU A 114 -80.32 -7.76 38.44
CA LEU A 114 -79.40 -8.42 37.50
C LEU A 114 -78.96 -9.80 37.97
N HIS A 115 -78.66 -9.93 39.26
CA HIS A 115 -78.01 -11.13 39.79
C HIS A 115 -78.85 -12.39 39.62
N GLU A 116 -80.15 -12.32 39.92
CA GLU A 116 -81.00 -13.49 39.82
C GLU A 116 -81.24 -13.89 38.37
N TYR A 117 -81.43 -12.89 37.50
CA TYR A 117 -81.57 -13.09 36.07
C TYR A 117 -80.34 -13.81 35.53
N SER A 118 -79.17 -13.29 35.91
CA SER A 118 -77.88 -13.90 35.59
C SER A 118 -77.85 -15.35 36.02
N GLU A 119 -78.21 -15.61 37.29
CA GLU A 119 -78.18 -16.98 37.82
C GLU A 119 -79.08 -17.91 37.01
N GLU A 120 -80.22 -17.40 36.56
CA GLU A 120 -81.08 -18.19 35.68
C GLU A 120 -80.37 -18.54 34.38
N LEU A 121 -79.72 -17.55 33.77
CA LEU A 121 -78.95 -17.83 32.56
C LEU A 121 -77.83 -18.84 32.84
N GLU A 122 -77.12 -18.70 33.97
CA GLU A 122 -76.07 -19.64 34.32
C GLU A 122 -76.61 -21.05 34.45
N LYS A 123 -77.83 -21.20 34.95
CA LYS A 123 -78.51 -22.48 34.83
C LYS A 123 -78.67 -22.89 33.37
N LEU A 124 -79.07 -21.95 32.51
CA LEU A 124 -79.28 -22.32 31.11
C LEU A 124 -77.97 -22.67 30.39
N GLY A 125 -76.85 -22.08 30.81
CA GLY A 125 -75.56 -22.50 30.26
C GLY A 125 -74.79 -21.46 29.45
N ILE A 126 -74.92 -20.18 29.78
CA ILE A 126 -74.28 -19.12 29.00
C ILE A 126 -73.58 -18.18 29.97
N LEU A 127 -72.28 -17.99 29.76
CA LEU A 127 -71.47 -17.13 30.62
C LEU A 127 -71.20 -15.80 29.92
N ILE A 128 -72.01 -14.79 30.25
CA ILE A 128 -72.05 -13.54 29.49
C ILE A 128 -70.70 -12.83 29.59
N LYS A 129 -70.06 -12.91 30.77
CA LYS A 129 -68.79 -12.27 30.99
C LYS A 129 -67.68 -12.99 30.24
N ALA A 130 -67.90 -14.25 29.92
CA ALA A 130 -66.90 -15.03 29.21
C ALA A 130 -66.72 -14.51 27.79
N ARG A 131 -67.83 -14.32 27.07
CA ARG A 131 -67.84 -13.84 25.69
C ARG A 131 -67.06 -14.82 24.81
N ASN A 132 -67.60 -16.04 24.74
CA ASN A 132 -67.00 -17.10 23.94
C ASN A 132 -67.86 -17.57 22.78
N PHE A 133 -68.96 -16.90 22.48
CA PHE A 133 -69.84 -17.44 21.44
C PHE A 133 -70.39 -16.34 20.55
N LEU A 134 -69.81 -15.15 20.59
CA LEU A 134 -70.21 -14.07 19.71
C LEU A 134 -69.00 -13.64 18.92
N VAL A 135 -69.22 -13.32 17.65
CA VAL A 135 -68.15 -12.89 16.77
C VAL A 135 -68.65 -11.72 15.93
N PHE A 136 -68.07 -10.54 16.16
CA PHE A 136 -68.48 -9.33 15.46
C PHE A 136 -67.81 -9.30 14.10
N GLN A 137 -67.86 -8.13 13.44
CA GLN A 137 -67.48 -8.00 12.04
C GLN A 137 -66.06 -8.47 11.77
N GLY A 138 -65.10 -8.01 12.55
CA GLY A 138 -63.72 -8.27 12.20
C GLY A 138 -62.94 -9.12 13.18
N ALA A 139 -63.60 -9.72 14.16
CA ALA A 139 -62.88 -10.35 15.25
C ALA A 139 -62.51 -11.81 14.99
N VAL A 140 -62.95 -12.38 13.86
CA VAL A 140 -62.67 -13.78 13.59
C VAL A 140 -61.18 -14.00 13.39
N GLU A 141 -60.48 -13.01 12.84
CA GLU A 141 -59.02 -13.05 12.82
C GLU A 141 -58.48 -12.90 14.22
N SER A 142 -58.96 -11.90 14.98
CA SER A 142 -58.41 -11.58 16.30
C SER A 142 -58.76 -12.60 17.33
N ILE A 143 -59.42 -13.68 16.93
CA ILE A 143 -59.53 -14.83 17.80
C ILE A 143 -58.18 -15.53 17.90
N ALA A 144 -57.44 -15.56 16.80
CA ALA A 144 -56.20 -16.31 16.78
C ALA A 144 -55.00 -15.50 17.28
N MET A 145 -54.89 -14.23 16.87
CA MET A 145 -53.69 -13.46 17.13
C MET A 145 -53.67 -12.77 18.48
N LYS A 146 -54.53 -13.16 19.40
CA LYS A 146 -54.44 -12.59 20.75
C LYS A 146 -53.11 -12.97 21.41
N ASN A 147 -52.70 -12.15 22.36
CA ASN A 147 -51.67 -12.57 23.26
C ASN A 147 -52.24 -13.68 24.14
N PRO A 148 -51.46 -14.74 24.38
CA PRO A 148 -51.97 -15.92 25.11
C PRO A 148 -52.65 -15.65 26.44
N LYS A 149 -52.31 -14.56 27.12
CA LYS A 149 -52.91 -14.25 28.42
C LYS A 149 -54.43 -14.09 28.34
N GLU A 150 -54.91 -13.32 27.36
CA GLU A 150 -56.35 -13.14 27.21
C GLU A 150 -57.08 -14.47 26.99
N ARG A 151 -56.44 -15.38 26.25
CA ARG A 151 -57.06 -16.68 26.03
C ARG A 151 -57.12 -17.47 27.33
N THR A 152 -56.05 -17.39 28.13
CA THR A 152 -56.05 -18.00 29.46
C THR A 152 -57.14 -17.39 30.33
N ALA A 153 -57.33 -16.08 30.21
CA ALA A 153 -58.38 -15.40 30.95
C ALA A 153 -59.74 -15.99 30.62
N LEU A 154 -60.02 -16.16 29.33
CA LEU A 154 -61.28 -16.77 28.92
C LEU A 154 -61.43 -18.18 29.49
N PHE A 155 -60.38 -18.99 29.37
CA PHE A 155 -60.45 -20.36 29.85
C PHE A 155 -60.58 -20.43 31.36
N GLU A 156 -60.08 -19.43 32.07
CA GLU A 156 -60.25 -19.38 33.50
C GLU A 156 -61.65 -18.90 33.86
N GLU A 157 -62.23 -18.07 33.00
CA GLU A 157 -63.57 -17.55 33.26
C GLU A 157 -64.61 -18.66 33.16
N ILE A 158 -64.57 -19.44 32.07
CA ILE A 158 -65.59 -20.47 31.82
C ILE A 158 -65.58 -21.52 32.93
N SER A 159 -64.45 -21.71 33.60
CA SER A 159 -64.22 -22.88 34.43
C SER A 159 -64.53 -22.61 35.89
N ARG A 160 -65.11 -21.45 36.20
CA ARG A 160 -65.56 -21.07 37.54
C ARG A 160 -64.39 -20.95 38.51
N SER A 161 -63.17 -20.80 37.99
CA SER A 161 -61.96 -20.70 38.79
C SER A 161 -61.44 -19.28 38.89
N GLY A 162 -62.29 -18.28 38.71
CA GLY A 162 -61.82 -16.92 38.86
C GLY A 162 -62.26 -16.39 40.21
N GLU A 163 -63.31 -16.99 40.77
CA GLU A 163 -63.81 -16.56 42.07
C GLU A 163 -62.81 -16.88 43.17
N LEU A 164 -61.99 -17.92 42.97
CA LEU A 164 -61.07 -18.41 43.98
C LEU A 164 -59.73 -17.70 43.95
N ALA A 165 -59.70 -16.45 43.46
CA ALA A 165 -58.46 -15.70 43.29
C ALA A 165 -57.98 -15.12 44.61
N GLN A 166 -58.83 -14.29 45.22
CA GLN A 166 -58.48 -13.58 46.45
C GLN A 166 -58.08 -14.56 47.54
N GLU A 167 -58.84 -15.66 47.66
CA GLU A 167 -58.48 -16.76 48.53
C GLU A 167 -57.05 -17.19 48.29
N TYR A 168 -56.70 -17.44 47.01
CA TYR A 168 -55.38 -17.91 46.63
C TYR A 168 -54.29 -16.94 47.07
N ASP A 169 -54.33 -15.69 46.58
CA ASP A 169 -53.17 -14.84 46.84
C ASP A 169 -53.13 -14.35 48.28
N LYS A 170 -54.28 -14.28 48.98
CA LYS A 170 -54.24 -14.02 50.41
C LYS A 170 -53.49 -15.12 51.14
N ARG A 171 -53.84 -16.38 50.83
CA ARG A 171 -53.09 -17.52 51.36
C ARG A 171 -51.61 -17.44 50.98
N LYS A 172 -51.34 -17.01 49.75
CA LYS A 172 -49.97 -16.88 49.26
C LYS A 172 -49.16 -15.90 50.09
N LYS A 173 -49.69 -14.69 50.28
CA LYS A 173 -49.01 -13.67 51.08
C LYS A 173 -48.79 -14.13 52.51
N GLU A 174 -49.83 -14.71 53.12
CA GLU A 174 -49.70 -15.21 54.49
C GLU A 174 -48.60 -16.26 54.61
N MET A 175 -48.61 -17.27 53.72
CA MET A 175 -47.64 -18.34 53.84
C MET A 175 -46.22 -17.88 53.55
N VAL A 176 -46.04 -16.96 52.58
CA VAL A 176 -44.70 -16.45 52.31
C VAL A 176 -44.20 -15.62 53.48
N LYS A 177 -45.09 -14.84 54.10
CA LYS A 177 -44.71 -14.11 55.31
C LYS A 177 -44.26 -15.07 56.39
N ALA A 178 -45.02 -16.15 56.58
CA ALA A 178 -44.70 -17.17 57.57
C ALA A 178 -43.34 -17.78 57.29
N GLU A 179 -43.04 -18.08 56.03
CA GLU A 179 -41.75 -18.68 55.69
C GLU A 179 -40.59 -17.73 55.98
N GLU A 180 -40.70 -16.48 55.52
CA GLU A 180 -39.69 -15.47 55.79
C GLU A 180 -39.42 -15.33 57.29
N ASP A 181 -40.49 -15.22 58.07
CA ASP A 181 -40.32 -14.98 59.49
C ASP A 181 -39.76 -16.20 60.22
N THR A 182 -40.20 -17.41 59.83
CA THR A 182 -39.63 -18.63 60.40
C THR A 182 -38.13 -18.73 60.13
N GLN A 183 -37.73 -18.43 58.89
CA GLN A 183 -36.31 -18.45 58.53
C GLN A 183 -35.53 -17.46 59.39
N PHE A 184 -36.10 -16.25 59.56
CA PHE A 184 -35.49 -15.23 60.41
C PHE A 184 -35.27 -15.76 61.82
N ASN A 185 -36.32 -16.36 62.39
CA ASN A 185 -36.25 -16.86 63.77
C ASN A 185 -35.24 -17.98 63.92
N TYR A 186 -35.21 -18.92 62.97
CA TYR A 186 -34.25 -20.03 63.00
C TYR A 186 -32.82 -19.49 62.97
N HIS A 187 -32.55 -18.55 62.07
CA HIS A 187 -31.19 -18.05 61.96
C HIS A 187 -30.80 -17.25 63.20
N ARG A 188 -31.76 -16.54 63.79
CA ARG A 188 -31.50 -15.85 65.05
C ARG A 188 -31.17 -16.83 66.17
N LYS A 189 -31.91 -17.95 66.25
CA LYS A 189 -31.59 -18.96 67.24
C LYS A 189 -30.16 -19.49 67.05
N LYS A 190 -29.77 -19.70 65.79
CA LYS A 190 -28.40 -20.13 65.49
C LYS A 190 -27.37 -19.09 65.96
N ASN A 191 -27.63 -17.81 65.68
CA ASN A 191 -26.73 -16.76 66.12
C ASN A 191 -26.61 -16.70 67.64
N ILE A 192 -27.74 -16.74 68.35
CA ILE A 192 -27.68 -16.70 69.82
C ILE A 192 -27.04 -17.97 70.39
N ALA A 193 -27.16 -19.10 69.71
CA ALA A 193 -26.41 -20.29 70.12
C ALA A 193 -24.91 -20.01 70.02
N ALA A 194 -24.49 -19.42 68.91
CA ALA A 194 -23.09 -19.01 68.75
C ALA A 194 -22.70 -18.02 69.84
N GLU A 195 -23.64 -17.13 70.21
CA GLU A 195 -23.41 -16.18 71.28
C GLU A 195 -23.14 -16.88 72.61
N ARG A 196 -23.95 -17.88 72.96
CA ARG A 196 -23.71 -18.59 74.21
C ARG A 196 -22.39 -19.36 74.17
N LYS A 197 -22.00 -19.86 72.99
CA LYS A 197 -20.68 -20.48 72.84
C LYS A 197 -19.58 -19.46 73.14
N GLU A 198 -19.69 -18.28 72.54
CA GLU A 198 -18.75 -17.19 72.76
C GLU A 198 -18.74 -16.79 74.24
N ALA A 199 -19.92 -16.80 74.87
CA ALA A 199 -20.06 -16.50 76.29
C ALA A 199 -19.27 -17.50 77.12
N LYS A 200 -19.45 -18.79 76.84
CA LYS A 200 -18.72 -19.83 77.58
C LYS A 200 -17.23 -19.65 77.41
N GLN A 201 -16.79 -19.26 76.21
CA GLN A 201 -15.37 -18.97 76.01
C GLN A 201 -14.93 -17.80 76.88
N GLU A 202 -15.68 -16.69 76.86
CA GLU A 202 -15.37 -15.54 77.71
C GLU A 202 -15.57 -15.87 79.18
N ARG A 491 76.37 4.37 25.98
CA ARG A 491 76.65 4.32 27.41
C ARG A 491 76.63 5.72 28.01
N GLN A 492 77.83 6.30 28.22
CA GLN A 492 77.92 7.66 28.74
C GLN A 492 77.25 8.67 27.82
N GLU A 493 77.51 8.55 26.51
CA GLU A 493 76.93 9.45 25.51
C GLU A 493 75.41 9.41 25.53
N SER A 494 74.81 8.24 25.77
CA SER A 494 73.35 8.15 25.88
C SER A 494 72.82 9.03 27.01
N SER A 495 73.44 8.94 28.18
CA SER A 495 73.04 9.79 29.31
C SER A 495 73.26 11.26 29.00
N ARG A 496 74.35 11.57 28.29
CA ARG A 496 74.60 12.95 27.88
C ARG A 496 73.51 13.44 26.94
N GLN A 497 73.08 12.60 25.99
CA GLN A 497 72.02 12.96 25.08
C GLN A 497 70.69 13.14 25.80
N GLN A 498 70.48 12.36 26.87
CA GLN A 498 69.26 12.54 27.67
C GLN A 498 69.27 13.89 28.36
N ARG A 499 70.41 14.28 28.94
CA ARG A 499 70.53 15.61 29.54
C ARG A 499 70.35 16.72 28.50
N LYS A 500 70.90 16.54 27.30
CA LYS A 500 70.75 17.57 26.27
C LYS A 500 69.30 17.70 25.83
N ALA A 501 68.61 16.58 25.65
CA ALA A 501 67.21 16.66 25.21
C ALA A 501 66.31 17.22 26.31
N GLU A 502 66.60 16.89 27.58
CA GLU A 502 65.79 17.45 28.66
C GLU A 502 66.01 18.95 28.81
N ILE A 503 67.26 19.45 28.72
CA ILE A 503 67.43 20.91 28.75
C ILE A 503 66.78 21.57 27.54
N MET A 504 66.90 20.96 26.35
CA MET A 504 66.25 21.54 25.16
C MET A 504 64.74 21.66 25.36
N GLU A 505 64.13 20.62 25.92
CA GLU A 505 62.70 20.70 26.23
C GLU A 505 62.42 21.77 27.27
N SER A 506 63.31 21.88 28.26
CA SER A 506 63.11 22.86 29.32
C SER A 506 63.18 24.28 28.77
N ILE A 507 64.12 24.54 27.86
CA ILE A 507 64.21 25.85 27.21
C ILE A 507 62.97 26.09 26.35
N LYS A 508 62.44 25.04 25.70
CA LYS A 508 61.22 25.19 24.91
C LYS A 508 60.03 25.60 25.78
N ARG A 509 59.88 24.95 26.94
CA ARG A 509 58.84 25.32 27.89
C ARG A 509 59.06 26.71 28.49
N LEU A 510 60.33 27.08 28.72
CA LEU A 510 60.66 28.34 29.39
C LEU A 510 60.11 29.56 28.66
N TYR A 511 60.18 29.56 27.33
CA TYR A 511 59.74 30.68 26.51
C TYR A 511 58.83 30.10 25.45
N PRO A 512 57.59 29.78 25.83
CA PRO A 512 56.69 29.02 24.93
C PRO A 512 56.33 29.69 23.61
N GLY A 513 55.94 30.96 23.63
CA GLY A 513 55.57 31.61 22.37
C GLY A 513 56.72 31.80 21.41
N SER A 514 57.86 32.29 21.90
CA SER A 514 58.99 32.57 21.02
C SER A 514 59.61 31.31 20.45
N VAL A 515 59.80 30.28 21.27
CA VAL A 515 60.51 29.09 20.85
C VAL A 515 59.49 28.14 20.24
N TYR A 516 59.41 28.16 18.90
CA TYR A 516 58.49 27.27 18.20
C TYR A 516 58.93 25.81 18.27
N GLY A 517 60.23 25.53 18.14
CA GLY A 517 60.70 24.18 18.24
C GLY A 517 61.76 23.87 17.19
N ARG A 518 62.02 22.57 17.04
CA ARG A 518 62.96 22.09 16.04
C ARG A 518 62.30 21.98 14.67
N LEU A 519 63.10 22.13 13.61
CA LEU A 519 62.59 22.13 12.24
C LEU A 519 61.78 20.87 11.91
N ILE A 520 62.18 19.72 12.46
CA ILE A 520 61.40 18.50 12.34
C ILE A 520 59.96 18.71 12.82
N ASP A 521 59.80 19.39 13.95
CA ASP A 521 58.48 19.54 14.56
C ASP A 521 57.53 20.33 13.67
N LEU A 522 58.04 21.35 12.99
CA LEU A 522 57.20 22.32 12.28
C LEU A 522 57.13 22.07 10.78
N CYS A 523 57.76 21.02 10.27
CA CYS A 523 57.73 20.73 8.84
C CYS A 523 57.57 19.24 8.67
N GLN A 524 57.40 18.82 7.41
CA GLN A 524 57.41 17.39 7.16
C GLN A 524 57.95 17.18 5.75
N PRO A 525 58.70 16.10 5.53
CA PRO A 525 58.94 15.65 4.15
C PRO A 525 57.69 15.06 3.54
N THR A 526 57.46 15.35 2.26
CA THR A 526 56.28 14.85 1.57
C THR A 526 56.28 13.32 1.49
N GLN A 527 57.32 12.74 0.90
CA GLN A 527 57.44 11.29 0.77
C GLN A 527 58.45 10.76 1.77
N LYS A 528 58.20 9.54 2.25
CA LYS A 528 59.17 8.82 3.07
C LYS A 528 60.49 8.62 2.36
N LYS A 529 60.45 8.41 1.04
CA LYS A 529 61.65 8.27 0.21
C LYS A 529 62.66 9.37 0.45
N TYR A 530 62.21 10.63 0.51
CA TYR A 530 63.13 11.77 0.47
C TYR A 530 63.61 12.18 1.84
N GLN A 531 63.24 11.44 2.89
CA GLN A 531 63.67 11.78 4.24
C GLN A 531 65.18 11.81 4.36
N ILE A 532 65.87 10.81 3.79
CA ILE A 532 67.32 10.72 3.88
C ILE A 532 67.98 11.86 3.12
N ALA A 533 67.48 12.19 1.94
CA ALA A 533 68.08 13.25 1.14
C ALA A 533 67.87 14.63 1.77
N VAL A 534 66.65 14.91 2.25
CA VAL A 534 66.39 16.19 2.92
C VAL A 534 67.23 16.33 4.18
N THR A 535 67.24 15.31 5.05
CA THR A 535 68.06 15.41 6.26
C THR A 535 69.54 15.51 5.90
N LYS A 536 69.95 14.91 4.78
CA LYS A 536 71.34 15.00 4.36
C LYS A 536 71.71 16.40 3.91
N VAL A 537 70.86 17.05 3.10
CA VAL A 537 71.15 18.41 2.67
C VAL A 537 71.13 19.37 3.87
N LEU A 538 70.17 19.20 4.78
CA LEU A 538 70.10 20.10 5.94
C LEU A 538 71.29 19.92 6.87
N GLY A 539 71.70 18.67 7.16
CA GLY A 539 72.83 18.41 8.03
C GLY A 539 72.81 18.99 9.42
N LYS A 540 73.66 20.00 9.66
CA LYS A 540 73.73 20.68 10.95
C LYS A 540 72.41 21.32 11.34
N ASN A 541 71.63 21.76 10.35
CA ASN A 541 70.37 22.49 10.49
C ASN A 541 69.24 21.65 11.05
N MET A 542 69.45 20.36 11.32
CA MET A 542 68.41 19.51 11.90
C MET A 542 67.87 20.02 13.24
N ASP A 543 68.71 20.65 14.05
CA ASP A 543 68.34 21.10 15.38
C ASP A 543 68.05 22.60 15.49
N ALA A 544 67.94 23.32 14.38
CA ALA A 544 67.77 24.78 14.45
C ALA A 544 66.42 25.20 15.01
N ILE A 545 66.48 25.72 16.24
CA ILE A 545 65.35 26.25 17.00
C ILE A 545 64.83 27.54 16.38
N ILE A 546 63.56 27.55 16.03
CA ILE A 546 62.96 28.76 15.46
C ILE A 546 62.66 29.72 16.61
N VAL A 547 63.15 30.95 16.50
CA VAL A 547 62.91 31.96 17.52
C VAL A 547 62.31 33.20 16.87
N ASP A 548 61.64 34.02 17.68
CA ASP A 548 61.07 35.26 17.17
C ASP A 548 62.14 36.31 16.94
N SER A 549 62.92 36.59 17.98
CA SER A 549 63.89 37.68 18.01
C SER A 549 65.26 37.19 18.46
N GLU A 550 66.28 37.92 18.06
CA GLU A 550 67.65 37.66 18.53
C GLU A 550 67.76 37.83 20.04
N LYS A 551 67.07 38.81 20.62
CA LYS A 551 67.16 39.10 22.05
C LYS A 551 66.73 37.92 22.92
N THR A 552 65.55 37.38 22.67
CA THR A 552 65.08 36.22 23.43
C THR A 552 65.96 35.00 23.19
N GLY A 553 66.40 34.79 21.95
CA GLY A 553 67.41 33.78 21.67
C GLY A 553 68.64 33.91 22.56
N ARG A 554 69.17 35.14 22.66
CA ARG A 554 70.33 35.41 23.52
C ARG A 554 70.04 35.14 24.99
N ASP A 555 68.86 35.56 25.48
CA ASP A 555 68.53 35.33 26.88
C ASP A 555 68.42 33.84 27.18
N CYS A 556 67.84 33.07 26.25
CA CYS A 556 67.84 31.62 26.35
C CYS A 556 69.25 31.06 26.35
N ILE A 557 70.13 31.61 25.50
CA ILE A 557 71.54 31.20 25.47
C ILE A 557 72.20 31.45 26.82
N GLN A 558 71.91 32.59 27.46
CA GLN A 558 72.40 32.87 28.81
C GLN A 558 71.92 31.84 29.82
N TYR A 559 70.61 31.59 29.85
CA TYR A 559 70.08 30.56 30.75
C TYR A 559 70.74 29.20 30.49
N ILE A 560 70.90 28.83 29.21
CA ILE A 560 71.60 27.60 28.82
C ILE A 560 73.04 27.60 29.34
N LYS A 561 73.71 28.76 29.31
CA LYS A 561 75.04 28.87 29.90
C LYS A 561 75.01 28.51 31.38
N GLU A 562 73.95 28.92 32.07
CA GLU A 562 73.76 28.43 33.44
C GLU A 562 73.54 26.92 33.45
N GLN A 563 72.73 26.41 32.51
CA GLN A 563 72.41 24.98 32.39
C GLN A 563 73.55 24.12 31.86
N ARG A 564 74.62 24.73 31.32
CA ARG A 564 75.78 24.02 30.76
C ARG A 564 75.42 23.18 29.54
N GLY A 565 74.66 23.78 28.61
CA GLY A 565 74.19 23.09 27.44
C GLY A 565 75.02 23.36 26.19
N GLU A 566 74.89 22.48 25.20
CA GLU A 566 75.59 22.62 23.93
C GLU A 566 75.12 23.87 23.18
N PRO A 567 76.03 24.58 22.50
CA PRO A 567 75.63 25.70 21.63
C PRO A 567 74.59 25.30 20.59
N GLU A 568 73.53 26.11 20.48
CA GLU A 568 72.44 25.85 19.56
C GLU A 568 72.22 27.07 18.66
N THR A 569 71.55 26.84 17.54
CA THR A 569 71.30 27.86 16.53
C THR A 569 69.85 28.35 16.59
N PHE A 570 69.68 29.67 16.61
CA PHE A 570 68.36 30.30 16.63
C PHE A 570 68.21 31.20 15.40
N LEU A 571 67.11 31.02 14.66
CA LEU A 571 66.81 31.90 13.54
C LEU A 571 65.64 32.84 13.84
N PRO A 572 65.87 34.17 13.97
CA PRO A 572 64.76 35.09 14.26
C PRO A 572 64.08 35.60 13.00
N LEU A 573 62.78 35.30 12.87
CA LEU A 573 62.00 35.63 11.68
C LEU A 573 61.97 37.12 11.33
N ASP A 574 62.00 38.00 12.34
CA ASP A 574 61.96 39.43 12.07
C ASP A 574 63.17 39.94 11.30
N TYR A 575 64.37 39.55 11.75
CA TYR A 575 65.60 40.08 11.18
C TYR A 575 66.33 39.10 10.28
N LEU A 576 65.84 37.87 10.12
CA LEU A 576 66.48 36.90 9.24
C LEU A 576 66.46 37.41 7.80
N GLU A 577 67.65 37.54 7.22
CA GLU A 577 67.87 38.26 5.97
C GLU A 577 67.98 37.23 4.85
N VAL A 578 66.84 36.90 4.26
CA VAL A 578 66.75 35.88 3.24
C VAL A 578 66.54 36.55 1.88
N LYS A 579 66.91 35.84 0.82
CA LYS A 579 66.82 36.14 -0.60
C LYS A 579 65.58 35.49 -1.19
N PRO A 580 64.88 36.13 -2.14
CA PRO A 580 63.76 35.46 -2.83
C PRO A 580 64.22 34.21 -3.58
N THR A 581 63.37 33.19 -3.55
CA THR A 581 63.59 31.95 -4.28
C THR A 581 63.80 32.17 -5.78
N ASP A 582 64.99 31.83 -6.26
CA ASP A 582 65.26 31.76 -7.69
C ASP A 582 64.48 30.57 -8.25
N GLU A 583 63.34 30.84 -8.86
CA GLU A 583 62.45 29.83 -9.42
C GLU A 583 62.78 29.47 -10.86
N LYS A 584 63.70 30.21 -11.48
CA LYS A 584 64.03 30.05 -12.90
C LYS A 584 64.55 28.66 -13.25
N LEU A 585 65.04 27.91 -12.28
CA LEU A 585 65.46 26.54 -12.46
C LEU A 585 64.31 25.54 -12.59
N ARG A 586 63.04 25.97 -12.46
CA ARG A 586 61.91 25.05 -12.65
C ARG A 586 61.76 24.49 -14.06
N GLU A 587 62.55 24.92 -15.03
CA GLU A 587 62.43 24.39 -16.38
C GLU A 587 63.44 23.29 -16.66
N LEU A 588 64.32 23.01 -15.71
CA LEU A 588 65.23 21.88 -15.82
C LEU A 588 64.46 20.56 -15.94
N LYS A 589 64.72 19.83 -17.01
CA LYS A 589 63.92 18.67 -17.41
C LYS A 589 64.54 17.38 -16.90
N GLY A 590 64.49 17.21 -15.59
CA GLY A 590 65.05 16.04 -14.96
C GLY A 590 65.12 16.10 -13.45
N ALA A 591 65.34 17.28 -12.89
CA ALA A 591 65.49 17.46 -11.45
C ALA A 591 64.39 18.37 -10.93
N LYS A 592 64.34 18.55 -9.62
CA LYS A 592 63.39 19.45 -9.02
C LYS A 592 64.00 20.19 -7.84
N LEU A 593 63.38 21.32 -7.50
CA LEU A 593 63.78 22.08 -6.33
C LEU A 593 63.56 21.30 -5.05
N VAL A 594 64.53 21.38 -4.13
CA VAL A 594 64.44 20.65 -2.87
C VAL A 594 63.29 21.19 -2.02
N ILE A 595 63.04 22.50 -2.09
CA ILE A 595 62.01 23.14 -1.28
C ILE A 595 60.63 22.63 -1.65
N ASP A 596 60.50 22.01 -2.82
CA ASP A 596 59.25 21.45 -3.31
C ASP A 596 58.95 20.10 -2.67
N VAL A 597 59.73 19.70 -1.68
CA VAL A 597 59.53 18.42 -0.98
C VAL A 597 59.22 18.61 0.50
N ILE A 598 59.08 19.84 0.97
CA ILE A 598 58.73 20.09 2.36
C ILE A 598 57.34 20.70 2.44
N ARG A 599 56.52 20.17 3.34
CA ARG A 599 55.20 20.69 3.66
C ARG A 599 55.29 21.35 5.03
N TYR A 600 55.08 22.65 5.08
CA TYR A 600 55.23 23.42 6.31
C TYR A 600 53.87 23.88 6.82
N GLU A 601 53.58 23.56 8.08
CA GLU A 601 52.38 24.03 8.76
C GLU A 601 52.36 25.55 9.01
N PRO A 602 53.43 26.20 9.47
CA PRO A 602 53.31 27.64 9.78
C PRO A 602 53.75 28.50 8.61
N PRO A 603 52.97 29.54 8.29
CA PRO A 603 53.33 30.39 7.15
C PRO A 603 54.66 31.12 7.29
N HIS A 604 54.99 31.60 8.49
CA HIS A 604 56.20 32.41 8.69
C HIS A 604 57.48 31.64 8.39
N ILE A 605 57.50 30.33 8.69
CA ILE A 605 58.71 29.52 8.56
C ILE A 605 59.17 29.29 7.13
N LYS A 606 58.37 29.64 6.12
CA LYS A 606 58.79 29.47 4.74
C LYS A 606 60.06 30.26 4.40
N LYS A 607 60.21 31.48 4.93
CA LYS A 607 61.42 32.25 4.68
C LYS A 607 62.67 31.58 5.27
N ALA A 608 62.56 31.03 6.48
CA ALA A 608 63.68 30.30 7.06
C ALA A 608 63.99 29.07 6.23
N LEU A 609 62.95 28.41 5.71
CA LEU A 609 63.17 27.26 4.84
C LEU A 609 63.92 27.67 3.58
N GLN A 610 63.58 28.83 3.00
CA GLN A 610 64.33 29.33 1.85
C GLN A 610 65.78 29.61 2.22
N TYR A 611 66.01 30.15 3.42
CA TYR A 611 67.39 30.40 3.85
C TYR A 611 68.16 29.11 4.02
N ALA A 612 67.48 28.03 4.44
CA ALA A 612 68.19 26.78 4.65
C ALA A 612 68.42 26.02 3.35
N CYS A 613 67.48 26.11 2.41
CA CYS A 613 67.61 25.42 1.13
C CYS A 613 68.35 26.26 0.08
N GLY A 614 67.99 27.53 -0.05
CA GLY A 614 68.35 28.30 -1.23
C GLY A 614 67.91 27.65 -2.52
N ASN A 615 68.79 27.66 -3.52
CA ASN A 615 68.52 26.98 -4.78
C ASN A 615 69.22 25.64 -4.89
N ALA A 616 69.24 24.88 -3.80
CA ALA A 616 69.64 23.49 -3.87
C ALA A 616 68.65 22.69 -4.71
N LEU A 617 69.19 21.75 -5.48
CA LEU A 617 68.40 20.96 -6.43
C LEU A 617 68.53 19.49 -6.09
N VAL A 618 67.44 18.72 -6.23
CA VAL A 618 67.45 17.28 -6.02
C VAL A 618 67.16 16.61 -7.36
N CYS A 619 68.05 15.70 -7.76
CA CYS A 619 67.95 15.08 -9.07
C CYS A 619 67.70 13.58 -8.94
N ASP A 620 67.25 12.97 -10.05
CA ASP A 620 66.73 11.61 -10.02
C ASP A 620 67.80 10.58 -9.68
N ASN A 621 68.92 10.57 -10.38
CA ASN A 621 69.97 9.59 -10.14
C ASN A 621 71.31 10.30 -10.05
N VAL A 622 72.31 9.54 -9.62
CA VAL A 622 73.66 10.07 -9.41
C VAL A 622 74.27 10.53 -10.74
N GLU A 623 74.08 9.74 -11.81
CA GLU A 623 74.68 10.06 -13.11
C GLU A 623 74.18 11.40 -13.65
N ASP A 624 72.86 11.60 -13.67
CA ASP A 624 72.28 12.88 -14.05
C ASP A 624 72.71 13.99 -13.11
N ALA A 625 72.72 13.71 -11.80
CA ALA A 625 73.11 14.71 -10.82
C ALA A 625 74.52 15.20 -11.08
N ARG A 626 75.44 14.30 -11.39
CA ARG A 626 76.79 14.71 -11.73
C ARG A 626 76.84 15.49 -13.05
N ARG A 627 76.11 15.02 -14.08
CA ARG A 627 76.13 15.71 -15.37
C ARG A 627 75.63 17.14 -15.28
N ILE A 628 74.51 17.36 -14.58
CA ILE A 628 73.89 18.67 -14.53
C ILE A 628 74.32 19.46 -13.29
N ALA A 629 75.19 18.86 -12.46
CA ALA A 629 75.92 19.65 -11.48
C ALA A 629 77.16 20.27 -12.09
N PHE A 630 77.91 19.53 -12.92
CA PHE A 630 79.19 20.02 -13.42
C PHE A 630 79.19 20.43 -14.87
N GLY A 631 78.12 20.20 -15.63
CA GLY A 631 78.17 20.43 -17.06
C GLY A 631 77.92 21.83 -17.60
N GLY A 632 77.32 22.71 -16.80
CA GLY A 632 77.11 24.08 -17.25
C GLY A 632 78.34 24.96 -17.10
N HIS A 633 78.28 26.14 -17.74
CA HIS A 633 79.30 27.15 -17.55
C HIS A 633 79.37 27.58 -16.10
N GLN A 634 78.20 27.72 -15.48
CA GLN A 634 78.06 27.88 -14.05
C GLN A 634 77.83 26.52 -13.41
N ARG A 635 78.35 26.37 -12.21
CA ARG A 635 78.11 25.15 -11.45
C ARG A 635 76.78 25.28 -10.74
N HIS A 636 76.14 24.14 -10.46
CA HIS A 636 74.87 24.13 -9.78
C HIS A 636 74.97 23.32 -8.49
N LYS A 637 74.23 23.77 -7.47
CA LYS A 637 74.08 23.01 -6.25
C LYS A 637 73.10 21.87 -6.49
N THR A 638 73.59 20.64 -6.43
CA THR A 638 72.83 19.46 -6.84
C THR A 638 73.10 18.31 -5.89
N VAL A 639 72.04 17.65 -5.42
CA VAL A 639 72.12 16.47 -4.58
C VAL A 639 71.39 15.34 -5.27
N ALA A 640 71.96 14.15 -5.19
CA ALA A 640 71.31 12.92 -5.62
C ALA A 640 70.62 12.26 -4.43
N LEU A 641 69.80 11.26 -4.73
CA LEU A 641 69.03 10.59 -3.69
C LEU A 641 69.90 9.77 -2.73
N ASP A 642 71.14 9.45 -3.07
CA ASP A 642 71.99 8.76 -2.10
C ASP A 642 72.72 9.71 -1.17
N GLY A 643 72.48 11.02 -1.28
CA GLY A 643 73.02 11.98 -0.34
C GLY A 643 74.41 12.53 -0.57
N THR A 644 74.93 12.48 -1.80
CA THR A 644 76.16 13.20 -2.08
C THR A 644 75.83 14.62 -2.55
N LEU A 645 76.46 15.61 -1.93
CA LEU A 645 76.07 17.00 -2.11
C LEU A 645 77.20 17.82 -2.74
N PHE A 646 76.89 18.46 -3.85
CA PHE A 646 77.81 19.32 -4.59
C PHE A 646 77.18 20.70 -4.71
N GLN A 647 77.80 21.72 -4.12
CA GLN A 647 77.25 23.06 -4.20
C GLN A 647 77.83 23.82 -5.40
N LYS A 648 77.24 24.99 -5.67
CA LYS A 648 77.68 25.83 -6.79
C LYS A 648 79.13 26.28 -6.64
N SER A 649 79.64 26.43 -5.42
CA SER A 649 81.00 26.89 -5.25
C SER A 649 82.06 25.80 -5.46
N GLY A 650 81.66 24.54 -5.61
CA GLY A 650 82.61 23.48 -5.82
C GLY A 650 82.95 22.68 -4.59
N VAL A 651 82.47 23.11 -3.41
CA VAL A 651 82.64 22.35 -2.18
C VAL A 651 81.93 21.00 -2.31
N ILE A 652 82.58 19.96 -1.77
CA ILE A 652 82.11 18.58 -1.89
C ILE A 652 81.96 18.00 -0.49
N SER A 653 80.84 17.33 -0.26
CA SER A 653 80.54 16.75 1.05
C SER A 653 79.68 15.52 0.88
N GLY A 654 79.70 14.67 1.90
CA GLY A 654 78.91 13.47 1.87
C GLY A 654 78.80 12.85 3.25
N GLY A 655 78.50 11.55 3.27
CA GLY A 655 78.30 10.85 4.52
C GLY A 655 76.94 10.18 4.59
N LEU A 1031 -24.39 -14.72 79.47
CA LEU A 1031 -25.03 -14.52 80.76
C LEU A 1031 -26.55 -14.39 80.63
N GLU A 1032 -27.13 -13.46 81.39
CA GLU A 1032 -28.59 -13.29 81.38
C GLU A 1032 -29.12 -12.82 80.03
N SER A 1033 -28.34 -12.01 79.32
CA SER A 1033 -28.72 -11.56 77.98
C SER A 1033 -28.88 -12.71 77.00
N VAL A 1034 -27.87 -13.57 76.88
CA VAL A 1034 -27.94 -14.63 75.88
C VAL A 1034 -29.04 -15.64 76.22
N ARG A 1035 -29.24 -15.94 77.51
CA ARG A 1035 -30.31 -16.86 77.87
C ARG A 1035 -31.69 -16.27 77.57
N ASP A 1036 -31.95 -15.01 77.97
CA ASP A 1036 -33.31 -14.49 77.73
C ASP A 1036 -33.58 -14.27 76.24
N LYS A 1037 -32.56 -13.88 75.47
CA LYS A 1037 -32.72 -13.77 74.02
C LYS A 1037 -33.02 -15.14 73.41
N PHE A 1038 -32.25 -16.16 73.79
CA PHE A 1038 -32.47 -17.50 73.28
C PHE A 1038 -33.86 -18.03 73.64
N GLN A 1039 -34.30 -17.77 74.88
CA GLN A 1039 -35.66 -18.17 75.28
C GLN A 1039 -36.72 -17.54 74.39
N GLU A 1040 -36.73 -16.21 74.27
CA GLU A 1040 -37.66 -15.52 73.39
C GLU A 1040 -37.62 -16.06 71.96
N THR A 1041 -36.41 -16.19 71.41
CA THR A 1041 -36.23 -16.71 70.05
C THR A 1041 -36.84 -18.09 69.88
N SER A 1042 -36.54 -19.02 70.80
CA SER A 1042 -37.10 -20.37 70.70
C SER A 1042 -38.62 -20.36 70.80
N ASP A 1043 -39.17 -19.55 71.71
CA ASP A 1043 -40.62 -19.42 71.84
C ASP A 1043 -41.27 -18.94 70.54
N GLU A 1044 -40.76 -17.82 70.01
CA GLU A 1044 -41.24 -17.27 68.75
C GLU A 1044 -41.07 -18.27 67.62
N PHE A 1045 -39.92 -18.94 67.55
CA PHE A 1045 -39.65 -19.99 66.57
C PHE A 1045 -40.72 -21.09 66.61
N GLU A 1046 -41.12 -21.49 67.81
CA GLU A 1046 -42.18 -22.50 67.95
C GLU A 1046 -43.51 -21.99 67.42
N ALA A 1047 -43.87 -20.78 67.83
CA ALA A 1047 -45.15 -20.20 67.39
C ALA A 1047 -45.18 -19.98 65.89
N ALA A 1048 -44.08 -19.46 65.33
CA ALA A 1048 -43.97 -19.23 63.90
C ALA A 1048 -44.07 -20.54 63.13
N ARG A 1049 -43.44 -21.61 63.65
CA ARG A 1049 -43.59 -22.92 63.03
C ARG A 1049 -45.06 -23.33 62.99
N LYS A 1050 -45.79 -23.09 64.09
CA LYS A 1050 -47.21 -23.42 64.10
C LYS A 1050 -47.98 -22.61 63.05
N ARG A 1051 -47.61 -21.33 62.89
CA ARG A 1051 -48.21 -20.51 61.84
C ARG A 1051 -47.94 -21.07 60.46
N ALA A 1052 -46.72 -21.56 60.23
CA ALA A 1052 -46.36 -22.19 58.96
C ALA A 1052 -47.22 -23.41 58.71
N LYS A 1053 -47.34 -24.26 59.72
CA LYS A 1053 -48.17 -25.45 59.62
C LYS A 1053 -49.62 -25.08 59.33
N LYS A 1054 -50.08 -23.96 59.89
CA LYS A 1054 -51.42 -23.47 59.63
C LYS A 1054 -51.60 -23.04 58.17
N ALA A 1055 -50.57 -22.43 57.58
CA ALA A 1055 -50.67 -21.96 56.20
C ALA A 1055 -50.55 -23.06 55.15
N LYS A 1056 -49.71 -24.08 55.43
CA LYS A 1056 -49.25 -25.01 54.40
C LYS A 1056 -50.43 -25.77 53.75
N GLN A 1057 -51.17 -26.52 54.57
CA GLN A 1057 -52.20 -27.41 54.05
C GLN A 1057 -53.34 -26.63 53.40
N ALA A 1058 -53.61 -25.42 53.88
CA ALA A 1058 -54.65 -24.59 53.29
C ALA A 1058 -54.25 -24.16 51.88
N PHE A 1059 -53.00 -23.73 51.71
CA PHE A 1059 -52.50 -23.44 50.36
C PHE A 1059 -52.62 -24.66 49.46
N GLU A 1060 -52.27 -25.84 49.98
CA GLU A 1060 -52.35 -27.06 49.18
C GLU A 1060 -53.78 -27.31 48.74
N GLN A 1061 -54.73 -27.05 49.65
CA GLN A 1061 -56.15 -27.23 49.37
C GLN A 1061 -56.59 -26.35 48.20
N ILE A 1062 -56.29 -25.05 48.28
CA ILE A 1062 -56.77 -24.13 47.25
C ILE A 1062 -56.09 -24.40 45.91
N LYS A 1063 -54.81 -24.79 45.94
CA LYS A 1063 -54.10 -25.13 44.71
C LYS A 1063 -54.70 -26.37 44.06
N LYS A 1064 -55.06 -27.37 44.89
CA LYS A 1064 -55.75 -28.55 44.38
C LYS A 1064 -57.06 -28.18 43.70
N GLU A 1065 -57.80 -27.23 44.29
CA GLU A 1065 -59.07 -26.78 43.71
C GLU A 1065 -58.89 -26.25 42.29
N ARG A 1066 -58.10 -25.17 42.17
CA ARG A 1066 -57.89 -24.52 40.86
C ARG A 1066 -57.32 -25.50 39.85
N PHE A 1067 -56.33 -26.28 40.28
CA PHE A 1067 -55.64 -27.25 39.42
C PHE A 1067 -56.63 -28.27 38.88
N ASP A 1068 -57.45 -28.85 39.78
CA ASP A 1068 -58.38 -29.91 39.38
C ASP A 1068 -59.36 -29.44 38.32
N ARG A 1069 -60.02 -28.29 38.58
CA ARG A 1069 -61.00 -27.80 37.62
C ARG A 1069 -60.35 -27.47 36.28
N PHE A 1070 -59.33 -26.60 36.34
CA PHE A 1070 -58.62 -26.12 35.16
C PHE A 1070 -58.12 -27.28 34.30
N ASN A 1071 -57.51 -28.29 34.92
CA ASN A 1071 -56.91 -29.35 34.13
C ASN A 1071 -57.95 -30.26 33.51
N ALA A 1072 -59.00 -30.60 34.26
CA ALA A 1072 -60.09 -31.40 33.69
C ALA A 1072 -60.66 -30.78 32.42
N CYS A 1073 -61.14 -29.53 32.54
CA CYS A 1073 -61.72 -28.84 31.39
C CYS A 1073 -60.71 -28.74 30.25
N PHE A 1074 -59.47 -28.33 30.56
CA PHE A 1074 -58.50 -28.04 29.53
C PHE A 1074 -58.10 -29.28 28.73
N GLU A 1075 -57.89 -30.41 29.41
CA GLU A 1075 -57.50 -31.61 28.67
C GLU A 1075 -58.63 -32.09 27.76
N SER A 1076 -59.88 -32.03 28.27
CA SER A 1076 -61.02 -32.40 27.43
C SER A 1076 -61.06 -31.54 26.18
N VAL A 1077 -60.90 -30.22 26.35
CA VAL A 1077 -60.92 -29.30 25.21
C VAL A 1077 -59.80 -29.64 24.23
N ALA A 1078 -58.60 -29.97 24.73
CA ALA A 1078 -57.46 -30.22 23.86
C ALA A 1078 -57.70 -31.44 22.96
N THR A 1079 -58.09 -32.57 23.57
CA THR A 1079 -58.36 -33.74 22.74
C THR A 1079 -59.47 -33.47 21.74
N ASN A 1080 -60.53 -32.78 22.20
CA ASN A 1080 -61.66 -32.53 21.33
C ASN A 1080 -61.33 -31.56 20.20
N ILE A 1081 -60.46 -30.58 20.43
CA ILE A 1081 -60.08 -29.67 19.34
C ILE A 1081 -59.26 -30.41 18.31
N ASP A 1082 -58.38 -31.33 18.74
CA ASP A 1082 -57.61 -32.09 17.77
C ASP A 1082 -58.53 -32.89 16.85
N GLU A 1083 -59.46 -33.67 17.44
CA GLU A 1083 -60.37 -34.46 16.60
C GLU A 1083 -61.25 -33.56 15.73
N ILE A 1084 -61.76 -32.46 16.29
CA ILE A 1084 -62.68 -31.59 15.55
C ILE A 1084 -61.99 -30.98 14.34
N TYR A 1085 -60.76 -30.50 14.49
CA TYR A 1085 -60.06 -29.92 13.35
C TYR A 1085 -59.77 -30.98 12.30
N LYS A 1086 -59.36 -32.17 12.74
CA LYS A 1086 -59.12 -33.28 11.81
C LYS A 1086 -60.37 -33.57 11.00
N ALA A 1087 -61.52 -33.53 11.65
CA ALA A 1087 -62.77 -33.78 10.96
C ALA A 1087 -63.12 -32.61 10.04
N LEU A 1088 -62.77 -31.39 10.47
CA LEU A 1088 -63.25 -30.19 9.79
C LEU A 1088 -62.56 -29.97 8.46
N SER A 1089 -61.28 -30.25 8.38
CA SER A 1089 -60.67 -29.98 7.07
C SER A 1089 -61.04 -30.99 5.97
N ARG A 1090 -61.85 -32.01 6.28
CA ARG A 1090 -62.20 -33.12 5.37
C ARG A 1090 -60.96 -33.68 4.66
N ASN A 1091 -59.83 -33.63 5.32
CA ASN A 1091 -58.60 -34.26 4.84
C ASN A 1091 -58.09 -35.09 6.02
N SER A 1092 -56.82 -35.48 5.97
CA SER A 1092 -56.29 -36.21 7.12
C SER A 1092 -54.85 -35.86 7.47
N SER A 1093 -54.36 -34.71 7.05
CA SER A 1093 -52.97 -34.35 7.32
C SER A 1093 -52.85 -33.08 8.15
N ALA A 1094 -53.91 -32.68 8.85
CA ALA A 1094 -53.91 -31.47 9.64
C ALA A 1094 -53.76 -31.80 11.13
N GLN A 1095 -53.03 -30.94 11.85
CA GLN A 1095 -52.94 -31.06 13.30
C GLN A 1095 -53.26 -29.73 13.97
N ALA A 1096 -53.67 -29.81 15.24
CA ALA A 1096 -53.84 -28.64 16.08
C ALA A 1096 -53.54 -29.02 17.51
N PHE A 1097 -52.54 -28.39 18.13
CA PHE A 1097 -52.17 -28.68 19.51
C PHE A 1097 -52.38 -27.47 20.40
N LEU A 1098 -53.12 -27.67 21.48
CA LEU A 1098 -53.46 -26.64 22.47
C LEU A 1098 -52.75 -26.97 23.77
N GLY A 1099 -51.59 -26.35 23.99
CA GLY A 1099 -50.73 -26.78 25.07
C GLY A 1099 -50.51 -25.72 26.13
N PRO A 1100 -50.44 -26.13 27.38
CA PRO A 1100 -50.21 -25.18 28.46
C PRO A 1100 -48.71 -24.96 28.68
N GLU A 1101 -48.40 -23.85 29.33
CA GLU A 1101 -47.06 -23.68 29.86
C GLU A 1101 -47.04 -23.82 31.36
N ASN A 1102 -45.87 -24.21 31.88
CA ASN A 1102 -45.55 -24.41 33.27
C ASN A 1102 -46.55 -25.40 33.89
N PRO A 1103 -46.50 -26.68 33.52
CA PRO A 1103 -47.62 -27.57 33.83
C PRO A 1103 -47.75 -27.97 35.29
N GLU A 1104 -47.06 -27.29 36.21
CA GLU A 1104 -47.28 -27.51 37.63
C GLU A 1104 -48.32 -26.57 38.21
N GLU A 1105 -48.41 -25.34 37.71
CA GLU A 1105 -49.47 -24.41 38.11
C GLU A 1105 -50.00 -23.81 36.81
N PRO A 1106 -50.82 -24.56 36.07
CA PRO A 1106 -51.26 -24.09 34.76
C PRO A 1106 -52.10 -22.83 34.79
N TYR A 1107 -52.84 -22.60 35.87
CA TYR A 1107 -53.81 -21.51 35.87
C TYR A 1107 -53.18 -20.13 35.79
N LEU A 1108 -51.88 -19.98 36.04
CA LEU A 1108 -51.22 -18.68 35.89
C LEU A 1108 -50.00 -18.81 34.99
N ASP A 1109 -50.25 -18.81 33.67
CA ASP A 1109 -49.30 -18.71 32.57
C ASP A 1109 -50.10 -18.79 31.28
N GLY A 1110 -49.39 -18.56 30.16
CA GLY A 1110 -49.99 -18.68 28.85
C GLY A 1110 -50.45 -20.08 28.52
N ILE A 1111 -51.33 -20.15 27.52
CA ILE A 1111 -51.84 -21.40 26.98
C ILE A 1111 -51.72 -21.27 25.46
N ASN A 1112 -50.64 -21.80 24.91
CA ASN A 1112 -50.36 -21.51 23.52
C ASN A 1112 -51.03 -22.52 22.59
N TYR A 1113 -51.01 -22.17 21.31
CA TYR A 1113 -51.87 -22.75 20.29
C TYR A 1113 -51.08 -22.84 19.01
N ASN A 1114 -50.88 -24.06 18.50
CA ASN A 1114 -50.18 -24.19 17.24
C ASN A 1114 -50.96 -25.11 16.33
N CYS A 1115 -51.26 -24.64 15.12
CA CYS A 1115 -52.00 -25.42 14.16
C CYS A 1115 -51.17 -25.56 12.89
N VAL A 1116 -51.37 -26.64 12.20
CA VAL A 1116 -50.70 -26.88 10.94
C VAL A 1116 -51.69 -26.65 9.81
N ALA A 1117 -51.20 -26.12 8.70
CA ALA A 1117 -52.01 -25.92 7.52
C ALA A 1117 -52.42 -27.29 6.97
N PRO A 1118 -53.35 -27.34 6.02
CA PRO A 1118 -53.66 -28.64 5.39
C PRO A 1118 -52.52 -29.23 4.59
N GLY A 1119 -51.65 -28.42 3.97
CA GLY A 1119 -50.63 -29.05 3.14
C GLY A 1119 -49.23 -28.47 3.12
N LYS A 1120 -48.77 -27.89 4.22
CA LYS A 1120 -47.50 -27.17 4.20
C LYS A 1120 -46.72 -27.55 5.46
N ARG A 1121 -45.64 -26.80 5.72
CA ARG A 1121 -44.75 -27.08 6.81
C ARG A 1121 -45.23 -26.41 8.10
N PHE A 1122 -44.56 -26.74 9.20
CA PHE A 1122 -44.85 -26.13 10.48
C PHE A 1122 -44.29 -24.71 10.50
N ARG A 1123 -45.18 -23.74 10.67
CA ARG A 1123 -44.83 -22.34 10.66
C ARG A 1123 -45.40 -21.67 11.90
N PRO A 1124 -44.86 -20.51 12.29
CA PRO A 1124 -45.49 -19.78 13.39
C PRO A 1124 -46.86 -19.27 12.97
N MET A 1125 -47.74 -19.15 13.98
CA MET A 1125 -49.15 -18.86 13.75
C MET A 1125 -49.36 -17.56 13.01
N ASP A 1126 -48.53 -16.55 13.31
CA ASP A 1126 -48.65 -15.26 12.65
C ASP A 1126 -48.40 -15.36 11.15
N ASN A 1127 -47.44 -16.21 10.73
CA ASN A 1127 -47.09 -16.26 9.32
C ASN A 1127 -48.24 -16.75 8.45
N LEU A 1128 -49.03 -17.70 8.96
CA LEU A 1128 -50.10 -18.31 8.18
C LEU A 1128 -51.13 -17.27 7.75
N SER A 1129 -51.71 -17.49 6.57
CA SER A 1129 -52.68 -16.56 6.03
C SER A 1129 -54.03 -16.61 6.76
N GLY A 1130 -54.81 -15.56 6.54
CA GLY A 1130 -56.09 -15.42 7.19
C GLY A 1130 -57.07 -16.53 6.85
N GLY A 1131 -57.02 -17.02 5.62
CA GLY A 1131 -57.96 -18.06 5.21
C GLY A 1131 -57.85 -19.31 6.06
N GLU A 1132 -56.64 -19.73 6.36
CA GLU A 1132 -56.47 -20.84 7.28
C GLU A 1132 -56.79 -20.40 8.70
N LYS A 1133 -56.41 -19.17 9.03
CA LYS A 1133 -56.60 -18.62 10.36
C LYS A 1133 -58.06 -18.72 10.80
N THR A 1134 -58.97 -18.35 9.91
CA THR A 1134 -60.38 -18.37 10.27
C THR A 1134 -60.89 -19.79 10.41
N VAL A 1135 -60.35 -20.73 9.64
CA VAL A 1135 -60.76 -22.11 9.80
C VAL A 1135 -60.32 -22.63 11.15
N ALA A 1136 -59.12 -22.21 11.56
CA ALA A 1136 -58.61 -22.57 12.87
C ALA A 1136 -59.50 -22.01 13.98
N ALA A 1137 -59.88 -20.74 13.83
CA ALA A 1137 -60.74 -20.09 14.82
C ALA A 1137 -62.10 -20.77 14.91
N LEU A 1138 -62.68 -21.14 13.76
CA LEU A 1138 -63.95 -21.84 13.76
C LEU A 1138 -63.84 -23.16 14.47
N ALA A 1139 -62.73 -23.88 14.24
CA ALA A 1139 -62.50 -25.14 14.92
C ALA A 1139 -62.43 -24.93 16.43
N LEU A 1140 -61.65 -23.93 16.86
CA LEU A 1140 -61.48 -23.67 18.28
C LEU A 1140 -62.81 -23.33 18.95
N LEU A 1141 -63.61 -22.49 18.29
CA LEU A 1141 -64.94 -22.12 18.77
C LEU A 1141 -65.81 -23.36 18.93
N PHE A 1142 -65.86 -24.19 17.89
CA PHE A 1142 -66.72 -25.37 17.90
C PHE A 1142 -66.30 -26.33 19.00
N ALA A 1143 -65.00 -26.41 19.25
CA ALA A 1143 -64.48 -27.25 20.33
C ALA A 1143 -64.95 -26.73 21.68
N ILE A 1144 -64.73 -25.44 21.92
CA ILE A 1144 -65.15 -24.79 23.16
C ILE A 1144 -66.62 -25.05 23.44
N HIS A 1145 -67.47 -24.93 22.41
CA HIS A 1145 -68.87 -25.27 22.60
C HIS A 1145 -69.08 -26.75 22.90
N SER A 1146 -68.34 -27.63 22.22
CA SER A 1146 -68.53 -29.07 22.41
C SER A 1146 -68.05 -29.56 23.77
N TYR A 1147 -67.29 -28.77 24.53
CA TYR A 1147 -67.00 -29.19 25.90
C TYR A 1147 -68.23 -29.05 26.77
N LYS A 1148 -68.72 -27.83 26.95
CA LYS A 1148 -69.92 -27.57 27.74
C LYS A 1148 -70.92 -26.96 26.78
N PRO A 1149 -72.10 -27.57 26.61
CA PRO A 1149 -72.98 -27.19 25.50
C PRO A 1149 -73.43 -25.74 25.57
N ALA A 1150 -73.82 -25.22 24.41
CA ALA A 1150 -74.30 -23.88 24.32
C ALA A 1150 -75.46 -23.86 23.33
N PRO A 1151 -76.58 -23.22 23.70
CA PRO A 1151 -77.81 -23.38 22.93
C PRO A 1151 -77.76 -22.82 21.51
N PHE A 1152 -76.81 -21.95 21.18
CA PHE A 1152 -76.84 -21.35 19.86
C PHE A 1152 -75.51 -20.68 19.56
N PHE A 1153 -75.30 -20.44 18.27
CA PHE A 1153 -74.21 -19.58 17.83
C PHE A 1153 -74.79 -18.25 17.35
N VAL A 1154 -73.90 -17.31 17.06
CA VAL A 1154 -74.20 -16.11 16.28
C VAL A 1154 -73.01 -15.77 15.37
N LEU A 1155 -73.08 -16.21 14.11
CA LEU A 1155 -71.98 -16.01 13.17
C LEU A 1155 -72.23 -14.78 12.30
N ASP A 1156 -71.26 -13.86 12.25
CA ASP A 1156 -71.41 -12.59 11.54
C ASP A 1156 -70.31 -12.36 10.51
N GLN A 1157 -70.60 -12.70 9.25
CA GLN A 1157 -69.70 -12.52 8.11
C GLN A 1157 -68.32 -13.09 8.40
N ILE A 1158 -68.33 -14.40 8.60
CA ILE A 1158 -67.08 -15.14 8.71
C ILE A 1158 -66.43 -15.36 7.36
N ASP A 1159 -67.19 -15.32 6.28
CA ASP A 1159 -66.61 -15.49 4.96
C ASP A 1159 -65.98 -14.20 4.43
N ALA A 1160 -65.13 -13.58 5.25
CA ALA A 1160 -64.46 -12.35 4.86
C ALA A 1160 -63.41 -12.63 3.81
N ALA A 1161 -62.61 -13.69 4.02
CA ALA A 1161 -61.48 -13.97 3.17
C ALA A 1161 -61.49 -15.39 2.62
N LEU A 1162 -62.46 -16.21 2.98
CA LEU A 1162 -62.46 -17.62 2.61
C LEU A 1162 -62.87 -17.77 1.15
N ASP A 1163 -62.27 -18.73 0.45
CA ASP A 1163 -62.75 -18.96 -0.90
C ASP A 1163 -64.08 -19.73 -0.87
N ASN A 1164 -64.74 -19.76 -2.02
CA ASN A 1164 -66.03 -20.41 -2.15
C ASN A 1164 -65.96 -21.89 -1.78
N THR A 1165 -64.87 -22.55 -2.18
CA THR A 1165 -64.72 -23.97 -1.87
C THR A 1165 -64.65 -24.22 -0.37
N ASN A 1166 -63.86 -23.41 0.34
CA ASN A 1166 -63.77 -23.59 1.79
C ASN A 1166 -65.10 -23.30 2.46
N ILE A 1167 -65.82 -22.26 2.03
CA ILE A 1167 -67.12 -21.98 2.64
C ILE A 1167 -68.09 -23.12 2.36
N GLY A 1168 -68.01 -23.74 1.18
CA GLY A 1168 -68.87 -24.87 0.90
C GLY A 1168 -68.61 -26.04 1.83
N LYS A 1169 -67.34 -26.34 2.08
CA LYS A 1169 -67.01 -27.39 3.03
C LYS A 1169 -67.50 -27.03 4.42
N VAL A 1170 -67.33 -25.75 4.79
CA VAL A 1170 -67.77 -25.26 6.08
C VAL A 1170 -69.28 -25.43 6.21
N ALA A 1171 -69.99 -25.16 5.11
CA ALA A 1171 -71.43 -25.31 5.07
C ALA A 1171 -71.83 -26.75 5.26
N ASN A 1172 -71.10 -27.67 4.63
CA ASN A 1172 -71.40 -29.10 4.80
C ASN A 1172 -71.24 -29.51 6.26
N TYR A 1173 -70.23 -28.95 6.93
CA TYR A 1173 -70.05 -29.26 8.35
C TYR A 1173 -71.18 -28.66 9.19
N ILE A 1174 -71.51 -27.39 8.92
CA ILE A 1174 -72.57 -26.69 9.62
C ILE A 1174 -73.88 -27.45 9.49
N LYS A 1175 -74.16 -27.96 8.29
CA LYS A 1175 -75.42 -28.64 8.05
C LYS A 1175 -75.47 -29.97 8.77
N GLU A 1176 -74.41 -30.77 8.67
CA GLU A 1176 -74.42 -32.06 9.37
C GLU A 1176 -74.43 -31.89 10.88
N GLN A 1177 -73.87 -30.80 11.40
CA GLN A 1177 -73.81 -30.59 12.84
C GLN A 1177 -75.04 -29.89 13.40
N SER A 1178 -75.81 -29.22 12.54
CA SER A 1178 -76.83 -28.28 12.98
C SER A 1178 -78.07 -28.96 13.54
N THR A 1179 -78.35 -30.19 13.09
CA THR A 1179 -79.63 -30.84 13.37
C THR A 1179 -79.89 -31.04 14.87
N CYS A 1180 -79.03 -31.76 15.57
CA CYS A 1180 -79.37 -32.23 16.91
C CYS A 1180 -78.41 -31.74 17.98
N ASN A 1181 -77.66 -30.67 17.70
CA ASN A 1181 -76.70 -30.20 18.69
C ASN A 1181 -76.87 -28.74 19.08
N PHE A 1182 -77.18 -27.85 18.14
CA PHE A 1182 -77.34 -26.44 18.46
C PHE A 1182 -77.94 -25.69 17.29
N GLN A 1183 -78.71 -24.66 17.63
CA GLN A 1183 -79.24 -23.72 16.65
C GLN A 1183 -78.18 -22.67 16.29
N ALA A 1184 -78.11 -22.32 15.00
CA ALA A 1184 -77.08 -21.42 14.51
C ALA A 1184 -77.69 -20.37 13.59
N ILE A 1185 -77.43 -19.10 13.88
CA ILE A 1185 -77.92 -17.98 13.09
C ILE A 1185 -76.73 -17.18 12.55
N VAL A 1186 -76.69 -17.00 11.24
CA VAL A 1186 -75.57 -16.37 10.56
C VAL A 1186 -76.07 -15.16 9.77
N ILE A 1187 -75.20 -14.17 9.64
CA ILE A 1187 -75.36 -13.06 8.72
C ILE A 1187 -74.21 -13.11 7.73
N SER A 1188 -74.53 -13.18 6.44
CA SER A 1188 -73.52 -13.29 5.40
C SER A 1188 -74.06 -12.73 4.10
N LEU A 1189 -73.19 -12.65 3.10
CA LEU A 1189 -73.55 -12.12 1.79
C LEU A 1189 -73.51 -13.17 0.69
N LYS A 1190 -72.48 -14.02 0.69
CA LYS A 1190 -72.38 -15.08 -0.31
C LYS A 1190 -73.51 -16.10 -0.15
N GLU A 1191 -74.30 -16.28 -1.20
CA GLU A 1191 -75.47 -17.15 -1.12
C GLU A 1191 -75.09 -18.61 -0.89
N GLU A 1192 -73.85 -18.99 -1.19
CA GLU A 1192 -73.36 -20.34 -1.01
C GLU A 1192 -73.26 -20.77 0.43
N PHE A 1193 -73.51 -19.86 1.38
CA PHE A 1193 -73.46 -20.21 2.79
C PHE A 1193 -74.86 -20.41 3.35
N TYR A 1194 -75.84 -19.66 2.85
CA TYR A 1194 -77.23 -19.83 3.22
C TYR A 1194 -78.01 -20.67 2.21
N THR A 1195 -77.32 -21.36 1.30
CA THR A 1195 -78.04 -22.28 0.43
C THR A 1195 -78.41 -23.56 1.16
N LYS A 1196 -77.50 -24.10 2.00
CA LYS A 1196 -77.89 -25.25 2.81
C LYS A 1196 -79.01 -24.92 3.79
N ALA A 1197 -79.24 -23.65 4.09
CA ALA A 1197 -80.31 -23.25 4.99
C ALA A 1197 -81.68 -23.62 4.44
N GLU A 1198 -82.68 -23.51 5.30
CA GLU A 1198 -84.04 -23.90 4.99
C GLU A 1198 -85.05 -22.75 5.04
N SER A 1199 -84.68 -21.60 5.61
CA SER A 1199 -85.57 -20.46 5.66
C SER A 1199 -84.77 -19.17 5.73
N LEU A 1200 -85.09 -18.21 4.86
CA LEU A 1200 -84.31 -16.99 4.75
C LEU A 1200 -85.07 -15.82 5.36
N ILE A 1201 -84.31 -14.81 5.80
CA ILE A 1201 -84.86 -13.65 6.50
C ILE A 1201 -84.27 -12.40 5.87
N GLY A 1202 -84.99 -11.81 4.92
CA GLY A 1202 -84.55 -10.57 4.31
C GLY A 1202 -84.83 -9.38 5.22
N VAL A 1203 -83.91 -8.42 5.21
CA VAL A 1203 -83.99 -7.25 6.07
C VAL A 1203 -83.69 -6.02 5.22
N TYR A 1204 -84.62 -5.08 5.18
CA TYR A 1204 -84.50 -3.99 4.24
C TYR A 1204 -84.72 -2.65 4.91
N PRO A 1205 -84.06 -1.61 4.40
CA PRO A 1205 -84.20 -0.28 4.98
C PRO A 1205 -85.27 0.51 4.23
N GLU A 1206 -85.60 1.67 4.78
CA GLU A 1206 -86.53 2.59 4.14
C GLU A 1206 -86.05 4.01 4.34
N GLN A 1207 -86.04 4.76 3.24
CA GLN A 1207 -85.68 6.17 3.27
C GLN A 1207 -86.68 6.96 4.10
N GLY A 1208 -86.18 7.95 4.82
CA GLY A 1208 -87.02 8.76 5.68
C GLY A 1208 -86.20 9.87 6.27
N ASP A 1209 -86.76 10.50 7.31
CA ASP A 1209 -85.96 11.43 8.11
C ASP A 1209 -84.70 10.75 8.65
N CYS A 1210 -84.83 9.49 9.05
CA CYS A 1210 -83.69 8.60 9.22
C CYS A 1210 -84.08 7.24 8.67
N VAL A 1211 -83.07 6.41 8.42
CA VAL A 1211 -83.27 5.11 7.77
C VAL A 1211 -84.03 4.18 8.71
N ILE A 1212 -85.29 3.89 8.40
CA ILE A 1212 -86.10 3.00 9.23
C ILE A 1212 -86.19 1.64 8.55
N SER A 1213 -85.76 0.60 9.24
CA SER A 1213 -85.67 -0.73 8.63
C SER A 1213 -86.79 -1.66 9.10
N LYS A 1214 -87.07 -2.67 8.27
CA LYS A 1214 -88.09 -3.68 8.52
C LYS A 1214 -87.62 -5.03 7.98
N VAL A 1215 -88.38 -6.08 8.31
CA VAL A 1215 -87.97 -7.47 8.16
C VAL A 1215 -89.08 -8.25 7.44
N LEU A 1216 -88.69 -9.28 6.66
CA LEU A 1216 -89.67 -10.18 6.07
C LEU A 1216 -89.03 -11.53 5.74
N THR A 1217 -89.82 -12.59 5.87
CA THR A 1217 -89.32 -13.96 5.87
C THR A 1217 -89.57 -14.61 4.51
N PHE A 1218 -89.05 -15.83 4.36
CA PHE A 1218 -89.20 -16.58 3.11
C PHE A 1218 -88.85 -18.04 3.37
N ASP A 1219 -89.70 -18.95 2.90
CA ASP A 1219 -89.50 -20.38 3.08
C ASP A 1219 -88.73 -21.01 1.92
N LEU A 1220 -88.01 -22.11 2.23
CA LEU A 1220 -87.14 -22.75 1.26
C LEU A 1220 -87.20 -24.28 1.34
N THR A 1221 -88.26 -24.85 1.89
CA THR A 1221 -88.38 -26.31 1.95
C THR A 1221 -89.51 -26.82 1.06
N LYS A 1222 -89.63 -26.23 -0.11
CA LYS A 1222 -90.49 -26.72 -1.18
C LYS A 1222 -89.73 -26.59 -2.50
N TYR A 1223 -88.47 -27.03 -2.50
CA TYR A 1223 -87.59 -26.78 -3.61
C TYR A 1223 -86.69 -27.99 -3.81
N PRO A 1224 -86.16 -28.19 -5.01
CA PRO A 1224 -85.23 -29.30 -5.23
C PRO A 1224 -83.81 -28.96 -4.80
N ASP A 1225 -83.00 -30.01 -4.75
CA ASP A 1225 -81.58 -30.08 -4.32
C ASP A 1225 -80.91 -28.84 -3.73
N MET B 1 -43.11 5.52 -10.59
CA MET B 1 -43.58 6.04 -11.86
C MET B 1 -44.44 5.02 -12.60
N TYR B 2 -43.83 3.89 -12.98
CA TYR B 2 -44.58 2.86 -13.71
C TYR B 2 -43.84 1.54 -13.57
N ILE B 3 -44.34 0.70 -12.67
CA ILE B 3 -43.60 -0.51 -12.28
C ILE B 3 -43.59 -1.47 -13.46
N LYS B 4 -42.44 -1.60 -14.15
CA LYS B 4 -42.39 -2.48 -15.30
C LYS B 4 -42.42 -3.95 -14.91
N GLN B 5 -41.46 -4.38 -14.08
CA GLN B 5 -41.53 -5.75 -13.56
C GLN B 5 -40.60 -5.93 -12.38
N VAL B 6 -40.70 -7.13 -11.79
CA VAL B 6 -40.03 -7.49 -10.56
C VAL B 6 -39.42 -8.89 -10.70
N ILE B 7 -38.34 -9.11 -9.96
CA ILE B 7 -37.58 -10.35 -9.98
C ILE B 7 -37.34 -10.71 -8.53
N ILE B 8 -37.57 -11.97 -8.17
CA ILE B 8 -37.51 -12.40 -6.77
C ILE B 8 -36.73 -13.71 -6.72
N GLN B 9 -35.87 -13.84 -5.72
CA GLN B 9 -35.22 -15.11 -5.47
C GLN B 9 -35.16 -15.38 -3.98
N GLY B 10 -35.83 -16.46 -3.57
CA GLY B 10 -35.77 -17.00 -2.23
C GLY B 10 -36.41 -16.22 -1.11
N PHE B 11 -37.47 -15.46 -1.37
CA PHE B 11 -37.96 -14.58 -0.31
C PHE B 11 -38.84 -15.33 0.68
N ARG B 12 -40.06 -15.65 0.28
CA ARG B 12 -40.95 -16.34 1.20
C ARG B 12 -41.49 -17.61 0.59
N SER B 13 -42.05 -17.52 -0.60
CA SER B 13 -42.40 -18.76 -1.30
C SER B 13 -42.08 -18.64 -2.77
N TYR B 14 -41.28 -17.68 -3.13
CA TYR B 14 -40.80 -17.54 -4.49
C TYR B 14 -39.33 -17.95 -4.38
N ARG B 15 -39.03 -19.18 -4.76
CA ARG B 15 -37.64 -19.62 -4.76
C ARG B 15 -36.83 -18.86 -5.81
N ASP B 16 -37.18 -19.03 -7.08
CA ASP B 16 -36.43 -18.43 -8.18
C ASP B 16 -37.40 -17.92 -9.25
N GLN B 17 -37.57 -16.61 -9.32
CA GLN B 17 -38.55 -16.01 -10.22
C GLN B 17 -37.82 -15.21 -11.30
N THR B 18 -37.72 -15.79 -12.49
CA THR B 18 -37.11 -15.15 -13.64
C THR B 18 -38.11 -14.17 -14.25
N ILE B 19 -37.84 -13.70 -15.47
CA ILE B 19 -38.59 -12.57 -16.01
C ILE B 19 -40.03 -12.99 -16.31
N VAL B 20 -40.94 -12.04 -16.17
CA VAL B 20 -42.36 -12.23 -16.45
C VAL B 20 -42.76 -11.15 -17.44
N ASP B 21 -43.80 -11.44 -18.22
CA ASP B 21 -44.32 -10.48 -19.19
C ASP B 21 -44.69 -9.18 -18.48
N PRO B 22 -44.27 -8.03 -19.00
CA PRO B 22 -44.34 -6.78 -18.24
C PRO B 22 -45.77 -6.34 -17.96
N PHE B 23 -45.91 -5.54 -16.90
CA PHE B 23 -47.20 -4.98 -16.55
C PHE B 23 -47.70 -4.00 -17.61
N SER B 24 -48.95 -3.62 -17.47
CA SER B 24 -49.56 -2.57 -18.27
C SER B 24 -49.66 -1.34 -17.39
N SER B 25 -50.13 -0.24 -17.97
CA SER B 25 -50.25 0.97 -17.18
C SER B 25 -51.58 1.09 -16.46
N LYS B 26 -52.65 0.52 -17.00
CA LYS B 26 -53.98 0.89 -16.53
C LYS B 26 -54.47 0.04 -15.36
N HIS B 27 -54.66 -1.27 -15.56
CA HIS B 27 -55.33 -2.05 -14.53
C HIS B 27 -54.98 -3.53 -14.70
N ASN B 28 -54.17 -4.05 -13.79
CA ASN B 28 -53.75 -5.45 -13.81
C ASN B 28 -54.21 -6.13 -12.52
N VAL B 29 -55.30 -6.85 -12.60
CA VAL B 29 -55.88 -7.53 -11.46
C VAL B 29 -55.30 -8.94 -11.35
N ILE B 30 -54.95 -9.34 -10.13
CA ILE B 30 -54.45 -10.68 -9.86
C ILE B 30 -55.53 -11.43 -9.07
N VAL B 31 -55.81 -12.66 -9.48
CA VAL B 31 -56.73 -13.54 -8.76
C VAL B 31 -55.98 -14.86 -8.52
N GLY B 32 -56.45 -15.62 -7.53
CA GLY B 32 -55.82 -16.88 -7.18
C GLY B 32 -56.46 -17.63 -6.03
N ARG B 33 -56.34 -18.96 -6.07
CA ARG B 33 -56.95 -19.86 -5.10
C ARG B 33 -56.45 -19.57 -3.69
N ASN B 34 -57.29 -19.89 -2.71
CA ASN B 34 -57.08 -19.58 -1.30
C ASN B 34 -55.84 -20.22 -0.71
N GLY B 35 -54.87 -19.41 -0.32
CA GLY B 35 -53.61 -19.91 0.19
C GLY B 35 -52.50 -19.99 -0.82
N SER B 36 -52.67 -19.45 -2.03
CA SER B 36 -51.65 -19.56 -3.06
C SER B 36 -50.42 -18.71 -2.74
N GLY B 37 -50.58 -17.60 -2.04
CA GLY B 37 -49.47 -16.70 -1.86
C GLY B 37 -49.45 -15.50 -2.78
N LYS B 38 -50.51 -14.70 -2.75
CA LYS B 38 -50.51 -13.47 -3.52
C LYS B 38 -50.28 -12.23 -2.67
N SER B 39 -50.66 -12.26 -1.40
CA SER B 39 -50.35 -11.13 -0.54
C SER B 39 -48.85 -11.02 -0.29
N ASN B 40 -48.12 -12.13 -0.36
CA ASN B 40 -46.69 -12.07 -0.12
C ASN B 40 -45.98 -11.34 -1.24
N PHE B 41 -46.57 -11.35 -2.44
CA PHE B 41 -46.10 -10.50 -3.54
C PHE B 41 -46.06 -9.05 -3.10
N PHE B 42 -47.20 -8.53 -2.63
CA PHE B 42 -47.24 -7.15 -2.15
C PHE B 42 -46.34 -6.96 -0.94
N TYR B 43 -46.18 -8.01 -0.12
CA TYR B 43 -45.25 -7.90 1.00
C TYR B 43 -43.82 -7.72 0.51
N ALA B 44 -43.48 -8.33 -0.62
CA ALA B 44 -42.17 -8.09 -1.23
C ALA B 44 -42.06 -6.66 -1.74
N ILE B 45 -43.01 -6.27 -2.61
CA ILE B 45 -43.06 -4.94 -3.21
C ILE B 45 -42.99 -3.84 -2.16
N GLN B 46 -43.54 -4.09 -0.98
CA GLN B 46 -43.45 -3.10 0.08
C GLN B 46 -42.23 -3.32 0.96
N PHE B 47 -41.70 -4.55 1.01
CA PHE B 47 -40.50 -4.81 1.78
C PHE B 47 -39.32 -4.10 1.16
N VAL B 48 -39.36 -3.89 -0.14
CA VAL B 48 -38.29 -3.14 -0.77
C VAL B 48 -38.48 -1.63 -0.54
N LEU B 49 -39.58 -1.05 -1.02
CA LEU B 49 -39.66 0.41 -0.98
C LEU B 49 -40.02 0.98 0.40
N SER B 50 -40.55 0.18 1.31
CA SER B 50 -40.98 0.68 2.61
C SER B 50 -40.09 0.06 3.67
N ASP B 51 -39.44 0.91 4.46
CA ASP B 51 -38.55 0.47 5.52
C ASP B 51 -39.27 -0.19 6.70
N GLU B 52 -40.53 0.18 6.95
CA GLU B 52 -41.23 -0.25 8.16
C GLU B 52 -41.33 -1.77 8.30
N PHE B 53 -41.55 -2.48 7.19
CA PHE B 53 -41.74 -3.92 7.26
C PHE B 53 -40.51 -4.61 7.85
N SER B 54 -39.31 -4.17 7.45
CA SER B 54 -38.08 -4.78 7.95
C SER B 54 -37.60 -4.10 9.23
N HIS B 55 -38.48 -4.05 10.23
CA HIS B 55 -38.09 -3.53 11.54
C HIS B 55 -38.29 -4.54 12.66
N LEU B 56 -38.67 -5.77 12.32
CA LEU B 56 -38.98 -6.80 13.32
C LEU B 56 -37.68 -7.41 13.85
N ARG B 57 -37.82 -8.23 14.90
CA ARG B 57 -36.68 -8.83 15.57
C ARG B 57 -36.01 -9.92 14.71
N PRO B 58 -34.79 -10.35 15.08
CA PRO B 58 -34.08 -11.36 14.26
C PRO B 58 -34.80 -12.67 14.11
N GLU B 59 -35.55 -13.10 15.13
CA GLU B 59 -36.24 -14.37 15.05
C GLU B 59 -37.21 -14.39 13.88
N GLN B 60 -37.97 -13.31 13.74
CA GLN B 60 -38.85 -13.14 12.60
C GLN B 60 -38.06 -12.95 11.31
N ARG B 61 -36.93 -12.24 11.37
CA ARG B 61 -36.13 -12.04 10.16
C ARG B 61 -35.66 -13.38 9.61
N LEU B 62 -35.25 -14.28 10.51
CA LEU B 62 -34.88 -15.62 10.12
C LEU B 62 -36.11 -16.35 9.59
N ALA B 63 -37.26 -16.14 10.25
CA ALA B 63 -38.50 -16.73 9.77
C ALA B 63 -38.84 -16.22 8.37
N LEU B 64 -38.45 -14.99 8.06
CA LEU B 64 -38.78 -14.37 6.78
C LEU B 64 -38.22 -15.17 5.61
N LEU B 65 -36.99 -15.66 5.73
CA LEU B 65 -36.36 -16.40 4.64
C LEU B 65 -37.09 -17.70 4.37
N HIS B 66 -37.27 -18.01 3.09
CA HIS B 66 -37.91 -19.26 2.68
C HIS B 66 -37.07 -20.49 2.99
N GLU B 67 -37.72 -21.55 3.46
CA GLU B 67 -37.04 -22.80 3.81
C GLU B 67 -37.93 -23.99 3.40
N GLY B 68 -37.89 -24.36 2.13
CA GLY B 68 -38.67 -25.51 1.72
C GLY B 68 -37.98 -26.86 1.73
N THR B 69 -36.99 -27.05 0.85
CA THR B 69 -36.36 -28.35 0.67
C THR B 69 -34.91 -28.13 0.27
N GLY B 70 -34.19 -29.25 0.12
CA GLY B 70 -32.80 -29.22 -0.30
C GLY B 70 -31.90 -28.47 0.65
N PRO B 71 -30.96 -27.71 0.08
CA PRO B 71 -30.13 -26.84 0.90
C PRO B 71 -30.98 -25.73 1.50
N ARG B 72 -30.34 -24.94 2.36
CA ARG B 72 -30.99 -23.79 2.96
C ARG B 72 -30.30 -22.52 2.49
N VAL B 73 -31.07 -21.61 1.91
CA VAL B 73 -30.46 -20.42 1.32
C VAL B 73 -30.10 -19.53 2.51
N ILE B 74 -29.27 -18.53 2.31
CA ILE B 74 -28.91 -17.61 3.39
C ILE B 74 -28.99 -16.19 2.85
N SER B 75 -29.03 -16.07 1.53
CA SER B 75 -28.95 -14.76 0.87
C SER B 75 -30.09 -14.64 -0.14
N ALA B 76 -31.24 -14.17 0.30
CA ALA B 76 -32.32 -13.93 -0.65
C ALA B 76 -32.15 -12.56 -1.28
N PHE B 77 -32.74 -12.38 -2.47
CA PHE B 77 -32.61 -11.08 -3.12
C PHE B 77 -33.78 -10.78 -4.06
N VAL B 78 -34.23 -9.53 -4.01
CA VAL B 78 -35.34 -9.04 -4.81
C VAL B 78 -34.89 -7.81 -5.59
N GLU B 79 -35.17 -7.82 -6.90
CA GLU B 79 -34.84 -6.72 -7.81
C GLU B 79 -36.13 -6.17 -8.40
N ILE B 80 -36.14 -4.87 -8.63
CA ILE B 80 -37.27 -4.19 -9.26
C ILE B 80 -36.76 -3.30 -10.39
N ILE B 81 -37.41 -3.37 -11.56
CA ILE B 81 -37.08 -2.47 -12.66
C ILE B 81 -38.33 -1.70 -13.07
N PHE B 82 -38.26 -0.37 -12.95
CA PHE B 82 -39.32 0.54 -13.37
C PHE B 82 -38.71 1.75 -14.08
N ASP B 83 -39.54 2.46 -14.85
CA ASP B 83 -39.06 3.47 -15.79
C ASP B 83 -39.48 4.87 -15.35
N ASN B 84 -38.48 5.72 -15.07
CA ASN B 84 -38.74 7.12 -14.74
C ASN B 84 -38.65 8.00 -15.99
N SER B 85 -39.48 7.63 -16.98
CA SER B 85 -39.59 8.36 -18.23
C SER B 85 -39.92 9.84 -18.01
N ASP B 86 -40.72 10.15 -17.00
CA ASP B 86 -41.02 11.54 -16.67
C ASP B 86 -39.91 12.21 -15.87
N ASN B 87 -38.80 11.50 -15.60
CA ASN B 87 -37.70 11.99 -14.77
C ASN B 87 -38.19 12.48 -13.41
N ARG B 88 -39.25 11.85 -12.90
CA ARG B 88 -39.65 12.09 -11.52
C ARG B 88 -38.55 11.64 -10.58
N LEU B 89 -38.03 10.45 -10.79
CA LEU B 89 -36.79 10.04 -10.16
C LEU B 89 -35.65 10.71 -10.92
N PRO B 90 -34.67 11.31 -10.23
CA PRO B 90 -33.75 12.23 -10.93
C PRO B 90 -32.70 11.59 -11.83
N ILE B 91 -32.01 10.54 -11.37
CA ILE B 91 -30.94 9.94 -12.15
C ILE B 91 -31.51 9.31 -13.42
N ASP B 92 -31.08 9.83 -14.56
CA ASP B 92 -31.68 9.53 -15.87
C ASP B 92 -31.29 8.14 -16.35
N LYS B 93 -32.27 7.25 -16.44
CA LYS B 93 -32.15 6.01 -17.20
C LYS B 93 -33.52 5.74 -17.80
N GLU B 94 -33.65 4.67 -18.59
CA GLU B 94 -34.92 4.27 -19.16
C GLU B 94 -35.55 3.09 -18.45
N GLU B 95 -34.75 2.31 -17.73
CA GLU B 95 -35.25 1.16 -16.95
C GLU B 95 -34.35 1.08 -15.72
N VAL B 96 -34.78 1.76 -14.66
CA VAL B 96 -34.06 1.76 -13.39
C VAL B 96 -34.18 0.41 -12.70
N SER B 97 -33.05 -0.08 -12.19
CA SER B 97 -32.96 -1.34 -11.48
C SER B 97 -32.51 -1.04 -10.05
N LEU B 98 -33.22 -1.61 -9.10
CA LEU B 98 -32.86 -1.48 -7.68
C LEU B 98 -33.08 -2.83 -7.03
N ARG B 99 -32.07 -3.34 -6.32
CA ARG B 99 -32.25 -4.62 -5.64
C ARG B 99 -31.86 -4.50 -4.17
N ARG B 100 -32.45 -5.38 -3.36
CA ARG B 100 -32.23 -5.43 -1.92
C ARG B 100 -31.85 -6.84 -1.49
N VAL B 101 -30.55 -7.12 -1.49
CA VAL B 101 -30.09 -8.39 -0.95
C VAL B 101 -30.34 -8.42 0.55
N ILE B 102 -30.92 -9.53 1.02
CA ILE B 102 -31.25 -9.75 2.42
C ILE B 102 -30.50 -10.98 2.95
N GLY B 103 -29.86 -10.79 4.10
CA GLY B 103 -29.13 -11.83 4.78
C GLY B 103 -29.37 -11.65 6.27
N ALA B 104 -28.98 -12.67 7.05
CA ALA B 104 -29.14 -12.59 8.49
C ALA B 104 -28.41 -11.38 9.08
N LYS B 105 -27.20 -11.12 8.61
CA LYS B 105 -26.42 -9.96 9.04
C LYS B 105 -26.18 -8.96 7.93
N LYS B 106 -26.80 -9.13 6.77
CA LYS B 106 -26.51 -8.33 5.59
C LYS B 106 -27.79 -7.66 5.11
N ASP B 107 -27.69 -6.39 4.74
CA ASP B 107 -28.84 -5.67 4.20
C ASP B 107 -28.35 -4.64 3.19
N GLN B 108 -28.57 -4.90 1.90
CA GLN B 108 -27.92 -4.04 0.93
C GLN B 108 -28.86 -3.67 -0.19
N TYR B 109 -28.72 -2.44 -0.66
CA TYR B 109 -29.44 -1.91 -1.81
C TYR B 109 -28.41 -1.64 -2.90
N PHE B 110 -28.51 -2.37 -3.99
CA PHE B 110 -27.67 -2.14 -5.15
C PHE B 110 -28.47 -1.37 -6.19
N LEU B 111 -28.03 -0.13 -6.43
CA LEU B 111 -28.57 0.75 -7.46
C LEU B 111 -27.54 0.76 -8.59
N ASP B 112 -27.81 0.02 -9.66
CA ASP B 112 -26.92 -0.15 -10.81
C ASP B 112 -25.50 -0.51 -10.36
N LYS B 113 -25.42 -1.54 -9.51
CA LYS B 113 -24.17 -2.20 -9.15
C LYS B 113 -23.22 -1.32 -8.35
N LYS B 114 -23.67 -0.14 -7.92
CA LYS B 114 -22.86 0.76 -7.10
C LYS B 114 -23.40 0.83 -5.68
N MET B 115 -22.49 0.78 -4.72
CA MET B 115 -22.83 0.74 -3.31
C MET B 115 -23.53 2.02 -2.87
N VAL B 116 -24.31 1.90 -1.79
CA VAL B 116 -25.09 2.99 -1.22
C VAL B 116 -24.83 3.04 0.28
N THR B 117 -25.49 4.00 0.95
CA THR B 117 -25.23 4.24 2.36
C THR B 117 -26.51 4.17 3.19
N LYS B 118 -27.58 3.58 2.64
CA LYS B 118 -28.84 3.30 3.32
C LYS B 118 -29.58 4.55 3.81
N ASN B 119 -29.05 5.73 3.58
CA ASN B 119 -29.74 6.97 3.93
C ASN B 119 -30.03 7.84 2.73
N ASP B 120 -29.05 7.96 1.84
CA ASP B 120 -29.25 8.61 0.55
C ASP B 120 -30.46 8.04 -0.17
N VAL B 121 -30.64 6.72 -0.11
CA VAL B 121 -31.79 6.09 -0.75
C VAL B 121 -33.10 6.51 -0.09
N MET B 122 -33.13 6.66 1.24
CA MET B 122 -34.36 7.07 1.89
C MET B 122 -34.72 8.49 1.47
N ASN B 123 -33.72 9.38 1.50
CA ASN B 123 -33.95 10.75 1.07
C ASN B 123 -34.33 10.81 -0.41
N LEU B 124 -33.78 9.90 -1.21
CA LEU B 124 -34.13 9.78 -2.61
C LEU B 124 -35.60 9.48 -2.80
N LEU B 125 -36.08 8.40 -2.16
CA LEU B 125 -37.48 8.02 -2.31
C LEU B 125 -38.43 9.07 -1.74
N GLU B 126 -38.09 9.65 -0.59
CA GLU B 126 -38.89 10.75 -0.06
C GLU B 126 -38.98 11.92 -1.03
N SER B 127 -37.83 12.40 -1.51
CA SER B 127 -37.80 13.50 -2.48
C SER B 127 -38.49 13.12 -3.78
N ALA B 128 -38.54 11.83 -4.10
CA ALA B 128 -39.18 11.39 -5.32
C ALA B 128 -40.69 11.48 -5.19
N GLY B 129 -41.22 11.19 -4.01
CA GLY B 129 -42.65 11.15 -3.80
C GLY B 129 -43.07 10.07 -2.83
N PHE B 130 -42.24 9.03 -2.68
CA PHE B 130 -42.54 7.97 -1.74
C PHE B 130 -42.53 8.50 -0.29
N SER B 131 -43.01 7.65 0.61
CA SER B 131 -42.98 7.93 2.05
C SER B 131 -42.57 6.64 2.76
N ARG B 132 -41.32 6.61 3.22
CA ARG B 132 -40.71 5.36 3.67
C ARG B 132 -41.38 4.76 4.90
N SER B 133 -41.99 5.59 5.76
CA SER B 133 -42.57 5.06 6.97
C SER B 133 -44.09 4.99 6.97
N ASN B 134 -44.76 5.56 5.97
CA ASN B 134 -46.21 5.68 6.03
C ASN B 134 -46.87 4.38 5.58
N PRO B 135 -47.70 3.76 6.41
CA PRO B 135 -48.54 2.65 5.93
C PRO B 135 -49.50 3.02 4.81
N TYR B 136 -49.86 4.30 4.66
CA TYR B 136 -50.82 4.77 3.66
C TYR B 136 -50.40 4.37 2.24
N TYR B 137 -51.40 4.24 1.35
CA TYR B 137 -51.31 3.81 -0.04
C TYR B 137 -50.72 2.40 -0.22
N ILE B 138 -50.73 1.63 0.86
CA ILE B 138 -50.47 0.19 0.84
C ILE B 138 -51.45 -0.37 1.85
N VAL B 139 -52.43 -1.15 1.40
CA VAL B 139 -53.54 -1.51 2.26
C VAL B 139 -53.60 -3.02 2.42
N LYS B 140 -53.22 -3.50 3.61
CA LYS B 140 -53.21 -4.91 3.92
C LYS B 140 -54.62 -5.46 4.05
N GLN B 141 -54.73 -6.78 4.01
CA GLN B 141 -56.03 -7.44 4.00
C GLN B 141 -56.62 -7.38 5.41
N GLY B 142 -57.50 -6.40 5.62
CA GLY B 142 -58.24 -6.30 6.87
C GLY B 142 -58.19 -4.96 7.55
N LYS B 143 -57.20 -4.12 7.24
CA LYS B 143 -57.05 -2.86 7.96
C LYS B 143 -57.62 -1.65 7.20
N ILE B 144 -58.66 -1.85 6.40
CA ILE B 144 -59.24 -0.66 5.76
C ILE B 144 -60.15 0.07 6.73
N ASN B 145 -60.95 -0.67 7.49
CA ASN B 145 -61.90 -0.12 8.45
C ASN B 145 -61.24 0.84 9.44
N GLN B 146 -60.01 0.53 9.86
CA GLN B 146 -59.34 1.32 10.88
C GLN B 146 -59.11 2.76 10.42
N MET B 147 -59.10 3.04 9.12
CA MET B 147 -58.93 4.43 8.70
C MET B 147 -60.14 5.28 9.08
N ALA B 148 -61.29 4.67 9.33
CA ALA B 148 -62.45 5.47 9.72
C ALA B 148 -62.59 5.61 11.22
N THR B 149 -62.39 4.53 11.98
CA THR B 149 -62.50 4.61 13.43
C THR B 149 -61.18 5.10 14.09
N ALA B 150 -60.31 5.66 13.29
CA ALA B 150 -59.09 6.25 13.81
C ALA B 150 -59.40 7.60 14.43
N PRO B 151 -58.70 8.00 15.48
CA PRO B 151 -58.90 9.35 16.03
C PRO B 151 -58.42 10.39 15.05
N ASP B 152 -59.02 11.60 15.17
CA ASP B 152 -58.87 12.65 14.16
C ASP B 152 -57.42 13.01 13.94
N SER B 153 -56.64 13.06 15.03
CA SER B 153 -55.24 13.45 14.99
C SER B 153 -54.44 12.59 14.01
N GLN B 154 -54.76 11.29 13.94
CA GLN B 154 -54.10 10.41 12.99
C GLN B 154 -54.36 10.86 11.55
N ARG B 155 -55.60 11.24 11.24
CA ARG B 155 -55.89 11.72 9.89
C ARG B 155 -55.26 13.07 9.63
N LEU B 156 -55.15 13.91 10.67
CA LEU B 156 -54.49 15.19 10.52
C LEU B 156 -53.03 14.99 10.20
N LYS B 157 -52.37 14.05 10.89
CA LYS B 157 -51.00 13.70 10.58
C LYS B 157 -50.87 13.16 9.17
N LEU B 158 -51.82 12.30 8.77
CA LEU B 158 -51.80 11.72 7.43
C LEU B 158 -51.91 12.79 6.35
N LEU B 159 -52.88 13.70 6.46
CA LEU B 159 -53.04 14.73 5.45
C LEU B 159 -51.88 15.72 5.47
N ARG B 160 -51.40 16.07 6.66
CA ARG B 160 -50.24 16.95 6.79
C ARG B 160 -49.02 16.35 6.10
N GLU B 161 -48.83 15.03 6.25
CA GLU B 161 -47.79 14.31 5.51
C GLU B 161 -48.06 14.38 4.01
N VAL B 162 -49.33 14.18 3.61
CA VAL B 162 -49.73 14.29 2.20
C VAL B 162 -49.33 15.65 1.63
N ALA B 163 -49.46 16.69 2.44
CA ALA B 163 -48.98 18.01 2.04
C ALA B 163 -47.48 18.04 1.87
N GLY B 164 -46.74 17.12 2.48
CA GLY B 164 -45.30 17.16 2.31
C GLY B 164 -44.60 18.08 3.28
N THR B 165 -44.99 18.07 4.56
CA THR B 165 -44.50 19.04 5.53
C THR B 165 -43.95 18.37 6.77
N ARG B 166 -43.26 17.24 6.60
CA ARG B 166 -42.68 16.51 7.72
C ARG B 166 -41.20 16.78 7.94
N VAL B 167 -40.40 16.70 6.87
CA VAL B 167 -38.96 16.91 6.99
C VAL B 167 -38.63 18.30 7.49
N TYR B 168 -39.34 19.31 6.98
CA TYR B 168 -39.13 20.68 7.44
C TYR B 168 -39.38 20.79 8.94
N ASP B 169 -40.45 20.17 9.41
CA ASP B 169 -40.79 20.21 10.82
C ASP B 169 -39.71 19.56 11.67
N GLU B 170 -39.30 18.35 11.28
CA GLU B 170 -38.29 17.61 12.04
C GLU B 170 -36.95 18.33 12.09
N ARG B 171 -36.51 18.84 10.94
CA ARG B 171 -35.23 19.52 10.89
C ARG B 171 -35.24 20.82 11.69
N LYS B 172 -36.35 21.59 11.64
CA LYS B 172 -36.39 22.82 12.41
C LYS B 172 -36.32 22.55 13.92
N GLU B 173 -37.13 21.62 14.42
CA GLU B 173 -37.04 21.29 15.85
C GLU B 173 -35.68 20.73 16.24
N GLU B 174 -35.04 19.95 15.35
CA GLU B 174 -33.71 19.47 15.70
C GLU B 174 -32.73 20.64 15.77
N SER B 175 -32.84 21.58 14.83
CA SER B 175 -31.89 22.68 14.76
C SER B 175 -31.99 23.62 15.95
N ILE B 176 -33.20 23.74 16.53
CA ILE B 176 -33.41 24.70 17.62
C ILE B 176 -32.53 24.35 18.83
N SER B 177 -32.40 23.07 19.14
CA SER B 177 -31.57 22.66 20.27
C SER B 177 -30.11 23.06 20.07
N LEU B 178 -29.55 22.69 18.91
CA LEU B 178 -28.17 23.06 18.58
C LEU B 178 -27.94 24.57 18.62
N MET B 179 -28.85 25.36 18.00
CA MET B 179 -28.69 26.81 18.04
C MET B 179 -28.70 27.34 19.47
N LYS B 180 -29.63 26.85 20.31
CA LYS B 180 -29.66 27.28 21.71
C LYS B 180 -28.32 26.97 22.38
N GLU B 181 -27.72 25.84 22.00
CA GLU B 181 -26.43 25.49 22.59
C GLU B 181 -25.37 26.47 22.13
N THR B 182 -25.45 26.90 20.86
CA THR B 182 -24.57 27.97 20.38
C THR B 182 -24.81 29.28 21.12
N GLU B 183 -26.05 29.54 21.54
CA GLU B 183 -26.34 30.74 22.32
C GLU B 183 -25.56 30.74 23.63
N GLY B 184 -25.62 29.61 24.35
CA GLY B 184 -24.79 29.43 25.52
C GLY B 184 -23.31 29.63 25.23
N LYS B 185 -22.85 29.06 24.10
CA LYS B 185 -21.45 29.20 23.70
C LYS B 185 -21.07 30.67 23.50
N ARG B 186 -21.97 31.45 22.89
CA ARG B 186 -21.73 32.86 22.64
C ARG B 186 -21.63 33.63 23.94
N GLU B 187 -22.48 33.27 24.91
CA GLU B 187 -22.36 33.81 26.27
C GLU B 187 -20.96 33.57 26.83
N LYS B 188 -20.48 32.33 26.71
CA LYS B 188 -19.15 31.97 27.17
C LYS B 188 -18.09 32.82 26.47
N ILE B 189 -18.30 33.03 25.17
CA ILE B 189 -17.38 33.81 24.34
C ILE B 189 -17.27 35.24 24.87
N ASN B 190 -18.42 35.88 25.14
CA ASN B 190 -18.43 37.25 25.64
C ASN B 190 -17.71 37.36 26.98
N GLU B 191 -17.98 36.41 27.89
CA GLU B 191 -17.26 36.33 29.17
C GLU B 191 -15.75 36.38 28.96
N LEU B 192 -15.25 35.48 28.09
CA LEU B 192 -13.82 35.36 27.89
C LEU B 192 -13.25 36.62 27.24
N LEU B 193 -14.04 37.24 26.34
CA LEU B 193 -13.64 38.50 25.73
C LEU B 193 -13.41 39.60 26.76
N LYS B 194 -14.35 39.75 27.72
CA LYS B 194 -14.19 40.76 28.76
C LYS B 194 -12.93 40.52 29.57
N TYR B 195 -12.68 39.27 29.96
CA TYR B 195 -11.41 38.94 30.63
C TYR B 195 -10.19 39.36 29.80
N ILE B 196 -10.19 39.03 28.51
CA ILE B 196 -9.08 39.39 27.63
C ILE B 196 -8.88 40.90 27.60
N GLU B 197 -9.99 41.65 27.64
CA GLU B 197 -9.92 43.12 27.65
C GLU B 197 -9.21 43.63 28.90
N GLU B 198 -9.61 43.09 30.06
CA GLU B 198 -8.92 43.48 31.30
C GLU B 198 -7.42 43.19 31.20
N ARG B 199 -7.06 42.02 30.67
CA ARG B 199 -5.65 41.66 30.55
C ARG B 199 -4.89 42.61 29.63
N LEU B 200 -5.52 43.07 28.54
CA LEU B 200 -4.85 44.05 27.68
C LEU B 200 -4.60 45.36 28.43
N HIS B 201 -5.57 45.77 29.26
CA HIS B 201 -5.39 46.97 30.08
C HIS B 201 -4.17 46.84 30.99
N THR B 202 -4.11 45.74 31.74
CA THR B 202 -2.97 45.48 32.61
C THR B 202 -1.66 45.45 31.81
N LEU B 203 -1.71 44.91 30.59
CA LEU B 203 -0.56 44.92 29.72
C LEU B 203 -0.09 46.34 29.43
N GLU B 204 -1.04 47.26 29.17
CA GLU B 204 -0.67 48.65 28.88
C GLU B 204 0.07 49.27 30.06
N GLU B 205 -0.45 49.02 31.27
CA GLU B 205 0.24 49.46 32.48
C GLU B 205 1.67 48.91 32.53
N GLU B 206 1.80 47.60 32.31
CA GLU B 206 3.13 47.01 32.32
C GLU B 206 4.03 47.56 31.21
N LYS B 207 3.44 47.94 30.07
CA LYS B 207 4.19 48.57 28.99
C LYS B 207 4.86 49.85 29.45
N GLU B 208 4.11 50.75 30.11
CA GLU B 208 4.73 51.99 30.57
C GLU B 208 5.82 51.68 31.60
N GLU B 209 5.53 50.75 32.51
CA GLU B 209 6.54 50.32 33.48
C GLU B 209 7.82 49.84 32.78
N LEU B 210 7.64 49.08 31.69
CA LEU B 210 8.78 48.56 30.93
C LEU B 210 9.60 49.67 30.33
N ALA B 211 8.93 50.67 29.74
CA ALA B 211 9.62 51.82 29.18
C ALA B 211 10.49 52.51 30.23
N GLN B 212 9.92 52.73 31.42
CA GLN B 212 10.67 53.43 32.46
C GLN B 212 11.86 52.61 32.92
N TYR B 213 11.65 51.32 33.21
CA TYR B 213 12.75 50.46 33.62
C TYR B 213 13.84 50.40 32.55
N GLN B 214 13.44 50.29 31.28
CA GLN B 214 14.39 50.25 30.18
C GLN B 214 15.28 51.49 30.16
N LYS B 215 14.67 52.67 30.28
CA LYS B 215 15.45 53.92 30.34
C LYS B 215 16.46 53.89 31.48
N TRP B 216 15.99 53.61 32.71
CA TRP B 216 16.89 53.62 33.85
C TRP B 216 17.98 52.55 33.72
N ASP B 217 17.63 51.39 33.15
CA ASP B 217 18.60 50.34 32.95
C ASP B 217 19.70 50.79 32.01
N LYS B 218 19.31 51.53 30.96
CA LYS B 218 20.28 52.16 30.06
C LYS B 218 21.19 53.09 30.84
N MET B 219 20.61 53.89 31.73
CA MET B 219 21.39 54.79 32.60
C MET B 219 22.42 54.01 33.40
N ARG B 220 21.99 52.89 34.01
CA ARG B 220 22.90 52.10 34.82
C ARG B 220 24.05 51.57 33.97
N ARG B 221 23.73 51.05 32.79
CA ARG B 221 24.75 50.47 31.93
C ARG B 221 25.76 51.53 31.46
N ALA B 222 25.26 52.69 31.02
CA ALA B 222 26.15 53.76 30.61
C ALA B 222 27.04 54.22 31.75
N LEU B 223 26.45 54.45 32.94
CA LEU B 223 27.23 54.92 34.08
C LEU B 223 28.28 53.89 34.49
N GLU B 224 27.88 52.62 34.54
CA GLU B 224 28.82 51.55 34.88
C GLU B 224 29.98 51.54 33.91
N TYR B 225 29.69 51.58 32.61
CA TYR B 225 30.76 51.58 31.62
C TYR B 225 31.68 52.78 31.79
N THR B 226 31.11 53.96 32.04
CA THR B 226 31.93 55.17 32.20
C THR B 226 32.83 55.09 33.42
N ILE B 227 32.29 54.66 34.56
CA ILE B 227 33.12 54.60 35.75
C ILE B 227 34.20 53.53 35.60
N TYR B 228 33.89 52.45 34.89
CA TYR B 228 34.95 51.47 34.66
C TYR B 228 35.94 51.95 33.62
N ASN B 229 35.50 52.82 32.69
CA ASN B 229 36.45 53.56 31.86
C ASN B 229 37.41 54.37 32.73
N GLN B 230 36.88 55.03 33.77
CA GLN B 230 37.73 55.77 34.69
C GLN B 230 38.70 54.83 35.40
N GLU B 231 38.24 53.63 35.73
CA GLU B 231 39.12 52.61 36.28
C GLU B 231 40.23 52.26 35.28
N LEU B 232 39.86 52.13 34.01
CA LEU B 232 40.85 51.85 32.96
C LEU B 232 41.84 53.00 32.85
N ASN B 233 41.36 54.22 33.05
CA ASN B 233 42.25 55.38 33.04
C ASN B 233 43.24 55.30 34.20
N GLU B 234 42.75 54.92 35.38
CA GLU B 234 43.63 54.68 36.52
C GLU B 234 44.65 53.59 36.21
N THR B 235 44.19 52.54 35.52
CA THR B 235 45.06 51.45 35.08
C THR B 235 46.21 52.01 34.27
N ARG B 236 45.89 52.73 33.18
CA ARG B 236 46.90 53.35 32.33
C ARG B 236 47.83 54.25 33.13
N ALA B 237 47.25 55.13 33.96
CA ALA B 237 48.00 56.09 34.74
C ALA B 237 49.02 55.42 35.66
N LYS B 238 48.55 54.49 36.50
CA LYS B 238 49.42 53.87 37.49
C LYS B 238 50.45 52.94 36.84
N LEU B 239 50.09 52.28 35.73
CA LEU B 239 51.08 51.48 35.03
C LEU B 239 52.20 52.36 34.47
N ASP B 240 51.85 53.51 33.89
CA ASP B 240 52.87 54.44 33.40
C ASP B 240 53.73 54.98 34.55
N GLU B 241 53.10 55.27 35.70
CA GLU B 241 53.81 55.77 36.87
C GLU B 241 54.97 54.87 37.29
N LEU B 242 54.74 53.56 37.35
CA LEU B 242 55.81 52.62 37.68
C LEU B 242 56.92 52.66 36.62
N LYS B 493 96.65 13.64 31.23
CA LYS B 493 97.25 14.95 31.12
C LYS B 493 97.23 15.43 29.67
N GLN B 494 98.11 14.89 28.84
CA GLN B 494 98.10 15.25 27.43
C GLN B 494 96.85 14.74 26.72
N GLN B 495 96.22 13.69 27.24
CA GLN B 495 95.03 13.12 26.62
C GLN B 495 93.83 14.06 26.72
N LEU B 496 93.87 15.04 27.63
CA LEU B 496 92.80 16.04 27.71
C LEU B 496 92.68 16.81 26.40
N LEU B 497 93.81 17.04 25.70
CA LEU B 497 93.75 17.66 24.38
C LEU B 497 92.92 16.81 23.44
N ARG B 498 93.14 15.49 23.47
CA ARG B 498 92.36 14.57 22.63
C ARG B 498 90.90 14.57 23.04
N ALA B 499 90.64 14.69 24.34
CA ALA B 499 89.27 14.82 24.85
C ALA B 499 88.62 16.11 24.36
N ALA B 500 89.39 17.17 24.15
CA ALA B 500 88.87 18.42 23.66
C ALA B 500 88.90 18.51 22.14
N THR B 501 89.32 17.43 21.48
CA THR B 501 89.50 17.37 20.04
C THR B 501 88.39 16.58 19.37
N GLY B 502 87.81 15.62 20.09
CA GLY B 502 86.79 14.72 19.59
C GLY B 502 87.35 13.59 18.76
N LYS B 503 86.74 12.42 18.91
CA LYS B 503 87.20 11.23 18.20
C LYS B 503 87.06 11.38 16.69
N ALA B 504 86.02 12.10 16.25
CA ALA B 504 85.81 12.36 14.82
C ALA B 504 87.02 13.03 14.19
N ILE B 505 87.54 14.08 14.83
CA ILE B 505 88.73 14.75 14.33
C ILE B 505 89.97 13.89 14.54
N LEU B 506 90.07 13.24 15.72
CA LEU B 506 91.27 12.47 16.09
C LEU B 506 91.53 11.31 15.12
N ASN B 507 90.48 10.59 14.74
CA ASN B 507 90.67 9.49 13.79
C ASN B 507 91.16 9.98 12.43
N GLY B 508 90.66 11.12 11.97
CA GLY B 508 91.14 11.66 10.70
C GLY B 508 92.57 12.15 10.77
N ILE B 509 93.00 12.59 11.96
CA ILE B 509 94.39 13.02 12.09
C ILE B 509 95.30 11.79 12.18
N ASP B 510 94.91 10.79 12.96
CA ASP B 510 95.66 9.54 13.03
C ASP B 510 95.74 8.85 11.67
N SER B 511 94.65 8.91 10.90
CA SER B 511 94.63 8.34 9.55
C SER B 511 95.58 9.07 8.60
N ILE B 512 95.54 10.42 8.58
CA ILE B 512 96.47 11.16 7.73
C ILE B 512 97.92 10.89 8.17
N ASN B 513 98.17 10.76 9.48
CA ASN B 513 99.50 10.44 9.96
C ASN B 513 99.97 9.08 9.45
N LYS B 514 99.07 8.09 9.46
CA LYS B 514 99.39 6.78 8.90
C LYS B 514 99.70 6.86 7.40
N VAL B 515 98.95 7.67 6.66
CA VAL B 515 99.21 7.84 5.22
C VAL B 515 100.60 8.43 4.98
N LEU B 516 100.93 9.49 5.71
CA LEU B 516 102.28 10.06 5.60
C LEU B 516 103.35 9.06 6.03
N ASP B 517 103.08 8.25 7.05
CA ASP B 517 104.06 7.24 7.46
C ASP B 517 104.26 6.20 6.37
N HIS B 518 103.21 5.89 5.60
CA HIS B 518 103.38 5.05 4.42
C HIS B 518 104.30 5.72 3.39
N PHE B 519 104.09 7.02 3.16
CA PHE B 519 104.96 7.76 2.24
C PHE B 519 106.41 7.77 2.70
N ARG B 520 106.64 7.99 3.99
CA ARG B 520 107.99 8.02 4.53
C ARG B 520 108.65 6.64 4.45
N ARG B 521 107.91 5.59 4.81
CA ARG B 521 108.49 4.25 4.87
C ARG B 521 108.76 3.67 3.48
N LYS B 522 107.97 4.04 2.46
CA LYS B 522 108.29 3.53 1.13
C LYS B 522 109.43 4.32 0.47
N GLY B 523 109.73 5.50 0.97
CA GLY B 523 110.80 6.34 0.43
C GLY B 523 110.64 6.86 -0.98
N ILE B 524 109.40 7.04 -1.46
CA ILE B 524 109.18 7.63 -2.78
C ILE B 524 108.38 8.90 -2.54
N ASN B 525 108.45 9.83 -3.50
CA ASN B 525 107.68 11.07 -3.52
C ASN B 525 107.92 11.85 -2.22
N GLN B 526 109.19 12.14 -1.97
CA GLN B 526 109.61 12.84 -0.76
C GLN B 526 109.11 14.28 -0.74
N HIS B 527 108.96 14.91 -1.91
CA HIS B 527 108.36 16.24 -2.03
C HIS B 527 107.04 16.36 -1.26
N VAL B 528 106.27 15.27 -1.18
CA VAL B 528 105.08 15.25 -0.34
C VAL B 528 105.40 15.58 1.11
N GLN B 529 106.38 14.88 1.69
CA GLN B 529 106.71 15.14 3.09
C GLN B 529 107.53 16.41 3.25
N ASN B 530 108.18 16.87 2.19
CA ASN B 530 108.96 18.10 2.24
C ASN B 530 108.11 19.32 1.91
N GLY B 531 106.85 19.12 1.56
CA GLY B 531 105.96 20.21 1.22
C GLY B 531 104.62 20.05 1.89
N TYR B 532 104.64 19.44 3.07
CA TYR B 532 103.48 19.35 3.95
C TYR B 532 103.87 20.07 5.23
N HIS B 533 103.08 21.07 5.62
CA HIS B 533 103.51 22.01 6.66
C HIS B 533 102.67 21.93 7.92
N GLY B 534 101.83 20.91 8.06
CA GLY B 534 101.05 20.79 9.27
C GLY B 534 99.68 21.44 9.18
N ILE B 535 98.96 21.33 10.28
CA ILE B 535 97.61 21.87 10.40
C ILE B 535 97.72 23.36 10.67
N VAL B 536 96.59 24.06 10.53
CA VAL B 536 96.50 25.49 10.83
C VAL B 536 96.97 25.77 12.26
N MET B 537 96.58 24.90 13.21
CA MET B 537 96.82 25.12 14.64
C MET B 537 98.28 25.23 15.02
N ASN B 538 99.21 24.75 14.20
CA ASN B 538 100.63 24.83 14.51
C ASN B 538 101.31 25.98 13.79
N ASN B 539 100.55 26.79 13.05
CA ASN B 539 101.13 27.83 12.21
C ASN B 539 100.59 29.22 12.53
N PHE B 540 99.95 29.38 13.67
CA PHE B 540 99.54 30.72 14.10
C PHE B 540 99.63 30.81 15.62
N GLU B 541 99.53 32.04 16.12
CA GLU B 541 99.34 32.31 17.54
C GLU B 541 98.31 33.41 17.71
N CYS B 542 97.70 33.42 18.90
CA CYS B 542 96.74 34.44 19.26
C CYS B 542 96.74 34.64 20.77
N GLU B 543 96.26 35.79 21.20
CA GLU B 543 96.15 36.09 22.62
C GLU B 543 95.03 35.27 23.27
N PRO B 544 95.21 34.82 24.51
CA PRO B 544 94.22 33.96 25.17
C PRO B 544 92.81 34.54 25.32
N ALA B 545 92.65 35.86 25.25
CA ALA B 545 91.32 36.44 25.38
C ALA B 545 90.43 36.09 24.19
N PHE B 546 91.01 35.78 23.04
CA PHE B 546 90.28 35.47 21.81
C PHE B 546 90.27 33.99 21.45
N TYR B 547 90.71 33.08 22.35
CA TYR B 547 90.77 31.66 22.02
C TYR B 547 89.42 31.10 21.57
N THR B 548 88.36 31.40 22.33
CA THR B 548 87.00 31.00 21.97
C THR B 548 86.63 31.57 20.60
N CYS B 549 86.73 32.89 20.47
CA CYS B 549 86.29 33.58 19.27
C CYS B 549 87.01 33.07 18.02
N VAL B 550 88.34 32.90 18.08
CA VAL B 550 89.08 32.33 16.96
C VAL B 550 88.65 30.90 16.66
N GLU B 551 88.54 30.05 17.70
CA GLU B 551 88.23 28.64 17.48
C GLU B 551 86.86 28.44 16.84
N VAL B 552 85.83 29.09 17.38
CA VAL B 552 84.50 28.96 16.78
C VAL B 552 84.42 29.72 15.44
N THR B 553 85.22 30.80 15.26
CA THR B 553 85.31 31.47 13.98
C THR B 553 85.76 30.52 12.89
N ALA B 554 86.74 29.68 13.21
CA ALA B 554 87.21 28.70 12.24
C ALA B 554 86.46 27.38 12.34
N GLY B 555 85.93 27.06 13.52
CA GLY B 555 85.35 25.76 13.77
C GLY B 555 86.35 24.66 13.50
N ASN B 556 86.16 23.92 12.42
CA ASN B 556 87.12 22.90 12.03
C ASN B 556 88.06 23.36 10.90
N ARG B 557 88.04 24.65 10.54
CA ARG B 557 89.11 25.19 9.71
C ARG B 557 90.45 25.29 10.45
N LEU B 558 90.47 25.07 11.76
CA LEU B 558 91.70 24.95 12.52
C LEU B 558 92.53 23.73 12.12
N PHE B 559 91.92 22.77 11.41
CA PHE B 559 92.58 21.53 11.04
C PHE B 559 92.88 21.42 9.54
N TYR B 560 92.75 22.51 8.78
CA TYR B 560 93.19 22.46 7.39
C TYR B 560 94.71 22.31 7.34
N HIS B 561 95.19 21.40 6.49
CA HIS B 561 96.61 21.05 6.46
C HIS B 561 97.28 21.96 5.43
N ILE B 562 98.28 22.73 5.88
CA ILE B 562 99.08 23.51 4.94
C ILE B 562 99.96 22.56 4.14
N VAL B 563 99.86 22.62 2.81
CA VAL B 563 100.67 21.80 1.91
C VAL B 563 101.18 22.68 0.78
N ASP B 564 102.32 22.26 0.21
CA ASP B 564 102.89 22.97 -0.94
C ASP B 564 101.99 22.90 -2.17
N SER B 565 101.39 21.74 -2.43
CA SER B 565 100.81 21.51 -3.74
C SER B 565 99.65 20.53 -3.68
N ASP B 566 98.89 20.49 -4.78
CA ASP B 566 97.81 19.53 -4.96
C ASP B 566 98.30 18.09 -4.92
N GLU B 567 99.48 17.83 -5.50
CA GLU B 567 99.99 16.46 -5.63
C GLU B 567 100.11 15.77 -4.28
N VAL B 568 100.50 16.53 -3.25
CA VAL B 568 100.50 16.01 -1.89
C VAL B 568 99.09 15.60 -1.46
N SER B 569 98.12 16.48 -1.73
CA SER B 569 96.72 16.21 -1.40
C SER B 569 96.19 14.95 -2.08
N THR B 570 96.48 14.79 -3.38
CA THR B 570 95.92 13.66 -4.11
C THR B 570 96.58 12.36 -3.71
N LYS B 571 97.91 12.35 -3.49
CA LYS B 571 98.53 11.10 -3.07
C LYS B 571 98.07 10.69 -1.66
N ILE B 572 97.92 11.67 -0.74
CA ILE B 572 97.36 11.35 0.58
C ILE B 572 95.95 10.79 0.45
N LEU B 573 95.10 11.42 -0.37
CA LEU B 573 93.72 10.96 -0.52
C LEU B 573 93.67 9.59 -1.18
N MET B 574 94.54 9.34 -2.16
CA MET B 574 94.63 8.04 -2.84
C MET B 574 94.91 6.93 -1.85
N GLU B 575 95.93 7.12 -0.99
CA GLU B 575 96.23 6.09 0.00
C GLU B 575 95.17 6.02 1.08
N PHE B 576 94.59 7.16 1.44
CA PHE B 576 93.48 7.23 2.39
C PHE B 576 92.29 6.40 1.93
N ASN B 577 91.90 6.54 0.66
CA ASN B 577 90.78 5.77 0.13
C ASN B 577 91.17 4.31 -0.02
N LYS B 578 92.39 4.05 -0.47
CA LYS B 578 92.90 2.68 -0.59
C LYS B 578 92.91 1.95 0.75
N MET B 579 93.32 2.62 1.83
CA MET B 579 93.39 1.98 3.14
C MET B 579 92.07 1.98 3.91
N ASN B 580 90.98 2.50 3.31
CA ASN B 580 89.64 2.58 3.93
C ASN B 580 89.67 3.32 5.27
N LEU B 581 90.22 4.54 5.25
CA LEU B 581 90.37 5.17 6.56
C LEU B 581 89.17 6.07 6.87
N PRO B 582 88.78 6.13 8.16
CA PRO B 582 87.79 7.13 8.62
C PRO B 582 88.13 8.57 8.25
N GLY B 583 87.26 9.24 7.49
CA GLY B 583 87.38 10.66 7.25
C GLY B 583 87.40 11.48 8.53
N GLU B 584 87.84 12.73 8.42
CA GLU B 584 88.15 13.39 7.14
C GLU B 584 89.51 14.14 7.25
N VAL B 585 90.05 14.58 6.11
CA VAL B 585 91.30 15.35 6.04
C VAL B 585 91.08 16.61 5.20
N THR B 586 91.72 17.71 5.59
CA THR B 586 91.54 19.00 4.94
C THR B 586 92.87 19.64 4.55
N PHE B 587 92.96 20.03 3.27
CA PHE B 587 94.17 20.56 2.64
C PHE B 587 94.07 22.07 2.36
N LEU B 588 95.20 22.79 2.53
CA LEU B 588 95.34 24.15 2.01
C LEU B 588 96.28 24.22 0.81
N PRO B 589 95.77 24.32 -0.42
CA PRO B 589 96.65 24.25 -1.60
C PRO B 589 97.17 25.61 -2.04
N LEU B 590 98.49 25.82 -1.91
CA LEU B 590 99.10 27.13 -2.16
C LEU B 590 98.90 27.63 -3.59
N ASN B 591 98.94 26.72 -4.57
CA ASN B 591 98.74 27.10 -5.98
C ASN B 591 97.33 27.58 -6.30
N LYS B 592 96.32 27.23 -5.51
CA LYS B 592 94.92 27.39 -5.90
C LYS B 592 94.14 28.43 -5.10
N LEU B 593 94.69 28.93 -4.00
CA LEU B 593 93.95 29.78 -3.07
C LEU B 593 93.46 31.10 -3.68
N ASP B 594 92.16 31.35 -3.51
CA ASP B 594 91.43 32.51 -4.03
C ASP B 594 90.74 33.17 -2.85
N VAL B 595 91.14 34.40 -2.53
CA VAL B 595 90.66 35.10 -1.34
C VAL B 595 89.88 36.34 -1.76
N ARG B 596 88.74 36.55 -1.10
CA ARG B 596 87.88 37.69 -1.38
C ARG B 596 88.63 38.99 -1.06
N ASP B 597 88.67 39.89 -2.04
CA ASP B 597 89.18 41.25 -1.81
C ASP B 597 88.22 41.97 -0.85
N THR B 598 88.70 42.26 0.36
CA THR B 598 87.88 42.92 1.36
C THR B 598 88.55 44.18 1.87
N ALA B 599 87.79 45.27 1.95
CA ALA B 599 88.23 46.51 2.59
C ALA B 599 87.59 46.56 3.98
N TYR B 600 88.43 46.66 5.01
CA TYR B 600 87.93 46.64 6.37
C TYR B 600 87.26 47.96 6.74
N PRO B 601 86.14 47.92 7.47
CA PRO B 601 85.56 49.14 8.05
C PRO B 601 86.53 49.94 8.90
N GLU B 602 86.41 51.27 8.83
CA GLU B 602 87.11 52.19 9.71
C GLU B 602 86.34 52.46 11.00
N THR B 603 85.48 51.53 11.42
CA THR B 603 84.73 51.68 12.65
C THR B 603 85.64 51.62 13.86
N ASN B 604 85.29 52.40 14.90
CA ASN B 604 86.06 52.45 16.12
C ASN B 604 85.35 51.71 17.27
N ASP B 605 84.31 50.92 16.97
CA ASP B 605 83.71 50.05 17.97
C ASP B 605 83.85 48.58 17.60
N ALA B 606 84.73 48.27 16.65
CA ALA B 606 85.04 46.89 16.28
C ALA B 606 86.48 46.86 15.79
N ILE B 607 87.16 45.74 15.99
CA ILE B 607 88.54 45.62 15.56
C ILE B 607 88.75 44.47 14.58
N PRO B 608 89.56 44.68 13.55
CA PRO B 608 90.00 43.57 12.67
C PRO B 608 90.66 42.43 13.42
N MET B 609 90.13 41.22 13.19
CA MET B 609 90.71 40.02 13.78
C MET B 609 92.13 39.79 13.29
N ILE B 610 92.39 40.08 12.01
CA ILE B 610 93.69 39.82 11.39
C ILE B 610 94.81 40.65 12.01
N SER B 611 94.48 41.78 12.64
CA SER B 611 95.49 42.58 13.34
C SER B 611 95.95 41.94 14.65
N LYS B 612 95.28 40.88 15.12
CA LYS B 612 95.65 40.26 16.39
C LYS B 612 96.10 38.81 16.25
N LEU B 613 96.32 38.32 15.03
CA LEU B 613 96.79 36.97 14.80
C LEU B 613 98.21 37.01 14.24
N ARG B 614 99.09 36.17 14.77
CA ARG B 614 100.42 36.02 14.20
C ARG B 614 100.47 34.76 13.35
N TYR B 615 100.94 34.88 12.10
CA TYR B 615 100.99 33.72 11.21
C TYR B 615 102.19 33.83 10.26
N ASN B 616 102.51 32.70 9.63
CA ASN B 616 103.61 32.58 8.66
C ASN B 616 103.30 33.32 7.36
N PRO B 617 104.11 34.30 6.97
CA PRO B 617 103.83 35.06 5.73
C PRO B 617 104.01 34.29 4.43
N ARG B 618 104.62 33.11 4.40
CA ARG B 618 104.56 32.31 3.18
C ARG B 618 103.12 31.82 2.93
N PHE B 619 102.33 31.75 3.99
CA PHE B 619 100.99 31.18 3.99
C PHE B 619 99.91 32.26 3.89
N ASP B 620 100.27 33.45 3.38
CA ASP B 620 99.42 34.64 3.45
C ASP B 620 98.04 34.40 2.84
N LYS B 621 97.98 33.87 1.63
CA LYS B 621 96.68 33.58 1.01
C LYS B 621 95.88 32.56 1.83
N ALA B 622 96.56 31.60 2.45
CA ALA B 622 95.86 30.64 3.29
C ALA B 622 95.23 31.29 4.51
N PHE B 623 96.01 32.09 5.24
CA PHE B 623 95.49 32.76 6.42
C PHE B 623 94.45 33.83 6.07
N LYS B 624 94.63 34.54 4.96
CA LYS B 624 93.59 35.44 4.47
C LYS B 624 92.31 34.69 4.15
N HIS B 625 92.42 33.46 3.64
CA HIS B 625 91.23 32.65 3.38
C HIS B 625 90.55 32.22 4.69
N VAL B 626 91.31 31.69 5.65
CA VAL B 626 90.68 31.13 6.86
C VAL B 626 90.19 32.21 7.83
N PHE B 627 91.00 33.25 8.12
CA PHE B 627 90.63 34.15 9.22
C PHE B 627 90.39 35.59 8.79
N GLY B 628 90.53 35.91 7.51
CA GLY B 628 90.56 37.27 7.05
C GLY B 628 89.21 37.93 6.86
N LYS B 629 88.12 37.36 7.37
CA LYS B 629 86.82 37.83 6.93
C LYS B 629 85.78 38.02 8.03
N THR B 630 86.15 37.94 9.30
CA THR B 630 85.20 38.11 10.39
C THR B 630 85.62 39.30 11.24
N LEU B 631 84.68 40.13 11.65
CA LEU B 631 85.01 41.22 12.54
C LEU B 631 84.65 40.85 13.98
N ILE B 632 85.43 41.37 14.93
CA ILE B 632 85.15 41.27 16.36
C ILE B 632 84.51 42.58 16.80
N CYS B 633 83.26 42.51 17.26
CA CYS B 633 82.47 43.69 17.59
C CYS B 633 82.37 43.86 19.10
N ARG B 634 82.14 45.10 19.51
CA ARG B 634 82.10 45.47 20.93
C ARG B 634 80.98 44.77 21.70
N SER B 635 79.77 44.71 21.13
CA SER B 635 78.65 44.11 21.85
C SER B 635 77.74 43.39 20.87
N MET B 636 76.76 42.67 21.44
CA MET B 636 75.75 41.95 20.65
C MET B 636 74.99 42.88 19.71
N GLU B 637 74.67 44.08 20.18
CA GLU B 637 73.95 45.03 19.35
C GLU B 637 74.87 45.62 18.28
N VAL B 638 76.14 45.88 18.64
CA VAL B 638 77.15 46.30 17.66
C VAL B 638 77.38 45.21 16.63
N SER B 639 77.44 43.95 17.08
CA SER B 639 77.62 42.82 16.18
C SER B 639 76.48 42.71 15.18
N THR B 640 75.24 42.80 15.66
CA THR B 640 74.08 42.77 14.77
C THR B 640 74.10 43.93 13.77
N GLN B 641 74.32 45.16 14.27
CA GLN B 641 74.28 46.33 13.40
C GLN B 641 75.36 46.27 12.32
N LEU B 642 76.59 45.91 12.71
CA LEU B 642 77.68 45.85 11.75
C LEU B 642 77.48 44.74 10.73
N ALA B 643 77.03 43.55 11.16
CA ALA B 643 76.86 42.50 10.17
C ALA B 643 75.62 42.70 9.30
N ARG B 644 74.70 43.58 9.69
CA ARG B 644 73.64 43.90 8.74
C ARG B 644 74.11 44.97 7.77
N ALA B 645 74.80 46.00 8.28
CA ALA B 645 75.28 47.08 7.42
C ALA B 645 76.38 46.60 6.47
N PHE B 646 77.24 45.68 6.91
CA PHE B 646 78.37 45.24 6.13
C PHE B 646 78.30 43.74 5.87
N THR B 647 79.03 43.30 4.84
CA THR B 647 78.99 41.90 4.39
C THR B 647 80.11 41.08 5.08
N MET B 648 80.04 41.06 6.40
CA MET B 648 81.06 40.42 7.24
C MET B 648 80.40 39.67 8.37
N ASP B 649 81.00 38.53 8.74
CA ASP B 649 80.57 37.80 9.93
C ASP B 649 81.06 38.56 11.16
N CYS B 650 80.27 38.52 12.22
CA CYS B 650 80.59 39.30 13.41
C CYS B 650 80.40 38.45 14.65
N ILE B 651 81.24 38.71 15.65
CA ILE B 651 81.26 37.90 16.87
C ILE B 651 81.73 38.76 18.04
N THR B 652 81.14 38.50 19.21
CA THR B 652 81.53 39.14 20.44
C THR B 652 82.57 38.30 21.18
N LEU B 653 83.21 38.91 22.18
CA LEU B 653 84.13 38.17 23.04
C LEU B 653 83.40 37.11 23.84
N GLU B 654 82.15 37.35 24.20
CA GLU B 654 81.35 36.41 24.97
C GLU B 654 80.65 35.38 24.08
N GLY B 655 80.84 35.46 22.76
CA GLY B 655 80.49 34.38 21.86
C GLY B 655 79.23 34.57 21.07
N ASP B 656 78.48 35.65 21.32
CA ASP B 656 77.33 35.96 20.46
C ASP B 656 77.78 36.25 19.03
N GLN B 657 77.18 35.54 18.09
CA GLN B 657 77.61 35.53 16.69
C GLN B 657 76.45 35.91 15.79
N VAL B 658 76.76 36.63 14.71
CA VAL B 658 75.82 36.83 13.61
C VAL B 658 76.56 36.62 12.28
N SER B 659 76.00 35.76 11.45
CA SER B 659 76.54 35.45 10.13
C SER B 659 76.25 36.56 9.14
N HIS B 660 77.08 36.64 8.10
CA HIS B 660 76.82 37.51 6.96
C HIS B 660 75.54 37.15 6.20
N ARG B 661 74.96 35.98 6.46
CA ARG B 661 73.72 35.56 5.83
C ARG B 661 72.56 35.46 6.82
N GLY B 662 72.79 35.86 8.09
CA GLY B 662 71.73 35.95 9.07
C GLY B 662 71.66 34.83 10.09
N ALA B 663 72.43 33.75 9.91
CA ALA B 663 72.44 32.66 10.87
C ALA B 663 73.01 33.09 12.23
N LEU B 664 72.32 32.69 13.31
CA LEU B 664 72.77 32.97 14.66
C LEU B 664 73.02 31.64 15.37
N THR B 665 74.19 31.51 15.97
CA THR B 665 74.59 30.30 16.69
C THR B 665 75.21 30.75 18.01
N GLY B 666 74.78 30.15 19.11
CA GLY B 666 75.27 30.58 20.40
C GLY B 666 74.94 29.59 21.49
N GLY B 667 75.73 29.68 22.56
CA GLY B 667 75.61 28.75 23.67
C GLY B 667 76.73 29.02 24.66
N TYR B 668 76.97 28.05 25.53
CA TYR B 668 78.01 28.21 26.54
C TYR B 668 79.34 27.77 25.95
N TYR B 669 80.33 28.64 26.04
CA TYR B 669 81.65 28.41 25.47
C TYR B 669 82.58 28.16 26.65
N ASP B 670 83.32 27.06 26.63
CA ASP B 670 84.19 26.79 27.75
C ASP B 670 85.54 27.47 27.57
N THR B 671 86.43 27.26 28.53
CA THR B 671 87.78 27.78 28.55
C THR B 671 88.81 26.66 28.68
N ARG B 672 88.48 25.64 29.48
CA ARG B 672 89.35 24.49 29.66
C ARG B 672 89.26 23.53 28.49
N LYS B 673 88.22 23.67 27.66
CA LYS B 673 88.06 22.86 26.46
C LYS B 673 88.78 23.46 25.27
N SER B 674 89.29 24.68 25.41
CA SER B 674 90.20 25.27 24.44
C SER B 674 91.41 24.35 24.24
N ARG B 675 92.01 24.44 23.07
CA ARG B 675 93.20 23.65 22.74
C ARG B 675 94.42 24.49 22.45
N LEU B 676 94.26 25.73 21.99
CA LEU B 676 95.39 26.61 21.73
C LEU B 676 96.17 26.91 23.00
N GLU B 677 95.46 27.03 24.12
CA GLU B 677 96.09 27.31 25.42
C GLU B 677 97.14 26.28 25.77
N LEU B 678 96.81 24.99 25.70
CA LEU B 678 97.75 24.00 26.20
C LEU B 678 98.89 23.77 25.21
N GLN B 679 98.64 24.00 23.93
CA GLN B 679 99.72 24.09 22.96
C GLN B 679 100.66 25.24 23.28
N LYS B 680 100.14 26.36 23.79
CA LYS B 680 101.01 27.44 24.26
C LYS B 680 101.82 27.02 25.49
N ASP B 681 101.15 26.46 26.52
CA ASP B 681 101.84 26.09 27.75
C ASP B 681 102.92 25.04 27.52
N VAL B 682 102.74 24.13 26.57
CA VAL B 682 103.84 23.21 26.28
C VAL B 682 104.89 23.86 25.38
N ARG B 683 104.55 24.95 24.69
CA ARG B 683 105.54 25.67 23.90
C ARG B 683 106.34 26.62 24.79
N ASN B 927 56.57 42.96 46.25
CA ASN B 927 56.58 44.41 46.30
C ASN B 927 55.18 44.97 46.05
N ARG B 928 54.93 46.16 46.60
CA ARG B 928 53.62 46.81 46.51
C ARG B 928 53.18 47.10 45.08
N GLN B 929 54.09 47.63 44.26
CA GLN B 929 53.74 48.03 42.89
C GLN B 929 53.28 46.84 42.05
N GLY B 930 54.01 45.72 42.09
CA GLY B 930 53.64 44.55 41.32
C GLY B 930 52.28 43.97 41.69
N MET B 931 52.00 43.87 43.00
CA MET B 931 50.71 43.38 43.46
C MET B 931 49.57 44.30 43.01
N LEU B 932 49.77 45.61 43.15
CA LEU B 932 48.77 46.56 42.66
C LEU B 932 48.53 46.39 41.16
N LEU B 933 49.61 46.26 40.38
CA LEU B 933 49.50 46.00 38.94
C LEU B 933 48.63 44.78 38.67
N LYS B 934 48.92 43.66 39.35
CA LYS B 934 48.12 42.45 39.19
C LYS B 934 46.64 42.70 39.49
N LYS B 935 46.36 43.40 40.60
CA LYS B 935 44.97 43.70 40.96
C LYS B 935 44.29 44.52 39.87
N LYS B 936 45.01 45.50 39.32
CA LYS B 936 44.45 46.32 38.26
C LYS B 936 44.24 45.51 36.99
N GLU B 937 45.10 44.51 36.76
CA GLU B 937 44.91 43.62 35.62
C GLU B 937 43.64 42.81 35.81
N GLU B 938 43.35 42.39 37.05
CA GLU B 938 42.08 41.71 37.32
C GLU B 938 40.92 42.64 37.04
N CYS B 939 41.04 43.92 37.42
CA CYS B 939 39.97 44.88 37.14
C CYS B 939 39.75 45.08 35.65
N MET B 940 40.83 45.23 34.87
CA MET B 940 40.64 45.41 33.43
C MET B 940 40.06 44.16 32.78
N LYS B 941 40.52 42.97 33.22
CA LYS B 941 39.88 41.72 32.82
C LYS B 941 38.37 41.78 33.02
N LYS B 942 37.95 42.18 34.22
CA LYS B 942 36.52 42.34 34.51
C LYS B 942 35.84 43.27 33.52
N ILE B 943 36.34 44.51 33.42
CA ILE B 943 35.68 45.54 32.59
C ILE B 943 35.61 45.14 31.12
N ARG B 944 36.56 44.33 30.64
CA ARG B 944 36.42 43.86 29.27
C ARG B 944 35.52 42.65 29.19
N GLU B 945 35.33 41.93 30.29
CA GLU B 945 34.38 40.82 30.26
C GLU B 945 32.94 41.30 30.22
N LEU B 946 32.59 42.31 31.04
CA LEU B 946 31.18 42.62 31.33
C LEU B 946 30.31 42.83 30.10
N GLY B 947 30.80 43.60 29.13
CA GLY B 947 29.98 43.90 27.96
C GLY B 947 28.74 44.71 28.27
N SER B 948 28.89 45.78 29.04
CA SER B 948 27.77 46.65 29.40
C SER B 948 27.43 47.54 28.22
N LEU B 949 26.44 47.11 27.42
CA LEU B 949 26.06 47.72 26.14
C LEU B 949 25.79 49.22 26.23
N PRO B 950 26.69 50.02 25.66
CA PRO B 950 26.58 51.48 25.76
C PRO B 950 25.51 52.03 24.83
N GLN B 951 25.08 53.25 25.14
CA GLN B 951 24.03 53.93 24.39
C GLN B 951 24.55 55.30 23.99
N GLU B 952 23.75 55.97 23.15
CA GLU B 952 24.14 57.24 22.54
C GLU B 952 24.48 58.33 23.55
N ALA B 953 23.87 58.31 24.73
CA ALA B 953 24.09 59.32 25.76
C ALA B 953 25.46 59.24 26.44
N PHE B 954 26.36 58.35 26.01
CA PHE B 954 27.59 58.07 26.73
C PHE B 954 28.55 59.25 26.88
N GLU B 955 29.16 59.71 25.77
CA GLU B 955 30.28 60.64 25.85
C GLU B 955 29.88 61.98 26.44
N LYS B 956 28.60 62.33 26.34
CA LYS B 956 28.13 63.60 26.89
C LYS B 956 28.11 63.55 28.42
N TYR B 957 27.75 62.42 29.01
CA TYR B 957 27.60 62.36 30.45
C TYR B 957 28.95 61.89 31.01
N GLN B 958 29.89 62.82 31.04
CA GLN B 958 31.28 62.62 31.46
C GLN B 958 31.61 63.42 32.72
N THR B 959 31.45 62.79 33.88
CA THR B 959 31.92 63.36 35.13
C THR B 959 33.18 62.60 35.56
N LEU B 960 34.11 63.32 36.21
CA LEU B 960 35.46 62.85 36.43
C LEU B 960 35.80 62.68 37.91
N SER B 961 34.80 62.74 38.79
CA SER B 961 35.05 62.76 40.23
C SER B 961 35.59 61.44 40.77
N LEU B 962 34.91 60.33 40.44
CA LEU B 962 35.00 58.95 40.96
C LEU B 962 34.31 58.83 42.33
N LYS B 963 33.79 59.92 42.89
CA LYS B 963 32.96 59.88 44.10
C LYS B 963 31.54 60.39 43.85
N GLN B 964 31.40 61.54 43.20
CA GLN B 964 30.14 61.88 42.56
C GLN B 964 29.70 60.78 41.60
N LEU B 965 30.67 60.14 40.95
CA LEU B 965 30.39 58.92 40.19
C LEU B 965 29.77 57.86 41.09
N PHE B 966 30.33 57.67 42.29
CA PHE B 966 29.85 56.63 43.20
C PHE B 966 28.42 56.91 43.63
N ARG B 967 28.08 58.17 43.90
CA ARG B 967 26.71 58.48 44.28
C ARG B 967 25.75 58.35 43.11
N LYS B 968 26.19 58.73 41.90
CA LYS B 968 25.37 58.47 40.71
C LYS B 968 25.09 56.97 40.56
N LEU B 969 26.12 56.14 40.83
CA LEU B 969 25.96 54.70 40.75
C LEU B 969 24.98 54.19 41.80
N GLU B 970 25.04 54.75 43.01
CA GLU B 970 24.09 54.37 44.05
C GLU B 970 22.66 54.73 43.66
N GLN B 971 22.46 55.90 43.04
CA GLN B 971 21.11 56.25 42.59
C GLN B 971 20.64 55.27 41.54
N CYS B 972 21.52 54.91 40.61
CA CYS B 972 21.20 53.86 39.65
C CYS B 972 20.79 52.56 40.33
N ASN B 973 21.53 52.16 41.37
CA ASN B 973 21.20 50.95 42.12
C ASN B 973 19.80 51.03 42.73
N THR B 974 19.45 52.20 43.26
CA THR B 974 18.12 52.36 43.85
C THR B 974 17.03 52.24 42.78
N GLU B 975 17.26 52.87 41.62
CA GLU B 975 16.32 52.76 40.51
C GLU B 975 16.16 51.31 40.06
N LEU B 976 17.26 50.55 40.04
CA LEU B 976 17.17 49.12 39.76
C LEU B 976 16.32 48.40 40.79
N LYS B 977 16.59 48.65 42.08
CA LYS B 977 15.86 47.95 43.14
C LYS B 977 14.37 48.21 43.10
N LYS B 978 13.97 49.40 42.63
CA LYS B 978 12.54 49.67 42.54
C LYS B 978 11.89 48.96 41.35
N TYR B 979 12.61 48.81 40.24
CA TYR B 979 12.04 48.30 38.99
C TYR B 979 12.40 46.84 38.71
N SER B 980 12.37 45.98 39.74
CA SER B 980 12.82 44.60 39.58
C SER B 980 11.93 43.76 38.68
N HIS B 981 10.63 43.70 38.98
CA HIS B 981 9.75 42.64 38.50
C HIS B 981 9.06 42.93 37.16
N VAL B 982 9.62 43.75 36.27
CA VAL B 982 8.92 44.08 35.03
C VAL B 982 8.76 42.87 34.13
N ASN B 983 7.58 42.73 33.51
CA ASN B 983 7.28 41.70 32.52
C ASN B 983 7.73 42.15 31.13
N LYS B 984 8.90 41.69 30.70
CA LYS B 984 9.36 41.88 29.33
C LYS B 984 8.39 41.27 28.31
N LYS B 985 8.64 41.61 27.03
CA LYS B 985 7.95 41.16 25.80
C LYS B 985 6.57 41.79 25.63
N ALA B 986 6.19 42.74 26.50
CA ALA B 986 4.81 43.27 26.51
C ALA B 986 4.42 43.93 25.19
N LEU B 987 5.35 44.60 24.53
CA LEU B 987 4.99 45.42 23.36
C LEU B 987 4.50 44.56 22.19
N ASP B 988 5.25 43.51 21.86
CA ASP B 988 4.83 42.61 20.79
C ASP B 988 3.52 41.93 21.13
N GLN B 989 3.38 41.48 22.40
CA GLN B 989 2.11 40.99 22.93
C GLN B 989 0.97 41.92 22.56
N PHE B 990 1.14 43.21 22.88
CA PHE B 990 0.10 44.21 22.65
C PHE B 990 -0.28 44.26 21.18
N VAL B 991 0.72 44.45 20.31
CA VAL B 991 0.44 44.64 18.88
C VAL B 991 -0.27 43.43 18.30
N ASN B 992 0.33 42.24 18.47
CA ASN B 992 -0.22 41.02 17.87
C ASN B 992 -1.60 40.72 18.42
N PHE B 993 -1.75 40.81 19.74
CA PHE B 993 -2.99 40.40 20.38
C PHE B 993 -4.10 41.39 20.10
N SER B 994 -3.76 42.67 19.94
CA SER B 994 -4.77 43.66 19.56
C SER B 994 -5.29 43.40 18.16
N GLU B 995 -4.39 43.13 17.21
CA GLU B 995 -4.83 42.80 15.85
C GLU B 995 -5.70 41.56 15.83
N GLN B 996 -5.28 40.51 16.54
CA GLN B 996 -6.02 39.26 16.53
C GLN B 996 -7.38 39.42 17.22
N LYS B 997 -7.42 40.22 18.29
CA LYS B 997 -8.67 40.53 18.96
C LYS B 997 -9.63 41.25 18.03
N GLU B 998 -9.12 42.22 17.27
CA GLU B 998 -9.94 42.88 16.25
C GLU B 998 -10.52 41.87 15.26
N LYS B 999 -9.67 40.96 14.76
CA LYS B 999 -10.11 39.92 13.83
C LYS B 999 -11.27 39.11 14.39
N LEU B 1000 -11.12 38.64 15.64
CA LEU B 1000 -12.17 37.80 16.22
C LEU B 1000 -13.42 38.61 16.50
N ILE B 1001 -13.28 39.87 16.91
CA ILE B 1001 -14.44 40.74 17.12
C ILE B 1001 -15.23 40.88 15.82
N LYS B 1002 -14.52 41.05 14.70
CA LYS B 1002 -15.19 41.12 13.40
C LYS B 1002 -15.94 39.82 13.12
N ARG B 1003 -15.30 38.69 13.46
CA ARG B 1003 -15.96 37.40 13.33
C ARG B 1003 -17.24 37.36 14.15
N GLN B 1004 -17.19 37.89 15.38
CA GLN B 1004 -18.33 37.89 16.28
C GLN B 1004 -19.50 38.71 15.72
N GLU B 1005 -19.18 39.89 15.17
CA GLU B 1005 -20.22 40.73 14.58
C GLU B 1005 -20.87 40.04 13.39
N GLU B 1006 -20.05 39.44 12.52
CA GLU B 1006 -20.56 38.68 11.39
C GLU B 1006 -21.45 37.53 11.87
N LEU B 1007 -21.01 36.83 12.91
CA LEU B 1007 -21.78 35.74 13.50
C LEU B 1007 -23.14 36.20 13.99
N ASP B 1008 -23.19 37.38 14.62
CA ASP B 1008 -24.45 37.91 15.13
C ASP B 1008 -25.41 38.20 13.99
N ARG B 1009 -24.93 38.94 12.98
CA ARG B 1009 -25.73 39.22 11.78
C ARG B 1009 -26.24 37.94 11.13
N GLY B 1010 -25.37 36.93 11.04
CA GLY B 1010 -25.80 35.65 10.47
C GLY B 1010 -26.92 35.00 11.25
N TYR B 1011 -26.83 35.00 12.58
CA TYR B 1011 -27.90 34.46 13.40
C TYR B 1011 -29.21 35.17 13.14
N LYS B 1012 -29.16 36.51 13.10
CA LYS B 1012 -30.33 37.32 12.80
C LYS B 1012 -30.96 36.89 11.48
N SER B 1013 -30.12 36.74 10.46
CA SER B 1013 -30.57 36.33 9.14
C SER B 1013 -31.26 34.97 9.19
N ILE B 1014 -30.67 34.04 9.95
CA ILE B 1014 -31.23 32.70 10.07
C ILE B 1014 -32.63 32.76 10.66
N MET B 1015 -32.79 33.55 11.73
CA MET B 1015 -34.10 33.68 12.37
C MET B 1015 -35.15 34.25 11.42
N GLU B 1016 -34.79 35.31 10.70
CA GLU B 1016 -35.73 35.91 9.74
C GLU B 1016 -36.14 34.91 8.66
N LEU B 1017 -35.16 34.25 8.05
CA LEU B 1017 -35.45 33.30 6.98
C LEU B 1017 -36.31 32.14 7.50
N MET B 1018 -36.05 31.69 8.73
CA MET B 1018 -36.83 30.61 9.32
C MET B 1018 -38.29 31.02 9.48
N ASN B 1019 -38.52 32.26 9.93
CA ASN B 1019 -39.89 32.74 10.05
C ASN B 1019 -40.57 32.79 8.68
N VAL B 1020 -39.84 33.26 7.66
CA VAL B 1020 -40.38 33.30 6.29
C VAL B 1020 -40.80 31.91 5.84
N LEU B 1021 -39.94 30.92 6.09
CA LEU B 1021 -40.24 29.54 5.72
C LEU B 1021 -41.50 29.05 6.43
N GLU B 1022 -41.61 29.36 7.72
CA GLU B 1022 -42.80 29.01 8.50
C GLU B 1022 -44.05 29.58 7.84
N LEU B 1023 -43.97 30.83 7.39
CA LEU B 1023 -45.12 31.46 6.73
C LEU B 1023 -45.50 30.69 5.47
N ARG B 1024 -44.49 30.29 4.69
CA ARG B 1024 -44.79 29.50 3.48
C ARG B 1024 -45.46 28.18 3.82
N LYS B 1025 -45.03 27.55 4.92
CA LYS B 1025 -45.63 26.29 5.35
C LYS B 1025 -47.10 26.46 5.70
N TYR B 1026 -47.40 27.51 6.48
CA TYR B 1026 -48.77 27.79 6.88
C TYR B 1026 -49.66 28.03 5.65
N GLU B 1027 -49.14 28.76 4.67
CA GLU B 1027 -49.88 29.00 3.44
C GLU B 1027 -50.18 27.70 2.69
N ALA B 1028 -49.18 26.82 2.62
CA ALA B 1028 -49.36 25.53 1.94
C ALA B 1028 -50.43 24.70 2.63
N ILE B 1029 -50.40 24.67 3.97
CA ILE B 1029 -51.41 23.98 4.77
C ILE B 1029 -52.81 24.44 4.39
N GLN B 1030 -53.02 25.77 4.37
CA GLN B 1030 -54.33 26.33 4.04
C GLN B 1030 -54.82 25.88 2.67
N LEU B 1031 -53.98 26.09 1.64
CA LEU B 1031 -54.42 25.82 0.27
C LEU B 1031 -54.69 24.33 0.07
N THR B 1032 -53.81 23.48 0.63
CA THR B 1032 -53.97 22.05 0.42
C THR B 1032 -55.19 21.51 1.14
N PHE B 1033 -55.52 22.07 2.31
CA PHE B 1033 -56.75 21.69 3.00
C PHE B 1033 -57.97 22.04 2.17
N LYS B 1034 -57.97 23.24 1.56
CA LYS B 1034 -59.08 23.63 0.69
C LYS B 1034 -59.26 22.65 -0.45
N GLN B 1035 -58.17 22.37 -1.18
CA GLN B 1035 -58.25 21.51 -2.36
C GLN B 1035 -58.73 20.11 -2.01
N VAL B 1036 -58.19 19.52 -0.94
CA VAL B 1036 -58.58 18.16 -0.60
C VAL B 1036 -60.03 18.11 -0.13
N SER B 1037 -60.48 19.11 0.64
CA SER B 1037 -61.88 19.17 1.07
C SER B 1037 -62.83 19.19 -0.12
N LYS B 1038 -62.58 20.09 -1.09
CA LYS B 1038 -63.46 20.22 -2.24
C LYS B 1038 -63.50 18.92 -3.05
N ASN B 1039 -62.31 18.37 -3.35
CA ASN B 1039 -62.25 17.13 -4.13
C ASN B 1039 -62.96 15.98 -3.42
N PHE B 1040 -62.85 15.95 -2.08
CA PHE B 1040 -63.52 14.89 -1.32
C PHE B 1040 -65.03 15.00 -1.46
N SER B 1041 -65.56 16.22 -1.33
CA SER B 1041 -66.99 16.42 -1.52
C SER B 1041 -67.43 15.92 -2.88
N GLU B 1042 -66.62 16.19 -3.91
CA GLU B 1042 -66.92 15.75 -5.27
C GLU B 1042 -67.01 14.22 -5.37
N VAL B 1043 -65.92 13.54 -4.98
CA VAL B 1043 -65.87 12.08 -5.10
C VAL B 1043 -67.01 11.42 -4.31
N PHE B 1044 -67.20 11.81 -3.05
CA PHE B 1044 -68.21 11.13 -2.24
C PHE B 1044 -69.61 11.39 -2.75
N GLN B 1045 -69.89 12.59 -3.27
CA GLN B 1045 -71.19 12.80 -3.89
C GLN B 1045 -71.34 11.95 -5.14
N LYS B 1046 -70.24 11.65 -5.82
CA LYS B 1046 -70.39 10.86 -7.04
C LYS B 1046 -70.62 9.39 -6.73
N LEU B 1047 -69.87 8.84 -5.76
CA LEU B 1047 -69.94 7.40 -5.49
C LEU B 1047 -71.30 6.97 -4.98
N VAL B 1048 -71.68 7.45 -3.81
CA VAL B 1048 -73.04 7.23 -3.29
C VAL B 1048 -74.04 7.96 -4.18
N PRO B 1049 -75.15 7.32 -4.57
CA PRO B 1049 -76.14 8.01 -5.41
C PRO B 1049 -76.76 9.25 -4.78
N GLY B 1050 -76.92 9.28 -3.46
CA GLY B 1050 -77.49 10.46 -2.82
C GLY B 1050 -76.90 10.73 -1.46
N GLY B 1051 -76.38 11.92 -1.24
CA GLY B 1051 -75.72 12.23 0.01
C GLY B 1051 -74.73 13.37 -0.15
N LYS B 1052 -73.98 13.62 0.92
CA LYS B 1052 -73.00 14.69 0.98
C LYS B 1052 -72.15 14.53 2.24
N ALA B 1053 -70.89 14.98 2.15
CA ALA B 1053 -69.97 14.88 3.27
C ALA B 1053 -68.88 15.92 3.10
N THR B 1054 -68.32 16.36 4.21
CA THR B 1054 -67.33 17.43 4.21
C THR B 1054 -66.35 17.25 5.35
N LEU B 1055 -65.26 18.00 5.29
CA LEU B 1055 -64.18 17.94 6.26
C LEU B 1055 -64.11 19.28 6.99
N VAL B 1056 -64.36 19.27 8.30
CA VAL B 1056 -64.30 20.47 9.12
C VAL B 1056 -63.06 20.43 9.98
N MET B 1057 -62.43 21.59 10.16
CA MET B 1057 -61.32 21.69 11.09
C MET B 1057 -61.86 21.86 12.51
N LYS B 1058 -61.02 21.60 13.50
CA LYS B 1058 -61.39 21.76 14.89
C LYS B 1058 -60.98 23.12 15.42
N LYS B 1059 -61.07 23.25 16.76
CA LYS B 1059 -61.07 24.52 17.51
C LYS B 1059 -60.05 25.57 17.04
N GLY B 1060 -58.80 25.18 16.87
CA GLY B 1060 -57.76 26.14 16.52
C GLY B 1060 -57.84 26.62 15.09
N GLN B 1092 -53.48 26.74 17.84
CA GLN B 1092 -53.24 26.11 16.55
C GLN B 1092 -54.18 24.91 16.38
N PHE B 1093 -54.05 24.22 15.25
CA PHE B 1093 -54.97 23.14 14.93
C PHE B 1093 -54.75 21.95 15.86
N THR B 1094 -55.79 21.11 15.96
CA THR B 1094 -55.72 19.94 16.82
C THR B 1094 -56.31 18.68 16.22
N GLY B 1095 -57.08 18.79 15.15
CA GLY B 1095 -57.66 17.61 14.54
C GLY B 1095 -58.51 18.02 13.36
N VAL B 1096 -58.89 17.01 12.59
CA VAL B 1096 -59.78 17.19 11.44
C VAL B 1096 -60.94 16.21 11.59
N GLY B 1097 -62.15 16.75 11.66
CA GLY B 1097 -63.32 15.92 11.74
C GLY B 1097 -64.03 15.89 10.40
N ILE B 1098 -64.94 14.92 10.27
CA ILE B 1098 -65.65 14.67 9.04
C ILE B 1098 -67.13 14.59 9.35
N ARG B 1099 -67.93 15.29 8.55
CA ARG B 1099 -69.37 15.33 8.75
C ARG B 1099 -70.04 14.80 7.48
N VAL B 1100 -70.73 13.68 7.62
CA VAL B 1100 -71.30 12.93 6.51
C VAL B 1100 -72.79 12.78 6.74
N SER B 1101 -73.55 12.71 5.64
CA SER B 1101 -74.99 12.54 5.72
C SER B 1101 -75.47 11.97 4.40
N PHE B 1102 -76.41 11.02 4.47
CA PHE B 1102 -77.10 10.57 3.28
C PHE B 1102 -78.49 10.09 3.66
N THR B 1103 -79.36 10.05 2.65
CA THR B 1103 -80.71 9.48 2.64
C THR B 1103 -81.73 10.30 3.43
N GLY B 1104 -81.28 11.31 4.16
CA GLY B 1104 -82.18 12.35 4.63
C GLY B 1104 -81.86 13.72 4.06
N LYS B 1105 -80.55 13.97 3.91
CA LYS B 1105 -79.91 15.10 3.22
C LYS B 1105 -80.01 16.42 3.99
N GLN B 1106 -80.81 16.47 5.03
CA GLN B 1106 -80.73 17.62 5.93
C GLN B 1106 -80.75 17.23 7.41
N GLY B 1107 -81.51 16.21 7.77
CA GLY B 1107 -81.59 15.83 9.18
C GLY B 1107 -80.35 15.11 9.66
N GLU B 1108 -79.75 14.30 8.80
CA GLU B 1108 -78.59 13.52 9.20
C GLU B 1108 -77.40 14.44 9.43
N MET B 1109 -76.71 14.21 10.55
CA MET B 1109 -75.44 14.85 10.88
C MET B 1109 -74.74 13.86 11.80
N ARG B 1110 -73.76 13.16 11.28
CA ARG B 1110 -73.29 11.96 11.93
C ARG B 1110 -72.02 12.18 12.75
N GLU B 1111 -71.74 11.21 13.58
CA GLU B 1111 -70.48 10.96 14.25
C GLU B 1111 -70.03 9.56 13.86
N MET B 1112 -68.86 9.14 14.34
CA MET B 1112 -68.15 8.10 13.63
C MET B 1112 -68.52 6.70 14.08
N GLN B 1113 -68.80 6.52 15.37
CA GLN B 1113 -68.85 5.18 15.95
C GLN B 1113 -70.04 4.36 15.45
N GLN B 1114 -71.09 5.00 14.98
CA GLN B 1114 -72.31 4.28 14.61
C GLN B 1114 -72.40 4.24 13.08
N LEU B 1115 -71.76 3.25 12.48
CA LEU B 1115 -71.80 3.14 11.04
C LEU B 1115 -71.80 1.67 10.67
N SER B 1116 -71.60 1.40 9.38
CA SER B 1116 -71.55 0.05 8.86
C SER B 1116 -70.18 -0.18 8.26
N GLY B 1117 -69.90 -1.45 7.96
CA GLY B 1117 -68.69 -1.79 7.24
C GLY B 1117 -68.63 -1.11 5.89
N GLY B 1118 -69.69 -1.27 5.10
CA GLY B 1118 -69.75 -0.65 3.78
C GLY B 1118 -69.55 0.85 3.81
N GLN B 1119 -70.23 1.54 4.73
CA GLN B 1119 -70.14 2.99 4.77
C GLN B 1119 -68.74 3.46 5.13
N LYS B 1120 -68.17 2.86 6.17
CA LYS B 1120 -66.80 3.21 6.57
C LYS B 1120 -65.81 2.95 5.44
N SER B 1121 -65.94 1.79 4.80
CA SER B 1121 -65.03 1.44 3.71
C SER B 1121 -65.20 2.40 2.54
N LEU B 1122 -66.44 2.83 2.27
CA LEU B 1122 -66.68 3.82 1.23
C LEU B 1122 -66.01 5.14 1.56
N VAL B 1123 -66.10 5.56 2.84
CA VAL B 1123 -65.44 6.79 3.27
C VAL B 1123 -63.95 6.72 2.99
N ALA B 1124 -63.32 5.62 3.40
CA ALA B 1124 -61.88 5.48 3.23
C ALA B 1124 -61.48 5.44 1.75
N LEU B 1125 -62.17 4.63 0.94
CA LEU B 1125 -61.83 4.53 -0.48
C LEU B 1125 -62.07 5.86 -1.19
N ALA B 1126 -63.14 6.55 -0.83
CA ALA B 1126 -63.40 7.88 -1.38
C ALA B 1126 -62.26 8.81 -1.05
N LEU B 1127 -61.77 8.76 0.19
CA LEU B 1127 -60.65 9.61 0.59
C LEU B 1127 -59.43 9.29 -0.22
N ILE B 1128 -59.20 8.00 -0.48
CA ILE B 1128 -58.02 7.58 -1.24
C ILE B 1128 -58.12 8.11 -2.67
N PHE B 1129 -59.29 7.95 -3.27
CA PHE B 1129 -59.50 8.45 -4.63
C PHE B 1129 -59.36 9.96 -4.69
N ALA B 1130 -59.86 10.66 -3.68
CA ALA B 1130 -59.78 12.11 -3.63
C ALA B 1130 -58.33 12.57 -3.56
N ILE B 1131 -57.60 12.09 -2.56
CA ILE B 1131 -56.22 12.46 -2.35
C ILE B 1131 -55.37 12.08 -3.57
N GLN B 1132 -55.80 11.08 -4.33
CA GLN B 1132 -55.16 10.81 -5.61
C GLN B 1132 -55.50 11.92 -6.61
N LYS B 1133 -56.79 12.25 -6.73
CA LYS B 1133 -57.24 13.28 -7.67
C LYS B 1133 -56.64 14.65 -7.40
N CYS B 1134 -56.13 14.88 -6.19
CA CYS B 1134 -55.40 16.11 -5.94
C CYS B 1134 -54.03 16.04 -6.58
N ASP B 1135 -53.19 15.13 -6.11
CA ASP B 1135 -51.89 14.90 -6.70
C ASP B 1135 -51.66 13.39 -6.79
N PRO B 1136 -51.64 12.84 -8.01
CA PRO B 1136 -51.54 11.38 -8.17
C PRO B 1136 -50.30 10.80 -7.51
N ALA B 1137 -50.42 9.55 -7.07
CA ALA B 1137 -49.38 8.77 -6.43
C ALA B 1137 -48.83 7.73 -7.42
N PRO B 1138 -47.65 7.14 -7.14
CA PRO B 1138 -47.07 6.18 -8.10
C PRO B 1138 -47.96 4.99 -8.46
N PHE B 1139 -48.40 4.21 -7.49
CA PHE B 1139 -49.15 3.01 -7.83
C PHE B 1139 -50.00 2.58 -6.64
N TYR B 1140 -51.16 1.99 -6.95
CA TYR B 1140 -52.06 1.48 -5.92
C TYR B 1140 -52.22 -0.03 -6.05
N LEU B 1141 -52.15 -0.73 -4.92
CA LEU B 1141 -52.39 -2.16 -4.86
C LEU B 1141 -53.39 -2.43 -3.75
N PHE B 1142 -54.51 -3.05 -4.11
CA PHE B 1142 -55.62 -3.27 -3.19
C PHE B 1142 -55.72 -4.74 -2.81
N ASP B 1143 -55.81 -5.00 -1.51
CA ASP B 1143 -55.91 -6.34 -0.96
C ASP B 1143 -57.22 -6.47 -0.19
N GLN B 1144 -58.14 -7.26 -0.74
CA GLN B 1144 -59.41 -7.65 -0.10
C GLN B 1144 -60.28 -6.46 0.30
N ILE B 1145 -60.24 -5.40 -0.52
CA ILE B 1145 -61.07 -4.23 -0.27
C ILE B 1145 -62.53 -4.55 -0.50
N ASP B 1146 -62.83 -5.45 -1.42
CA ASP B 1146 -64.18 -5.65 -1.93
C ASP B 1146 -65.07 -6.48 -1.02
N GLN B 1147 -64.57 -6.95 0.13
CA GLN B 1147 -65.38 -7.83 0.96
C GLN B 1147 -66.63 -7.14 1.48
N ALA B 1148 -66.51 -5.89 1.94
CA ALA B 1148 -67.62 -5.21 2.58
C ALA B 1148 -68.74 -4.81 1.62
N LEU B 1149 -68.39 -4.26 0.46
CA LEU B 1149 -69.43 -3.62 -0.34
C LEU B 1149 -70.31 -4.63 -1.11
N ASP B 1150 -71.49 -4.13 -1.50
CA ASP B 1150 -72.51 -4.75 -2.32
C ASP B 1150 -72.25 -4.56 -3.82
N ALA B 1151 -73.05 -5.28 -4.60
CA ALA B 1151 -72.95 -5.26 -6.06
C ALA B 1151 -73.15 -3.85 -6.62
N GLN B 1152 -74.09 -3.09 -6.04
CA GLN B 1152 -74.32 -1.72 -6.52
C GLN B 1152 -73.08 -0.86 -6.29
N HIS B 1153 -72.54 -0.93 -5.07
CA HIS B 1153 -71.34 -0.19 -4.72
C HIS B 1153 -70.14 -0.68 -5.54
N ARG B 1154 -70.05 -1.99 -5.74
CA ARG B 1154 -68.95 -2.57 -6.50
C ARG B 1154 -68.98 -2.13 -7.96
N LYS B 1155 -70.16 -2.11 -8.57
CA LYS B 1155 -70.29 -1.55 -9.91
C LYS B 1155 -69.83 -0.11 -9.94
N ALA B 1156 -70.27 0.68 -8.96
CA ALA B 1156 -69.87 2.09 -8.90
C ALA B 1156 -68.35 2.25 -8.80
N VAL B 1157 -67.72 1.49 -7.90
CA VAL B 1157 -66.28 1.61 -7.70
C VAL B 1157 -65.54 1.16 -8.95
N SER B 1158 -66.05 0.14 -9.65
CA SER B 1158 -65.41 -0.30 -10.87
C SER B 1158 -65.49 0.77 -11.95
N ASP B 1159 -66.63 1.47 -12.04
CA ASP B 1159 -66.74 2.55 -13.02
C ASP B 1159 -65.78 3.68 -12.70
N MET B 1160 -65.60 3.98 -11.42
CA MET B 1160 -64.65 5.02 -11.03
C MET B 1160 -63.22 4.61 -11.35
N ILE B 1161 -62.88 3.33 -11.11
CA ILE B 1161 -61.58 2.81 -11.51
C ILE B 1161 -61.38 2.94 -13.01
N MET B 1162 -62.39 2.54 -13.80
CA MET B 1162 -62.25 2.57 -15.25
C MET B 1162 -61.98 3.97 -15.75
N GLU B 1163 -62.68 4.96 -15.20
CA GLU B 1163 -62.41 6.33 -15.65
C GLU B 1163 -61.08 6.83 -15.11
N LEU B 1164 -60.81 6.59 -13.82
CA LEU B 1164 -59.64 7.13 -13.13
C LEU B 1164 -58.34 6.45 -13.52
N ALA B 1165 -58.41 5.35 -14.29
CA ALA B 1165 -57.25 4.53 -14.59
C ALA B 1165 -56.12 5.28 -15.28
N VAL B 1166 -56.46 6.22 -16.17
CA VAL B 1166 -55.51 6.76 -17.15
C VAL B 1166 -54.31 7.51 -16.58
N HIS B 1167 -54.24 7.68 -15.26
CA HIS B 1167 -53.11 8.36 -14.66
C HIS B 1167 -52.11 7.41 -13.99
N ALA B 1168 -52.58 6.50 -13.15
CA ALA B 1168 -51.70 5.66 -12.34
C ALA B 1168 -51.98 4.19 -12.56
N GLN B 1169 -51.06 3.37 -12.07
CA GLN B 1169 -51.15 1.91 -12.12
C GLN B 1169 -51.94 1.30 -10.97
N PHE B 1170 -52.70 0.26 -11.30
CA PHE B 1170 -53.57 -0.44 -10.35
C PHE B 1170 -53.31 -1.93 -10.39
N ILE B 1171 -52.89 -2.48 -9.25
CA ILE B 1171 -52.91 -3.91 -9.00
C ILE B 1171 -53.90 -4.16 -7.87
N THR B 1172 -54.65 -5.25 -7.94
CA THR B 1172 -55.62 -5.56 -6.89
C THR B 1172 -55.98 -7.03 -6.93
N THR B 1173 -56.48 -7.53 -5.80
CA THR B 1173 -56.99 -8.88 -5.70
C THR B 1173 -58.47 -8.86 -5.32
N THR B 1174 -59.09 -10.04 -5.38
CA THR B 1174 -60.52 -10.19 -5.15
C THR B 1174 -60.91 -11.65 -5.18
N PHE B 1175 -62.19 -11.88 -4.88
CA PHE B 1175 -62.87 -13.15 -5.09
C PHE B 1175 -64.15 -12.93 -5.88
N ARG B 1176 -64.38 -11.73 -6.38
CA ARG B 1176 -65.60 -11.40 -7.07
C ARG B 1176 -65.34 -10.94 -8.50
N PRO B 1177 -66.25 -11.26 -9.42
CA PRO B 1177 -65.97 -11.01 -10.84
C PRO B 1177 -65.93 -9.54 -11.20
N GLU B 1178 -66.85 -8.74 -10.64
CA GLU B 1178 -67.12 -7.37 -11.09
C GLU B 1178 -65.87 -6.50 -11.20
N LEU B 1179 -64.89 -6.71 -10.31
CA LEU B 1179 -63.73 -5.82 -10.29
C LEU B 1179 -62.90 -5.94 -11.55
N LEU B 1180 -63.02 -7.03 -12.31
CA LEU B 1180 -62.34 -7.12 -13.60
C LEU B 1180 -63.25 -6.73 -14.76
N GLU B 1181 -64.24 -5.87 -14.50
CA GLU B 1181 -64.97 -5.23 -15.59
C GLU B 1181 -64.11 -4.26 -16.38
N SER B 1182 -62.96 -3.85 -15.85
CA SER B 1182 -62.15 -2.82 -16.49
C SER B 1182 -60.68 -3.16 -16.26
N ALA B 1183 -60.10 -3.90 -17.20
CA ALA B 1183 -58.70 -4.30 -17.05
C ALA B 1183 -58.13 -4.61 -18.42
N ASP B 1184 -56.84 -4.32 -18.57
CA ASP B 1184 -56.13 -4.67 -19.80
C ASP B 1184 -55.64 -6.11 -19.76
N LYS B 1185 -54.74 -6.42 -18.82
CA LYS B 1185 -54.12 -7.74 -18.80
C LYS B 1185 -54.00 -8.27 -17.38
N PHE B 1186 -54.33 -9.54 -17.23
CA PHE B 1186 -54.47 -10.24 -15.96
C PHE B 1186 -53.15 -10.91 -15.56
N TYR B 1187 -53.23 -11.77 -14.55
CA TYR B 1187 -52.14 -12.64 -14.12
C TYR B 1187 -52.73 -13.87 -13.44
N GLY B 1188 -51.87 -14.71 -12.88
CA GLY B 1188 -52.30 -15.88 -12.14
C GLY B 1188 -51.20 -16.31 -11.19
N VAL B 1189 -51.58 -17.15 -10.21
CA VAL B 1189 -50.63 -17.63 -9.20
C VAL B 1189 -50.87 -19.11 -8.90
N LYS B 1190 -49.91 -19.95 -9.28
CA LYS B 1190 -49.97 -21.39 -9.05
C LYS B 1190 -48.98 -21.77 -7.95
N PHE B 1191 -49.40 -22.70 -7.08
CA PHE B 1191 -48.61 -23.12 -5.91
C PHE B 1191 -48.49 -24.64 -5.86
N ARG B 1192 -47.43 -25.19 -6.45
CA ARG B 1192 -47.22 -26.63 -6.43
C ARG B 1192 -45.86 -26.97 -5.84
N ASN B 1193 -45.80 -28.14 -5.21
CA ASN B 1193 -44.56 -28.73 -4.69
C ASN B 1193 -43.90 -27.83 -3.64
N LYS B 1194 -44.72 -27.16 -2.83
CA LYS B 1194 -44.26 -26.28 -1.74
C LYS B 1194 -43.38 -25.15 -2.27
N VAL B 1195 -43.79 -24.59 -3.41
CA VAL B 1195 -43.20 -23.35 -3.89
C VAL B 1195 -44.27 -22.66 -4.74
N SER B 1196 -44.17 -21.34 -4.84
CA SER B 1196 -45.22 -20.53 -5.42
C SER B 1196 -44.74 -19.87 -6.69
N HIS B 1197 -45.55 -19.96 -7.73
CA HIS B 1197 -45.26 -19.39 -9.03
C HIS B 1197 -46.37 -18.44 -9.46
N ILE B 1198 -46.03 -17.58 -10.42
CA ILE B 1198 -46.92 -16.54 -10.87
C ILE B 1198 -46.70 -16.31 -12.36
N ASP B 1199 -47.80 -16.17 -13.11
CA ASP B 1199 -47.72 -16.02 -14.56
C ASP B 1199 -49.03 -15.44 -15.06
N VAL B 1200 -49.09 -15.21 -16.35
CA VAL B 1200 -50.23 -14.57 -17.00
C VAL B 1200 -51.21 -15.64 -17.44
N ILE B 1201 -52.49 -15.30 -17.46
CA ILE B 1201 -53.56 -16.13 -17.99
C ILE B 1201 -54.50 -15.25 -18.79
N THR B 1202 -55.53 -15.86 -19.38
CA THR B 1202 -56.48 -15.15 -20.22
C THR B 1202 -57.80 -14.95 -19.51
N ALA B 1203 -58.57 -13.97 -20.02
CA ALA B 1203 -59.78 -13.51 -19.36
C ALA B 1203 -60.87 -14.57 -19.27
N GLU B 1204 -60.94 -15.50 -20.24
CA GLU B 1204 -62.03 -16.47 -20.28
C GLU B 1204 -61.98 -17.41 -19.09
N MET B 1205 -60.83 -18.06 -18.88
CA MET B 1205 -60.69 -18.99 -17.76
C MET B 1205 -60.86 -18.28 -16.43
N ALA B 1206 -60.47 -17.01 -16.35
CA ALA B 1206 -60.64 -16.25 -15.12
C ALA B 1206 -62.12 -16.01 -14.83
N LYS B 1207 -62.85 -15.46 -15.81
CA LYS B 1207 -64.28 -15.24 -15.64
C LYS B 1207 -65.05 -16.53 -15.39
N ASP B 1208 -64.54 -17.66 -15.88
CA ASP B 1208 -65.21 -18.92 -15.56
C ASP B 1208 -64.89 -19.35 -14.14
N PHE B 1209 -63.61 -19.32 -13.76
CA PHE B 1209 -63.15 -19.75 -12.45
C PHE B 1209 -63.77 -18.94 -11.32
N VAL B 1210 -64.04 -17.66 -11.55
CA VAL B 1210 -64.44 -16.77 -10.45
C VAL B 1210 -65.76 -17.20 -9.82
N GLU B 1211 -66.74 -17.62 -10.60
CA GLU B 1211 -68.00 -17.94 -9.92
C GLU B 1211 -68.59 -19.28 -10.32
N ASP B 1212 -68.46 -19.66 -11.60
CA ASP B 1212 -69.28 -20.72 -12.20
C ASP B 1212 -69.15 -22.06 -11.48
N ASP B 1213 -67.99 -22.32 -10.88
CA ASP B 1213 -67.75 -23.59 -10.20
C ASP B 1213 -67.92 -23.43 -8.70
N THR B 1214 -68.61 -24.41 -8.10
CA THR B 1214 -68.69 -24.52 -6.65
C THR B 1214 -68.59 -26.02 -6.34
N THR B 1215 -67.36 -26.49 -6.21
CA THR B 1215 -66.98 -27.87 -5.87
C THR B 1215 -65.67 -27.80 -5.10
N HIS B 1216 -64.98 -28.93 -4.97
CA HIS B 1216 -63.64 -28.91 -4.41
C HIS B 1216 -62.59 -28.79 -5.50
N GLY B 1217 -63.00 -28.49 -6.72
CA GLY B 1217 -62.09 -28.28 -7.82
C GLY B 1217 -62.85 -27.77 -9.01
N LYS C 10 -21.44 17.71 -5.82
CA LYS C 10 -21.38 17.73 -7.28
C LYS C 10 -21.15 19.13 -7.82
N ARG C 11 -22.06 19.61 -8.68
CA ARG C 11 -21.85 20.82 -9.46
C ARG C 11 -22.84 21.89 -9.04
N GLY C 12 -22.34 23.10 -8.83
CA GLY C 12 -23.14 24.25 -8.49
C GLY C 12 -22.48 25.13 -7.45
N PRO C 13 -22.85 26.41 -7.41
CA PRO C 13 -22.32 27.32 -6.39
C PRO C 13 -22.92 27.17 -5.01
N LEU C 14 -23.72 26.14 -4.76
CA LEU C 14 -24.26 25.89 -3.43
C LEU C 14 -24.05 24.44 -3.02
N ALA C 15 -23.16 23.73 -3.70
CA ALA C 15 -22.90 22.31 -3.42
C ALA C 15 -22.40 22.08 -2.01
N LYS C 16 -21.64 23.01 -1.45
CA LYS C 16 -21.20 22.89 -0.06
C LYS C 16 -22.37 22.76 0.90
N ILE C 17 -23.44 23.51 0.65
CA ILE C 17 -24.58 23.43 1.56
C ILE C 17 -25.29 22.10 1.39
N TRP C 18 -25.39 21.60 0.14
CA TRP C 18 -25.80 20.21 -0.13
C TRP C 18 -25.02 19.22 0.74
N LEU C 19 -23.68 19.29 0.68
CA LEU C 19 -22.86 18.34 1.41
C LEU C 19 -23.06 18.47 2.91
N ALA C 20 -23.11 19.70 3.41
CA ALA C 20 -23.34 19.94 4.82
C ALA C 20 -24.72 19.48 5.25
N ALA C 21 -25.67 19.39 4.32
CA ALA C 21 -27.02 18.97 4.66
C ALA C 21 -27.25 17.48 4.50
N HIS C 22 -26.41 16.78 3.76
CA HIS C 22 -26.57 15.34 3.57
C HIS C 22 -25.48 14.53 4.24
N TRP C 23 -24.21 14.78 3.93
CA TRP C 23 -23.14 13.96 4.46
C TRP C 23 -22.38 14.65 5.60
N ASP C 24 -21.91 15.88 5.37
CA ASP C 24 -21.46 16.82 6.41
C ASP C 24 -20.13 16.40 7.06
N LYS C 25 -19.68 15.19 6.77
CA LYS C 25 -18.51 14.66 7.46
C LYS C 25 -17.21 15.04 6.76
N LYS C 26 -17.18 14.99 5.43
CA LYS C 26 -16.00 15.45 4.70
C LYS C 26 -15.71 16.93 4.88
N LEU C 27 -16.64 17.69 5.43
CA LEU C 27 -16.49 19.13 5.56
C LEU C 27 -15.41 19.50 6.58
N THR C 28 -14.29 20.02 6.08
CA THR C 28 -13.11 20.31 6.88
C THR C 28 -13.15 21.76 7.36
N LYS C 29 -12.31 22.07 8.36
CA LYS C 29 -12.20 23.43 8.87
C LYS C 29 -11.74 24.43 7.81
N ALA C 30 -11.07 23.95 6.76
CA ALA C 30 -10.66 24.82 5.67
C ALA C 30 -11.85 25.15 4.77
N HIS C 31 -12.70 24.16 4.53
CA HIS C 31 -13.97 24.40 3.84
C HIS C 31 -14.80 25.42 4.61
N VAL C 32 -15.20 25.07 5.83
CA VAL C 32 -16.10 25.91 6.64
C VAL C 32 -15.57 27.33 6.79
N PHE C 33 -14.24 27.48 6.89
CA PHE C 33 -13.62 28.73 7.29
C PHE C 33 -13.98 29.91 6.39
N GLU C 34 -13.55 29.90 5.12
CA GLU C 34 -13.73 31.09 4.30
C GLU C 34 -14.33 30.80 2.92
N CYS C 35 -14.79 29.57 2.66
CA CYS C 35 -15.40 29.27 1.36
C CYS C 35 -16.68 30.08 1.12
N ASN C 36 -17.51 30.22 2.14
CA ASN C 36 -18.85 30.77 1.96
C ASN C 36 -19.08 32.03 2.78
N LEU C 37 -19.59 33.07 2.11
CA LEU C 37 -20.02 34.31 2.77
C LEU C 37 -21.52 34.18 3.04
N GLU C 38 -21.83 33.91 4.32
CA GLU C 38 -23.17 33.55 4.79
C GLU C 38 -24.26 34.50 4.30
N SER C 39 -24.08 35.79 4.58
CA SER C 39 -25.07 36.83 4.29
C SER C 39 -25.49 36.91 2.82
N SER C 40 -24.75 36.32 1.89
CA SER C 40 -25.21 36.32 0.51
C SER C 40 -26.03 35.07 0.18
N VAL C 41 -25.59 33.89 0.63
CA VAL C 41 -26.30 32.67 0.31
C VAL C 41 -27.65 32.66 1.03
N GLU C 42 -27.67 33.12 2.28
CA GLU C 42 -28.92 33.24 3.02
C GLU C 42 -29.92 34.11 2.26
N SER C 43 -29.44 35.19 1.63
CA SER C 43 -30.30 35.98 0.76
C SER C 43 -30.71 35.20 -0.49
N ILE C 44 -29.79 34.36 -1.01
CA ILE C 44 -30.01 33.58 -2.21
C ILE C 44 -31.16 32.59 -2.04
N ILE C 45 -31.33 32.05 -0.82
CA ILE C 45 -32.32 31.00 -0.58
C ILE C 45 -33.74 31.51 -0.88
N SER C 46 -34.04 32.75 -0.49
CA SER C 46 -35.41 33.24 -0.56
C SER C 46 -36.04 33.36 -1.95
N PRO C 47 -35.43 33.94 -2.98
CA PRO C 47 -36.15 34.11 -4.25
C PRO C 47 -35.87 33.11 -5.36
N LYS C 48 -35.09 32.06 -5.12
CA LYS C 48 -34.73 31.14 -6.20
C LYS C 48 -35.97 30.42 -6.75
N VAL C 49 -36.06 30.35 -8.07
CA VAL C 49 -37.17 29.70 -8.75
C VAL C 49 -37.14 28.20 -8.50
N LYS C 50 -38.33 27.60 -8.37
CA LYS C 50 -38.60 26.15 -8.25
C LYS C 50 -37.81 25.47 -7.15
N MET C 51 -37.85 26.06 -5.95
CA MET C 51 -37.19 25.53 -4.77
C MET C 51 -38.15 24.60 -4.03
N ALA C 52 -37.77 23.33 -3.86
CA ALA C 52 -38.63 22.44 -3.09
C ALA C 52 -38.55 22.80 -1.61
N LEU C 53 -39.67 22.61 -0.92
CA LEU C 53 -39.72 22.89 0.52
C LEU C 53 -38.82 21.92 1.29
N ARG C 54 -38.79 20.66 0.82
CA ARG C 54 -37.90 19.65 1.39
C ARG C 54 -36.46 20.14 1.33
N THR C 55 -36.00 20.47 0.12
CA THR C 55 -34.67 21.03 -0.07
C THR C 55 -34.46 22.28 0.78
N SER C 56 -35.50 23.09 0.97
CA SER C 56 -35.37 24.29 1.79
C SER C 56 -35.02 23.94 3.23
N GLY C 57 -35.73 22.97 3.80
CA GLY C 57 -35.41 22.54 5.15
C GLY C 57 -34.02 21.94 5.25
N HIS C 58 -33.66 21.11 4.26
CA HIS C 58 -32.31 20.54 4.21
C HIS C 58 -31.25 21.63 4.22
N LEU C 59 -31.42 22.64 3.35
CA LEU C 59 -30.44 23.71 3.26
C LEU C 59 -30.41 24.53 4.55
N LEU C 60 -31.55 24.64 5.23
CA LEU C 60 -31.60 25.29 6.54
C LEU C 60 -30.71 24.56 7.53
N LEU C 61 -30.86 23.23 7.61
CA LEU C 61 -30.02 22.44 8.49
C LEU C 61 -28.55 22.61 8.16
N GLY C 62 -28.24 22.62 6.87
CA GLY C 62 -26.86 22.81 6.44
C GLY C 62 -26.25 24.12 6.90
N VAL C 63 -26.93 25.23 6.61
CA VAL C 63 -26.34 26.53 6.91
C VAL C 63 -26.28 26.74 8.42
N VAL C 64 -27.25 26.22 9.16
CA VAL C 64 -27.21 26.39 10.61
C VAL C 64 -26.06 25.59 11.20
N ARG C 65 -25.84 24.37 10.69
CA ARG C 65 -24.70 23.57 11.16
C ARG C 65 -23.38 24.27 10.83
N ILE C 66 -23.29 24.87 9.65
CA ILE C 66 -22.12 25.65 9.26
C ILE C 66 -21.85 26.74 10.28
N TYR C 67 -22.90 27.50 10.62
CA TYR C 67 -22.78 28.59 11.58
C TYR C 67 -22.33 28.07 12.94
N HIS C 68 -22.88 26.93 13.34
CA HIS C 68 -22.47 26.27 14.59
C HIS C 68 -20.99 25.93 14.59
N ARG C 69 -20.49 25.42 13.46
CA ARG C 69 -19.08 25.05 13.36
C ARG C 69 -18.20 26.29 13.49
N LYS C 70 -18.56 27.37 12.79
CA LYS C 70 -17.82 28.63 12.90
C LYS C 70 -17.79 29.14 14.33
N ALA C 71 -18.94 29.10 15.02
CA ALA C 71 -19.02 29.54 16.40
C ALA C 71 -18.08 28.72 17.28
N LYS C 72 -18.08 27.40 17.12
CA LYS C 72 -17.19 26.53 17.89
C LYS C 72 -15.74 26.92 17.65
N TYR C 73 -15.38 27.14 16.38
CA TYR C 73 -14.00 27.47 16.04
C TYR C 73 -13.58 28.77 16.70
N LEU C 74 -14.48 29.76 16.68
CA LEU C 74 -14.21 31.03 17.33
C LEU C 74 -13.99 30.87 18.83
N LEU C 75 -14.86 30.08 19.48
CA LEU C 75 -14.70 29.83 20.92
C LEU C 75 -13.38 29.16 21.21
N ALA C 76 -13.01 28.16 20.42
CA ALA C 76 -11.74 27.47 20.60
C ALA C 76 -10.58 28.44 20.47
N ASP C 77 -10.64 29.31 19.46
CA ASP C 77 -9.56 30.25 19.22
C ASP C 77 -9.44 31.25 20.36
N CYS C 78 -10.59 31.71 20.88
CA CYS C 78 -10.59 32.62 22.03
C CYS C 78 -9.97 31.98 23.25
N ASN C 79 -10.37 30.72 23.53
CA ASN C 79 -9.82 30.01 24.68
C ASN C 79 -8.31 29.84 24.56
N GLU C 80 -7.86 29.48 23.35
CA GLU C 80 -6.43 29.35 23.07
C GLU C 80 -5.71 30.68 23.32
N ALA C 81 -6.27 31.77 22.79
CA ALA C 81 -5.69 33.10 22.99
C ALA C 81 -5.53 33.43 24.47
N PHE C 82 -6.59 33.17 25.25
CA PHE C 82 -6.54 33.49 26.68
C PHE C 82 -5.46 32.66 27.37
N ILE C 83 -5.28 31.41 26.94
CA ILE C 83 -4.19 30.62 27.48
C ILE C 83 -2.84 31.20 27.08
N LYS C 84 -2.74 31.75 25.86
CA LYS C 84 -1.50 32.36 25.38
C LYS C 84 -1.09 33.56 26.24
N ILE C 85 -2.00 34.52 26.42
CA ILE C 85 -1.64 35.80 27.03
C ILE C 85 -1.17 35.67 28.48
N LYS C 86 -1.55 34.60 29.17
CA LYS C 86 -1.19 34.43 30.57
C LYS C 86 0.30 34.22 30.82
N MET C 87 1.17 34.19 29.80
CA MET C 87 2.59 34.05 30.08
C MET C 87 3.19 35.37 30.55
N ALA C 88 4.35 35.28 31.18
CA ALA C 88 5.12 36.44 31.60
C ALA C 88 6.54 35.99 31.88
N PHE C 89 7.43 36.96 32.07
CA PHE C 89 8.84 36.68 32.33
C PHE C 89 9.37 37.74 33.29
N ARG C 90 9.37 37.41 34.58
CA ARG C 90 9.96 38.30 35.58
C ARG C 90 11.28 37.71 36.08
N PRO C 91 12.43 38.18 35.58
CA PRO C 91 13.72 37.56 35.93
C PRO C 91 14.13 37.70 37.39
N GLY C 92 13.39 38.43 38.22
CA GLY C 92 13.74 38.60 39.61
C GLY C 92 15.03 39.36 39.84
N ILE C 154 0.68 -18.03 33.98
CA ILE C 154 0.28 -17.33 35.20
C ILE C 154 -1.18 -17.68 35.45
N LEU C 155 -1.85 -18.16 34.40
CA LEU C 155 -3.16 -18.82 34.46
C LEU C 155 -4.26 -17.89 34.96
N GLN C 156 -4.06 -16.57 34.80
CA GLN C 156 -4.87 -15.55 35.47
C GLN C 156 -6.37 -15.55 35.13
N GLU C 157 -6.77 -15.23 33.89
CA GLU C 157 -8.18 -15.29 33.49
C GLU C 157 -8.40 -16.04 32.18
N ASN C 158 -8.57 -17.36 32.27
CA ASN C 158 -9.01 -18.17 31.15
C ASN C 158 -10.50 -18.45 31.27
N ASP C 159 -11.18 -18.51 30.13
CA ASP C 159 -12.56 -18.95 30.10
C ASP C 159 -12.69 -20.40 30.53
N PHE C 160 -13.73 -20.68 31.31
CA PHE C 160 -14.06 -22.02 31.81
C PHE C 160 -14.29 -23.01 30.68
N GLY C 161 -13.36 -23.95 30.51
CA GLY C 161 -13.39 -24.97 29.48
C GLY C 161 -13.53 -24.37 28.10
N ASP C 162 -14.09 -25.16 27.21
CA ASP C 162 -14.19 -24.74 25.82
C ASP C 162 -15.58 -24.25 25.46
N PHE C 163 -16.57 -24.50 26.32
CA PHE C 163 -17.97 -24.13 26.09
C PHE C 163 -18.21 -22.70 25.67
N GLY C 164 -17.28 -21.79 25.97
CA GLY C 164 -17.38 -20.47 25.39
C GLY C 164 -17.34 -20.52 23.88
N MET C 165 -16.30 -21.16 23.33
CA MET C 165 -16.15 -21.30 21.88
C MET C 165 -15.79 -22.74 21.49
N ASP C 166 -16.79 -23.61 21.42
CA ASP C 166 -16.54 -24.96 20.95
C ASP C 166 -17.72 -25.57 20.19
N ASP C 167 -18.33 -24.81 19.27
CA ASP C 167 -19.49 -25.31 18.52
C ASP C 167 -19.17 -26.67 17.91
N ARG C 168 -19.93 -27.67 18.34
CA ARG C 168 -19.54 -29.05 18.13
C ARG C 168 -19.67 -29.42 16.66
N GLU C 169 -18.94 -30.47 16.28
CA GLU C 169 -18.85 -30.76 14.86
C GLU C 169 -20.09 -31.49 14.39
N ILE C 170 -20.64 -31.02 13.27
CA ILE C 170 -21.83 -31.60 12.67
C ILE C 170 -21.44 -32.81 11.83
N MET C 171 -22.41 -33.59 11.41
CA MET C 171 -22.14 -34.76 10.60
C MET C 171 -23.06 -34.83 9.39
N LYS C 321 6.87 -11.93 -72.94
CA LYS C 321 6.32 -13.21 -72.52
C LYS C 321 7.28 -13.90 -71.54
N ARG C 322 6.69 -14.49 -70.50
CA ARG C 322 7.39 -15.25 -69.46
C ARG C 322 8.57 -14.43 -68.89
N LYS C 323 8.19 -13.39 -68.16
CA LYS C 323 9.15 -12.45 -67.59
C LYS C 323 9.88 -12.98 -66.36
N LEU C 324 9.80 -14.28 -66.06
CA LEU C 324 10.57 -14.87 -64.97
C LEU C 324 11.98 -15.24 -65.41
N ILE C 325 12.94 -14.90 -64.55
CA ILE C 325 14.36 -15.24 -64.71
C ILE C 325 14.54 -16.75 -64.57
N VAL C 326 14.99 -17.39 -65.62
CA VAL C 326 15.24 -18.83 -65.62
C VAL C 326 16.69 -19.07 -65.24
N ASP C 327 16.91 -20.09 -64.41
CA ASP C 327 18.23 -20.45 -63.89
C ASP C 327 18.69 -21.71 -64.59
N SER C 328 19.82 -21.60 -65.28
CA SER C 328 20.32 -22.70 -66.11
C SER C 328 20.72 -23.92 -65.28
N VAL C 329 21.49 -23.71 -64.21
CA VAL C 329 22.04 -24.81 -63.41
C VAL C 329 22.16 -24.27 -61.98
N LYS C 330 22.15 -25.17 -60.99
CA LYS C 330 22.34 -24.78 -59.59
C LYS C 330 23.68 -25.27 -59.05
N GLU C 331 24.43 -26.01 -59.86
CA GLU C 331 25.72 -26.57 -59.47
C GLU C 331 26.77 -25.45 -59.41
N LEU C 332 27.69 -25.57 -58.46
CA LEU C 332 28.78 -24.61 -58.36
C LEU C 332 30.09 -25.38 -58.32
N ASP C 333 31.12 -24.82 -58.94
CA ASP C 333 32.41 -25.50 -59.02
C ASP C 333 33.08 -25.56 -57.66
N SER C 334 33.68 -26.71 -57.36
CA SER C 334 34.40 -26.89 -56.11
C SER C 334 35.69 -26.09 -56.03
N LYS C 335 36.26 -25.69 -57.17
CA LYS C 335 37.55 -25.00 -57.17
C LYS C 335 37.49 -23.68 -56.41
N THR C 336 36.38 -22.94 -56.51
CA THR C 336 36.28 -21.68 -55.76
C THR C 336 36.31 -21.93 -54.25
N ILE C 337 35.65 -22.99 -53.78
CA ILE C 337 35.75 -23.35 -52.36
C ILE C 337 37.17 -23.77 -52.03
N ARG C 338 37.82 -24.52 -52.91
CA ARG C 338 39.22 -24.91 -52.68
C ARG C 338 40.11 -23.66 -52.60
N ALA C 339 39.74 -22.62 -53.34
CA ALA C 339 40.47 -21.36 -53.30
C ALA C 339 40.28 -20.69 -51.94
N GLN C 340 39.02 -20.60 -51.48
CA GLN C 340 38.78 -20.17 -50.10
C GLN C 340 39.53 -21.03 -49.07
N LEU C 341 39.76 -22.31 -49.37
CA LEU C 341 40.53 -23.14 -48.46
C LEU C 341 42.00 -22.70 -48.48
N SER C 342 42.52 -22.41 -49.67
CA SER C 342 43.90 -21.97 -49.81
C SER C 342 44.07 -20.50 -49.44
N ASP C 343 43.01 -19.71 -49.60
CA ASP C 343 43.08 -18.26 -49.44
C ASP C 343 41.71 -17.84 -48.93
N TYR C 344 41.64 -17.55 -47.63
CA TYR C 344 40.43 -17.08 -46.98
C TYR C 344 40.49 -15.60 -46.61
N SER C 345 41.42 -14.87 -47.22
CA SER C 345 41.57 -13.43 -46.98
C SER C 345 40.32 -12.63 -47.35
N ASP C 346 39.45 -13.16 -48.22
CA ASP C 346 38.34 -12.38 -48.75
C ASP C 346 37.24 -12.13 -47.75
N ILE C 347 37.27 -12.74 -46.56
CA ILE C 347 36.32 -12.44 -45.52
C ILE C 347 36.98 -11.87 -44.28
N VAL C 348 38.29 -11.62 -44.34
CA VAL C 348 39.00 -11.00 -43.24
C VAL C 348 39.46 -9.62 -43.70
N THR C 349 39.86 -8.80 -42.72
CA THR C 349 40.34 -7.44 -42.94
C THR C 349 41.28 -7.11 -41.79
N THR C 350 41.73 -5.86 -41.73
CA THR C 350 42.67 -5.45 -40.71
C THR C 350 41.95 -4.67 -39.62
N LEU C 351 42.44 -4.79 -38.40
CA LEU C 351 41.78 -4.22 -37.24
C LEU C 351 41.95 -2.70 -37.27
N ASP C 352 40.83 -1.98 -37.28
CA ASP C 352 40.84 -0.52 -37.28
C ASP C 352 40.82 -0.01 -35.85
N LEU C 353 41.95 0.54 -35.42
CA LEU C 353 42.10 0.97 -34.03
C LEU C 353 41.42 2.31 -33.84
N ALA C 354 40.88 2.50 -32.64
CA ALA C 354 40.44 3.83 -32.25
C ALA C 354 41.65 4.74 -32.04
N PRO C 355 41.46 6.06 -32.09
CA PRO C 355 42.58 7.00 -31.85
C PRO C 355 43.27 6.77 -30.52
N PRO C 356 44.57 6.49 -30.54
CA PRO C 356 45.30 6.11 -29.33
C PRO C 356 45.82 7.27 -28.48
N THR C 357 45.59 8.52 -28.87
CA THR C 357 46.09 9.65 -28.09
C THR C 357 44.98 10.65 -27.82
N LYS C 358 45.22 11.49 -26.81
CA LYS C 358 44.27 12.52 -26.42
C LYS C 358 44.08 13.59 -27.49
N LYS C 359 45.18 14.06 -28.09
CA LYS C 359 45.14 15.14 -29.07
C LYS C 359 44.20 14.85 -30.23
N LEU C 360 44.34 13.68 -30.86
CA LEU C 360 43.41 13.35 -31.93
C LEU C 360 41.99 13.13 -31.44
N MET C 361 41.81 12.74 -30.17
CA MET C 361 40.44 12.60 -29.66
C MET C 361 39.78 13.95 -29.40
N MET C 362 40.54 14.93 -28.94
CA MET C 362 39.91 16.23 -28.70
C MET C 362 39.68 16.94 -30.02
N TRP C 363 40.61 16.77 -30.95
CA TRP C 363 40.41 17.24 -32.32
C TRP C 363 39.20 16.58 -32.96
N LYS C 364 39.01 15.26 -32.76
CA LYS C 364 37.85 14.57 -33.30
C LYS C 364 36.56 15.03 -32.62
N GLU C 365 36.64 15.53 -31.38
CA GLU C 365 35.44 16.03 -30.74
C GLU C 365 34.96 17.30 -31.42
N THR C 366 35.80 18.31 -31.50
CA THR C 366 35.46 19.56 -32.16
C THR C 366 35.84 19.54 -33.63
N GLY C 367 35.89 18.35 -34.23
CA GLY C 367 36.19 18.20 -35.63
C GLY C 367 34.96 17.97 -36.46
N GLY C 368 35.14 18.15 -37.76
CA GLY C 368 34.04 18.13 -38.70
C GLY C 368 33.70 19.54 -39.12
N VAL C 369 33.09 19.66 -40.29
CA VAL C 369 32.90 20.99 -40.85
C VAL C 369 31.92 21.81 -40.00
N GLU C 370 30.85 21.19 -39.51
CA GLU C 370 29.86 21.90 -38.70
C GLU C 370 30.43 22.35 -37.36
N LYS C 371 31.19 21.47 -36.68
CA LYS C 371 31.70 21.82 -35.36
C LYS C 371 32.82 22.84 -35.46
N LEU C 372 33.73 22.66 -36.42
CA LEU C 372 34.81 23.61 -36.63
C LEU C 372 34.26 24.96 -37.06
N PHE C 373 33.24 24.93 -37.89
CA PHE C 373 32.62 26.11 -38.46
C PHE C 373 31.60 26.77 -37.54
N SER C 374 31.33 26.18 -36.38
CA SER C 374 30.30 26.71 -35.49
C SER C 374 30.86 27.17 -34.16
N LEU C 375 32.17 27.07 -33.94
CA LEU C 375 32.82 27.49 -32.72
C LEU C 375 34.05 28.33 -33.06
N PRO C 376 34.41 29.29 -32.20
CA PRO C 376 35.59 30.12 -32.47
C PRO C 376 36.89 29.33 -32.48
N ALA C 377 37.88 29.91 -33.14
CA ALA C 377 39.21 29.29 -33.18
C ALA C 377 39.92 29.41 -31.84
N GLN C 378 39.68 30.49 -31.09
CA GLN C 378 40.16 30.59 -29.73
C GLN C 378 39.09 30.14 -28.75
N PRO C 379 39.29 29.01 -28.07
CA PRO C 379 38.26 28.47 -27.17
C PRO C 379 37.82 29.44 -26.10
N LEU C 380 36.55 29.32 -25.72
CA LEU C 380 35.90 30.21 -24.76
C LEU C 380 35.36 29.32 -23.65
N TRP C 381 35.98 29.39 -22.47
CA TRP C 381 35.64 28.45 -21.41
C TRP C 381 34.34 28.75 -20.70
N ASN C 382 33.90 30.01 -20.71
CA ASN C 382 32.67 30.40 -20.05
C ASN C 382 31.58 30.58 -21.11
N ASN C 383 30.44 29.92 -20.90
CA ASN C 383 29.30 30.02 -21.84
C ASN C 383 28.77 31.44 -21.96
N ARG C 384 29.00 32.27 -20.94
CA ARG C 384 28.62 33.67 -20.97
C ARG C 384 29.27 34.36 -22.17
N LEU C 385 30.52 33.99 -22.47
CA LEU C 385 31.17 34.47 -23.68
C LEU C 385 30.63 33.75 -24.90
N LEU C 386 30.13 32.52 -24.75
CA LEU C 386 29.56 31.81 -25.90
C LEU C 386 28.30 32.49 -26.42
N LYS C 387 27.50 33.12 -25.55
CA LYS C 387 26.22 33.63 -26.04
C LYS C 387 26.39 34.85 -26.95
N LEU C 388 27.35 35.73 -26.64
CA LEU C 388 27.66 36.85 -27.53
C LEU C 388 28.17 36.37 -28.88
N PHE C 389 28.91 35.26 -28.91
CA PHE C 389 29.43 34.77 -30.17
C PHE C 389 28.31 34.11 -30.99
N THR C 390 27.71 33.05 -30.45
CA THR C 390 26.67 32.31 -31.18
C THR C 390 25.45 33.15 -31.53
N ARG C 391 25.20 34.25 -30.81
CA ARG C 391 24.11 35.16 -31.12
C ARG C 391 24.18 35.72 -32.54
N CYS C 392 25.36 36.18 -32.97
CA CYS C 392 25.46 36.97 -34.19
C CYS C 392 25.68 36.14 -35.46
N LEU C 393 25.46 34.84 -35.43
CA LEU C 393 25.74 33.99 -36.59
C LEU C 393 24.45 33.54 -37.25
N THR C 394 24.08 34.21 -38.34
CA THR C 394 22.90 33.87 -39.14
C THR C 394 22.92 32.41 -39.61
N LYS C 558 -75.23 -4.50 -17.71
CA LYS C 558 -75.63 -4.84 -16.35
C LYS C 558 -76.79 -5.83 -16.35
N ARG C 559 -76.50 -7.05 -15.89
CA ARG C 559 -77.50 -8.10 -15.80
C ARG C 559 -78.71 -7.72 -14.96
N THR C 560 -78.48 -6.96 -13.87
CA THR C 560 -79.57 -6.54 -12.99
C THR C 560 -80.61 -5.70 -13.69
N GLN C 561 -80.22 -4.62 -14.39
CA GLN C 561 -81.25 -3.78 -15.02
C GLN C 561 -81.87 -4.46 -16.22
N GLN C 562 -81.16 -5.40 -16.85
CA GLN C 562 -81.76 -6.24 -17.88
C GLN C 562 -82.89 -7.06 -17.27
N MET C 563 -82.60 -7.70 -16.13
CA MET C 563 -83.62 -8.42 -15.39
C MET C 563 -84.72 -7.49 -14.90
N LEU C 564 -84.40 -6.21 -14.65
CA LEU C 564 -85.44 -5.23 -14.30
C LEU C 564 -86.42 -5.04 -15.45
N HIS C 565 -85.90 -4.92 -16.67
CA HIS C 565 -86.78 -4.91 -17.83
C HIS C 565 -87.56 -6.20 -17.93
N GLY C 566 -86.91 -7.33 -17.63
CA GLY C 566 -87.62 -8.59 -17.49
C GLY C 566 -88.77 -8.53 -16.50
N LEU C 567 -88.57 -7.83 -15.38
CA LEU C 567 -89.63 -7.65 -14.40
C LEU C 567 -90.75 -6.82 -14.98
N GLN C 568 -90.40 -5.75 -15.70
CA GLN C 568 -91.39 -4.92 -16.38
C GLN C 568 -92.24 -5.74 -17.34
N ARG C 569 -91.60 -6.57 -18.17
CA ARG C 569 -92.38 -7.37 -19.12
C ARG C 569 -93.19 -8.46 -18.42
N ALA C 570 -92.66 -9.03 -17.32
CA ALA C 570 -93.43 -10.01 -16.57
C ALA C 570 -94.63 -9.36 -15.88
N LEU C 571 -94.55 -8.06 -15.61
CA LEU C 571 -95.67 -7.36 -14.98
C LEU C 571 -96.69 -6.92 -16.02
N ALA C 572 -96.20 -6.48 -17.18
CA ALA C 572 -97.02 -5.96 -18.28
C ALA C 572 -97.97 -6.95 -18.93
N LYS C 573 -98.01 -8.20 -18.47
CA LYS C 573 -98.83 -9.22 -19.13
C LYS C 573 -100.24 -9.34 -18.57
N THR C 574 -100.43 -9.18 -17.25
CA THR C 574 -101.76 -9.26 -16.68
C THR C 574 -102.29 -7.93 -16.15
N GLY C 575 -101.42 -7.01 -15.73
CA GLY C 575 -101.82 -5.68 -15.35
C GLY C 575 -102.61 -5.56 -14.06
N ALA C 576 -102.76 -6.64 -13.31
CA ALA C 576 -103.45 -6.61 -12.02
C ALA C 576 -102.60 -6.07 -10.87
N GLU C 577 -101.46 -5.44 -11.18
CA GLU C 577 -100.48 -4.85 -10.25
C GLU C 577 -100.23 -5.65 -8.98
N SER C 578 -100.12 -6.98 -9.10
CA SER C 578 -99.97 -7.82 -7.92
C SER C 578 -99.09 -9.01 -8.31
N ILE C 579 -97.79 -8.86 -8.09
CA ILE C 579 -96.84 -9.95 -8.28
C ILE C 579 -96.79 -10.76 -6.99
N SER C 580 -97.25 -12.01 -7.05
CA SER C 580 -97.16 -12.90 -5.91
C SER C 580 -95.83 -13.63 -5.89
N LEU C 581 -95.35 -13.91 -4.68
CA LEU C 581 -94.05 -14.56 -4.57
C LEU C 581 -94.17 -16.06 -4.70
N LEU C 582 -95.18 -16.65 -4.04
CA LEU C 582 -95.40 -18.09 -4.08
C LEU C 582 -95.58 -18.59 -5.50
N GLU C 583 -96.35 -17.86 -6.31
CA GLU C 583 -96.54 -18.25 -7.71
C GLU C 583 -95.24 -18.13 -8.48
N LEU C 584 -94.54 -16.99 -8.32
CA LEU C 584 -93.28 -16.77 -9.03
C LEU C 584 -92.19 -17.76 -8.66
N CYS C 585 -92.29 -18.43 -7.50
CA CYS C 585 -91.31 -19.44 -7.16
C CYS C 585 -91.86 -20.86 -7.14
N ARG C 586 -92.96 -21.13 -7.85
CA ARG C 586 -93.56 -22.47 -7.74
C ARG C 586 -92.69 -23.54 -8.42
N ASN C 587 -91.97 -23.19 -9.47
CA ASN C 587 -91.34 -24.22 -10.33
C ASN C 587 -89.90 -23.86 -10.65
N THR C 588 -89.10 -23.57 -9.62
CA THR C 588 -87.72 -23.21 -9.79
C THR C 588 -86.86 -24.03 -8.86
N ASN C 589 -85.54 -23.90 -9.01
CA ASN C 589 -84.64 -24.56 -8.09
C ASN C 589 -84.28 -23.61 -6.96
N ARG C 590 -83.60 -24.17 -5.96
CA ARG C 590 -83.40 -23.49 -4.68
C ARG C 590 -82.51 -22.25 -4.81
N LYS C 591 -81.34 -22.41 -5.43
CA LYS C 591 -80.36 -21.34 -5.53
C LYS C 591 -80.91 -20.13 -6.29
N GLN C 592 -81.49 -20.36 -7.46
CA GLN C 592 -82.01 -19.25 -8.24
C GLN C 592 -83.22 -18.60 -7.59
N ALA C 593 -84.00 -19.38 -6.83
CA ALA C 593 -85.11 -18.81 -6.07
C ALA C 593 -84.60 -17.82 -5.03
N ALA C 594 -83.58 -18.23 -4.28
CA ALA C 594 -82.95 -17.31 -3.33
C ALA C 594 -82.40 -16.08 -4.03
N ALA C 595 -81.78 -16.27 -5.20
CA ALA C 595 -81.26 -15.16 -5.98
C ALA C 595 -82.36 -14.17 -6.34
N LYS C 596 -83.50 -14.69 -6.80
CA LYS C 596 -84.62 -13.84 -7.16
C LYS C 596 -85.17 -13.10 -5.95
N PHE C 597 -85.24 -13.78 -4.80
CA PHE C 597 -85.70 -13.14 -3.58
C PHE C 597 -84.81 -11.96 -3.21
N TYR C 598 -83.49 -12.18 -3.23
CA TYR C 598 -82.58 -11.08 -2.95
C TYR C 598 -82.72 -9.97 -4.01
N SER C 599 -83.08 -10.36 -5.23
CA SER C 599 -83.34 -9.37 -6.28
C SER C 599 -84.56 -8.53 -5.92
N PHE C 600 -85.60 -9.15 -5.36
CA PHE C 600 -86.73 -8.39 -4.81
C PHE C 600 -86.25 -7.39 -3.77
N LEU C 601 -85.30 -7.82 -2.93
CA LEU C 601 -84.77 -6.91 -1.90
C LEU C 601 -84.07 -5.72 -2.53
N VAL C 602 -83.18 -5.96 -3.50
CA VAL C 602 -82.46 -4.85 -4.12
C VAL C 602 -83.42 -3.98 -4.93
N LEU C 603 -84.54 -4.55 -5.38
CA LEU C 603 -85.53 -3.75 -6.08
C LEU C 603 -86.18 -2.79 -5.11
N LYS C 604 -86.55 -3.30 -3.93
CA LYS C 604 -87.07 -2.44 -2.87
C LYS C 604 -86.05 -1.37 -2.49
N LYS C 605 -84.75 -1.69 -2.57
CA LYS C 605 -83.74 -0.66 -2.38
C LYS C 605 -83.89 0.42 -3.44
N GLN C 606 -84.16 0.03 -4.68
CA GLN C 606 -84.17 1.03 -5.75
C GLN C 606 -85.46 1.84 -5.83
N GLN C 607 -86.34 1.77 -4.83
CA GLN C 607 -87.55 2.61 -4.70
C GLN C 607 -88.57 2.47 -5.82
N ALA C 608 -88.30 1.63 -6.82
CA ALA C 608 -89.18 1.43 -7.96
C ALA C 608 -90.34 0.51 -7.67
N ILE C 609 -90.51 0.09 -6.42
CA ILE C 609 -91.47 -0.95 -6.08
C ILE C 609 -91.71 -0.89 -4.58
N GLU C 610 -92.96 -1.09 -4.18
CA GLU C 610 -93.36 -1.16 -2.79
C GLU C 610 -93.97 -2.52 -2.54
N LEU C 611 -93.54 -3.16 -1.46
CA LEU C 611 -93.94 -4.52 -1.15
C LEU C 611 -94.64 -4.57 0.19
N THR C 612 -95.52 -5.56 0.35
CA THR C 612 -96.35 -5.69 1.53
C THR C 612 -96.42 -7.16 1.93
N GLN C 613 -96.31 -7.39 3.24
CA GLN C 613 -96.45 -8.73 3.82
C GLN C 613 -97.05 -8.58 5.21
N GLU C 614 -98.13 -9.32 5.48
CA GLU C 614 -98.81 -9.21 6.77
C GLU C 614 -98.43 -10.34 7.72
N GLU C 615 -98.63 -11.60 7.30
CA GLU C 615 -98.31 -12.73 8.16
C GLU C 615 -96.81 -13.00 8.11
N PRO C 616 -96.28 -13.74 9.10
CA PRO C 616 -94.86 -14.13 9.02
C PRO C 616 -94.49 -14.89 7.76
N TYR C 617 -95.28 -15.87 7.35
CA TYR C 617 -94.99 -16.64 6.14
C TYR C 617 -96.15 -16.63 5.16
N SER C 618 -96.02 -15.87 4.07
CA SER C 618 -97.01 -15.72 3.01
C SER C 618 -96.32 -15.02 1.86
N ASP C 619 -97.04 -14.91 0.75
CA ASP C 619 -96.46 -14.26 -0.43
C ASP C 619 -96.44 -12.75 -0.23
N ILE C 620 -95.55 -12.09 -0.96
CA ILE C 620 -95.37 -10.66 -0.87
C ILE C 620 -96.10 -10.01 -2.04
N ILE C 621 -96.73 -8.87 -1.79
CA ILE C 621 -97.54 -8.19 -2.81
C ILE C 621 -96.86 -6.87 -3.16
N ALA C 622 -96.58 -6.69 -4.44
CA ALA C 622 -95.76 -5.61 -4.94
C ALA C 622 -96.53 -4.69 -5.86
N THR C 623 -96.12 -3.41 -5.89
CA THR C 623 -96.71 -2.39 -6.76
C THR C 623 -95.65 -1.36 -7.17
N PRO C 624 -95.66 -0.91 -8.43
CA PRO C 624 -94.64 0.05 -8.89
C PRO C 624 -94.71 1.38 -8.17
N GLY C 625 -93.55 1.93 -7.84
CA GLY C 625 -93.45 3.22 -7.23
C GLY C 625 -92.91 4.29 -8.17
N PRO C 626 -92.34 5.37 -7.60
CA PRO C 626 -91.92 6.55 -8.40
C PRO C 626 -90.95 6.25 -9.53
N ARG C 627 -89.77 5.72 -9.21
CA ARG C 627 -88.69 5.56 -10.19
C ARG C 627 -88.83 4.27 -10.98
N PHE C 628 -90.01 4.02 -11.55
CA PHE C 628 -90.15 2.84 -12.39
C PHE C 628 -89.46 2.99 -13.74
N HIS C 629 -89.03 4.22 -14.08
CA HIS C 629 -88.41 4.63 -15.35
C HIS C 629 -89.35 4.53 -16.55
N ILE C 630 -90.55 3.99 -16.33
CA ILE C 630 -91.58 3.72 -17.34
C ILE C 630 -91.04 3.21 -18.68
N THR D 86 -9.17 -25.38 -49.91
CA THR D 86 -9.09 -23.99 -49.50
C THR D 86 -7.99 -23.80 -48.46
N LEU D 87 -7.16 -24.84 -48.33
CA LEU D 87 -6.20 -24.97 -47.23
C LEU D 87 -5.28 -23.76 -47.10
N PHE D 88 -4.73 -23.31 -48.24
CA PHE D 88 -3.81 -22.17 -48.26
C PHE D 88 -4.43 -20.92 -47.64
N GLU D 89 -5.67 -20.61 -48.01
CA GLU D 89 -6.34 -19.44 -47.42
C GLU D 89 -6.57 -19.62 -45.93
N VAL D 90 -6.92 -20.84 -45.51
CA VAL D 90 -7.10 -21.14 -44.09
C VAL D 90 -5.82 -20.89 -43.30
N VAL D 91 -4.67 -21.32 -43.84
CA VAL D 91 -3.40 -21.10 -43.16
C VAL D 91 -3.00 -19.63 -43.18
N LYS D 92 -3.33 -18.93 -44.27
CA LYS D 92 -2.94 -17.52 -44.37
C LYS D 92 -3.87 -16.60 -43.58
N LEU D 93 -5.19 -16.77 -43.73
CA LEU D 93 -6.15 -15.81 -43.18
C LEU D 93 -6.55 -16.12 -41.73
N GLY D 94 -5.59 -16.10 -40.83
CA GLY D 94 -5.94 -15.93 -39.43
C GLY D 94 -6.67 -17.07 -38.75
N LYS D 95 -6.24 -18.32 -39.00
CA LYS D 95 -6.77 -19.49 -38.30
C LYS D 95 -6.80 -19.28 -36.79
N SER D 96 -7.94 -19.59 -36.18
CA SER D 96 -8.15 -19.36 -34.75
C SER D 96 -7.48 -20.41 -33.87
N ALA D 97 -7.14 -21.59 -34.40
CA ALA D 97 -6.41 -22.63 -33.67
C ALA D 97 -5.90 -23.72 -34.59
N MET D 98 -4.62 -24.06 -34.45
CA MET D 98 -4.00 -25.07 -35.30
C MET D 98 -4.42 -26.50 -34.94
N GLN D 99 -4.49 -26.82 -33.64
CA GLN D 99 -4.79 -28.18 -33.20
C GLN D 99 -6.15 -28.68 -33.69
N SER D 100 -7.14 -27.79 -33.75
CA SER D 100 -8.47 -28.16 -34.23
C SER D 100 -8.42 -28.67 -35.68
N VAL D 101 -7.76 -27.93 -36.57
CA VAL D 101 -7.73 -28.36 -37.96
C VAL D 101 -6.79 -29.54 -38.13
N VAL D 102 -5.81 -29.68 -37.24
CA VAL D 102 -4.97 -30.88 -37.21
C VAL D 102 -5.82 -32.13 -36.92
N ASP D 103 -6.63 -32.06 -35.86
CA ASP D 103 -7.49 -33.19 -35.49
C ASP D 103 -8.51 -33.50 -36.58
N ASP D 104 -9.17 -32.47 -37.13
CA ASP D 104 -10.12 -32.66 -38.22
C ASP D 104 -9.47 -33.31 -39.43
N TRP D 105 -8.26 -32.87 -39.80
CA TRP D 105 -7.59 -33.48 -40.93
C TRP D 105 -7.20 -34.93 -40.64
N ILE D 106 -6.74 -35.23 -39.43
CA ILE D 106 -6.39 -36.62 -39.11
C ILE D 106 -7.61 -37.54 -39.21
N GLU D 107 -8.75 -37.08 -38.69
CA GLU D 107 -9.99 -37.83 -38.84
C GLU D 107 -10.38 -38.01 -40.31
N SER D 108 -10.32 -36.93 -41.10
CA SER D 108 -10.67 -37.02 -42.52
C SER D 108 -9.72 -37.93 -43.29
N TYR D 109 -8.42 -37.90 -42.96
CA TYR D 109 -7.48 -38.83 -43.58
C TYR D 109 -7.83 -40.27 -43.24
N LYS D 110 -8.31 -40.52 -42.02
CA LYS D 110 -8.84 -41.84 -41.72
C LYS D 110 -10.08 -42.14 -42.56
N GLN D 111 -10.92 -41.13 -42.78
CA GLN D 111 -12.08 -41.28 -43.65
C GLN D 111 -11.68 -41.57 -45.10
N ASP D 112 -10.79 -40.76 -45.68
CA ASP D 112 -10.34 -41.03 -47.04
C ASP D 112 -8.88 -40.61 -47.17
N ARG D 113 -8.02 -41.62 -47.36
CA ARG D 113 -6.60 -41.40 -47.61
C ARG D 113 -6.38 -40.56 -48.87
N ASP D 114 -7.08 -40.87 -49.96
CA ASP D 114 -6.73 -40.34 -51.27
C ASP D 114 -7.09 -38.86 -51.42
N ILE D 115 -8.30 -38.48 -50.99
CA ILE D 115 -8.71 -37.07 -51.07
C ILE D 115 -7.83 -36.20 -50.17
N ALA D 116 -7.54 -36.67 -48.96
CA ALA D 116 -6.75 -35.89 -48.02
C ALA D 116 -5.31 -35.77 -48.50
N LEU D 117 -4.76 -36.85 -49.07
CA LEU D 117 -3.44 -36.78 -49.69
C LEU D 117 -3.42 -35.83 -50.88
N LEU D 118 -4.51 -35.81 -51.68
CA LEU D 118 -4.63 -34.84 -52.76
C LEU D 118 -4.60 -33.40 -52.22
N ASP D 119 -5.33 -33.18 -51.12
CA ASP D 119 -5.28 -31.90 -50.41
C ASP D 119 -3.87 -31.57 -49.93
N LEU D 120 -3.12 -32.57 -49.46
CA LEU D 120 -1.74 -32.34 -49.03
C LEU D 120 -0.81 -31.96 -50.18
N ILE D 121 -0.93 -32.65 -51.32
CA ILE D 121 -0.16 -32.28 -52.52
C ILE D 121 -0.49 -30.86 -52.92
N ASN D 122 -1.79 -30.53 -52.95
CA ASN D 122 -2.22 -29.19 -53.28
C ASN D 122 -1.68 -28.17 -52.28
N PHE D 123 -1.65 -28.54 -51.00
CA PHE D 123 -1.05 -27.71 -49.94
C PHE D 123 0.42 -27.39 -50.24
N PHE D 124 1.21 -28.42 -50.55
CA PHE D 124 2.63 -28.22 -50.83
C PHE D 124 2.84 -27.35 -52.06
N ILE D 125 2.02 -27.55 -53.10
CA ILE D 125 2.09 -26.69 -54.28
C ILE D 125 1.73 -25.25 -53.95
N GLN D 126 0.60 -25.06 -53.25
CA GLN D 126 0.02 -23.75 -53.00
C GLN D 126 0.77 -22.93 -51.96
N CYS D 127 1.58 -23.56 -51.10
CA CYS D 127 2.42 -22.77 -50.21
C CYS D 127 3.48 -21.99 -50.98
N SER D 128 3.73 -22.34 -52.24
CA SER D 128 4.60 -21.57 -53.12
C SER D 128 3.80 -20.55 -53.93
N GLY D 129 2.50 -20.42 -53.66
CA GLY D 129 1.67 -19.43 -54.30
C GLY D 129 0.99 -19.85 -55.58
N CYS D 130 1.28 -21.04 -56.08
CA CYS D 130 0.59 -21.53 -57.28
C CYS D 130 -0.88 -21.77 -57.02
N ARG D 131 -1.71 -21.41 -58.01
CA ARG D 131 -3.16 -21.59 -57.94
C ARG D 131 -3.65 -22.71 -58.82
N GLY D 132 -2.76 -23.46 -59.47
CA GLY D 132 -3.19 -24.61 -60.24
C GLY D 132 -3.73 -25.73 -59.36
N THR D 133 -4.27 -26.74 -60.04
CA THR D 133 -4.84 -27.91 -59.36
C THR D 133 -4.42 -29.19 -60.08
N VAL D 134 -3.88 -30.12 -59.31
CA VAL D 134 -3.61 -31.48 -59.79
C VAL D 134 -4.91 -32.27 -59.71
N ARG D 135 -5.25 -32.97 -60.79
CA ARG D 135 -6.55 -33.63 -60.83
C ARG D 135 -6.43 -35.05 -60.26
N ILE D 136 -7.59 -35.64 -59.96
CA ILE D 136 -7.66 -36.98 -59.36
C ILE D 136 -7.02 -38.04 -60.26
N GLU D 137 -7.37 -38.05 -61.55
CA GLU D 137 -6.75 -39.00 -62.48
C GLU D 137 -5.27 -38.69 -62.64
N MET D 138 -4.93 -37.40 -62.72
CA MET D 138 -3.53 -36.99 -62.75
C MET D 138 -2.80 -37.40 -61.48
N PHE D 139 -3.45 -37.23 -60.33
CA PHE D 139 -2.87 -37.62 -59.04
C PHE D 139 -2.55 -39.12 -59.01
N ARG D 140 -3.53 -39.95 -59.36
CA ARG D 140 -3.32 -41.39 -59.26
C ARG D 140 -2.49 -41.97 -60.40
N ASN D 141 -2.37 -41.27 -61.54
CA ASN D 141 -1.91 -41.92 -62.76
C ASN D 141 -0.66 -41.30 -63.36
N MET D 142 -0.51 -39.98 -63.31
CA MET D 142 0.63 -39.32 -63.94
C MET D 142 1.86 -39.39 -63.05
N GLN D 143 3.03 -39.44 -63.68
CA GLN D 143 4.28 -39.39 -62.94
C GLN D 143 4.54 -37.97 -62.44
N ASN D 144 5.34 -37.90 -61.37
CA ASN D 144 5.59 -36.66 -60.65
C ASN D 144 6.24 -35.58 -61.51
N ALA D 145 7.19 -35.94 -62.36
CA ALA D 145 7.83 -34.94 -63.23
C ALA D 145 6.82 -34.29 -64.17
N GLU D 146 5.87 -35.07 -64.70
CA GLU D 146 4.85 -34.50 -65.57
C GLU D 146 3.87 -33.64 -64.77
N ILE D 147 3.53 -34.08 -63.55
CA ILE D 147 2.68 -33.30 -62.67
C ILE D 147 3.31 -31.94 -62.38
N ILE D 148 4.59 -31.93 -61.97
CA ILE D 148 5.29 -30.69 -61.64
C ILE D 148 5.40 -29.79 -62.86
N ARG D 149 5.70 -30.36 -64.04
CA ARG D 149 5.73 -29.58 -65.28
C ARG D 149 4.38 -28.95 -65.56
N LYS D 150 3.29 -29.73 -65.38
CA LYS D 150 1.94 -29.19 -65.52
C LYS D 150 1.70 -28.05 -64.55
N MET D 151 2.26 -28.13 -63.35
CA MET D 151 2.07 -27.06 -62.40
C MET D 151 2.97 -25.85 -62.70
N THR D 152 4.07 -26.05 -63.42
CA THR D 152 4.81 -24.94 -64.00
C THR D 152 3.98 -24.22 -65.06
N GLU D 153 3.25 -24.99 -65.86
CA GLU D 153 2.35 -24.40 -66.83
C GLU D 153 1.30 -23.53 -66.12
N GLU D 154 0.76 -24.01 -65.01
CA GLU D 154 -0.28 -23.28 -64.30
C GLU D 154 0.30 -22.51 -63.11
N PHE D 155 1.61 -22.30 -63.11
CA PHE D 155 2.30 -21.59 -62.04
C PHE D 155 1.76 -20.18 -61.88
N ASP D 156 1.55 -19.48 -63.00
CA ASP D 156 0.88 -18.18 -63.08
C ASP D 156 1.58 -17.13 -62.20
N GLU D 157 2.90 -17.08 -62.34
CA GLU D 157 3.73 -16.14 -61.61
C GLU D 157 3.76 -14.83 -62.39
N ASP D 158 3.96 -13.73 -61.67
CA ASP D 158 4.17 -12.49 -62.39
C ASP D 158 5.66 -12.21 -62.66
N SER D 159 6.48 -12.30 -61.62
CA SER D 159 7.90 -11.98 -61.73
C SER D 159 8.70 -13.19 -61.30
N GLY D 160 10.03 -13.03 -61.21
CA GLY D 160 10.73 -14.18 -60.68
C GLY D 160 10.74 -14.24 -59.19
N ASP D 161 10.02 -13.31 -58.55
CA ASP D 161 9.82 -13.31 -57.12
C ASP D 161 8.80 -14.38 -56.79
N TYR D 162 8.91 -14.95 -55.60
CA TYR D 162 7.93 -15.90 -55.11
C TYR D 162 7.72 -15.66 -53.62
N PRO D 163 6.63 -16.19 -53.02
CA PRO D 163 6.26 -15.82 -51.64
C PRO D 163 7.35 -15.87 -50.59
N LEU D 164 8.38 -16.68 -50.80
CA LEU D 164 9.44 -16.74 -49.81
C LEU D 164 10.42 -15.59 -50.00
N THR D 165 10.29 -14.83 -51.08
CA THR D 165 11.13 -13.67 -51.36
C THR D 165 10.33 -12.40 -51.54
N MET D 166 9.02 -12.50 -51.76
CA MET D 166 8.17 -11.32 -51.79
C MET D 166 8.08 -10.74 -50.39
N PRO D 167 8.07 -9.41 -50.24
CA PRO D 167 8.05 -8.84 -48.89
C PRO D 167 6.67 -8.59 -48.32
N GLY D 168 6.66 -8.13 -47.07
CA GLY D 168 5.45 -7.88 -46.32
C GLY D 168 5.22 -8.91 -45.22
N PRO D 169 4.47 -8.51 -44.19
CA PRO D 169 4.29 -9.38 -43.02
C PRO D 169 3.46 -10.62 -43.27
N GLN D 170 2.54 -10.57 -44.25
CA GLN D 170 1.65 -11.69 -44.52
C GLN D 170 2.40 -12.96 -44.90
N TRP D 171 3.52 -12.84 -45.58
CA TRP D 171 4.20 -14.05 -46.01
C TRP D 171 5.04 -14.67 -44.88
N LYS D 172 5.60 -13.82 -44.01
CA LYS D 172 6.31 -14.32 -42.84
C LYS D 172 5.37 -15.00 -41.85
N LYS D 173 4.22 -14.36 -41.59
CA LYS D 173 3.19 -15.00 -40.77
C LYS D 173 2.71 -16.30 -41.40
N PHE D 174 2.59 -16.32 -42.73
CA PHE D 174 2.22 -17.53 -43.45
C PHE D 174 3.23 -18.64 -43.19
N ARG D 175 4.54 -18.32 -43.25
CA ARG D 175 5.57 -19.32 -42.98
C ARG D 175 5.47 -19.84 -41.56
N SER D 176 5.22 -18.96 -40.59
CA SER D 176 5.12 -19.37 -39.20
C SER D 176 3.95 -20.32 -38.99
N ASN D 177 2.79 -19.99 -39.56
CA ASN D 177 1.63 -20.86 -39.47
C ASN D 177 1.89 -22.20 -40.18
N PHE D 178 2.57 -22.13 -41.34
CA PHE D 178 2.94 -23.31 -42.12
C PHE D 178 3.74 -24.31 -41.28
N CYS D 179 4.82 -23.83 -40.64
CA CYS D 179 5.64 -24.74 -39.85
C CYS D 179 4.91 -25.24 -38.62
N GLU D 180 4.15 -24.36 -37.95
CA GLU D 180 3.40 -24.76 -36.76
C GLU D 180 2.40 -25.88 -37.07
N PHE D 181 1.62 -25.71 -38.13
CA PHE D 181 0.64 -26.72 -38.53
C PHE D 181 1.32 -28.04 -38.87
N ILE D 182 2.38 -27.98 -39.68
CA ILE D 182 3.06 -29.22 -40.11
C ILE D 182 3.63 -29.97 -38.91
N GLY D 183 4.30 -29.26 -38.01
CA GLY D 183 4.93 -29.94 -36.89
C GLY D 183 3.94 -30.52 -35.90
N VAL D 184 2.86 -29.78 -35.61
CA VAL D 184 1.83 -30.34 -34.71
C VAL D 184 1.11 -31.51 -35.38
N LEU D 185 0.84 -31.41 -36.69
CA LEU D 185 0.19 -32.49 -37.43
C LEU D 185 0.99 -33.78 -37.40
N ILE D 186 2.29 -33.71 -37.68
CA ILE D 186 3.11 -34.92 -37.66
C ILE D 186 3.25 -35.46 -36.24
N ARG D 187 3.50 -34.59 -35.27
CA ARG D 187 3.74 -35.05 -33.90
C ARG D 187 2.56 -35.78 -33.27
N GLN D 188 1.31 -35.43 -33.61
CA GLN D 188 0.18 -36.19 -33.07
C GLN D 188 -0.22 -37.42 -33.87
N CYS D 189 0.45 -37.74 -34.98
CA CYS D 189 0.06 -38.89 -35.81
C CYS D 189 1.06 -40.04 -35.72
N GLN D 190 2.06 -39.95 -34.84
CA GLN D 190 3.27 -40.77 -34.88
C GLN D 190 3.02 -42.27 -34.73
N TYR D 191 1.80 -42.71 -34.43
CA TYR D 191 1.56 -44.13 -34.19
C TYR D 191 0.91 -44.84 -35.36
N SER D 192 0.37 -44.11 -36.33
CA SER D 192 -0.34 -44.78 -37.41
C SER D 192 0.16 -44.39 -38.80
N ILE D 193 -0.03 -43.12 -39.18
CA ILE D 193 0.25 -42.65 -40.54
C ILE D 193 1.69 -42.94 -40.96
N ILE D 194 2.65 -42.73 -40.06
CA ILE D 194 4.06 -42.93 -40.37
C ILE D 194 4.40 -44.37 -40.74
N TYR D 195 3.60 -45.34 -40.30
CA TYR D 195 3.90 -46.75 -40.50
C TYR D 195 3.11 -47.37 -41.64
N ASP D 196 2.56 -46.57 -42.54
CA ASP D 196 1.69 -47.10 -43.58
C ASP D 196 2.41 -47.46 -44.87
N GLU D 197 3.73 -47.26 -44.94
CA GLU D 197 4.60 -47.66 -46.04
C GLU D 197 4.29 -46.91 -47.33
N TYR D 198 3.41 -45.90 -47.29
CA TYR D 198 2.87 -45.30 -48.51
C TYR D 198 3.11 -43.80 -48.48
N MET D 199 2.72 -43.15 -47.38
CA MET D 199 2.70 -41.69 -47.31
C MET D 199 4.11 -41.13 -47.48
N MET D 200 5.08 -41.72 -46.79
CA MET D 200 6.43 -41.19 -46.79
C MET D 200 7.08 -41.35 -48.16
N ASP D 201 6.84 -42.47 -48.83
CA ASP D 201 7.41 -42.68 -50.16
C ASP D 201 6.88 -41.65 -51.14
N THR D 202 5.57 -41.41 -51.12
CA THR D 202 4.95 -40.39 -51.96
C THR D 202 5.51 -38.99 -51.67
N VAL D 203 5.53 -38.59 -50.39
CA VAL D 203 5.99 -37.24 -50.03
C VAL D 203 7.46 -37.06 -50.38
N ILE D 204 8.31 -38.04 -50.06
CA ILE D 204 9.73 -37.99 -50.38
C ILE D 204 9.96 -37.88 -51.88
N SER D 205 9.27 -38.72 -52.67
CA SER D 205 9.43 -38.66 -54.12
C SER D 205 9.02 -37.30 -54.68
N LEU D 206 7.91 -36.76 -54.17
CA LEU D 206 7.44 -35.46 -54.63
C LEU D 206 8.41 -34.34 -54.28
N LEU D 207 8.86 -34.30 -53.02
CA LEU D 207 9.80 -33.28 -52.60
C LEU D 207 11.16 -33.41 -53.28
N THR D 208 11.65 -34.63 -53.49
CA THR D 208 12.91 -34.80 -54.23
C THR D 208 12.78 -34.26 -55.64
N GLY D 209 11.62 -34.45 -56.27
CA GLY D 209 11.44 -33.91 -57.61
C GLY D 209 11.30 -32.40 -57.61
N LEU D 210 10.60 -31.86 -56.60
CA LEU D 210 10.47 -30.41 -56.47
C LEU D 210 11.81 -29.74 -56.15
N SER D 211 12.62 -30.38 -55.31
CA SER D 211 13.95 -29.93 -54.94
C SER D 211 14.99 -30.18 -56.02
N ASP D 212 14.69 -31.03 -57.01
CA ASP D 212 15.59 -31.21 -58.14
C ASP D 212 15.17 -30.37 -59.33
N SER D 213 13.94 -29.84 -59.29
CA SER D 213 13.42 -28.98 -60.35
C SER D 213 14.22 -27.70 -60.47
N GLN D 214 14.40 -27.24 -61.71
CA GLN D 214 15.07 -25.96 -61.93
C GLN D 214 14.24 -24.77 -61.49
N VAL D 215 12.92 -24.92 -61.41
CA VAL D 215 12.07 -23.86 -60.88
C VAL D 215 12.44 -23.60 -59.42
N ARG D 216 13.04 -22.43 -59.17
CA ARG D 216 13.63 -22.11 -57.88
C ARG D 216 12.61 -22.04 -56.74
N ALA D 217 11.40 -21.52 -57.03
CA ALA D 217 10.37 -21.37 -56.00
C ALA D 217 9.97 -22.69 -55.36
N PHE D 218 9.77 -23.73 -56.20
CA PHE D 218 9.44 -25.05 -55.69
C PHE D 218 10.59 -25.61 -54.87
N ARG D 219 11.81 -25.47 -55.39
CA ARG D 219 13.00 -25.98 -54.72
C ARG D 219 13.18 -25.33 -53.35
N HIS D 220 12.93 -24.03 -53.26
CA HIS D 220 13.06 -23.30 -51.99
C HIS D 220 12.01 -23.75 -50.98
N THR D 221 10.73 -23.75 -51.38
CA THR D 221 9.68 -24.14 -50.43
C THR D 221 9.89 -25.58 -49.99
N SER D 222 10.31 -26.45 -50.91
CA SER D 222 10.58 -27.83 -50.58
C SER D 222 11.73 -27.96 -49.59
N THR D 223 12.75 -27.09 -49.70
CA THR D 223 13.86 -27.14 -48.74
C THR D 223 13.40 -26.83 -47.34
N LEU D 224 12.66 -25.72 -47.18
CA LEU D 224 12.18 -25.36 -45.85
C LEU D 224 11.21 -26.40 -45.30
N ALA D 225 10.29 -26.86 -46.16
CA ALA D 225 9.33 -27.89 -45.78
C ALA D 225 10.02 -29.17 -45.34
N ALA D 226 11.01 -29.62 -46.11
CA ALA D 226 11.67 -30.88 -45.79
C ALA D 226 12.50 -30.77 -44.54
N MET D 227 13.05 -29.58 -44.27
CA MET D 227 13.73 -29.39 -43.01
C MET D 227 12.76 -29.50 -41.84
N LYS D 228 11.57 -28.89 -41.98
CA LYS D 228 10.56 -29.01 -40.93
C LYS D 228 10.11 -30.46 -40.74
N LEU D 229 9.96 -31.20 -41.85
CA LEU D 229 9.59 -32.61 -41.80
C LEU D 229 10.65 -33.40 -41.06
N MET D 230 11.92 -33.16 -41.38
CA MET D 230 13.00 -33.85 -40.71
C MET D 230 12.98 -33.57 -39.21
N THR D 231 12.75 -32.31 -38.81
CA THR D 231 12.66 -32.00 -37.38
C THR D 231 11.54 -32.77 -36.70
N ALA D 232 10.40 -32.87 -37.37
CA ALA D 232 9.31 -33.69 -36.84
C ALA D 232 9.75 -35.14 -36.68
N LEU D 233 10.49 -35.66 -37.67
CA LEU D 233 11.01 -37.02 -37.54
C LEU D 233 12.05 -37.14 -36.43
N VAL D 234 12.82 -36.08 -36.16
CA VAL D 234 13.72 -36.08 -35.01
C VAL D 234 12.92 -36.24 -33.72
N ASN D 235 11.79 -35.54 -33.62
CA ASN D 235 10.92 -35.77 -32.48
C ASN D 235 10.42 -37.21 -32.43
N VAL D 236 10.09 -37.76 -33.61
CA VAL D 236 9.65 -39.15 -33.68
C VAL D 236 10.74 -40.08 -33.13
N ALA D 237 11.98 -39.83 -33.53
CA ALA D 237 13.11 -40.63 -33.06
C ALA D 237 13.30 -40.50 -31.56
N LEU D 238 13.18 -39.30 -31.02
CA LEU D 238 13.29 -39.09 -29.58
C LEU D 238 12.17 -39.80 -28.83
N ASN D 239 10.93 -39.67 -29.32
CA ASN D 239 9.79 -40.36 -28.72
C ASN D 239 9.95 -41.86 -28.76
N LEU D 240 10.41 -42.39 -29.90
CA LEU D 240 10.64 -43.83 -30.06
C LEU D 240 11.69 -44.33 -29.07
N SER D 241 12.84 -43.64 -28.99
CA SER D 241 13.87 -44.04 -28.05
C SER D 241 13.37 -44.01 -26.61
N ILE D 242 12.64 -42.94 -26.25
CA ILE D 242 12.06 -42.81 -24.91
C ILE D 242 11.11 -43.97 -24.61
N HIS D 243 10.25 -44.31 -25.58
CA HIS D 243 9.33 -45.44 -25.41
C HIS D 243 10.09 -46.76 -25.28
N GLN D 244 11.17 -46.92 -26.05
CA GLN D 244 12.03 -48.09 -25.91
C GLN D 244 12.61 -48.18 -24.51
N ASP D 245 13.00 -47.04 -23.95
CA ASP D 245 13.47 -47.02 -22.57
C ASP D 245 12.37 -47.40 -21.60
N ASN D 246 11.13 -46.96 -21.85
CA ASN D 246 10.01 -47.34 -20.99
C ASN D 246 9.77 -48.86 -21.03
N THR D 247 9.73 -49.43 -22.24
CA THR D 247 9.54 -50.88 -22.35
C THR D 247 10.75 -51.64 -21.81
N GLN D 248 11.95 -51.09 -21.94
CA GLN D 248 13.13 -51.68 -21.32
C GLN D 248 13.04 -51.69 -19.81
N ARG D 249 12.59 -50.57 -19.21
CA ARG D 249 12.41 -50.50 -17.77
C ARG D 249 11.36 -51.49 -17.26
N GLN D 250 10.23 -51.61 -17.99
CA GLN D 250 9.25 -52.63 -17.64
C GLN D 250 9.81 -54.03 -17.81
N TYR D 251 10.59 -54.24 -18.88
CA TYR D 251 11.28 -55.52 -19.09
C TYR D 251 12.19 -55.84 -17.92
N GLU D 252 12.97 -54.86 -17.45
CA GLU D 252 13.87 -55.06 -16.33
C GLU D 252 13.12 -55.35 -15.04
N ALA D 253 12.01 -54.63 -14.81
CA ALA D 253 11.16 -54.92 -13.67
C ALA D 253 10.59 -56.34 -13.72
N GLU D 254 10.31 -56.85 -14.92
CA GLU D 254 9.84 -58.22 -15.04
C GLU D 254 10.99 -59.21 -14.96
N ARG D 255 12.18 -58.80 -15.39
CA ARG D 255 13.40 -59.57 -15.18
C ARG D 255 13.69 -59.72 -13.70
N ASN D 256 13.24 -58.75 -12.90
CA ASN D 256 13.22 -58.92 -11.45
C ASN D 256 12.12 -59.88 -11.02
N LYS D 257 10.93 -59.79 -11.63
CA LYS D 257 9.80 -60.63 -11.25
C LYS D 257 9.90 -61.95 -12.01
N MET D 258 10.58 -62.93 -11.41
CA MET D 258 10.91 -64.16 -12.10
C MET D 258 9.90 -65.26 -11.85
N ILE D 259 8.91 -65.03 -10.99
CA ILE D 259 7.94 -66.04 -10.60
C ILE D 259 6.55 -65.49 -10.90
N GLY D 260 5.74 -66.25 -11.63
CA GLY D 260 4.40 -65.82 -11.95
C GLY D 260 3.95 -66.30 -13.31
N LYS D 261 2.71 -66.79 -13.39
CA LYS D 261 2.19 -67.34 -14.65
C LYS D 261 2.16 -66.26 -15.74
N ARG D 262 1.64 -65.09 -15.41
CA ARG D 262 1.65 -63.97 -16.36
C ARG D 262 3.00 -63.29 -16.47
N ALA D 263 4.00 -63.65 -15.66
CA ALA D 263 5.32 -63.04 -15.77
C ALA D 263 5.94 -63.32 -17.13
N ASN D 264 5.96 -64.60 -17.53
CA ASN D 264 6.44 -64.97 -18.86
C ASN D 264 5.64 -64.26 -19.95
N GLU D 265 4.33 -64.09 -19.72
CA GLU D 265 3.46 -63.46 -20.71
C GLU D 265 3.79 -61.98 -20.87
N ARG D 266 3.96 -61.27 -19.75
CA ARG D 266 4.31 -59.87 -19.82
C ARG D 266 5.72 -59.67 -20.38
N LEU D 267 6.66 -60.55 -20.01
CA LEU D 267 8.00 -60.48 -20.59
C LEU D 267 7.97 -60.66 -22.10
N GLU D 268 7.23 -61.65 -22.58
CA GLU D 268 7.08 -61.83 -24.03
C GLU D 268 6.40 -60.65 -24.71
N LEU D 269 5.31 -60.13 -24.13
CA LEU D 269 4.64 -58.99 -24.76
C LEU D 269 5.53 -57.75 -24.79
N LEU D 270 6.26 -57.48 -23.70
CA LEU D 270 7.18 -56.36 -23.68
C LEU D 270 8.32 -56.55 -24.67
N LEU D 271 8.81 -57.79 -24.81
CA LEU D 271 9.81 -58.07 -25.83
C LEU D 271 9.26 -57.86 -27.24
N GLN D 272 8.02 -58.29 -27.48
CA GLN D 272 7.37 -58.07 -28.76
C GLN D 272 7.23 -56.59 -29.07
N LYS D 273 6.72 -55.81 -28.11
CA LYS D 273 6.59 -54.37 -28.29
C LYS D 273 7.95 -53.71 -28.49
N ARG D 274 8.95 -54.12 -27.70
CA ARG D 274 10.30 -53.57 -27.83
C ARG D 274 10.89 -53.88 -29.20
N LYS D 275 10.67 -55.09 -29.70
CA LYS D 275 11.14 -55.45 -31.04
C LYS D 275 10.39 -54.67 -32.12
N GLU D 276 9.07 -54.55 -32.00
CA GLU D 276 8.31 -53.76 -32.98
C GLU D 276 8.75 -52.31 -33.00
N LEU D 277 8.98 -51.72 -31.82
CA LEU D 277 9.49 -50.36 -31.76
C LEU D 277 10.91 -50.26 -32.28
N GLN D 278 11.74 -51.29 -32.08
CA GLN D 278 13.08 -51.28 -32.64
C GLN D 278 13.07 -51.36 -34.17
N GLU D 279 12.27 -52.26 -34.73
CA GLU D 279 12.11 -52.33 -36.18
C GLU D 279 11.52 -51.03 -36.74
N ASN D 280 10.53 -50.47 -36.04
CA ASN D 280 9.98 -49.16 -36.40
C ASN D 280 11.07 -48.09 -36.38
N GLN D 281 11.93 -48.14 -35.35
CA GLN D 281 13.05 -47.22 -35.23
C GLN D 281 13.99 -47.38 -36.40
N ASP D 282 14.28 -48.62 -36.78
CA ASP D 282 15.14 -48.90 -37.92
C ASP D 282 14.55 -48.30 -39.19
N GLU D 283 13.24 -48.46 -39.40
CA GLU D 283 12.59 -47.79 -40.52
C GLU D 283 12.72 -46.28 -40.43
N ILE D 284 12.55 -45.71 -39.22
CA ILE D 284 12.64 -44.26 -39.04
C ILE D 284 14.04 -43.76 -39.40
N GLU D 285 15.08 -44.39 -38.88
CA GLU D 285 16.44 -44.00 -39.25
C GLU D 285 16.72 -44.23 -40.73
N ASN D 286 16.19 -45.32 -41.31
CA ASN D 286 16.29 -45.53 -42.75
C ASN D 286 15.68 -44.38 -43.53
N MET D 287 14.47 -43.96 -43.15
CA MET D 287 13.81 -42.84 -43.78
C MET D 287 14.60 -41.55 -43.57
N MET D 288 15.18 -41.39 -42.38
CA MET D 288 16.02 -40.24 -42.07
C MET D 288 17.22 -40.22 -43.01
N ASN D 289 17.84 -41.38 -43.21
CA ASN D 289 18.99 -41.50 -44.10
C ASN D 289 18.59 -41.22 -45.54
N SER D 290 17.42 -41.72 -45.95
CA SER D 290 16.87 -41.45 -47.28
C SER D 290 16.67 -39.95 -47.49
N ILE D 291 16.04 -39.29 -46.52
CA ILE D 291 15.82 -37.84 -46.59
C ILE D 291 17.15 -37.11 -46.64
N PHE D 292 18.09 -37.51 -45.79
CA PHE D 292 19.38 -36.84 -45.67
C PHE D 292 20.16 -36.93 -46.97
N LYS D 293 20.26 -38.13 -47.55
CA LYS D 293 21.02 -38.31 -48.78
C LYS D 293 20.25 -37.85 -50.01
N GLY D 294 18.93 -37.79 -49.94
CA GLY D 294 18.16 -37.30 -51.07
C GLY D 294 18.06 -35.80 -51.13
N ILE D 295 18.22 -35.14 -49.99
CA ILE D 295 18.07 -33.70 -49.91
C ILE D 295 19.36 -33.00 -49.56
N PHE D 296 19.87 -33.25 -48.34
CA PHE D 296 20.93 -32.46 -47.73
C PHE D 296 22.17 -32.36 -48.60
N VAL D 297 22.63 -33.51 -49.14
CA VAL D 297 23.84 -33.57 -49.98
C VAL D 297 23.70 -32.67 -51.19
N HIS D 298 22.48 -32.45 -51.68
CA HIS D 298 22.27 -31.55 -52.79
C HIS D 298 22.08 -30.13 -52.28
N ARG D 299 21.65 -29.99 -51.03
CA ARG D 299 21.22 -28.72 -50.48
C ARG D 299 22.26 -28.10 -49.55
N TYR D 300 23.27 -28.86 -49.10
CA TYR D 300 24.39 -28.22 -48.40
C TYR D 300 25.27 -27.42 -49.36
N ARG D 301 25.13 -27.68 -50.66
CA ARG D 301 25.95 -27.08 -51.72
C ARG D 301 25.14 -26.20 -52.68
N ASP D 302 23.92 -25.81 -52.30
CA ASP D 302 23.00 -25.07 -53.16
C ASP D 302 23.61 -23.78 -53.71
N ALA D 303 23.16 -23.39 -54.91
CA ALA D 303 23.51 -22.09 -55.46
C ALA D 303 22.98 -20.96 -54.59
N ILE D 304 21.82 -21.16 -53.97
CA ILE D 304 21.25 -20.17 -53.07
C ILE D 304 21.88 -20.36 -51.70
N ALA D 305 22.55 -19.30 -51.21
CA ALA D 305 23.23 -19.36 -49.92
C ALA D 305 22.26 -19.59 -48.78
N GLU D 306 21.06 -19.01 -48.88
CA GLU D 306 20.04 -19.13 -47.84
C GLU D 306 19.65 -20.58 -47.60
N ILE D 307 19.60 -21.38 -48.66
CA ILE D 307 19.25 -22.79 -48.53
C ILE D 307 20.28 -23.54 -47.69
N ARG D 308 21.56 -23.27 -47.96
CA ARG D 308 22.66 -23.87 -47.20
C ARG D 308 22.57 -23.45 -45.73
N ALA D 309 22.26 -22.18 -45.50
CA ALA D 309 22.09 -21.67 -44.15
C ALA D 309 20.93 -22.34 -43.43
N ILE D 310 19.81 -22.55 -44.13
CA ILE D 310 18.68 -23.28 -43.57
C ILE D 310 19.09 -24.68 -43.15
N CYS D 311 19.89 -25.35 -44.01
CA CYS D 311 20.33 -26.71 -43.73
C CYS D 311 21.17 -26.76 -42.46
N ILE D 312 22.11 -25.82 -42.35
CA ILE D 312 22.97 -25.78 -41.17
C ILE D 312 22.17 -25.43 -39.92
N GLU D 313 21.17 -24.55 -40.07
CA GLU D 313 20.28 -24.22 -38.96
C GLU D 313 19.61 -25.46 -38.43
N GLU D 314 19.03 -26.23 -39.33
CA GLU D 314 18.24 -27.36 -38.89
C GLU D 314 19.10 -28.49 -38.38
N ILE D 315 20.29 -28.71 -38.95
CA ILE D 315 21.18 -29.72 -38.38
C ILE D 315 21.61 -29.32 -36.96
N GLY D 316 21.83 -28.03 -36.73
CA GLY D 316 22.10 -27.57 -35.37
C GLY D 316 20.92 -27.81 -34.44
N VAL D 317 19.71 -27.59 -34.95
CA VAL D 317 18.50 -27.86 -34.18
C VAL D 317 18.40 -29.33 -33.81
N TRP D 318 18.63 -30.23 -34.77
CA TRP D 318 18.50 -31.67 -34.50
C TRP D 318 19.53 -32.12 -33.48
N MET D 319 20.78 -31.67 -33.63
CA MET D 319 21.82 -32.10 -32.69
C MET D 319 21.60 -31.47 -31.31
N LYS D 320 20.95 -30.32 -31.26
CA LYS D 320 20.56 -29.78 -29.96
C LYS D 320 19.40 -30.58 -29.39
N MET D 321 18.58 -31.15 -30.26
CA MET D 321 17.33 -31.81 -29.94
C MET D 321 17.54 -33.27 -29.59
N TYR D 322 18.32 -33.99 -30.41
CA TYR D 322 18.61 -35.40 -30.17
C TYR D 322 20.13 -35.54 -30.23
N SER D 323 20.77 -35.05 -29.16
CA SER D 323 22.24 -35.02 -29.06
C SER D 323 22.87 -36.40 -28.98
N ASP D 324 22.28 -37.29 -28.18
CA ASP D 324 22.84 -38.61 -27.92
C ASP D 324 23.09 -39.45 -29.16
N ALA D 325 22.35 -39.22 -30.25
CA ALA D 325 22.49 -40.08 -31.43
C ALA D 325 23.20 -39.43 -32.60
N PHE D 326 23.34 -38.11 -32.63
CA PHE D 326 23.86 -37.43 -33.80
C PHE D 326 25.17 -36.71 -33.57
N LEU D 327 25.56 -36.44 -32.32
CA LEU D 327 26.72 -35.61 -32.04
C LEU D 327 27.99 -36.45 -32.16
N ASN D 328 28.36 -36.73 -33.41
CA ASN D 328 29.61 -37.43 -33.71
C ASN D 328 30.18 -36.86 -35.00
N ASP D 329 31.45 -37.21 -35.26
CA ASP D 329 32.19 -36.69 -36.42
C ASP D 329 31.48 -36.99 -37.73
N SER D 330 30.81 -38.14 -37.82
CA SER D 330 30.10 -38.56 -39.03
C SER D 330 29.11 -37.50 -39.53
N TYR D 331 28.55 -36.71 -38.63
CA TYR D 331 27.67 -35.62 -39.00
C TYR D 331 28.37 -34.26 -38.90
N LEU D 332 29.33 -34.17 -37.99
CA LEU D 332 30.12 -32.96 -37.82
C LEU D 332 30.87 -32.54 -39.08
N LYS D 333 31.33 -33.52 -39.87
CA LYS D 333 32.12 -33.22 -41.07
C LYS D 333 31.37 -32.31 -42.05
N TYR D 334 30.05 -32.46 -42.15
CA TYR D 334 29.27 -31.60 -43.02
C TYR D 334 29.33 -30.15 -42.55
N VAL D 335 29.17 -29.94 -41.24
CA VAL D 335 29.33 -28.63 -40.63
C VAL D 335 30.74 -28.10 -40.88
N GLY D 336 31.74 -28.96 -40.71
CA GLY D 336 33.12 -28.61 -41.03
C GLY D 336 33.29 -28.07 -42.43
N TRP D 337 32.64 -28.72 -43.41
CA TRP D 337 32.69 -28.21 -44.78
C TRP D 337 31.99 -26.87 -44.89
N THR D 338 30.85 -26.71 -44.24
CA THR D 338 30.08 -25.48 -44.38
C THR D 338 30.69 -24.30 -43.62
N LEU D 339 31.66 -24.54 -42.74
CA LEU D 339 32.43 -23.46 -42.15
C LEU D 339 33.18 -22.60 -43.16
N HIS D 340 33.38 -23.09 -44.38
CA HIS D 340 34.10 -22.37 -45.43
C HIS D 340 33.17 -21.62 -46.38
N ASP D 341 31.93 -21.41 -46.00
CA ASP D 341 30.99 -20.61 -46.79
C ASP D 341 31.51 -19.22 -47.10
N ARG D 342 31.16 -18.73 -48.29
CA ARG D 342 31.61 -17.43 -48.77
C ARG D 342 30.79 -16.26 -48.22
N GLN D 343 29.50 -16.46 -47.95
CA GLN D 343 28.61 -15.37 -47.56
C GLN D 343 28.49 -15.20 -46.05
N GLY D 344 28.49 -13.94 -45.63
CA GLY D 344 28.39 -13.60 -44.22
C GLY D 344 27.10 -14.05 -43.56
N GLU D 345 25.98 -13.95 -44.28
CA GLU D 345 24.67 -14.34 -43.73
C GLU D 345 24.70 -15.80 -43.28
N VAL D 346 25.22 -16.67 -44.15
CA VAL D 346 25.30 -18.10 -43.86
C VAL D 346 26.23 -18.33 -42.68
N ARG D 347 27.33 -17.59 -42.64
CA ARG D 347 28.27 -17.68 -41.53
C ARG D 347 27.59 -17.27 -40.24
N LEU D 348 26.73 -16.25 -40.27
CA LEU D 348 26.03 -15.85 -39.06
C LEU D 348 25.11 -16.95 -38.57
N LYS D 349 24.39 -17.60 -39.48
CA LYS D 349 23.52 -18.70 -39.05
C LYS D 349 24.31 -19.88 -38.50
N CYS D 350 25.41 -20.25 -39.17
CA CYS D 350 26.25 -21.35 -38.69
C CYS D 350 26.88 -21.01 -37.34
N LEU D 351 27.35 -19.78 -37.20
CA LEU D 351 27.96 -19.33 -35.96
C LEU D 351 26.97 -19.37 -34.80
N LYS D 352 25.73 -18.92 -35.04
CA LYS D 352 24.72 -18.97 -33.99
C LYS D 352 24.40 -20.40 -33.61
N ALA D 353 24.31 -21.28 -34.59
CA ALA D 353 24.04 -22.69 -34.28
C ALA D 353 25.19 -23.31 -33.48
N LEU D 354 26.43 -23.03 -33.87
CA LEU D 354 27.58 -23.56 -33.15
C LEU D 354 27.63 -23.02 -31.73
N GLN D 355 27.33 -21.73 -31.56
CA GLN D 355 27.32 -21.13 -30.24
C GLN D 355 26.25 -21.76 -29.35
N SER D 356 25.06 -21.97 -29.90
CA SER D 356 23.95 -22.52 -29.11
C SER D 356 24.23 -23.96 -28.70
N LEU D 357 24.77 -24.77 -29.61
CA LEU D 357 25.00 -26.19 -29.32
C LEU D 357 26.04 -26.43 -28.23
N TYR D 358 27.17 -25.72 -28.26
CA TYR D 358 28.23 -25.97 -27.27
C TYR D 358 27.83 -25.56 -25.86
N THR D 359 26.98 -24.54 -25.72
CA THR D 359 26.54 -24.04 -24.42
C THR D 359 25.59 -24.99 -23.72
N ASN D 360 24.99 -25.91 -24.47
CA ASN D 360 23.99 -26.82 -23.93
C ASN D 360 24.52 -27.69 -22.78
N ARG D 361 25.76 -28.14 -22.84
CA ARG D 361 26.24 -29.06 -21.80
C ARG D 361 27.45 -28.49 -21.04
N GLU D 362 27.31 -28.44 -19.70
CA GLU D 362 28.41 -28.03 -18.82
C GLU D 362 29.66 -28.86 -19.03
N LEU D 363 29.50 -30.18 -19.18
CA LEU D 363 30.60 -31.08 -19.44
C LEU D 363 30.46 -31.44 -20.91
N PHE D 364 31.56 -31.29 -21.64
CA PHE D 364 31.49 -31.37 -23.09
C PHE D 364 31.01 -32.73 -23.58
N PRO D 365 30.06 -32.75 -24.48
CA PRO D 365 29.70 -33.99 -25.18
C PRO D 365 30.49 -34.00 -26.48
N LYS D 366 31.30 -35.04 -26.73
CA LYS D 366 32.30 -35.19 -27.79
C LYS D 366 32.67 -33.91 -28.56
N LEU D 367 33.15 -34.03 -29.80
CA LEU D 367 33.50 -32.90 -30.70
C LEU D 367 34.87 -32.30 -30.37
N GLU D 368 35.63 -32.91 -29.46
CA GLU D 368 36.94 -32.37 -29.08
C GLU D 368 37.87 -32.35 -30.29
N LEU D 369 37.85 -33.43 -31.09
CA LEU D 369 38.65 -33.52 -32.30
C LEU D 369 38.26 -32.41 -33.27
N PHE D 370 36.95 -32.16 -33.40
CA PHE D 370 36.43 -31.13 -34.30
C PHE D 370 36.95 -29.77 -33.85
N THR D 371 36.94 -29.53 -32.52
CA THR D 371 37.42 -28.27 -31.98
C THR D 371 38.90 -28.10 -32.31
N ASN D 372 39.67 -29.18 -32.18
CA ASN D 372 41.09 -29.11 -32.50
C ASN D 372 41.29 -28.79 -33.97
N ARG D 373 40.49 -29.40 -34.84
CA ARG D 373 40.63 -29.20 -36.27
C ARG D 373 40.29 -27.77 -36.69
N PHE D 374 39.21 -27.20 -36.17
CA PHE D 374 38.75 -25.90 -36.66
C PHE D 374 38.99 -24.68 -35.76
N LYS D 375 39.57 -24.85 -34.56
CA LYS D 375 39.78 -23.74 -33.63
C LYS D 375 40.53 -22.56 -34.24
N ASP D 376 41.63 -22.84 -34.93
CA ASP D 376 42.47 -21.77 -35.46
C ASP D 376 41.75 -21.00 -36.55
N ARG D 377 41.04 -21.70 -37.43
CA ARG D 377 40.27 -21.00 -38.45
C ARG D 377 39.14 -20.17 -37.84
N ILE D 378 38.55 -20.62 -36.73
CA ILE D 378 37.55 -19.81 -36.04
C ILE D 378 38.18 -18.53 -35.48
N VAL D 379 39.32 -18.65 -34.82
CA VAL D 379 39.93 -17.46 -34.25
C VAL D 379 40.46 -16.54 -35.35
N SER D 380 40.76 -17.08 -36.53
CA SER D 380 41.06 -16.22 -37.67
C SER D 380 39.80 -15.55 -38.21
N MET D 381 38.65 -16.21 -38.08
CA MET D 381 37.38 -15.64 -38.53
C MET D 381 36.84 -14.61 -37.56
N THR D 382 37.47 -14.44 -36.40
CA THR D 382 37.07 -13.35 -35.50
C THR D 382 37.27 -11.95 -36.09
N LEU D 383 37.95 -11.80 -37.23
CA LEU D 383 38.12 -10.52 -37.88
C LEU D 383 37.33 -10.44 -39.18
N ASP D 384 36.14 -11.05 -39.19
CA ASP D 384 35.20 -10.93 -40.30
C ASP D 384 34.87 -9.47 -40.62
N LYS D 385 34.62 -9.23 -41.90
CA LYS D 385 34.14 -7.93 -42.36
C LYS D 385 32.81 -7.56 -41.72
N GLU D 386 31.97 -8.54 -41.43
CA GLU D 386 30.67 -8.30 -40.79
C GLU D 386 30.84 -8.37 -39.28
N TYR D 387 30.48 -7.28 -38.60
CA TYR D 387 30.69 -7.13 -37.16
C TYR D 387 29.95 -8.20 -36.35
N ASP D 388 28.73 -8.54 -36.77
CA ASP D 388 27.95 -9.58 -36.10
C ASP D 388 28.67 -10.92 -36.11
N VAL D 389 29.33 -11.25 -37.22
CA VAL D 389 30.11 -12.49 -37.29
C VAL D 389 31.21 -12.48 -36.26
N ALA D 390 31.89 -11.33 -36.13
CA ALA D 390 32.95 -11.20 -35.15
C ALA D 390 32.42 -11.38 -33.74
N VAL D 391 31.25 -10.82 -33.45
CA VAL D 391 30.63 -10.98 -32.13
C VAL D 391 30.39 -12.46 -31.83
N GLU D 392 29.80 -13.16 -32.79
CA GLU D 392 29.54 -14.58 -32.61
C GLU D 392 30.84 -15.36 -32.43
N ALA D 393 31.88 -14.98 -33.18
CA ALA D 393 33.19 -15.60 -33.06
C ALA D 393 33.80 -15.41 -31.66
N ILE D 394 33.73 -14.18 -31.14
CA ILE D 394 34.28 -13.92 -29.82
C ILE D 394 33.55 -14.71 -28.76
N ARG D 395 32.22 -14.76 -28.84
CA ARG D 395 31.49 -15.60 -27.90
C ARG D 395 31.88 -17.07 -28.03
N LEU D 396 32.17 -17.54 -29.25
CA LEU D 396 32.67 -18.91 -29.42
C LEU D 396 33.99 -19.12 -28.69
N VAL D 397 34.91 -18.18 -28.85
CA VAL D 397 36.19 -18.26 -28.15
C VAL D 397 35.98 -18.22 -26.63
N THR D 398 34.98 -17.46 -26.18
CA THR D 398 34.61 -17.47 -24.76
C THR D 398 34.18 -18.86 -24.32
N LEU D 399 33.43 -19.56 -25.17
CA LEU D 399 33.10 -20.95 -24.89
C LEU D 399 34.33 -21.83 -24.85
N ILE D 400 35.25 -21.62 -25.79
CA ILE D 400 36.51 -22.36 -25.80
C ILE D 400 37.26 -22.19 -24.49
N LEU D 401 37.22 -20.97 -23.94
CA LEU D 401 37.77 -20.73 -22.61
C LEU D 401 37.04 -21.52 -21.54
N HIS D 402 35.71 -21.47 -21.56
CA HIS D 402 34.92 -22.12 -20.52
C HIS D 402 35.11 -23.63 -20.50
N GLY D 403 35.15 -24.26 -21.68
CA GLY D 403 35.31 -25.70 -21.73
C GLY D 403 36.67 -26.20 -21.27
N SER D 404 37.73 -25.46 -21.57
CA SER D 404 39.06 -26.07 -21.51
C SER D 404 40.09 -25.26 -20.75
N GLU D 405 40.33 -24.03 -21.21
CA GLU D 405 41.45 -23.14 -20.90
C GLU D 405 42.79 -23.68 -21.40
N GLU D 406 42.79 -24.92 -21.88
CA GLU D 406 43.98 -25.56 -22.47
C GLU D 406 44.12 -25.20 -23.93
N ALA D 407 42.99 -25.14 -24.64
CA ALA D 407 42.98 -24.97 -26.10
C ALA D 407 43.57 -23.64 -26.52
N LEU D 408 43.33 -22.58 -25.76
CA LEU D 408 43.84 -21.27 -26.13
C LEU D 408 45.37 -21.22 -25.99
N SER D 409 46.00 -20.49 -26.90
CA SER D 409 47.42 -20.17 -26.82
C SER D 409 47.61 -18.73 -26.32
N ASN D 410 48.89 -18.38 -26.10
CA ASN D 410 49.23 -17.00 -25.73
C ASN D 410 48.90 -16.01 -26.84
N GLU D 411 49.25 -16.36 -28.09
CA GLU D 411 49.01 -15.46 -29.22
C GLU D 411 47.51 -15.21 -29.43
N ASP D 412 46.68 -16.22 -29.20
CA ASP D 412 45.23 -16.02 -29.27
C ASP D 412 44.77 -14.95 -28.29
N CYS D 413 45.28 -15.03 -27.05
CA CYS D 413 44.92 -14.05 -26.03
C CYS D 413 45.42 -12.66 -26.39
N GLU D 414 46.65 -12.57 -26.88
CA GLU D 414 47.19 -11.27 -27.30
C GLU D 414 46.37 -10.68 -28.45
N ASN D 415 46.00 -11.51 -29.44
CA ASN D 415 45.21 -11.05 -30.57
C ASN D 415 43.86 -10.51 -30.14
N VAL D 416 43.14 -11.24 -29.29
CA VAL D 416 41.84 -10.77 -28.83
C VAL D 416 41.98 -9.52 -27.94
N TYR D 417 43.02 -9.47 -27.10
CA TYR D 417 43.24 -8.28 -26.29
C TYR D 417 43.49 -7.05 -27.16
N HIS D 418 44.19 -7.24 -28.29
CA HIS D 418 44.24 -6.15 -29.26
C HIS D 418 42.86 -5.87 -29.85
N LEU D 419 42.02 -6.90 -29.99
CA LEU D 419 40.69 -6.67 -30.56
C LEU D 419 39.74 -5.96 -29.61
N VAL D 420 40.12 -5.81 -28.34
CA VAL D 420 39.32 -5.02 -27.40
C VAL D 420 39.20 -3.56 -27.83
N TYR D 421 40.16 -3.05 -28.61
CA TYR D 421 40.16 -1.66 -29.05
C TYR D 421 39.51 -1.44 -30.41
N SER D 422 38.73 -2.41 -30.91
CA SER D 422 38.00 -2.23 -32.17
C SER D 422 37.10 -0.99 -32.10
N ALA D 423 36.91 -0.38 -33.27
CA ALA D 423 35.99 0.77 -33.38
C ALA D 423 34.55 0.40 -33.04
N HIS D 424 34.15 -0.85 -33.24
CA HIS D 424 32.77 -1.26 -33.08
C HIS D 424 32.51 -1.67 -31.64
N ARG D 425 31.57 -1.00 -30.99
CA ARG D 425 31.30 -1.21 -29.56
C ARG D 425 30.91 -2.63 -29.14
N PRO D 426 30.00 -3.35 -29.83
CA PRO D 426 29.71 -4.73 -29.37
C PRO D 426 30.91 -5.66 -29.36
N VAL D 427 31.81 -5.52 -30.34
CA VAL D 427 33.02 -6.34 -30.38
C VAL D 427 33.84 -6.09 -29.12
N ALA D 428 34.01 -4.82 -28.77
CA ALA D 428 34.75 -4.46 -27.57
C ALA D 428 34.08 -4.99 -26.32
N VAL D 429 32.74 -4.95 -26.27
CA VAL D 429 32.01 -5.45 -25.11
C VAL D 429 32.27 -6.93 -24.91
N ALA D 430 32.13 -7.71 -25.97
CA ALA D 430 32.37 -9.15 -25.88
C ALA D 430 33.82 -9.45 -25.50
N ALA D 431 34.76 -8.68 -26.07
CA ALA D 431 36.16 -8.82 -25.71
C ALA D 431 36.40 -8.53 -24.23
N GLY D 432 35.67 -7.58 -23.67
CA GLY D 432 35.81 -7.30 -22.24
C GLY D 432 35.29 -8.44 -21.39
N GLU D 433 34.20 -9.08 -21.85
CA GLU D 433 33.72 -10.29 -21.18
C GLU D 433 34.79 -11.38 -21.22
N PHE D 434 35.44 -11.53 -22.38
CA PHE D 434 36.52 -12.51 -22.52
C PHE D 434 37.62 -12.25 -21.51
N LEU D 435 38.07 -11.00 -21.40
CA LEU D 435 39.13 -10.65 -20.45
C LEU D 435 38.72 -10.97 -19.01
N HIS D 436 37.49 -10.61 -18.66
CA HIS D 436 36.98 -10.86 -17.31
C HIS D 436 37.04 -12.35 -16.99
N LYS D 437 36.54 -13.19 -17.89
CA LYS D 437 36.55 -14.62 -17.60
C LYS D 437 37.95 -15.24 -17.72
N LYS D 438 38.85 -14.63 -18.50
CA LYS D 438 40.19 -15.18 -18.66
C LYS D 438 41.11 -14.95 -17.48
N LEU D 439 41.17 -13.73 -16.93
CA LEU D 439 42.28 -13.44 -16.02
C LEU D 439 41.84 -12.97 -14.66
N PHE D 440 40.56 -13.06 -14.34
CA PHE D 440 40.06 -12.45 -13.12
C PHE D 440 39.42 -13.52 -12.26
N SER D 441 40.04 -14.71 -12.25
CA SER D 441 39.58 -15.83 -11.45
C SER D 441 40.29 -15.89 -10.10
N ASN D 458 38.12 -5.67 0.23
CA ASN D 458 38.77 -4.61 -0.51
C ASN D 458 40.16 -5.02 -0.98
N SER D 459 40.90 -5.72 -0.11
CA SER D 459 42.24 -6.17 -0.46
C SER D 459 42.32 -7.15 -1.64
N PRO D 460 41.44 -8.16 -1.78
CA PRO D 460 41.51 -9.01 -2.99
C PRO D 460 41.31 -8.25 -4.30
N ASN D 461 40.42 -7.26 -4.28
CA ASN D 461 40.13 -6.46 -5.47
C ASN D 461 41.38 -5.73 -5.98
N GLY D 462 42.25 -5.28 -5.08
CA GLY D 462 43.46 -4.60 -5.50
C GLY D 462 44.38 -5.44 -6.38
N ASN D 463 44.49 -6.74 -6.09
CA ASN D 463 45.31 -7.62 -6.92
C ASN D 463 44.82 -7.69 -8.37
N LEU D 464 43.51 -7.71 -8.56
CA LEU D 464 42.96 -7.68 -9.92
C LEU D 464 43.34 -6.39 -10.62
N ILE D 465 43.33 -5.28 -9.87
CA ILE D 465 43.74 -3.99 -10.41
C ILE D 465 45.20 -4.03 -10.83
N ARG D 466 46.04 -4.68 -10.02
CA ARG D 466 47.46 -4.85 -10.36
C ARG D 466 47.61 -5.65 -11.65
N MET D 467 46.78 -6.68 -11.80
CA MET D 467 46.80 -7.48 -13.02
C MET D 467 46.40 -6.62 -14.22
N LEU D 468 45.40 -5.76 -14.01
CA LEU D 468 44.96 -4.85 -15.05
C LEU D 468 46.06 -3.87 -15.42
N VAL D 469 46.80 -3.40 -14.41
CA VAL D 469 47.91 -2.48 -14.65
C VAL D 469 48.98 -3.16 -15.49
N LEU D 470 49.24 -4.44 -15.22
CA LEU D 470 50.20 -5.18 -16.03
C LEU D 470 49.72 -5.32 -17.48
N PHE D 471 48.43 -5.65 -17.64
CA PHE D 471 47.85 -5.76 -18.98
C PHE D 471 47.89 -4.43 -19.73
N PHE D 472 47.71 -3.33 -19.01
CA PHE D 472 47.76 -2.01 -19.63
C PHE D 472 49.17 -1.64 -20.04
N LEU D 473 50.14 -1.92 -19.17
CA LEU D 473 51.52 -1.60 -19.47
C LEU D 473 52.09 -2.46 -20.59
N GLU D 474 51.58 -3.69 -20.76
CA GLU D 474 52.07 -4.51 -21.86
C GLU D 474 51.43 -4.19 -23.20
N SER D 475 50.33 -3.44 -23.23
CA SER D 475 49.73 -3.04 -24.50
C SER D 475 50.52 -1.84 -25.02
N GLU D 476 51.24 -2.05 -26.12
CA GLU D 476 52.05 -0.99 -26.71
C GLU D 476 51.26 -0.25 -27.80
N LEU D 477 49.96 -0.50 -27.89
CA LEU D 477 49.11 0.12 -28.91
C LEU D 477 48.40 1.36 -28.39
N HIS D 478 48.12 1.42 -27.09
CA HIS D 478 47.29 2.47 -26.50
C HIS D 478 47.96 3.02 -25.26
N GLU D 479 48.01 4.35 -25.16
CA GLU D 479 48.64 5.02 -24.05
C GLU D 479 47.65 5.62 -23.04
N HIS D 480 46.35 5.45 -23.24
CA HIS D 480 45.36 5.94 -22.29
C HIS D 480 44.32 4.86 -22.05
N ALA D 481 43.65 4.96 -20.91
CA ALA D 481 42.86 3.85 -20.38
C ALA D 481 41.36 3.97 -20.60
N ALA D 482 40.90 5.04 -21.27
CA ALA D 482 39.47 5.31 -21.42
C ALA D 482 38.72 4.15 -22.06
N TYR D 483 39.35 3.47 -22.99
CA TYR D 483 38.66 2.43 -23.73
C TYR D 483 38.68 1.07 -23.04
N LEU D 484 39.71 0.76 -22.25
CA LEU D 484 39.66 -0.45 -21.43
C LEU D 484 38.46 -0.45 -20.50
N VAL D 485 38.29 0.63 -19.73
CA VAL D 485 37.13 0.74 -18.86
C VAL D 485 35.86 0.79 -19.69
N ASP D 486 35.90 1.51 -20.83
CA ASP D 486 34.74 1.58 -21.71
C ASP D 486 34.26 0.20 -22.15
N SER D 487 35.19 -0.66 -22.53
CA SER D 487 34.84 -2.02 -22.92
C SER D 487 34.41 -2.86 -21.72
N LEU D 488 34.91 -2.53 -20.53
CA LEU D 488 34.56 -3.30 -19.34
C LEU D 488 33.32 -2.79 -18.62
N TRP D 489 32.82 -1.62 -18.99
CA TRP D 489 31.80 -0.92 -18.22
C TRP D 489 30.52 -1.73 -18.04
N GLU D 490 30.10 -2.47 -19.07
CA GLU D 490 28.86 -3.24 -18.97
C GLU D 490 28.97 -4.37 -17.96
N SER D 491 30.08 -5.09 -17.94
CA SER D 491 30.14 -6.36 -17.23
C SER D 491 30.89 -6.34 -15.91
N SER D 492 31.93 -5.52 -15.77
CA SER D 492 32.74 -5.51 -14.55
C SER D 492 32.66 -4.19 -13.77
N GLN D 493 31.54 -3.47 -13.89
CA GLN D 493 31.39 -2.17 -13.25
C GLN D 493 31.53 -2.26 -11.73
N GLU D 494 31.04 -3.35 -11.13
CA GLU D 494 31.19 -3.57 -9.69
C GLU D 494 32.66 -3.61 -9.28
N LEU D 495 33.52 -4.23 -10.09
CA LEU D 495 34.96 -4.16 -9.85
C LEU D 495 35.45 -2.73 -10.01
N LEU D 496 34.89 -2.00 -10.96
CA LEU D 496 35.36 -0.65 -11.26
C LEU D 496 35.02 0.35 -10.17
N LYS D 497 34.10 0.02 -9.26
CA LYS D 497 33.71 0.95 -8.22
C LYS D 497 34.51 0.76 -6.95
N ASP D 498 35.55 -0.07 -6.97
CA ASP D 498 36.38 -0.30 -5.79
C ASP D 498 37.39 0.84 -5.60
N TRP D 499 36.86 2.04 -5.44
CA TRP D 499 37.69 3.21 -5.22
C TRP D 499 38.36 3.18 -3.86
N GLU D 500 37.67 2.59 -2.87
CA GLU D 500 38.19 2.41 -1.52
C GLU D 500 39.56 1.75 -1.50
N CYS D 501 39.64 0.56 -2.08
CA CYS D 501 40.91 -0.17 -2.10
C CYS D 501 41.97 0.59 -2.87
N MET D 502 41.59 1.16 -4.01
CA MET D 502 42.53 1.95 -4.80
C MET D 502 43.10 3.10 -3.98
N THR D 503 42.27 3.74 -3.16
CA THR D 503 42.73 4.75 -2.22
C THR D 503 43.72 4.14 -1.22
N GLU D 504 43.41 2.94 -0.74
CA GLU D 504 44.27 2.28 0.25
C GLU D 504 45.68 2.06 -0.30
N LEU D 505 45.78 1.53 -1.52
CA LEU D 505 47.08 1.28 -2.14
C LEU D 505 47.89 2.55 -2.35
N LEU D 506 47.22 3.70 -2.52
CA LEU D 506 47.94 4.92 -2.82
C LEU D 506 48.69 5.53 -1.65
N LEU D 507 48.50 5.07 -0.42
CA LEU D 507 49.12 5.77 0.70
C LEU D 507 50.18 4.98 1.42
N GLU D 508 49.87 3.78 1.92
CA GLU D 508 50.63 3.24 3.04
C GLU D 508 51.27 1.90 2.69
N MET D 517 55.25 -0.46 -5.33
CA MET D 517 54.61 0.01 -6.55
C MET D 517 55.52 0.95 -7.33
N SER D 518 55.73 0.63 -8.61
CA SER D 518 56.45 1.52 -9.49
C SER D 518 55.69 2.83 -9.70
N ASP D 519 56.44 3.93 -9.78
CA ASP D 519 55.84 5.25 -9.92
C ASP D 519 55.14 5.39 -11.27
N ARG D 520 55.60 4.62 -12.25
CA ARG D 520 54.90 4.54 -13.53
C ARG D 520 53.55 3.85 -13.37
N GLN D 521 53.50 2.84 -12.50
CA GLN D 521 52.25 2.15 -12.23
C GLN D 521 51.28 3.05 -11.48
N GLU D 522 51.80 3.85 -10.55
CA GLU D 522 50.96 4.81 -9.84
C GLU D 522 50.38 5.86 -10.79
N SER D 523 51.20 6.37 -11.70
CA SER D 523 50.71 7.36 -12.66
C SER D 523 49.62 6.76 -13.55
N ALA D 524 49.86 5.56 -14.06
CA ALA D 524 48.85 4.90 -14.90
C ALA D 524 47.58 4.59 -14.11
N LEU D 525 47.74 4.21 -12.84
CA LEU D 525 46.61 3.94 -11.97
C LEU D 525 45.75 5.17 -11.77
N ILE D 526 46.37 6.33 -11.56
CA ILE D 526 45.63 7.59 -11.47
C ILE D 526 44.88 7.85 -12.77
N GLU D 527 45.56 7.69 -13.92
CA GLU D 527 44.94 7.93 -15.21
C GLU D 527 43.69 7.08 -15.43
N LEU D 528 43.83 5.76 -15.23
CA LEU D 528 42.67 4.87 -15.37
C LEU D 528 41.57 5.22 -14.39
N MET D 529 41.92 5.60 -13.17
CA MET D 529 40.90 6.01 -12.20
C MET D 529 40.09 7.20 -12.72
N VAL D 530 40.77 8.18 -13.32
CA VAL D 530 40.08 9.34 -13.88
C VAL D 530 39.15 8.91 -15.00
N CYS D 531 39.61 7.96 -15.82
CA CYS D 531 38.77 7.50 -16.93
C CYS D 531 37.51 6.82 -16.40
N THR D 532 37.66 6.01 -15.35
CA THR D 532 36.52 5.40 -14.70
C THR D 532 35.56 6.44 -14.16
N ILE D 533 36.11 7.51 -13.59
CA ILE D 533 35.26 8.56 -13.02
C ILE D 533 34.41 9.20 -14.10
N ARG D 534 35.04 9.54 -15.24
CA ARG D 534 34.28 10.09 -16.35
C ARG D 534 33.19 9.14 -16.81
N GLN D 535 33.53 7.85 -16.95
CA GLN D 535 32.53 6.88 -17.42
C GLN D 535 31.37 6.76 -16.45
N ALA D 536 31.65 6.78 -15.15
CA ALA D 536 30.58 6.72 -14.16
C ALA D 536 29.68 7.95 -14.23
N ALA D 537 30.28 9.14 -14.40
CA ALA D 537 29.51 10.37 -14.37
C ALA D 537 28.52 10.46 -15.53
N GLU D 538 28.97 10.12 -16.72
CA GLU D 538 28.16 10.27 -17.93
C GLU D 538 28.00 8.91 -18.59
N ALA D 539 26.74 8.54 -18.87
CA ALA D 539 26.48 7.24 -19.48
C ALA D 539 27.07 7.11 -20.88
N HIS D 540 26.96 8.14 -21.72
CA HIS D 540 27.44 7.98 -23.08
C HIS D 540 28.96 7.84 -23.12
N PRO D 541 29.48 6.94 -23.93
CA PRO D 541 30.92 6.75 -24.04
C PRO D 541 31.55 7.87 -24.83
N PRO D 542 32.87 8.02 -24.79
CA PRO D 542 33.53 9.06 -25.60
C PRO D 542 33.32 8.83 -27.09
N VAL D 543 33.43 9.93 -27.84
CA VAL D 543 33.13 9.97 -29.26
C VAL D 543 33.88 8.89 -30.04
N GLY D 544 33.20 8.30 -31.01
CA GLY D 544 33.72 7.22 -31.81
C GLY D 544 33.41 5.85 -31.29
N ARG D 545 32.79 5.76 -30.12
CA ARG D 545 32.34 4.50 -29.56
C ARG D 545 30.83 4.38 -29.50
N GLY D 546 30.11 5.49 -29.52
CA GLY D 546 28.68 5.40 -29.32
C GLY D 546 27.82 5.60 -30.55
N THR D 547 27.06 4.54 -30.87
CA THR D 547 26.11 4.61 -31.97
C THR D 547 24.99 5.58 -31.67
N GLY D 548 24.48 5.57 -30.43
CA GLY D 548 23.40 6.44 -30.04
C GLY D 548 23.89 7.52 -29.09
N LYS D 549 23.55 8.77 -29.43
CA LYS D 549 23.98 9.92 -28.65
C LYS D 549 23.38 9.90 -27.25
N ARG D 550 22.10 9.54 -27.15
CA ARG D 550 21.35 9.55 -25.91
C ARG D 550 20.94 8.13 -25.54
N VAL D 551 21.36 7.66 -24.37
CA VAL D 551 20.91 6.40 -23.80
C VAL D 551 20.46 6.67 -22.37
N LEU D 552 19.20 6.38 -22.08
CA LEU D 552 18.63 6.66 -20.77
C LEU D 552 17.86 5.45 -20.25
N THR D 553 18.19 5.01 -19.04
CA THR D 553 17.44 3.97 -18.37
C THR D 553 17.22 4.40 -16.92
N ALA D 554 16.13 3.91 -16.33
CA ALA D 554 15.82 4.26 -14.95
C ALA D 554 16.92 3.78 -14.01
N LYS D 555 17.40 2.56 -14.27
CA LYS D 555 18.48 1.99 -13.48
C LYS D 555 19.72 2.86 -13.61
N GLU D 556 19.97 3.36 -14.82
CA GLU D 556 21.10 4.26 -15.05
C GLU D 556 20.95 5.52 -14.22
N ARG D 557 19.73 6.06 -14.15
CA ARG D 557 19.50 7.29 -13.40
C ARG D 557 19.74 7.09 -11.90
N LYS D 558 19.20 6.01 -11.33
CA LYS D 558 19.40 5.74 -9.91
C LYS D 558 20.86 5.47 -9.62
N THR D 559 21.50 4.68 -10.49
CA THR D 559 22.91 4.35 -10.34
C THR D 559 23.75 5.61 -10.43
N GLN D 560 23.38 6.52 -11.34
CA GLN D 560 24.11 7.76 -11.52
C GLN D 560 24.06 8.60 -10.25
N ILE D 561 22.87 8.65 -9.61
CA ILE D 561 22.74 9.41 -8.37
C ILE D 561 23.60 8.81 -7.26
N ASP D 562 23.54 7.48 -7.09
CA ASP D 562 24.34 6.84 -6.04
C ASP D 562 25.84 6.97 -6.30
N ASP D 563 26.25 6.79 -7.56
CA ASP D 563 27.66 6.93 -7.91
C ASP D 563 28.14 8.32 -7.62
N ARG D 564 27.31 9.32 -7.91
CA ARG D 564 27.69 10.69 -7.62
C ARG D 564 27.91 10.88 -6.13
N ASN D 565 27.02 10.29 -5.31
CA ASN D 565 27.15 10.45 -3.85
C ASN D 565 28.42 9.79 -3.34
N LYS D 566 28.73 8.60 -3.84
CA LYS D 566 29.89 7.88 -3.31
C LYS D 566 31.18 8.52 -3.77
N LEU D 567 31.23 8.93 -5.04
CA LEU D 567 32.42 9.59 -5.55
C LEU D 567 32.69 10.88 -4.79
N THR D 568 31.66 11.68 -4.57
CA THR D 568 31.84 12.91 -3.80
C THR D 568 32.37 12.62 -2.40
N GLU D 569 31.66 11.78 -1.63
CA GLU D 569 32.07 11.52 -0.25
C GLU D 569 33.50 10.98 -0.17
N HIS D 570 33.90 10.16 -1.15
CA HIS D 570 35.26 9.64 -1.14
C HIS D 570 36.28 10.73 -1.43
N PHE D 571 36.08 11.49 -2.52
CA PHE D 571 37.18 12.33 -2.95
C PHE D 571 37.27 13.64 -2.19
N ILE D 572 36.20 14.05 -1.49
CA ILE D 572 36.33 15.19 -0.57
C ILE D 572 37.34 14.90 0.52
N ILE D 573 37.41 13.65 0.98
CA ILE D 573 38.43 13.32 1.94
C ILE D 573 39.77 13.10 1.26
N THR D 574 39.77 12.40 0.12
CA THR D 574 41.05 11.90 -0.38
C THR D 574 41.88 12.91 -1.18
N LEU D 575 41.27 13.82 -1.94
CA LEU D 575 42.04 14.67 -2.87
C LEU D 575 43.16 15.52 -2.29
N PRO D 576 42.99 16.29 -1.19
CA PRO D 576 44.13 17.05 -0.66
C PRO D 576 45.36 16.22 -0.34
N MET D 577 45.16 15.03 0.20
CA MET D 577 46.29 14.13 0.46
C MET D 577 47.00 13.75 -0.83
N LEU D 578 46.24 13.52 -1.90
CA LEU D 578 46.83 13.20 -3.20
C LEU D 578 47.66 14.36 -3.73
N LEU D 579 47.11 15.59 -3.67
CA LEU D 579 47.88 16.76 -4.12
C LEU D 579 49.17 16.91 -3.32
N SER D 580 49.08 16.72 -2.00
CA SER D 580 50.29 16.75 -1.18
C SER D 580 51.29 15.70 -1.63
N LYS D 581 50.81 14.50 -1.95
CA LYS D 581 51.70 13.40 -2.31
C LYS D 581 52.42 13.65 -3.63
N TYR D 582 51.71 14.09 -4.66
CA TYR D 582 52.28 14.13 -6.01
C TYR D 582 52.43 15.53 -6.60
N SER D 583 52.55 16.57 -5.75
CA SER D 583 52.57 17.95 -6.23
C SER D 583 53.66 18.22 -7.26
N ALA D 584 54.77 17.49 -7.22
CA ALA D 584 55.83 17.72 -8.19
C ALA D 584 55.44 17.29 -9.59
N ASP D 585 54.53 16.32 -9.73
CA ASP D 585 54.19 15.75 -11.03
C ASP D 585 53.03 16.52 -11.66
N ALA D 586 53.30 17.15 -12.80
CA ALA D 586 52.29 17.95 -13.49
C ALA D 586 51.16 17.09 -14.05
N GLU D 587 51.50 15.97 -14.70
CA GLU D 587 50.49 15.12 -15.34
C GLU D 587 49.47 14.59 -14.33
N LYS D 588 49.92 14.21 -13.14
CA LYS D 588 49.02 13.63 -12.15
C LYS D 588 48.00 14.66 -11.65
N VAL D 589 48.48 15.85 -11.29
CA VAL D 589 47.56 16.91 -10.88
C VAL D 589 46.64 17.30 -12.03
N ALA D 590 47.17 17.36 -13.26
CA ALA D 590 46.35 17.68 -14.43
C ALA D 590 45.23 16.68 -14.60
N ASN D 591 45.50 15.40 -14.35
CA ASN D 591 44.45 14.40 -14.37
C ASN D 591 43.48 14.62 -13.22
N LEU D 592 43.99 14.83 -12.02
CA LEU D 592 43.15 14.93 -10.84
C LEU D 592 42.21 16.12 -10.90
N LEU D 593 42.61 17.20 -11.59
CA LEU D 593 41.77 18.38 -11.64
C LEU D 593 40.47 18.17 -12.40
N GLN D 594 40.37 17.11 -13.19
CA GLN D 594 39.11 16.85 -13.86
C GLN D 594 38.07 16.29 -12.89
N ILE D 595 38.50 15.85 -11.71
CA ILE D 595 37.58 15.24 -10.76
C ILE D 595 36.51 16.22 -10.26
N PRO D 596 36.82 17.45 -9.85
CA PRO D 596 35.75 18.31 -9.28
C PRO D 596 34.69 18.74 -10.27
N GLN D 597 34.91 18.58 -11.58
CA GLN D 597 33.93 19.01 -12.56
C GLN D 597 32.63 18.23 -12.47
N TYR D 598 32.64 17.09 -11.79
CA TYR D 598 31.51 16.21 -11.70
C TYR D 598 30.83 16.18 -10.33
N PHE D 599 31.25 17.02 -9.39
CA PHE D 599 30.71 16.94 -8.04
C PHE D 599 29.29 17.49 -7.98
N ASP D 600 28.45 16.81 -7.22
CA ASP D 600 27.27 17.43 -6.62
C ASP D 600 27.74 18.42 -5.57
N LEU D 601 27.54 19.70 -5.83
CA LEU D 601 28.07 20.73 -4.96
C LEU D 601 27.27 20.94 -3.68
N GLU D 602 26.05 20.41 -3.59
CA GLU D 602 25.28 20.46 -2.35
C GLU D 602 26.02 19.78 -1.20
N ILE D 603 26.80 18.74 -1.51
CA ILE D 603 27.40 17.88 -0.50
C ILE D 603 28.41 18.63 0.36
N TYR D 604 29.01 19.70 -0.16
CA TYR D 604 29.84 20.56 0.68
C TYR D 604 29.03 21.19 1.79
N SER D 605 27.75 21.45 1.55
CA SER D 605 26.90 22.07 2.55
C SER D 605 26.31 21.01 3.48
N THR D 606 25.64 20.02 2.89
CA THR D 606 24.92 19.04 3.70
C THR D 606 25.85 18.15 4.51
N GLY D 607 27.06 17.90 4.02
CA GLY D 607 28.03 17.10 4.75
C GLY D 607 28.79 17.76 5.86
N ARG D 608 28.69 19.08 6.00
CA ARG D 608 29.41 19.86 7.03
C ARG D 608 30.92 19.72 6.87
N MET D 609 31.41 19.91 5.65
CA MET D 609 32.78 19.51 5.30
C MET D 609 33.64 20.67 4.81
N GLU D 610 33.28 21.91 5.17
CA GLU D 610 33.91 23.11 4.59
C GLU D 610 35.41 23.19 4.87
N LYS D 611 35.87 22.58 5.98
CA LYS D 611 37.29 22.53 6.26
C LYS D 611 38.06 21.76 5.19
N HIS D 612 37.50 20.66 4.70
CA HIS D 612 38.19 19.94 3.64
C HIS D 612 38.24 20.76 2.37
N LEU D 613 37.20 21.55 2.13
CA LEU D 613 37.23 22.52 1.03
C LEU D 613 38.38 23.50 1.20
N ASP D 614 38.57 24.00 2.43
CA ASP D 614 39.70 24.89 2.72
C ASP D 614 41.04 24.21 2.47
N ALA D 615 41.14 22.93 2.85
CA ALA D 615 42.34 22.16 2.56
C ALA D 615 42.57 22.03 1.07
N LEU D 616 41.49 21.80 0.33
CA LEU D 616 41.57 21.72 -1.13
C LEU D 616 42.11 23.00 -1.72
N LEU D 617 41.55 24.14 -1.31
CA LEU D 617 42.00 25.41 -1.89
C LEU D 617 43.43 25.74 -1.50
N LYS D 618 43.86 25.40 -0.28
CA LYS D 618 45.25 25.66 0.08
C LYS D 618 46.21 24.79 -0.73
N GLN D 619 45.91 23.50 -0.82
CA GLN D 619 46.81 22.60 -1.54
C GLN D 619 46.86 22.94 -3.01
N ILE D 620 45.70 23.18 -3.63
CA ILE D 620 45.68 23.59 -5.03
C ILE D 620 46.43 24.89 -5.24
N LYS D 621 46.34 25.83 -4.29
CA LYS D 621 47.12 27.07 -4.38
C LYS D 621 48.61 26.78 -4.46
N PHE D 622 49.09 25.92 -3.56
CA PHE D 622 50.51 25.56 -3.56
C PHE D 622 50.90 24.89 -4.88
N VAL D 623 50.03 24.03 -5.40
CA VAL D 623 50.26 23.36 -6.68
C VAL D 623 50.38 24.38 -7.81
N VAL D 624 49.47 25.36 -7.85
CA VAL D 624 49.54 26.43 -8.83
C VAL D 624 50.88 27.15 -8.71
N GLU D 625 51.34 27.36 -7.49
CA GLU D 625 52.59 28.08 -7.30
C GLU D 625 53.79 27.27 -7.73
N LYS D 626 53.70 25.93 -7.80
CA LYS D 626 54.89 25.17 -8.16
C LYS D 626 55.01 24.71 -9.61
N HIS D 627 53.94 24.73 -10.42
CA HIS D 627 54.05 24.33 -11.81
C HIS D 627 53.71 25.44 -12.77
N VAL D 628 54.30 25.38 -13.96
CA VAL D 628 54.08 26.38 -14.99
C VAL D 628 53.58 25.80 -16.31
N GLU D 629 53.44 24.47 -16.43
CA GLU D 629 52.90 23.92 -17.67
C GLU D 629 51.44 24.35 -17.79
N SER D 630 51.08 24.81 -18.99
CA SER D 630 49.82 25.52 -19.23
C SER D 630 48.57 24.70 -18.89
N ASP D 631 48.57 23.40 -19.19
CA ASP D 631 47.37 22.59 -19.03
C ASP D 631 46.88 22.55 -17.58
N VAL D 632 47.80 22.43 -16.62
CA VAL D 632 47.41 22.46 -15.21
C VAL D 632 46.74 23.79 -14.86
N LEU D 633 47.24 24.90 -15.40
CA LEU D 633 46.61 26.18 -15.12
C LEU D 633 45.22 26.28 -15.73
N GLU D 634 45.05 25.74 -16.94
CA GLU D 634 43.71 25.68 -17.53
C GLU D 634 42.76 24.87 -16.66
N ALA D 635 43.21 23.69 -16.22
CA ALA D 635 42.40 22.82 -15.39
C ALA D 635 42.02 23.49 -14.07
N CYS D 636 43.00 24.05 -13.36
CA CYS D 636 42.72 24.69 -12.08
C CYS D 636 41.75 25.84 -12.24
N SER D 637 41.94 26.65 -13.28
CA SER D 637 41.04 27.76 -13.53
C SER D 637 39.62 27.27 -13.76
N LYS D 638 39.46 26.23 -14.58
CA LYS D 638 38.15 25.65 -14.81
C LYS D 638 37.54 25.11 -13.51
N THR D 639 38.37 24.53 -12.64
CA THR D 639 37.85 24.06 -11.36
C THR D 639 37.30 25.21 -10.52
N TYR D 640 38.05 26.31 -10.47
CA TYR D 640 37.51 27.49 -9.78
C TYR D 640 36.25 28.01 -10.43
N SER D 641 36.14 27.92 -11.75
CA SER D 641 34.91 28.33 -12.43
C SER D 641 33.72 27.49 -11.97
N ILE D 642 33.92 26.17 -11.90
CA ILE D 642 32.87 25.30 -11.36
C ILE D 642 32.58 25.66 -9.91
N LEU D 643 33.63 25.89 -9.12
CA LEU D 643 33.43 26.22 -7.71
C LEU D 643 32.78 27.58 -7.52
N CYS D 644 33.00 28.53 -8.42
CA CYS D 644 32.29 29.79 -8.30
C CYS D 644 30.98 29.78 -9.05
N SER D 645 30.22 28.70 -8.94
CA SER D 645 28.87 28.66 -9.46
C SER D 645 27.94 29.32 -8.46
N GLU D 646 27.15 30.27 -8.94
CA GLU D 646 26.39 31.14 -8.06
C GLU D 646 25.02 30.57 -7.71
N GLU D 647 24.81 29.28 -7.95
CA GLU D 647 23.62 28.60 -7.48
C GLU D 647 23.88 27.87 -6.15
N TYR D 648 25.10 27.94 -5.62
CA TYR D 648 25.45 27.23 -4.41
C TYR D 648 26.00 28.18 -3.37
N THR D 649 25.68 27.89 -2.10
CA THR D 649 26.07 28.72 -0.96
C THR D 649 27.57 28.88 -0.78
N ILE D 650 28.38 27.97 -1.33
CA ILE D 650 29.80 27.95 -1.02
C ILE D 650 30.57 29.09 -1.65
N GLN D 651 30.04 29.66 -2.74
CA GLN D 651 30.72 30.60 -3.64
C GLN D 651 31.56 31.70 -3.00
N ASN D 652 31.01 32.35 -1.97
CA ASN D 652 31.65 33.55 -1.41
C ASN D 652 33.04 33.28 -0.84
N ARG D 653 33.21 32.16 -0.14
CA ARG D 653 34.49 31.84 0.48
C ARG D 653 35.58 31.66 -0.57
N VAL D 654 35.29 30.87 -1.60
CA VAL D 654 36.27 30.61 -2.63
C VAL D 654 36.56 31.87 -3.44
N ASP D 655 35.53 32.69 -3.70
CA ASP D 655 35.76 33.93 -4.43
C ASP D 655 36.68 34.88 -3.66
N ILE D 656 36.50 34.97 -2.35
CA ILE D 656 37.39 35.79 -1.53
C ILE D 656 38.84 35.28 -1.59
N ALA D 657 39.02 33.95 -1.43
CA ALA D 657 40.38 33.42 -1.50
C ALA D 657 40.99 33.66 -2.88
N ARG D 658 40.16 33.53 -3.92
CA ARG D 658 40.57 33.86 -5.28
C ARG D 658 41.02 35.31 -5.37
N SER D 659 40.26 36.23 -4.74
CA SER D 659 40.65 37.63 -4.71
C SER D 659 42.00 37.82 -4.04
N GLN D 660 42.33 36.97 -3.07
CA GLN D 660 43.65 37.09 -2.46
C GLN D 660 44.71 36.66 -3.46
N LEU D 661 44.42 35.58 -4.19
CA LEU D 661 45.31 35.15 -5.27
C LEU D 661 45.49 36.24 -6.32
N ILE D 662 44.43 36.98 -6.64
CA ILE D 662 44.56 37.98 -7.70
C ILE D 662 45.34 39.19 -7.20
N ASP D 663 45.24 39.52 -5.91
CA ASP D 663 46.17 40.51 -5.35
C ASP D 663 47.61 40.08 -5.52
N GLU D 664 47.90 38.79 -5.26
CA GLU D 664 49.25 38.27 -5.49
C GLU D 664 49.67 38.44 -6.95
N PHE D 665 48.76 38.11 -7.85
CA PHE D 665 49.09 38.14 -9.27
C PHE D 665 49.34 39.56 -9.75
N VAL D 666 48.50 40.50 -9.31
CA VAL D 666 48.68 41.89 -9.73
C VAL D 666 49.97 42.47 -9.14
N ASP D 667 50.33 42.10 -7.90
CA ASP D 667 51.58 42.63 -7.35
C ASP D 667 52.78 42.17 -8.18
N ARG D 668 52.79 40.88 -8.57
CA ARG D 668 53.86 40.45 -9.47
C ARG D 668 53.80 41.20 -10.79
N PHE D 669 52.58 41.46 -11.29
CA PHE D 669 52.43 42.24 -12.53
C PHE D 669 53.02 43.63 -12.36
N ASN D 670 52.84 44.24 -11.19
CA ASN D 670 53.38 45.57 -10.90
C ASN D 670 54.89 45.53 -10.99
N HIS D 671 55.51 44.48 -10.43
CA HIS D 671 56.94 44.33 -10.56
C HIS D 671 57.36 44.18 -12.01
N SER D 672 56.56 43.43 -12.78
CA SER D 672 56.89 43.18 -14.18
C SER D 672 56.87 44.47 -15.00
N VAL D 673 55.81 45.27 -14.83
CA VAL D 673 55.72 46.51 -15.61
C VAL D 673 56.80 47.49 -15.18
N GLU D 674 57.08 47.60 -13.88
CA GLU D 674 58.12 48.53 -13.45
C GLU D 674 59.50 48.11 -13.96
N ASP D 675 59.81 46.80 -13.89
CA ASP D 675 61.11 46.32 -14.36
C ASP D 675 61.30 46.52 -15.86
N LEU D 676 60.30 46.18 -16.68
CA LEU D 676 60.46 46.40 -18.12
C LEU D 676 60.49 47.87 -18.50
N LEU D 677 59.63 48.69 -17.89
CA LEU D 677 59.59 50.12 -18.25
C LEU D 677 60.89 50.84 -17.91
N GLN D 678 61.48 50.54 -16.77
CA GLN D 678 62.73 51.21 -16.42
C GLN D 678 63.88 50.58 -17.18
N GLU D 679 65.05 51.23 -17.09
CA GLU D 679 66.27 50.70 -17.68
C GLU D 679 66.61 49.35 -17.06
N GLY D 680 66.53 49.28 -15.73
CA GLY D 680 66.70 48.03 -14.99
C GLY D 680 68.00 47.31 -15.27
N GLU D 681 67.88 46.03 -15.64
CA GLU D 681 69.00 45.17 -15.92
C GLU D 681 69.24 44.98 -17.41
N GLU D 682 68.75 45.91 -18.23
CA GLU D 682 68.93 45.91 -19.69
C GLU D 682 68.36 44.66 -20.35
N ALA D 683 67.12 44.32 -19.99
CA ALA D 683 66.37 43.21 -20.56
C ALA D 683 67.05 41.86 -20.36
N ASP D 684 67.51 41.60 -19.14
CA ASP D 684 68.11 40.32 -18.82
C ASP D 684 67.09 39.19 -18.97
N ASP D 685 67.60 38.01 -19.37
CA ASP D 685 66.73 36.86 -19.65
C ASP D 685 65.96 36.40 -18.41
N ASP D 686 66.59 36.45 -17.24
CA ASP D 686 65.97 35.97 -16.01
C ASP D 686 64.71 36.76 -15.66
N ASP D 687 64.80 38.09 -15.75
CA ASP D 687 63.62 38.91 -15.50
C ASP D 687 62.53 38.60 -16.52
N ILE D 688 62.94 38.40 -17.78
CA ILE D 688 61.99 38.09 -18.85
C ILE D 688 61.26 36.80 -18.55
N TYR D 689 62.00 35.80 -18.04
CA TYR D 689 61.40 34.52 -17.69
C TYR D 689 60.39 34.69 -16.56
N ASN D 690 60.74 35.51 -15.55
CA ASN D 690 59.82 35.73 -14.43
C ASN D 690 58.53 36.38 -14.91
N VAL D 691 58.67 37.39 -15.78
CA VAL D 691 57.51 38.11 -16.29
C VAL D 691 56.67 37.19 -17.14
N LEU D 692 57.33 36.30 -17.89
CA LEU D 692 56.62 35.40 -18.79
C LEU D 692 55.82 34.38 -17.99
N SER D 693 56.43 33.80 -16.96
CA SER D 693 55.73 32.83 -16.12
C SER D 693 54.52 33.46 -15.45
N THR D 694 54.72 34.65 -14.85
CA THR D 694 53.61 35.34 -14.21
C THR D 694 52.53 35.69 -15.21
N LEU D 695 52.92 36.17 -16.39
CA LEU D 695 51.98 36.53 -17.44
C LEU D 695 51.17 35.31 -17.88
N LYS D 696 51.82 34.15 -18.00
CA LYS D 696 51.11 32.92 -18.33
C LYS D 696 50.04 32.60 -17.29
N ARG D 697 50.39 32.74 -16.01
CA ARG D 697 49.39 32.51 -14.96
C ARG D 697 48.23 33.50 -15.06
N LEU D 698 48.54 34.77 -15.35
CA LEU D 698 47.50 35.78 -15.47
C LEU D 698 46.58 35.49 -16.64
N THR D 699 47.15 35.13 -17.79
CA THR D 699 46.34 34.82 -18.97
C THR D 699 45.44 33.62 -18.71
N SER D 700 46.00 32.59 -18.09
CA SER D 700 45.24 31.37 -17.81
C SER D 700 44.06 31.63 -16.88
N PHE D 701 44.28 32.38 -15.79
CA PHE D 701 43.15 32.69 -14.91
C PHE D 701 42.17 33.65 -15.56
N HIS D 702 42.68 34.66 -16.27
CA HIS D 702 41.86 35.67 -16.90
C HIS D 702 40.97 35.12 -17.99
N ASN D 703 41.36 34.00 -18.60
CA ASN D 703 40.53 33.36 -19.62
C ASN D 703 39.15 33.01 -19.09
N ALA D 704 39.05 32.50 -17.86
CA ALA D 704 37.74 32.11 -17.38
C ALA D 704 37.00 33.17 -16.58
N HIS D 705 37.68 34.16 -16.01
CA HIS D 705 37.03 35.05 -15.06
C HIS D 705 37.24 36.53 -15.36
N ASP D 706 36.15 37.27 -15.19
CA ASP D 706 36.13 38.73 -15.30
C ASP D 706 36.98 39.40 -14.23
N LEU D 707 38.11 39.95 -14.65
CA LEU D 707 39.02 40.69 -13.79
C LEU D 707 39.05 42.17 -14.18
N THR D 708 37.95 42.65 -14.76
CA THR D 708 37.88 43.99 -15.32
C THR D 708 38.01 45.11 -14.30
N LYS D 709 37.78 44.84 -13.01
CA LYS D 709 37.99 45.88 -12.02
C LYS D 709 39.47 46.21 -11.87
N TRP D 710 40.34 45.33 -12.33
CA TRP D 710 41.77 45.59 -12.42
C TRP D 710 42.08 45.78 -13.90
N ASP D 711 42.42 47.01 -14.28
CA ASP D 711 42.79 47.36 -15.65
C ASP D 711 44.23 46.97 -15.97
N LEU D 712 44.43 45.70 -16.34
CA LEU D 712 45.77 45.28 -16.66
C LEU D 712 46.02 45.29 -18.17
N PHE D 713 45.03 45.75 -18.94
CA PHE D 713 45.25 46.02 -20.36
C PHE D 713 46.28 47.13 -20.56
N GLY D 714 46.16 48.19 -19.77
CA GLY D 714 47.05 49.34 -19.89
C GLY D 714 48.54 49.03 -19.92
N ASN D 715 49.03 48.29 -18.92
CA ASN D 715 50.44 47.93 -18.87
C ASN D 715 50.86 47.10 -20.08
N CYS D 716 49.99 46.19 -20.53
CA CYS D 716 50.33 45.38 -21.68
C CYS D 716 50.41 46.22 -22.95
N TYR D 717 49.52 47.20 -23.09
CA TYR D 717 49.61 48.14 -24.19
C TYR D 717 50.90 48.96 -24.11
N ARG D 718 51.24 49.36 -22.88
CA ARG D 718 52.47 50.12 -22.59
C ARG D 718 53.72 49.34 -22.98
N LEU D 719 53.66 48.01 -22.92
CA LEU D 719 54.83 47.23 -23.28
C LEU D 719 54.77 46.73 -24.72
N LEU D 720 53.57 46.63 -25.30
CA LEU D 720 53.47 46.13 -26.66
C LEU D 720 53.82 47.18 -27.68
N LYS D 721 53.34 48.42 -27.53
CA LYS D 721 53.70 49.41 -28.55
C LYS D 721 55.20 49.74 -28.51
N THR D 722 55.80 49.80 -27.31
CA THR D 722 57.25 49.98 -27.23
C THR D 722 58.00 48.78 -27.79
N GLY D 723 57.47 47.56 -27.58
CA GLY D 723 58.09 46.40 -28.17
C GLY D 723 58.01 46.39 -29.68
N ILE D 724 56.94 46.97 -30.23
CA ILE D 724 56.86 47.16 -31.67
C ILE D 724 57.93 48.14 -32.14
N GLU D 725 58.09 49.24 -31.39
CA GLU D 725 59.04 50.28 -31.79
C GLU D 725 60.45 49.72 -31.87
N HIS D 726 60.88 48.98 -30.84
CA HIS D 726 62.14 48.27 -31.02
C HIS D 726 62.02 47.08 -31.96
N GLY D 727 60.88 46.40 -31.96
CA GLY D 727 60.70 45.22 -32.78
C GLY D 727 61.29 43.94 -32.23
N ALA D 728 61.99 43.98 -31.11
CA ALA D 728 62.63 42.78 -30.55
C ALA D 728 62.10 42.51 -29.15
N MET D 729 61.00 41.77 -29.08
CA MET D 729 60.36 41.34 -27.85
C MET D 729 60.14 39.84 -27.90
N PRO D 730 60.29 39.13 -26.78
CA PRO D 730 60.13 37.66 -26.80
C PRO D 730 58.74 37.24 -27.25
N GLU D 731 58.71 36.18 -28.07
CA GLU D 731 57.49 35.73 -28.73
C GLU D 731 56.42 35.32 -27.72
N GLN D 732 56.81 34.58 -26.69
CA GLN D 732 55.83 34.09 -25.72
C GLN D 732 55.19 35.24 -24.95
N ILE D 733 56.01 36.24 -24.58
CA ILE D 733 55.49 37.39 -23.84
C ILE D 733 54.46 38.14 -24.67
N VAL D 734 54.77 38.42 -25.95
CA VAL D 734 53.85 39.17 -26.78
C VAL D 734 52.57 38.36 -27.05
N VAL D 735 52.70 37.05 -27.33
CA VAL D 735 51.49 36.27 -27.65
C VAL D 735 50.57 36.25 -26.43
N GLN D 736 51.14 36.07 -25.23
CA GLN D 736 50.31 36.07 -24.02
C GLN D 736 49.71 37.46 -23.78
N ALA D 737 50.47 38.52 -24.05
CA ALA D 737 49.93 39.86 -23.88
C ALA D 737 48.75 40.10 -24.80
N LEU D 738 48.85 39.62 -26.04
CA LEU D 738 47.75 39.74 -26.99
C LEU D 738 46.52 38.98 -26.50
N GLN D 739 46.73 37.75 -26.01
CA GLN D 739 45.61 36.95 -25.52
C GLN D 739 44.93 37.57 -24.31
N CYS D 740 45.72 38.05 -23.34
CA CYS D 740 45.13 38.63 -22.13
C CYS D 740 44.37 39.89 -22.47
N SER D 741 44.93 40.71 -23.36
CA SER D 741 44.23 41.93 -23.77
C SER D 741 42.92 41.60 -24.45
N HIS D 742 42.91 40.56 -25.30
CA HIS D 742 41.67 40.15 -25.94
C HIS D 742 40.64 39.68 -24.91
N TYR D 743 41.09 38.93 -23.91
CA TYR D 743 40.16 38.44 -22.89
C TYR D 743 39.61 39.60 -22.07
N SER D 744 40.47 40.59 -21.80
CA SER D 744 40.04 41.77 -21.07
C SER D 744 38.99 42.55 -21.84
N ILE D 745 39.19 42.68 -23.16
CA ILE D 745 38.19 43.34 -24.01
C ILE D 745 36.87 42.60 -23.94
N LEU D 746 36.92 41.27 -24.05
CA LEU D 746 35.70 40.47 -24.07
C LEU D 746 34.92 40.61 -22.77
N TRP D 747 35.60 40.44 -21.63
CA TRP D 747 34.94 40.60 -20.34
C TRP D 747 34.44 42.02 -20.12
N GLN D 748 35.18 43.02 -20.60
CA GLN D 748 34.72 44.40 -20.51
C GLN D 748 33.44 44.60 -21.31
N LEU D 749 33.32 43.92 -22.45
CA LEU D 749 32.09 43.92 -23.23
C LEU D 749 30.96 43.16 -22.55
N VAL D 750 31.27 42.22 -21.67
CA VAL D 750 30.20 41.43 -21.03
C VAL D 750 29.24 42.28 -20.20
N LYS D 751 29.75 43.15 -19.31
CA LYS D 751 28.81 43.91 -18.47
C LYS D 751 28.51 45.30 -19.04
N ILE D 752 27.94 45.30 -20.24
CA ILE D 752 27.47 46.50 -20.92
C ILE D 752 26.18 46.05 -21.55
N THR D 753 25.78 44.83 -21.20
CA THR D 753 24.60 44.17 -21.71
C THR D 753 23.59 43.96 -20.61
N ASP D 754 23.90 44.43 -19.39
CA ASP D 754 23.12 44.22 -18.19
C ASP D 754 21.85 45.06 -18.12
N GLY D 755 21.65 46.01 -19.03
CA GLY D 755 20.42 46.80 -19.08
C GLY D 755 20.49 48.28 -18.75
N SER D 756 21.58 48.80 -18.19
CA SER D 756 21.71 50.23 -17.90
C SER D 756 22.97 50.83 -18.53
N PRO D 757 23.08 50.81 -19.87
CA PRO D 757 24.35 51.22 -20.48
C PRO D 757 24.58 52.72 -20.59
N SER D 758 25.43 53.21 -19.70
CA SER D 758 26.01 54.54 -19.79
C SER D 758 26.78 54.69 -21.10
N LYS D 759 26.99 55.93 -21.52
CA LYS D 759 27.67 56.16 -22.79
C LYS D 759 29.16 56.47 -22.65
N GLU D 760 29.64 56.86 -21.46
CA GLU D 760 31.06 57.19 -21.32
C GLU D 760 31.93 55.94 -21.33
N ASP D 761 31.47 54.88 -20.66
CA ASP D 761 32.14 53.59 -20.78
C ASP D 761 32.05 53.06 -22.21
N LEU D 762 30.92 53.30 -22.88
CA LEU D 762 30.74 52.81 -24.24
C LEU D 762 31.79 53.41 -25.18
N LEU D 763 31.98 54.73 -25.12
CA LEU D 763 32.99 55.36 -25.98
C LEU D 763 34.41 55.02 -25.56
N VAL D 764 34.71 54.93 -24.25
CA VAL D 764 36.09 54.55 -23.93
C VAL D 764 36.36 53.10 -24.33
N LEU D 765 35.33 52.23 -24.28
CA LEU D 765 35.46 50.88 -24.79
C LEU D 765 35.77 50.91 -26.27
N ARG D 766 35.08 51.79 -27.01
CA ARG D 766 35.37 51.95 -28.43
C ARG D 766 36.80 52.43 -28.65
N LYS D 767 37.28 53.32 -27.78
CA LYS D 767 38.67 53.75 -27.83
C LYS D 767 39.63 52.57 -27.68
N THR D 768 39.41 51.77 -26.63
CA THR D 768 40.29 50.62 -26.38
C THR D 768 40.26 49.61 -27.52
N VAL D 769 39.06 49.29 -28.04
CA VAL D 769 38.98 48.34 -29.15
C VAL D 769 39.72 48.87 -30.38
N LYS D 770 39.44 50.12 -30.77
CA LYS D 770 40.08 50.68 -31.96
C LYS D 770 41.59 50.77 -31.82
N SER D 771 42.07 51.21 -30.65
CA SER D 771 43.51 51.26 -30.43
C SER D 771 44.13 49.87 -30.52
N PHE D 772 43.48 48.88 -29.91
CA PHE D 772 44.01 47.52 -29.96
C PHE D 772 44.00 46.99 -31.38
N LEU D 773 42.95 47.29 -32.15
CA LEU D 773 42.92 46.90 -33.55
C LEU D 773 44.08 47.51 -34.33
N ALA D 774 44.36 48.79 -34.09
CA ALA D 774 45.48 49.43 -34.79
C ALA D 774 46.83 48.83 -34.40
N VAL D 775 47.05 48.58 -33.10
CA VAL D 775 48.31 47.94 -32.70
C VAL D 775 48.41 46.52 -33.28
N CYS D 776 47.31 45.76 -33.27
CA CYS D 776 47.32 44.42 -33.85
C CYS D 776 47.63 44.48 -35.34
N GLN D 777 47.11 45.50 -36.02
CA GLN D 777 47.46 45.73 -37.42
C GLN D 777 48.95 46.00 -37.56
N GLN D 778 49.50 46.81 -36.66
CA GLN D 778 50.93 47.13 -36.72
C GLN D 778 51.80 45.90 -36.48
N CYS D 779 51.43 45.05 -35.52
CA CYS D 779 52.20 43.86 -35.19
C CYS D 779 51.87 42.64 -36.04
N LEU D 780 50.89 42.70 -36.94
CA LEU D 780 50.61 41.53 -37.78
C LEU D 780 51.75 41.21 -38.74
N SER D 781 52.65 42.16 -38.99
CA SER D 781 53.79 41.91 -39.85
C SER D 781 55.07 41.68 -39.06
N ASN D 782 54.96 41.46 -37.75
CA ASN D 782 56.11 41.05 -36.96
C ASN D 782 56.68 39.75 -37.48
N VAL D 783 58.01 39.67 -37.47
CA VAL D 783 58.77 38.54 -38.02
C VAL D 783 58.41 37.20 -37.38
N ASN D 784 58.01 37.19 -36.11
CA ASN D 784 57.76 35.92 -35.42
C ASN D 784 56.46 35.27 -35.93
N THR D 785 56.59 34.05 -36.46
CA THR D 785 55.45 33.34 -37.03
C THR D 785 54.36 32.95 -36.03
N PRO D 786 54.65 32.38 -34.84
CA PRO D 786 53.50 32.09 -33.94
C PRO D 786 52.76 33.34 -33.51
N VAL D 787 53.46 34.47 -33.48
CA VAL D 787 52.80 35.75 -33.27
C VAL D 787 51.89 36.09 -34.42
N LYS D 788 52.37 35.82 -35.65
CA LYS D 788 51.57 36.06 -36.85
C LYS D 788 50.27 35.26 -36.81
N GLU D 789 50.36 33.96 -36.51
CA GLU D 789 49.16 33.14 -36.50
C GLU D 789 48.22 33.52 -35.36
N GLN D 790 48.74 33.78 -34.16
CA GLN D 790 47.88 34.22 -33.06
C GLN D 790 47.19 35.55 -33.37
N ALA D 791 47.96 36.51 -33.92
CA ALA D 791 47.40 37.79 -34.31
C ALA D 791 46.31 37.60 -35.35
N PHE D 792 46.53 36.67 -36.29
CA PHE D 792 45.50 36.33 -37.27
C PHE D 792 44.23 35.82 -36.60
N MET D 793 44.38 34.88 -35.66
CA MET D 793 43.21 34.28 -35.01
C MET D 793 42.44 35.32 -34.22
N LEU D 794 43.17 36.13 -33.44
CA LEU D 794 42.55 37.16 -32.62
C LEU D 794 41.90 38.24 -33.49
N LEU D 795 42.53 38.59 -34.62
CA LEU D 795 41.96 39.56 -35.54
C LEU D 795 40.65 39.07 -36.11
N CYS D 796 40.63 37.83 -36.61
CA CYS D 796 39.40 37.23 -37.13
C CYS D 796 38.34 37.17 -36.05
N ASP D 797 38.77 36.94 -34.81
CA ASP D 797 37.86 36.94 -33.67
C ASP D 797 37.20 38.31 -33.50
N LEU D 798 38.02 39.36 -33.48
CA LEU D 798 37.51 40.72 -33.27
C LEU D 798 36.57 41.14 -34.38
N LEU D 799 36.94 40.84 -35.63
CA LEU D 799 36.05 41.13 -36.75
C LEU D 799 34.74 40.35 -36.64
N MET D 800 34.81 39.10 -36.18
CA MET D 800 33.60 38.31 -35.97
C MET D 800 32.68 38.92 -34.92
N ILE D 801 33.25 39.36 -33.80
CA ILE D 801 32.44 39.89 -32.70
C ILE D 801 31.81 41.22 -33.07
N PHE D 802 32.58 42.12 -33.67
CA PHE D 802 32.14 43.49 -33.91
C PHE D 802 31.60 43.71 -35.33
N SER D 803 31.09 42.65 -35.96
CA SER D 803 30.44 42.76 -37.25
C SER D 803 29.20 43.67 -37.26
N HIS D 804 28.62 43.87 -38.44
CA HIS D 804 27.33 44.53 -38.57
C HIS D 804 26.22 43.79 -37.84
N GLN D 805 26.31 42.46 -37.77
CA GLN D 805 25.26 41.65 -37.17
C GLN D 805 25.20 41.79 -35.65
N LEU D 806 26.20 42.43 -35.05
CA LEU D 806 26.24 42.64 -33.61
C LEU D 806 25.06 43.46 -33.09
N MET D 807 24.67 44.51 -33.81
CA MET D 807 23.57 45.37 -33.38
C MET D 807 22.18 44.80 -33.70
N THR D 808 22.07 43.75 -34.50
CA THR D 808 20.77 43.27 -34.97
C THR D 808 19.86 42.80 -33.84
N GLY D 809 20.42 42.16 -32.82
CA GLY D 809 19.58 41.51 -31.84
C GLY D 809 18.99 42.43 -30.79
N GLY D 810 18.19 43.41 -31.23
CA GLY D 810 17.61 44.41 -30.36
C GLY D 810 18.65 45.16 -29.54
N ARG D 811 19.63 45.74 -30.21
CA ARG D 811 20.79 46.31 -29.55
C ARG D 811 20.86 47.80 -29.82
N GLU D 812 20.93 48.59 -28.75
CA GLU D 812 20.99 50.04 -28.84
C GLU D 812 22.42 50.56 -28.96
N GLY D 813 23.25 50.23 -27.99
CA GLY D 813 24.63 50.68 -27.83
C GLY D 813 25.65 50.01 -28.71
N LEU D 814 25.23 49.13 -29.62
CA LEU D 814 26.16 48.34 -30.42
C LEU D 814 26.31 48.82 -31.85
N GLN D 815 25.49 49.78 -32.28
CA GLN D 815 25.79 50.49 -33.53
C GLN D 815 27.10 51.30 -33.53
N PRO D 816 27.53 51.96 -32.45
CA PRO D 816 28.82 52.69 -32.54
C PRO D 816 30.05 51.80 -32.69
N LEU D 817 29.98 50.51 -32.40
CA LEU D 817 31.19 49.70 -32.34
C LEU D 817 31.48 48.87 -33.58
N VAL D 818 30.49 48.68 -34.46
CA VAL D 818 30.70 48.00 -35.74
C VAL D 818 31.92 48.58 -36.47
N PHE D 819 32.83 47.70 -36.87
CA PHE D 819 34.01 48.09 -37.61
C PHE D 819 34.08 47.28 -38.89
N ASN D 820 34.33 47.95 -40.01
CA ASN D 820 34.64 47.28 -41.26
C ASN D 820 36.09 47.55 -41.64
N PRO D 821 36.85 46.50 -41.91
CA PRO D 821 38.28 46.67 -42.20
C PRO D 821 38.54 47.40 -43.51
N ASP D 822 39.66 48.12 -43.54
CA ASP D 822 40.15 48.70 -44.78
C ASP D 822 40.42 47.62 -45.81
N THR D 823 40.19 47.95 -47.08
CA THR D 823 40.51 47.05 -48.18
C THR D 823 42.00 46.75 -48.30
N GLY D 824 42.85 47.71 -47.93
CA GLY D 824 44.29 47.42 -47.94
C GLY D 824 44.64 46.37 -46.90
N LEU D 825 43.99 46.44 -45.74
CA LEU D 825 44.14 45.40 -44.73
C LEU D 825 43.56 44.08 -45.24
N GLN D 826 42.45 44.14 -45.99
CA GLN D 826 41.85 42.95 -46.57
C GLN D 826 42.84 42.23 -47.48
N SER D 827 43.53 42.99 -48.33
CA SER D 827 44.55 42.40 -49.20
C SER D 827 45.76 41.93 -48.42
N GLU D 828 46.15 42.67 -47.39
CA GLU D 828 47.24 42.24 -46.52
C GLU D 828 46.95 40.89 -45.88
N LEU D 829 45.73 40.72 -45.33
CA LEU D 829 45.34 39.43 -44.76
C LEU D 829 45.27 38.34 -45.81
N LEU D 830 44.82 38.65 -47.03
CA LEU D 830 44.77 37.61 -48.07
C LEU D 830 46.18 37.16 -48.44
N SER D 831 47.11 38.12 -48.58
CA SER D 831 48.52 37.79 -48.76
C SER D 831 49.01 36.89 -47.63
N PHE D 832 48.67 37.27 -46.40
CA PHE D 832 49.06 36.52 -45.22
C PHE D 832 48.59 35.07 -45.25
N VAL D 833 47.29 34.86 -45.54
CA VAL D 833 46.77 33.50 -45.59
C VAL D 833 47.42 32.71 -46.72
N MET D 834 47.66 33.35 -47.87
CA MET D 834 48.37 32.66 -48.96
C MET D 834 49.76 32.23 -48.52
N ASP D 835 50.48 33.11 -47.82
CA ASP D 835 51.82 32.79 -47.35
C ASP D 835 51.82 31.65 -46.32
N HIS D 836 50.89 31.68 -45.36
CA HIS D 836 51.01 30.80 -44.20
C HIS D 836 50.05 29.63 -44.15
N VAL D 837 49.12 29.50 -45.08
CA VAL D 837 48.15 28.41 -45.05
C VAL D 837 48.36 27.42 -46.19
N PHE D 838 48.69 27.92 -47.38
CA PHE D 838 48.55 27.10 -48.58
C PHE D 838 49.91 26.60 -49.08
N ILE D 839 50.44 25.63 -48.33
CA ILE D 839 51.66 24.92 -48.70
C ILE D 839 51.38 23.43 -48.48
N ASP D 840 51.37 22.66 -49.58
CA ASP D 840 51.22 21.22 -49.49
C ASP D 840 52.50 20.45 -49.77
N GLN D 841 53.56 21.11 -50.22
CA GLN D 841 54.82 20.47 -50.54
C GLN D 841 55.91 21.13 -49.71
N ASP D 842 56.70 20.29 -49.03
CA ASP D 842 57.80 20.73 -48.19
C ASP D 842 58.84 21.54 -48.95
N ASP D 854 58.22 12.79 -36.49
CA ASP D 854 57.85 14.00 -37.22
C ASP D 854 56.35 13.79 -37.45
N GLU D 855 55.89 12.60 -37.07
CA GLU D 855 54.47 12.24 -37.17
C GLU D 855 53.58 13.24 -36.42
N ALA D 856 53.89 13.47 -35.14
CA ALA D 856 53.09 14.38 -34.33
C ALA D 856 53.17 15.78 -34.88
N ASN D 857 54.36 16.21 -35.29
CA ASN D 857 54.56 17.57 -35.82
C ASN D 857 53.76 17.77 -37.10
N LYS D 858 53.77 16.80 -38.00
CA LYS D 858 53.00 16.93 -39.23
C LYS D 858 51.50 16.95 -38.93
N ILE D 859 51.03 16.11 -38.00
CA ILE D 859 49.60 16.08 -37.69
C ILE D 859 49.16 17.41 -37.08
N GLU D 860 49.94 17.95 -36.14
CA GLU D 860 49.60 19.22 -35.54
C GLU D 860 49.64 20.35 -36.56
N ALA D 861 50.66 20.35 -37.43
CA ALA D 861 50.77 21.41 -38.42
C ALA D 861 49.59 21.41 -39.37
N LEU D 862 49.18 20.23 -39.84
CA LEU D 862 48.05 20.17 -40.74
C LEU D 862 46.76 20.60 -40.04
N HIS D 863 46.53 20.15 -38.80
CA HIS D 863 45.33 20.56 -38.09
C HIS D 863 45.33 22.06 -37.79
N LYS D 864 46.49 22.61 -37.42
CA LYS D 864 46.58 24.04 -37.16
C LYS D 864 46.25 24.82 -38.43
N ARG D 865 46.74 24.34 -39.57
CA ARG D 865 46.43 24.96 -40.84
C ARG D 865 44.94 24.89 -41.11
N ARG D 866 44.34 23.75 -40.78
CA ARG D 866 42.91 23.57 -40.98
C ARG D 866 42.12 24.54 -40.14
N ASN D 867 42.55 24.75 -38.89
CA ASN D 867 41.88 25.70 -38.01
C ASN D 867 42.00 27.12 -38.55
N LEU D 868 43.17 27.48 -39.05
CA LEU D 868 43.36 28.80 -39.65
C LEU D 868 42.46 28.98 -40.87
N LEU D 869 42.44 28.00 -41.76
CA LEU D 869 41.57 28.05 -42.92
C LEU D 869 40.09 28.09 -42.50
N ALA D 870 39.72 27.39 -41.43
CA ALA D 870 38.35 27.47 -40.92
C ALA D 870 37.99 28.87 -40.46
N ALA D 871 38.93 29.53 -39.79
CA ALA D 871 38.72 30.94 -39.43
C ALA D 871 38.59 31.78 -40.70
N PHE D 872 39.40 31.48 -41.71
CA PHE D 872 39.25 32.19 -42.97
C PHE D 872 37.92 31.87 -43.65
N SER D 873 37.38 30.66 -43.49
CA SER D 873 36.04 30.38 -44.03
C SER D 873 34.97 31.16 -43.27
N LYS D 874 35.21 31.43 -42.01
CA LYS D 874 34.32 32.34 -41.29
C LYS D 874 34.43 33.72 -41.92
N LEU D 875 35.65 34.10 -42.28
CA LEU D 875 35.85 35.33 -43.04
C LEU D 875 35.26 35.22 -44.43
N ILE D 876 35.14 34.00 -44.97
CA ILE D 876 34.44 33.78 -46.24
C ILE D 876 32.96 34.11 -46.09
N ILE D 877 32.39 33.79 -44.94
CA ILE D 877 31.01 34.24 -44.68
C ILE D 877 30.98 35.76 -44.63
N TYR D 878 32.01 36.35 -44.04
CA TYR D 878 32.17 37.80 -44.10
C TYR D 878 32.34 38.27 -45.56
N ASP D 879 32.99 37.45 -46.38
CA ASP D 879 33.10 37.72 -47.81
C ASP D 879 31.73 37.71 -48.48
N ILE D 880 30.83 36.82 -48.02
CA ILE D 880 29.47 36.81 -48.53
C ILE D 880 28.79 38.13 -48.21
N VAL D 881 29.12 38.74 -47.06
CA VAL D 881 28.43 39.99 -46.78
C VAL D 881 29.16 41.08 -47.59
N ASP D 882 30.41 41.43 -47.27
CA ASP D 882 31.02 42.53 -48.04
C ASP D 882 32.43 42.32 -48.61
N MET D 883 33.23 41.35 -48.15
CA MET D 883 34.59 41.20 -48.68
C MET D 883 34.56 40.66 -50.12
N HIS D 884 35.73 40.36 -50.67
CA HIS D 884 35.90 39.82 -52.03
C HIS D 884 37.18 38.97 -52.07
N ALA D 885 37.71 38.79 -53.29
CA ALA D 885 39.00 38.11 -53.53
C ALA D 885 39.09 36.68 -52.98
N ALA D 886 38.04 35.91 -53.19
CA ALA D 886 37.96 34.51 -52.79
C ALA D 886 38.40 33.56 -53.91
N ALA D 887 38.90 34.11 -55.02
CA ALA D 887 39.25 33.29 -56.18
C ALA D 887 40.36 32.29 -55.86
N ASP D 888 41.38 32.72 -55.11
CA ASP D 888 42.53 31.85 -54.82
C ASP D 888 42.15 30.66 -53.96
N ILE D 889 41.37 30.90 -52.91
CA ILE D 889 40.92 29.82 -52.06
C ILE D 889 40.00 28.88 -52.85
N PHE D 890 39.13 29.43 -53.70
CA PHE D 890 38.31 28.54 -54.53
C PHE D 890 39.15 27.73 -55.51
N LYS D 891 40.17 28.35 -56.11
CA LYS D 891 41.04 27.66 -57.07
C LYS D 891 41.72 26.46 -56.44
N HIS D 892 42.27 26.62 -55.23
CA HIS D 892 43.05 25.53 -54.65
C HIS D 892 42.21 24.35 -54.16
N TYR D 893 41.21 23.93 -54.95
CA TYR D 893 40.30 22.86 -54.57
C TYR D 893 40.78 21.47 -55.00
N MET D 894 41.45 21.33 -56.14
CA MET D 894 41.85 19.99 -56.55
C MET D 894 43.24 19.64 -56.09
N LYS D 895 44.19 20.58 -56.23
CA LYS D 895 45.57 20.35 -55.84
C LYS D 895 45.68 20.08 -54.34
N TYR D 896 44.68 20.50 -53.57
CA TYR D 896 44.63 20.36 -52.13
C TYR D 896 43.34 19.63 -51.74
N TYR D 897 42.94 18.65 -52.57
CA TYR D 897 41.64 18.01 -52.39
C TYR D 897 41.49 17.27 -51.07
N ASN D 898 42.54 16.60 -50.61
CA ASN D 898 42.36 15.77 -49.42
C ASN D 898 42.35 16.63 -48.16
N ASP D 899 43.15 17.69 -48.18
CA ASP D 899 43.12 18.63 -47.08
C ASP D 899 41.80 19.40 -47.01
N TYR D 900 41.29 19.88 -48.15
CA TYR D 900 40.29 20.95 -48.10
C TYR D 900 38.99 20.72 -48.88
N GLY D 901 38.74 19.50 -49.39
CA GLY D 901 37.54 19.27 -50.20
C GLY D 901 36.26 19.64 -49.47
N ASP D 902 36.13 19.16 -48.24
CA ASP D 902 34.92 19.40 -47.44
C ASP D 902 34.71 20.88 -47.17
N ILE D 903 35.76 21.60 -46.78
CA ILE D 903 35.61 23.04 -46.49
C ILE D 903 35.24 23.81 -47.74
N ILE D 904 35.89 23.54 -48.87
CA ILE D 904 35.55 24.27 -50.09
C ILE D 904 34.11 23.97 -50.53
N LYS D 905 33.68 22.70 -50.43
CA LYS D 905 32.29 22.36 -50.73
C LYS D 905 31.31 23.09 -49.81
N GLU D 906 31.62 23.16 -48.53
CA GLU D 906 30.73 23.85 -47.61
C GLU D 906 30.66 25.34 -47.92
N THR D 907 31.79 25.95 -48.25
CA THR D 907 31.79 27.36 -48.63
C THR D 907 30.93 27.60 -49.87
N LEU D 908 31.04 26.71 -50.85
CA LEU D 908 30.21 26.84 -52.05
C LEU D 908 28.73 26.70 -51.72
N SER D 909 28.38 25.75 -50.86
CA SER D 909 26.98 25.57 -50.49
C SER D 909 26.43 26.74 -49.69
N LYS D 910 27.21 27.24 -48.73
CA LYS D 910 26.78 28.34 -47.90
C LYS D 910 26.90 29.69 -48.59
N THR D 911 27.46 29.72 -49.81
CA THR D 911 27.32 30.91 -50.64
C THR D 911 26.16 30.79 -51.63
N ARG D 912 25.85 29.57 -52.07
CA ARG D 912 24.69 29.35 -52.92
C ARG D 912 23.39 29.61 -52.17
N GLN D 913 23.31 29.16 -50.92
CA GLN D 913 22.06 29.34 -50.21
C GLN D 913 21.84 30.76 -49.69
N ILE D 914 22.85 31.62 -49.66
CA ILE D 914 22.68 32.97 -49.15
C ILE D 914 22.61 34.01 -50.26
N ASP D 915 23.46 33.92 -51.30
CA ASP D 915 23.38 34.92 -52.36
C ASP D 915 24.00 34.36 -53.64
N LYS D 916 23.13 33.91 -54.54
CA LYS D 916 23.54 33.35 -55.82
C LYS D 916 24.29 34.38 -56.66
N ILE D 917 24.00 35.66 -56.47
CA ILE D 917 24.57 36.69 -57.34
C ILE D 917 26.07 36.79 -57.09
N GLN D 918 26.45 37.00 -55.83
CA GLN D 918 27.86 37.10 -55.52
C GLN D 918 28.51 35.73 -55.55
N CYS D 919 27.71 34.66 -55.44
CA CYS D 919 28.20 33.32 -55.74
C CYS D 919 28.71 33.22 -57.18
N ALA D 920 27.88 33.60 -58.14
CA ALA D 920 28.30 33.57 -59.55
C ALA D 920 29.40 34.57 -59.83
N LYS D 921 29.46 35.66 -59.06
CA LYS D 921 30.56 36.61 -59.19
C LYS D 921 31.89 35.98 -58.78
N THR D 922 31.94 35.42 -57.58
CA THR D 922 33.17 34.79 -57.11
C THR D 922 33.53 33.56 -57.94
N LEU D 923 32.53 32.80 -58.43
CA LEU D 923 32.80 31.69 -59.34
C LEU D 923 33.47 32.15 -60.63
N ILE D 924 32.97 33.25 -61.21
CA ILE D 924 33.56 33.72 -62.46
C ILE D 924 34.95 34.30 -62.18
N LEU D 925 35.15 35.02 -61.06
CA LEU D 925 36.48 35.54 -60.76
C LEU D 925 37.47 34.41 -60.48
N SER D 926 36.98 33.33 -59.87
CA SER D 926 37.79 32.12 -59.67
C SER D 926 38.27 31.54 -60.98
N LEU D 927 37.34 31.37 -61.92
CA LEU D 927 37.74 30.87 -63.23
C LEU D 927 38.64 31.86 -63.97
N GLN D 928 38.43 33.17 -63.79
CA GLN D 928 39.36 34.16 -64.33
C GLN D 928 40.76 33.97 -63.78
N GLN D 929 40.88 33.72 -62.47
CA GLN D 929 42.17 33.50 -61.85
C GLN D 929 42.81 32.21 -62.38
N LEU D 930 42.01 31.15 -62.48
CA LEU D 930 42.51 29.89 -63.03
C LEU D 930 42.99 30.05 -64.47
N PHE D 931 42.23 30.78 -65.27
CA PHE D 931 42.65 30.96 -66.66
C PHE D 931 43.91 31.83 -66.75
N ASN D 932 43.97 32.92 -65.98
CA ASN D 932 45.15 33.76 -66.03
C ASN D 932 46.40 33.03 -65.54
N GLU D 933 46.26 32.19 -64.50
CA GLU D 933 47.41 31.40 -64.07
C GLU D 933 47.84 30.42 -65.15
N LEU D 934 46.90 29.69 -65.77
CA LEU D 934 47.30 28.75 -66.82
C LEU D 934 47.95 29.45 -68.01
N VAL D 935 47.40 30.58 -68.45
CA VAL D 935 48.00 31.27 -69.61
C VAL D 935 49.39 31.76 -69.28
N GLN D 936 49.61 32.29 -68.05
CA GLN D 936 50.96 32.70 -67.67
C GLN D 936 51.87 31.49 -67.63
N GLU D 937 51.36 30.36 -67.14
CA GLU D 937 52.16 29.15 -67.00
C GLU D 937 52.60 28.59 -68.34
N GLN D 938 51.71 28.59 -69.34
CA GLN D 938 51.97 27.91 -70.60
C GLN D 938 52.22 28.83 -71.80
N GLY D 939 52.14 30.14 -71.65
CA GLY D 939 52.36 31.07 -72.73
C GLY D 939 51.48 30.97 -73.98
N PRO D 940 52.14 31.07 -75.14
CA PRO D 940 51.39 31.13 -76.42
C PRO D 940 50.65 29.87 -76.83
N ASN D 941 51.23 28.69 -76.61
CA ASN D 941 50.66 27.44 -77.13
C ASN D 941 49.27 27.14 -76.60
N LEU D 942 49.06 27.40 -75.30
CA LEU D 942 47.85 27.23 -74.48
C LEU D 942 47.67 25.78 -74.06
N ASP D 943 48.48 24.84 -74.58
CA ASP D 943 48.56 23.43 -74.18
C ASP D 943 47.21 22.73 -74.00
N ARG D 944 46.36 22.77 -75.03
CA ARG D 944 45.08 22.07 -74.96
C ARG D 944 45.33 20.58 -74.78
N THR D 945 46.37 20.06 -75.42
CA THR D 945 46.74 18.65 -75.32
C THR D 945 47.10 18.25 -73.90
N SER D 946 47.77 19.15 -73.16
CA SER D 946 48.22 18.83 -71.82
C SER D 946 47.03 18.57 -70.89
N ALA D 947 47.26 17.71 -69.90
CA ALA D 947 46.18 17.29 -69.00
C ALA D 947 45.58 18.44 -68.20
N HIS D 948 46.43 19.35 -67.69
CA HIS D 948 46.05 20.50 -66.86
C HIS D 948 44.74 21.21 -67.24
N VAL D 949 44.60 21.58 -68.51
CA VAL D 949 43.42 22.33 -68.95
C VAL D 949 42.18 21.43 -68.91
N SER D 950 42.31 20.17 -69.36
CA SER D 950 41.22 19.22 -69.25
C SER D 950 40.83 19.00 -67.79
N GLY D 951 41.83 19.01 -66.90
CA GLY D 951 41.54 18.90 -65.48
C GLY D 951 40.79 20.11 -64.94
N ILE D 952 41.12 21.30 -65.43
CA ILE D 952 40.37 22.50 -65.06
C ILE D 952 38.93 22.40 -65.56
N LYS D 953 38.76 21.90 -66.79
CA LYS D 953 37.41 21.62 -67.31
C LYS D 953 36.69 20.60 -66.43
N GLU D 954 37.42 19.60 -65.94
CA GLU D 954 36.86 18.61 -65.03
C GLU D 954 36.39 19.27 -63.73
N LEU D 955 37.20 20.20 -63.21
CA LEU D 955 36.79 21.02 -62.06
C LEU D 955 35.54 21.83 -62.37
N ALA D 956 35.46 22.34 -63.60
CA ALA D 956 34.27 23.07 -64.04
C ALA D 956 33.04 22.16 -63.99
N ARG D 957 33.20 20.91 -64.42
CA ARG D 957 32.10 19.95 -64.30
C ARG D 957 31.71 19.72 -62.84
N ARG D 958 32.73 19.62 -61.97
CA ARG D 958 32.48 19.51 -60.53
C ARG D 958 31.66 20.70 -60.03
N PHE D 959 31.98 21.89 -60.51
CA PHE D 959 31.23 23.09 -60.15
C PHE D 959 29.80 22.98 -60.65
N ALA D 960 29.63 22.47 -61.87
CA ALA D 960 28.33 22.33 -62.51
C ALA D 960 27.41 21.39 -61.76
N LEU D 961 27.98 20.33 -61.15
CA LEU D 961 27.16 19.33 -60.47
C LEU D 961 26.31 19.93 -59.36
N THR D 962 26.84 20.93 -58.65
CA THR D 962 26.10 21.54 -57.54
C THR D 962 24.80 22.19 -57.99
N PHE D 963 24.82 22.83 -59.15
CA PHE D 963 23.68 23.58 -59.68
C PHE D 963 22.48 22.67 -59.95
N GLY D 964 21.30 23.15 -59.59
CA GLY D 964 20.07 22.42 -59.79
C GLY D 964 19.09 23.17 -60.69
N LEU D 965 18.50 22.45 -61.65
CA LEU D 965 17.64 23.04 -62.68
C LEU D 965 16.44 23.79 -62.12
N ASP D 966 15.90 23.33 -60.98
CA ASP D 966 14.70 23.92 -60.40
C ASP D 966 14.87 25.40 -60.06
N GLN D 967 16.06 25.81 -59.63
CA GLN D 967 16.28 27.19 -59.22
C GLN D 967 16.06 28.19 -60.35
N ILE D 968 15.46 29.33 -60.02
CA ILE D 968 15.27 30.41 -60.99
C ILE D 968 16.63 31.00 -61.35
N LYS D 969 17.52 31.07 -60.37
CA LYS D 969 18.80 31.70 -60.66
C LYS D 969 19.63 30.83 -61.58
N THR D 970 19.43 29.52 -61.58
CA THR D 970 20.05 28.72 -62.63
C THR D 970 19.59 29.16 -64.02
N ARG D 971 18.33 29.58 -64.14
CA ARG D 971 17.83 30.18 -65.37
C ARG D 971 18.35 31.60 -65.64
N GLU D 972 18.95 32.28 -64.67
CA GLU D 972 19.48 33.61 -65.03
C GLU D 972 20.93 33.91 -64.60
N ALA D 973 21.44 33.26 -63.58
CA ALA D 973 22.81 33.39 -63.12
C ALA D 973 23.75 32.65 -64.05
N VAL D 974 23.39 31.42 -64.41
CA VAL D 974 24.16 30.67 -65.40
C VAL D 974 24.17 31.41 -66.73
N ALA D 975 23.03 32.02 -67.09
CA ALA D 975 22.98 32.88 -68.26
C ALA D 975 24.03 34.00 -68.17
N THR D 976 24.05 34.72 -67.05
CA THR D 976 25.08 35.74 -66.84
C THR D 976 26.47 35.15 -66.86
N LEU D 977 26.62 33.93 -66.34
CA LEU D 977 27.90 33.25 -66.31
C LEU D 977 28.43 33.05 -67.73
N HIS D 978 27.55 32.57 -68.62
CA HIS D 978 27.94 32.41 -70.03
C HIS D 978 28.23 33.77 -70.67
N LYS D 979 27.45 34.79 -70.29
CA LYS D 979 27.68 36.15 -70.77
C LYS D 979 29.10 36.59 -70.46
N ASP D 980 29.45 36.52 -69.18
CA ASP D 980 30.76 36.93 -68.72
C ASP D 980 31.87 36.00 -69.23
N GLY D 981 31.59 34.71 -69.42
CA GLY D 981 32.60 33.84 -70.00
C GLY D 981 32.93 34.18 -71.44
N ILE D 982 31.93 34.59 -72.20
CA ILE D 982 32.16 35.10 -73.56
C ILE D 982 32.93 36.41 -73.50
N GLU D 983 32.51 37.31 -72.61
CA GLU D 983 33.21 38.58 -72.40
C GLU D 983 34.68 38.35 -72.05
N PHE D 984 34.93 37.37 -71.19
CA PHE D 984 36.30 36.99 -70.84
C PHE D 984 37.06 36.44 -72.03
N ALA D 985 36.40 35.60 -72.85
CA ALA D 985 37.05 35.08 -74.04
C ALA D 985 37.48 36.19 -75.00
N PHE D 986 36.71 37.29 -75.03
CA PHE D 986 37.08 38.44 -75.84
C PHE D 986 37.63 39.59 -75.00
N LYS D 987 38.16 39.31 -73.80
CA LYS D 987 38.72 40.32 -72.92
C LYS D 987 39.91 41.04 -73.56
N TYR D 988 40.79 40.30 -74.21
CA TYR D 988 42.01 40.82 -74.80
C TYR D 988 41.92 40.72 -76.31
N GLN D 989 42.34 41.78 -77.01
CA GLN D 989 42.30 41.82 -78.45
C GLN D 989 43.59 41.24 -79.04
N ASN D 990 43.50 40.83 -80.30
CA ASN D 990 44.58 40.12 -80.99
C ASN D 990 45.44 41.12 -81.79
N GLN D 991 46.76 41.00 -81.63
CA GLN D 991 47.66 41.88 -82.39
C GLN D 991 47.65 41.55 -83.87
N LYS D 992 47.81 40.28 -84.24
CA LYS D 992 47.90 39.92 -85.64
C LYS D 992 47.61 38.43 -85.80
N GLY D 993 46.99 38.08 -86.92
CA GLY D 993 46.73 36.71 -87.32
C GLY D 993 45.66 35.92 -86.57
N GLN D 994 44.44 36.44 -86.43
CA GLN D 994 43.89 37.58 -87.18
C GLN D 994 43.16 38.42 -86.15
N GLU D 995 42.49 39.48 -86.62
CA GLU D 995 41.72 40.31 -85.71
C GLU D 995 40.53 39.54 -85.12
N TYR D 996 39.89 38.68 -85.92
CA TYR D 996 38.86 37.79 -85.38
C TYR D 996 39.44 36.93 -84.24
N PRO D 997 40.32 35.91 -84.48
CA PRO D 997 40.76 34.98 -83.37
C PRO D 997 41.15 35.67 -82.07
N PRO D 998 40.42 35.41 -80.99
CA PRO D 998 40.73 36.04 -79.72
C PRO D 998 41.93 35.37 -79.09
N PRO D 999 42.73 36.07 -78.33
CA PRO D 999 43.74 35.38 -77.54
C PRO D 999 43.14 35.20 -76.16
N ASN D 1000 43.68 34.28 -75.35
CA ASN D 1000 43.04 33.72 -74.15
C ASN D 1000 41.83 32.84 -74.50
N LEU D 1001 41.78 32.33 -75.73
CA LEU D 1001 40.57 31.77 -76.33
C LEU D 1001 40.14 30.43 -75.71
N ALA D 1002 41.02 29.76 -74.97
CA ALA D 1002 40.71 28.44 -74.41
C ALA D 1002 39.62 28.44 -73.34
N PHE D 1003 39.17 29.60 -72.86
CA PHE D 1003 38.07 29.63 -71.89
C PHE D 1003 36.74 29.16 -72.48
N LEU D 1004 36.58 29.19 -73.80
CA LEU D 1004 35.34 28.68 -74.37
C LEU D 1004 35.23 27.16 -74.28
N GLU D 1005 36.34 26.44 -74.12
CA GLU D 1005 36.22 25.02 -73.84
C GLU D 1005 35.65 24.76 -72.45
N VAL D 1006 35.94 25.65 -71.50
CA VAL D 1006 35.31 25.57 -70.19
C VAL D 1006 33.84 25.96 -70.26
N LEU D 1007 33.54 27.05 -70.99
CA LEU D 1007 32.16 27.53 -71.04
C LEU D 1007 31.24 26.56 -71.81
N SER D 1008 31.79 25.81 -72.76
CA SER D 1008 31.03 24.75 -73.42
C SER D 1008 30.63 23.66 -72.44
N GLU D 1009 31.40 23.47 -71.36
CA GLU D 1009 31.03 22.47 -70.36
C GLU D 1009 29.82 22.91 -69.54
N PHE D 1010 29.49 24.21 -69.55
CA PHE D 1010 28.33 24.72 -68.85
C PHE D 1010 27.17 24.98 -69.78
N SER D 1011 27.41 24.97 -71.09
CA SER D 1011 26.32 25.22 -72.03
C SER D 1011 25.38 24.04 -72.18
N SER D 1012 25.78 22.86 -71.70
CA SER D 1012 24.92 21.69 -71.68
C SER D 1012 23.65 21.89 -70.82
N LYS D 1013 23.76 22.64 -69.71
CA LYS D 1013 22.71 22.61 -68.70
C LYS D 1013 21.42 23.31 -69.12
N LEU D 1014 21.50 24.54 -69.62
CA LEU D 1014 20.29 25.36 -69.82
C LEU D 1014 20.52 26.34 -70.96
N LEU D 1015 19.45 26.75 -71.67
CA LEU D 1015 18.07 26.21 -71.72
C LEU D 1015 17.51 26.55 -73.09
N ARG D 1016 16.70 25.62 -73.64
CA ARG D 1016 16.14 25.66 -74.99
C ARG D 1016 15.60 27.02 -75.47
N GLN D 1017 14.69 27.64 -74.72
CA GLN D 1017 14.16 28.95 -75.11
C GLN D 1017 15.21 30.06 -75.03
N ASP D 1018 15.94 30.12 -73.93
CA ASP D 1018 16.95 31.17 -73.74
C ASP D 1018 18.17 31.01 -74.63
N LYS D 1019 18.30 29.88 -75.33
CA LYS D 1019 19.44 29.68 -76.22
C LYS D 1019 19.45 30.74 -77.32
N LYS D 1020 18.28 31.07 -77.87
CA LYS D 1020 18.17 32.19 -78.80
C LYS D 1020 18.55 33.52 -78.14
N THR D 1021 18.08 33.75 -76.90
CA THR D 1021 18.36 35.00 -76.21
C THR D 1021 19.86 35.20 -75.96
N VAL D 1022 20.53 34.15 -75.48
CA VAL D 1022 21.98 34.24 -75.30
C VAL D 1022 22.68 34.42 -76.64
N HIS D 1023 22.21 33.73 -77.70
CA HIS D 1023 22.80 33.93 -79.03
C HIS D 1023 22.64 35.38 -79.52
N SER D 1024 21.47 35.99 -79.27
CA SER D 1024 21.28 37.41 -79.59
C SER D 1024 22.19 38.30 -78.76
N TYR D 1025 22.59 37.85 -77.57
CA TYR D 1025 23.64 38.57 -76.86
C TYR D 1025 25.01 38.28 -77.47
N LEU D 1026 25.19 37.05 -77.93
CA LEU D 1026 26.43 36.53 -78.51
C LEU D 1026 26.82 37.26 -79.79
N GLU D 1027 25.84 37.65 -80.59
CA GLU D 1027 26.12 38.32 -81.86
C GLU D 1027 26.77 39.68 -81.67
N LYS D 1028 26.83 40.21 -80.45
CA LYS D 1028 27.65 41.37 -80.14
C LYS D 1028 29.13 41.01 -80.15
N PHE D 1029 29.46 39.72 -80.08
CA PHE D 1029 30.84 39.27 -79.98
C PHE D 1029 31.32 38.52 -81.22
N LEU D 1030 30.46 37.69 -81.78
CA LEU D 1030 30.84 36.92 -82.96
C LEU D 1030 30.38 37.57 -84.26
N THR D 1031 31.09 37.23 -85.33
CA THR D 1031 30.84 37.72 -86.67
C THR D 1031 30.40 36.56 -87.55
N GLU D 1032 29.98 36.91 -88.76
CA GLU D 1032 29.46 35.93 -89.71
C GLU D 1032 30.52 34.89 -90.09
N GLN D 1033 31.69 35.33 -90.56
CA GLN D 1033 32.73 34.38 -90.94
C GLN D 1033 33.36 33.66 -89.74
N MET D 1034 33.13 34.14 -88.52
CA MET D 1034 33.49 33.36 -87.35
C MET D 1034 32.48 32.25 -87.15
N MET D 1035 31.20 32.55 -87.33
CA MET D 1035 30.18 31.50 -87.22
C MET D 1035 30.40 30.46 -88.31
N GLU D 1036 30.77 30.91 -89.51
CA GLU D 1036 30.83 30.03 -90.68
C GLU D 1036 32.03 29.11 -90.60
N ARG D 1037 33.20 29.62 -90.23
CA ARG D 1037 34.41 28.81 -90.27
C ARG D 1037 34.40 27.74 -89.18
N ARG D 1038 34.86 26.53 -89.55
CA ARG D 1038 34.89 25.37 -88.65
C ARG D 1038 36.23 24.69 -88.89
N GLU D 1039 37.17 24.85 -87.96
CA GLU D 1039 38.41 24.09 -87.97
C GLU D 1039 38.82 23.76 -86.55
N ASP D 1040 39.90 22.98 -86.43
CA ASP D 1040 40.33 22.41 -85.17
C ASP D 1040 40.70 23.46 -84.12
N VAL D 1041 41.07 24.67 -84.53
CA VAL D 1041 41.34 25.73 -83.55
C VAL D 1041 40.02 26.33 -83.04
N TRP D 1042 39.05 26.50 -83.93
CA TRP D 1042 37.74 27.07 -83.62
C TRP D 1042 36.72 26.03 -83.16
N LEU D 1043 37.16 24.81 -82.87
CA LEU D 1043 36.28 23.81 -82.26
C LEU D 1043 35.49 24.27 -81.04
N PRO D 1044 36.03 25.09 -80.10
CA PRO D 1044 35.16 25.60 -79.02
C PRO D 1044 33.88 26.28 -79.51
N LEU D 1045 33.97 27.09 -80.56
CA LEU D 1045 32.80 27.75 -81.11
C LEU D 1045 31.85 26.73 -81.74
N ILE D 1046 32.41 25.73 -82.43
CA ILE D 1046 31.61 24.66 -83.02
C ILE D 1046 30.78 23.99 -81.94
N SER D 1047 31.44 23.61 -80.84
CA SER D 1047 30.76 22.96 -79.73
C SER D 1047 29.72 23.88 -79.09
N TYR D 1048 30.05 25.18 -79.00
CA TYR D 1048 29.09 26.14 -78.47
C TYR D 1048 27.85 26.26 -79.34
N ARG D 1049 28.02 26.23 -80.66
CA ARG D 1049 26.86 26.32 -81.54
C ARG D 1049 26.05 25.03 -81.50
N ASN D 1050 26.73 23.90 -81.41
CA ASN D 1050 26.03 22.63 -81.23
C ASN D 1050 25.28 22.61 -79.91
N SER D 1051 25.77 23.33 -78.91
CA SER D 1051 25.10 23.44 -77.63
C SER D 1051 24.03 24.53 -77.62
N LEU D 1052 24.00 25.40 -78.65
CA LEU D 1052 22.97 26.43 -78.76
C LEU D 1052 21.91 26.06 -79.79
N MET E 41 50.51 37.42 7.05
CA MET E 41 51.88 37.47 7.54
C MET E 41 51.93 38.25 8.85
N MET E 42 53.11 38.82 9.12
CA MET E 42 53.30 39.70 10.28
C MET E 42 52.32 40.88 10.26
N ASP E 43 52.39 41.72 9.24
CA ASP E 43 51.31 42.67 9.01
C ASP E 43 50.77 42.68 7.59
N SER E 44 51.63 42.46 6.59
CA SER E 44 51.29 42.59 5.16
C SER E 44 50.58 43.90 4.84
N SER E 45 51.20 45.01 5.23
CA SER E 45 50.56 46.32 5.11
C SER E 45 50.71 46.85 3.67
N THR E 46 50.01 46.18 2.75
CA THR E 46 49.81 46.74 1.40
C THR E 46 48.35 46.73 0.96
N PHE E 47 47.61 45.66 1.26
CA PHE E 47 46.16 45.65 1.05
C PHE E 47 45.39 46.10 2.28
N LYS E 48 45.96 45.90 3.46
CA LYS E 48 45.61 46.73 4.61
C LYS E 48 45.69 48.21 4.25
N ARG E 49 46.75 48.59 3.53
CA ARG E 49 46.90 49.98 3.08
C ARG E 49 45.83 50.34 2.06
N PHE E 50 45.61 49.45 1.07
CA PHE E 50 44.53 49.56 0.08
C PHE E 50 43.21 49.91 0.73
N THR E 51 42.77 49.05 1.65
CA THR E 51 41.45 49.19 2.23
C THR E 51 41.40 50.41 3.15
N ALA E 52 42.50 50.70 3.85
CA ALA E 52 42.57 51.92 4.66
C ALA E 52 42.33 53.15 3.81
N SER E 53 42.98 53.21 2.64
CA SER E 53 42.75 54.28 1.68
C SER E 53 41.28 54.34 1.27
N ILE E 54 40.73 53.18 0.89
CA ILE E 54 39.33 53.06 0.51
C ILE E 54 38.42 53.66 1.58
N GLU E 55 38.65 53.26 2.83
CA GLU E 55 37.78 53.67 3.93
C GLU E 55 37.89 55.17 4.19
N ASN E 56 39.11 55.71 4.22
CA ASN E 56 39.23 57.12 4.55
C ASN E 56 38.68 58.01 3.44
N ILE E 57 38.95 57.65 2.16
CA ILE E 57 38.37 58.45 1.09
C ILE E 57 36.85 58.36 1.12
N LEU E 58 36.31 57.19 1.47
CA LEU E 58 34.86 57.04 1.43
C LEU E 58 34.17 57.83 2.54
N ASP E 59 34.63 57.68 3.79
CA ASP E 59 33.94 58.41 4.85
C ASP E 59 34.27 59.90 4.84
N ASN E 60 35.39 60.29 4.22
CA ASN E 60 35.64 61.71 4.01
C ASN E 60 34.68 62.27 2.97
N LEU E 61 34.53 61.56 1.84
CA LEU E 61 33.63 62.01 0.78
C LEU E 61 32.18 61.97 1.22
N GLU E 62 31.85 61.22 2.27
CA GLU E 62 30.47 61.22 2.73
C GLU E 62 30.20 62.29 3.80
N ASP E 63 31.09 62.41 4.79
CA ASP E 63 30.81 63.30 5.93
C ASP E 63 30.68 64.76 5.51
N MET E 64 31.76 65.34 4.99
CA MET E 64 31.85 66.77 4.65
C MET E 64 31.53 67.66 5.85
N LEU E 79 21.80 59.50 -1.38
CA LEU E 79 22.82 59.43 -0.34
C LEU E 79 23.31 57.99 -0.18
N LEU E 80 23.89 57.42 -1.23
CA LEU E 80 24.35 56.04 -1.18
C LEU E 80 25.78 55.91 -1.70
N LEU E 81 26.47 54.90 -1.20
CA LEU E 81 27.88 54.69 -1.50
C LEU E 81 28.05 54.13 -2.91
N GLY E 82 27.11 53.31 -3.32
CA GLY E 82 27.06 52.53 -4.54
C GLY E 82 27.45 51.09 -4.29
N LYS E 83 26.87 50.21 -5.11
CA LYS E 83 26.88 48.77 -4.86
C LYS E 83 28.28 48.19 -4.88
N HIS E 84 29.12 48.69 -5.80
CA HIS E 84 30.44 48.13 -6.00
C HIS E 84 31.31 48.34 -4.77
N GLN E 85 31.34 49.57 -4.25
CA GLN E 85 32.13 49.91 -3.06
C GLN E 85 31.80 49.00 -1.88
N LEU E 86 30.50 48.83 -1.62
CA LEU E 86 30.08 48.02 -0.48
C LEU E 86 30.46 46.57 -0.67
N ASN E 87 30.25 46.03 -1.89
CA ASN E 87 30.57 44.64 -2.15
C ASN E 87 32.07 44.37 -2.00
N GLU E 88 32.91 45.25 -2.58
CA GLU E 88 34.35 45.04 -2.48
C GLU E 88 34.81 45.21 -1.04
N LEU E 89 34.28 46.20 -0.33
CA LEU E 89 34.69 46.45 1.05
C LEU E 89 34.33 45.26 1.93
N GLY E 90 33.19 44.62 1.70
CA GLY E 90 32.84 43.46 2.50
C GLY E 90 33.71 42.26 2.18
N SER E 91 33.93 42.00 0.89
CA SER E 91 34.78 40.88 0.51
C SER E 91 36.21 41.07 0.98
N GLU E 92 36.67 42.31 1.04
CA GLU E 92 37.99 42.57 1.59
C GLU E 92 37.98 42.51 3.11
N SER E 93 36.82 42.77 3.72
CA SER E 93 36.73 42.66 5.17
C SER E 93 36.88 41.21 5.63
N ALA E 94 36.36 40.28 4.83
CA ALA E 94 36.30 38.90 5.29
C ALA E 94 37.66 38.25 5.57
N LYS E 95 38.44 37.97 4.51
CA LYS E 95 39.70 37.23 4.63
C LYS E 95 40.92 38.14 4.69
N ILE E 96 40.95 39.15 3.83
CA ILE E 96 42.01 40.16 3.89
C ILE E 96 42.01 40.79 5.27
N LYS E 97 40.86 41.29 5.70
CA LYS E 97 40.75 41.85 7.03
C LYS E 97 40.33 40.80 8.06
N ALA E 98 40.53 39.52 7.77
CA ALA E 98 40.47 38.48 8.80
C ALA E 98 41.47 38.74 9.92
N MET E 99 42.60 39.36 9.61
CA MET E 99 43.60 39.68 10.62
C MET E 99 43.96 41.16 10.67
N GLY E 100 43.58 41.94 9.67
CA GLY E 100 43.98 43.32 9.51
C GLY E 100 43.08 44.36 10.12
N ILE E 101 42.04 43.95 10.84
CA ILE E 101 41.09 44.92 11.37
C ILE E 101 41.67 45.67 12.57
N MET E 102 42.67 45.12 13.24
CA MET E 102 43.35 45.82 14.32
C MET E 102 44.13 47.01 13.73
N ASP E 103 44.64 47.87 14.62
CA ASP E 103 45.48 49.02 14.27
C ASP E 103 44.75 49.96 13.32
N LYS E 104 43.67 50.55 13.83
CA LYS E 104 42.89 51.53 13.11
C LYS E 104 42.39 52.56 14.11
N LEU E 105 41.69 53.57 13.62
CA LEU E 105 41.26 54.67 14.48
C LEU E 105 39.87 54.35 15.02
N SER E 106 39.70 54.48 16.33
CA SER E 106 38.52 53.95 17.00
C SER E 106 37.27 54.77 16.69
N THR E 107 37.30 56.05 17.07
CA THR E 107 36.15 56.93 16.85
C THR E 107 35.84 57.09 15.37
N ASP E 108 36.83 56.92 14.51
CA ASP E 108 36.59 56.75 13.08
C ASP E 108 35.60 55.63 12.84
N LYS E 109 35.88 54.44 13.41
CA LYS E 109 34.96 53.32 13.28
C LYS E 109 33.59 53.65 13.86
N THR E 110 33.56 54.34 15.01
CA THR E 110 32.30 54.75 15.62
C THR E 110 31.44 55.54 14.64
N VAL E 111 32.02 56.54 13.99
CA VAL E 111 31.23 57.38 13.10
C VAL E 111 30.83 56.61 11.84
N LYS E 112 31.72 55.76 11.30
CA LYS E 112 31.30 55.06 10.08
C LYS E 112 30.22 54.03 10.37
N VAL E 113 30.32 53.32 11.50
CA VAL E 113 29.23 52.40 11.83
C VAL E 113 27.94 53.16 12.11
N LEU E 114 28.03 54.40 12.63
CA LEU E 114 26.82 55.21 12.75
C LEU E 114 26.25 55.56 11.38
N ASN E 115 27.14 55.81 10.42
CA ASN E 115 26.72 56.17 9.07
C ASN E 115 26.01 55.02 8.39
N ILE E 116 26.60 53.83 8.44
CA ILE E 116 25.91 52.69 7.84
C ILE E 116 24.69 52.28 8.64
N LEU E 117 24.60 52.64 9.92
CA LEU E 117 23.35 52.44 10.64
C LEU E 117 22.24 53.30 10.06
N GLU E 118 22.50 54.61 9.96
CA GLU E 118 21.54 55.52 9.35
C GLU E 118 21.21 55.12 7.92
N LYS E 119 22.16 54.49 7.23
CA LYS E 119 21.92 53.92 5.91
C LYS E 119 20.92 52.78 5.99
N ASN E 120 21.21 51.77 6.81
CA ASN E 120 20.36 50.58 6.97
C ASN E 120 18.93 50.93 7.30
N ILE E 121 18.71 51.93 8.18
CA ILE E 121 17.37 52.28 8.66
C ILE E 121 16.41 52.60 7.50
N GLN E 122 16.95 52.93 6.32
CA GLN E 122 16.15 53.27 5.15
C GLN E 122 15.27 52.11 4.69
N ASP E 123 15.59 50.88 5.11
CA ASP E 123 14.83 49.70 4.75
C ASP E 123 14.22 48.99 5.95
N GLY E 124 14.55 49.41 7.18
CA GLY E 124 13.85 48.92 8.36
C GLY E 124 12.36 49.14 8.27
N SER E 125 11.60 48.04 8.18
CA SER E 125 10.19 48.06 7.81
C SER E 125 10.03 48.73 6.46
N LYS E 126 10.65 48.11 5.45
CA LYS E 126 10.52 48.63 4.09
C LYS E 126 9.11 48.40 3.55
N LEU E 127 8.46 47.33 4.00
CA LEU E 127 7.09 46.96 3.61
C LEU E 127 6.98 46.78 2.09
N SER E 128 7.63 45.72 1.63
CA SER E 128 7.61 45.39 0.22
C SER E 128 7.56 43.89 -0.01
N GLU E 141 6.52 48.36 -12.70
CA GLU E 141 7.15 47.24 -13.39
C GLU E 141 8.65 47.49 -13.38
N ARG E 142 9.00 48.66 -12.87
CA ARG E 142 10.37 49.14 -12.68
C ARG E 142 10.62 49.56 -11.24
N LEU E 143 9.62 50.18 -10.59
CA LEU E 143 9.74 50.58 -9.19
C LEU E 143 10.02 49.37 -8.29
N TRP E 144 9.39 48.24 -8.61
CA TRP E 144 9.66 46.99 -7.91
C TRP E 144 11.12 46.58 -8.00
N ARG E 145 11.71 46.74 -9.20
CA ARG E 145 13.15 46.55 -9.38
C ARG E 145 13.94 47.47 -8.47
N ASP E 146 13.54 48.75 -8.42
CA ASP E 146 14.22 49.69 -7.53
C ASP E 146 14.17 49.23 -6.06
N LEU E 147 13.02 48.70 -5.64
CA LEU E 147 12.89 48.13 -4.30
C LEU E 147 13.90 47.00 -4.07
N ILE E 148 13.93 46.00 -4.98
CA ILE E 148 14.84 44.87 -4.76
C ILE E 148 16.28 45.36 -4.77
N MET E 149 16.57 46.41 -5.55
CA MET E 149 17.88 47.05 -5.52
C MET E 149 18.18 47.57 -4.12
N GLU E 150 17.23 48.30 -3.53
CA GLU E 150 17.41 48.77 -2.16
C GLU E 150 17.68 47.61 -1.20
N ARG E 151 16.97 46.50 -1.40
CA ARG E 151 17.14 45.35 -0.50
C ARG E 151 18.55 44.78 -0.59
N VAL E 152 19.03 44.53 -1.82
CA VAL E 152 20.35 43.93 -1.99
C VAL E 152 21.43 44.85 -1.43
N THR E 153 21.28 46.18 -1.65
CA THR E 153 22.24 47.12 -1.07
C THR E 153 22.29 47.00 0.45
N LYS E 154 21.11 47.01 1.10
CA LYS E 154 21.11 46.96 2.56
C LYS E 154 21.63 45.65 3.08
N SER E 155 21.43 44.56 2.34
CA SER E 155 21.96 43.29 2.80
C SER E 155 23.47 43.26 2.68
N ALA E 156 24.03 43.84 1.61
CA ALA E 156 25.47 44.01 1.51
C ALA E 156 26.02 44.80 2.68
N ASP E 157 25.31 45.87 3.06
CA ASP E 157 25.70 46.64 4.24
C ASP E 157 25.69 45.77 5.48
N ALA E 158 24.65 44.95 5.63
CA ALA E 158 24.54 44.06 6.77
C ALA E 158 25.74 43.11 6.84
N CYS E 159 26.12 42.54 5.71
CA CYS E 159 27.34 41.74 5.62
C CYS E 159 28.54 42.50 6.14
N LEU E 160 28.69 43.75 5.69
CA LEU E 160 29.81 44.57 6.11
C LEU E 160 29.84 44.71 7.63
N THR E 161 28.69 45.05 8.21
CA THR E 161 28.64 45.33 9.64
C THR E 161 28.89 44.08 10.46
N THR E 162 28.27 42.96 10.08
CA THR E 162 28.45 41.75 10.85
C THR E 162 29.85 41.16 10.71
N ILE E 163 30.55 41.49 9.62
CA ILE E 163 31.96 41.08 9.57
C ILE E 163 32.79 41.98 10.48
N ASN E 164 32.50 43.29 10.46
CA ASN E 164 33.28 44.23 11.24
C ASN E 164 33.13 44.01 12.73
N ILE E 165 31.96 43.60 13.20
CA ILE E 165 31.75 43.40 14.63
C ILE E 165 32.56 42.22 15.16
N MET E 166 32.72 41.16 14.37
CA MET E 166 33.24 39.93 14.94
C MET E 166 34.69 39.65 14.60
N THR E 167 35.18 40.10 13.43
CA THR E 167 36.35 39.51 12.78
C THR E 167 37.58 39.49 13.68
N SER E 168 37.76 40.50 14.50
CA SER E 168 38.96 40.47 15.30
C SER E 168 38.79 39.57 16.51
N PRO E 169 39.85 38.85 16.89
CA PRO E 169 39.84 38.19 18.19
C PRO E 169 39.71 39.15 19.36
N ASN E 170 40.05 40.43 19.16
CA ASN E 170 39.96 41.42 20.23
C ASN E 170 39.81 42.82 19.63
N MET E 171 38.96 43.61 20.26
CA MET E 171 38.77 45.01 19.92
C MET E 171 38.56 45.76 21.22
N PRO E 172 38.66 47.09 21.24
CA PRO E 172 38.21 47.82 22.42
C PRO E 172 36.73 47.62 22.68
N LYS E 173 36.35 47.79 23.93
CA LYS E 173 34.95 47.73 24.28
C LYS E 173 34.26 48.98 23.74
N ALA E 174 32.94 48.92 23.62
CA ALA E 174 32.08 50.00 23.15
C ALA E 174 32.38 50.40 21.71
N VAL E 175 32.99 49.52 20.93
CA VAL E 175 33.12 49.83 19.51
C VAL E 175 31.91 49.32 18.73
N TYR E 176 31.01 48.59 19.38
CA TYR E 176 29.75 48.19 18.75
C TYR E 176 28.63 48.25 19.78
N ILE E 177 27.71 49.16 19.57
CA ILE E 177 26.57 49.43 20.43
C ILE E 177 25.36 48.70 19.86
N GLU E 178 24.46 48.29 20.77
CA GLU E 178 23.31 47.42 20.49
C GLU E 178 22.41 47.84 19.32
N ASP E 179 22.54 49.07 18.83
CA ASP E 179 21.67 49.52 17.76
C ASP E 179 21.87 48.67 16.51
N VAL E 180 23.13 48.38 16.17
CA VAL E 180 23.40 47.55 15.00
C VAL E 180 22.81 46.15 15.18
N ILE E 181 22.85 45.64 16.42
CA ILE E 181 22.20 44.38 16.76
C ILE E 181 20.72 44.41 16.42
N GLU E 182 19.97 45.29 17.08
CA GLU E 182 18.53 45.36 16.86
C GLU E 182 18.18 45.60 15.39
N ARG E 183 18.97 46.45 14.72
CA ARG E 183 18.70 46.76 13.32
C ARG E 183 18.78 45.52 12.46
N VAL E 184 19.91 44.80 12.54
CA VAL E 184 20.06 43.63 11.68
C VAL E 184 19.02 42.57 12.05
N ILE E 185 18.67 42.46 13.34
CA ILE E 185 17.67 41.46 13.74
C ILE E 185 16.34 41.74 13.06
N GLN E 186 15.76 42.93 13.30
CA GLN E 186 14.46 43.21 12.71
C GLN E 186 14.50 43.23 11.19
N TYR E 187 15.62 43.66 10.61
CA TYR E 187 15.77 43.67 9.15
C TYR E 187 15.66 42.27 8.60
N THR E 188 16.50 41.36 9.10
CA THR E 188 16.47 39.97 8.65
C THR E 188 15.12 39.32 8.91
N LYS E 189 14.54 39.57 10.09
CA LYS E 189 13.23 39.00 10.43
C LYS E 189 12.19 39.37 9.40
N PHE E 190 12.02 40.67 9.16
CA PHE E 190 10.96 41.12 8.27
C PHE E 190 11.23 40.67 6.84
N HIS E 191 12.46 40.91 6.37
CA HIS E 191 12.84 40.57 5.01
C HIS E 191 12.63 39.09 4.72
N LEU E 192 13.15 38.24 5.60
CA LEU E 192 12.99 36.81 5.48
C LEU E 192 11.52 36.41 5.51
N GLN E 193 10.83 36.67 6.63
CA GLN E 193 9.48 36.19 6.85
C GLN E 193 8.45 36.83 5.93
N ASN E 194 8.81 37.84 5.14
CA ASN E 194 7.85 38.42 4.22
C ASN E 194 8.26 38.35 2.77
N THR E 195 9.49 37.90 2.46
CA THR E 195 9.87 37.81 1.06
C THR E 195 10.34 36.43 0.66
N LEU E 196 11.06 35.73 1.54
CA LEU E 196 11.70 34.49 1.12
C LEU E 196 10.70 33.34 1.10
N TYR E 197 10.07 33.09 2.23
CA TYR E 197 9.07 32.02 2.36
C TYR E 197 7.96 32.09 1.31
N PRO E 198 7.34 33.25 1.01
CA PRO E 198 6.30 33.23 -0.03
C PRO E 198 6.81 32.83 -1.40
N GLN E 199 7.99 33.29 -1.78
CA GLN E 199 8.46 33.04 -3.13
C GLN E 199 8.99 31.61 -3.32
N TYR E 200 9.36 30.92 -2.24
CA TYR E 200 9.79 29.53 -2.40
C TYR E 200 8.73 28.50 -2.03
N ASP E 201 7.62 28.91 -1.45
CA ASP E 201 6.62 27.91 -1.05
C ASP E 201 5.26 28.58 -0.94
N PRO E 202 4.28 28.12 -1.72
CA PRO E 202 2.94 28.71 -1.67
C PRO E 202 2.15 28.46 -0.39
N VAL E 203 2.71 27.71 0.58
CA VAL E 203 1.96 27.38 1.80
C VAL E 203 1.58 28.64 2.57
N TYR E 204 2.53 29.55 2.78
CA TYR E 204 2.17 30.78 3.47
C TYR E 204 1.49 31.74 2.52
N ARG E 205 2.06 31.92 1.34
CA ARG E 205 1.48 32.73 0.28
C ARG E 205 0.31 32.01 -0.38
N GLN E 228 15.15 38.34 -9.76
CA GLN E 228 15.08 36.88 -9.78
C GLN E 228 16.39 36.25 -9.33
N ARG E 229 17.49 36.57 -10.00
CA ARG E 229 18.79 36.04 -9.56
C ARG E 229 19.15 36.60 -8.19
N VAL E 230 18.72 37.84 -7.94
CA VAL E 230 18.84 38.48 -6.64
C VAL E 230 18.18 37.69 -5.53
N ILE E 231 17.15 36.89 -5.85
CA ILE E 231 16.45 36.12 -4.82
C ILE E 231 17.38 35.09 -4.20
N VAL E 232 18.01 34.27 -5.05
CA VAL E 232 18.94 33.29 -4.52
C VAL E 232 20.17 33.98 -3.95
N MET E 233 20.58 35.11 -4.56
CA MET E 233 21.71 35.88 -4.01
C MET E 233 21.45 36.30 -2.57
N LEU E 234 20.30 36.94 -2.31
CA LEU E 234 19.95 37.37 -0.97
C LEU E 234 19.79 36.19 -0.03
N TYR E 235 19.28 35.06 -0.54
CA TYR E 235 19.20 33.85 0.27
C TYR E 235 20.57 33.49 0.81
N ASN E 236 21.57 33.47 -0.06
CA ASN E 236 22.93 33.17 0.39
C ASN E 236 23.41 34.22 1.39
N LYS E 237 23.12 35.50 1.09
CA LYS E 237 23.49 36.60 1.98
C LYS E 237 22.98 36.39 3.39
N VAL E 238 21.70 36.01 3.52
CA VAL E 238 21.14 35.85 4.86
C VAL E 238 21.78 34.65 5.55
N CYS E 239 22.15 33.60 4.79
CA CYS E 239 22.88 32.48 5.42
C CYS E 239 24.17 32.97 6.08
N ASP E 240 24.99 33.73 5.33
CA ASP E 240 26.20 34.29 5.94
C ASP E 240 25.87 35.21 7.11
N ILE E 241 24.80 36.01 6.98
CA ILE E 241 24.42 36.94 8.03
C ILE E 241 24.16 36.20 9.33
N VAL E 242 23.32 35.17 9.26
CA VAL E 242 22.92 34.49 10.48
C VAL E 242 24.08 33.69 11.07
N SER E 243 24.96 33.13 10.23
CA SER E 243 26.13 32.42 10.76
C SER E 243 27.05 33.37 11.53
N SER E 244 27.44 34.47 10.89
CA SER E 244 28.26 35.48 11.53
C SER E 244 27.60 35.99 12.80
N LEU E 245 26.28 36.16 12.77
CA LEU E 245 25.56 36.70 13.91
C LEU E 245 25.57 35.70 15.06
N SER E 246 25.45 34.42 14.75
CA SER E 246 25.63 33.36 15.73
C SER E 246 26.98 33.46 16.41
N GLU E 247 28.04 33.60 15.63
CA GLU E 247 29.38 33.67 16.21
C GLU E 247 29.55 34.89 17.12
N LEU E 248 29.14 36.06 16.64
CA LEU E 248 29.23 37.27 17.47
C LEU E 248 28.45 37.13 18.77
N LEU E 249 27.20 36.66 18.67
CA LEU E 249 26.39 36.49 19.87
C LEU E 249 27.01 35.49 20.83
N GLU E 250 27.72 34.49 20.31
CA GLU E 250 28.38 33.56 21.20
C GLU E 250 29.52 34.26 21.93
N ILE E 251 30.20 35.19 21.24
CA ILE E 251 31.40 35.82 21.80
C ILE E 251 31.06 36.65 23.04
N GLN E 252 30.21 37.67 22.89
CA GLN E 252 30.04 38.66 23.93
C GLN E 252 28.64 38.56 24.55
N LEU E 253 28.46 39.25 25.67
CA LEU E 253 27.18 39.34 26.34
C LEU E 253 26.30 40.36 25.64
N LEU E 254 24.98 40.23 25.85
CA LEU E 254 24.02 41.09 25.20
C LEU E 254 22.84 41.29 26.14
N THR E 255 21.88 42.13 25.72
CA THR E 255 20.74 42.51 26.53
C THR E 255 19.47 41.78 26.10
N ASP E 256 18.66 41.40 27.09
CA ASP E 256 17.53 40.48 26.91
C ASP E 256 16.54 40.92 25.85
N THR E 257 16.35 42.24 25.67
CA THR E 257 15.38 42.72 24.69
C THR E 257 15.73 42.23 23.29
N THR E 258 17.02 42.27 22.96
CA THR E 258 17.51 41.69 21.73
C THR E 258 17.31 40.18 21.73
N ILE E 259 17.50 39.55 22.89
CA ILE E 259 17.46 38.10 23.02
C ILE E 259 16.11 37.54 22.60
N LEU E 260 15.04 38.23 22.98
CA LEU E 260 13.69 37.75 22.61
C LEU E 260 13.51 37.71 21.10
N GLN E 261 13.86 38.79 20.41
CA GLN E 261 13.71 38.83 18.97
C GLN E 261 14.64 37.85 18.27
N VAL E 262 15.91 37.77 18.70
CA VAL E 262 16.84 36.87 18.02
C VAL E 262 16.40 35.42 18.20
N SER E 263 15.90 35.07 19.38
CA SER E 263 15.43 33.71 19.63
C SER E 263 14.23 33.40 18.76
N SER E 264 13.27 34.34 18.66
CA SER E 264 12.10 34.09 17.82
C SER E 264 12.51 33.94 16.36
N MET E 265 13.46 34.77 15.91
CA MET E 265 13.90 34.71 14.51
C MET E 265 14.61 33.40 14.22
N GLY E 266 15.41 32.92 15.16
CA GLY E 266 16.15 31.71 14.91
C GLY E 266 15.30 30.46 15.03
N ILE E 267 14.23 30.51 15.83
CA ILE E 267 13.35 29.35 15.88
C ILE E 267 12.41 29.31 14.66
N THR E 268 12.02 30.46 14.13
CA THR E 268 11.10 30.56 12.99
C THR E 268 11.34 29.63 11.79
N PRO E 269 12.55 29.49 11.22
CA PRO E 269 12.65 28.86 9.88
C PRO E 269 12.33 27.38 9.82
N PHE E 270 12.28 26.70 10.93
CA PHE E 270 12.16 25.25 10.94
C PHE E 270 10.81 24.73 10.53
N PHE E 271 9.91 25.57 10.02
CA PHE E 271 8.52 25.21 9.80
C PHE E 271 8.10 25.56 8.38
N VAL E 272 9.08 25.78 7.51
CA VAL E 272 8.88 25.89 6.07
C VAL E 272 9.76 24.83 5.42
N GLU E 273 9.74 24.76 4.09
CA GLU E 273 10.17 23.55 3.42
C GLU E 273 11.64 23.56 2.97
N ASN E 274 11.99 24.46 2.06
CA ASN E 274 13.25 24.37 1.35
C ASN E 274 14.28 25.35 1.92
N VAL E 275 14.68 25.11 3.16
CA VAL E 275 15.59 26.03 3.84
C VAL E 275 16.77 25.34 4.51
N SER E 276 17.15 24.16 3.99
CA SER E 276 18.13 23.26 4.60
C SER E 276 19.32 23.97 5.23
N GLU E 277 19.96 24.82 4.43
CA GLU E 277 21.16 25.52 4.87
C GLU E 277 20.84 26.47 6.01
N LEU E 278 19.75 27.23 5.85
CA LEU E 278 19.22 28.05 6.92
C LEU E 278 18.97 27.23 8.17
N GLN E 279 18.44 26.02 7.99
CA GLN E 279 18.17 25.15 9.13
C GLN E 279 19.45 24.84 9.90
N LEU E 280 20.51 24.46 9.21
CA LEU E 280 21.66 24.02 9.99
C LEU E 280 22.46 25.17 10.59
N CYS E 281 22.57 26.31 9.89
CA CYS E 281 23.15 27.48 10.56
C CYS E 281 22.28 27.92 11.74
N ALA E 282 20.96 27.87 11.58
CA ALA E 282 20.08 28.21 12.69
C ALA E 282 20.24 27.24 13.85
N ILE E 283 20.49 25.96 13.55
CA ILE E 283 20.86 24.99 14.58
C ILE E 283 22.03 25.51 15.39
N LYS E 284 23.09 25.93 14.70
CA LYS E 284 24.24 26.52 15.39
C LYS E 284 23.83 27.71 16.25
N LEU E 285 23.01 28.59 15.68
CA LEU E 285 22.59 29.80 16.38
C LEU E 285 21.83 29.46 17.67
N VAL E 286 20.79 28.64 17.56
CA VAL E 286 19.97 28.30 18.71
C VAL E 286 20.78 27.54 19.75
N THR E 287 21.73 26.69 19.34
CA THR E 287 22.46 25.97 20.38
C THR E 287 23.43 26.90 21.10
N ALA E 288 23.98 27.92 20.42
CA ALA E 288 24.78 28.91 21.12
C ALA E 288 23.93 29.71 22.10
N VAL E 289 22.74 30.13 21.64
CA VAL E 289 21.81 30.85 22.49
C VAL E 289 21.46 30.03 23.72
N PHE E 290 21.20 28.75 23.51
CA PHE E 290 20.86 27.83 24.58
C PHE E 290 22.04 27.64 25.52
N SER E 291 23.25 27.72 24.99
CA SER E 291 24.45 27.60 25.80
C SER E 291 24.57 28.74 26.79
N ARG E 292 24.59 29.98 26.29
CA ARG E 292 25.07 31.10 27.11
C ARG E 292 24.14 31.39 28.28
N TYR E 293 22.90 31.81 28.01
CA TYR E 293 22.01 32.34 29.04
C TYR E 293 21.08 31.25 29.54
N GLU E 294 21.19 30.87 30.80
CA GLU E 294 20.37 29.81 31.36
C GLU E 294 19.11 30.29 32.06
N LYS E 295 18.33 31.15 31.40
CA LYS E 295 17.05 31.53 32.00
C LYS E 295 15.86 31.56 31.05
N HIS E 296 16.04 31.39 29.74
CA HIS E 296 14.95 31.45 28.78
C HIS E 296 14.50 30.09 28.27
N ARG E 297 15.12 29.02 28.76
CA ARG E 297 14.85 27.66 28.29
C ARG E 297 13.38 27.28 28.31
N GLN E 298 12.67 27.62 29.40
CA GLN E 298 11.25 27.29 29.47
C GLN E 298 10.48 27.95 28.35
N LEU E 299 10.79 29.21 28.06
CA LEU E 299 10.11 29.93 27.01
C LEU E 299 10.45 29.37 25.64
N ILE E 300 11.72 29.05 25.40
CA ILE E 300 12.12 28.57 24.08
C ILE E 300 11.57 27.17 23.83
N LEU E 301 11.57 26.31 24.85
CA LEU E 301 11.01 24.97 24.69
C LEU E 301 9.52 25.01 24.40
N GLU E 302 8.77 25.85 25.15
CA GLU E 302 7.34 25.93 24.87
C GLU E 302 7.10 26.51 23.48
N GLU E 303 7.86 27.53 23.08
CA GLU E 303 7.66 28.12 21.77
C GLU E 303 8.10 27.18 20.67
N ILE E 304 8.89 26.17 21.01
CA ILE E 304 9.14 25.09 20.06
C ILE E 304 7.91 24.23 19.93
N PHE E 305 7.31 23.88 21.07
CA PHE E 305 6.19 22.97 21.10
C PHE E 305 4.96 23.54 20.41
N THR E 306 4.77 24.86 20.50
CA THR E 306 3.55 25.53 20.03
C THR E 306 3.19 25.19 18.59
N SER E 307 4.18 25.15 17.70
CA SER E 307 3.92 25.09 16.27
C SER E 307 4.13 23.71 15.70
N LEU E 308 3.77 22.67 16.47
CA LEU E 308 3.97 21.30 16.03
C LEU E 308 3.05 20.92 14.88
N ALA E 309 1.87 21.54 14.78
CA ALA E 309 0.97 21.23 13.68
C ALA E 309 1.55 21.62 12.34
N ARG E 310 2.22 22.76 12.26
CA ARG E 310 2.76 23.30 11.03
C ARG E 310 4.00 22.57 10.53
N LEU E 311 4.38 21.47 11.17
CA LEU E 311 5.53 20.69 10.74
C LEU E 311 5.31 20.15 9.32
N PRO E 312 6.40 19.74 8.61
CA PRO E 312 6.23 19.38 7.19
C PRO E 312 5.39 18.15 6.89
N THR E 313 5.70 17.00 7.49
CA THR E 313 5.06 15.70 7.22
C THR E 313 4.92 15.45 5.73
N SER E 314 6.02 15.66 5.01
CA SER E 314 6.12 15.32 3.59
C SER E 314 7.27 14.35 3.37
N LYS E 315 7.02 13.30 2.57
CA LYS E 315 8.04 12.31 2.25
C LYS E 315 9.28 12.98 1.71
N ARG E 316 9.11 13.77 0.66
CA ARG E 316 10.20 14.62 0.19
C ARG E 316 10.58 15.59 1.29
N SER E 317 11.88 15.75 1.49
CA SER E 317 12.50 16.69 2.42
C SER E 317 12.22 16.36 3.89
N LEU E 318 11.70 15.18 4.20
CA LEU E 318 11.51 14.80 5.60
C LEU E 318 12.83 14.70 6.33
N ARG E 319 13.67 13.76 5.93
CA ARG E 319 14.97 13.53 6.57
C ARG E 319 16.05 14.22 5.75
N ASN E 320 16.57 15.34 6.26
CA ASN E 320 17.53 16.16 5.53
C ASN E 320 18.71 16.53 6.39
N PHE E 321 19.16 15.64 7.26
CA PHE E 321 20.37 15.90 8.02
C PHE E 321 21.27 14.70 7.76
N ARG E 322 22.16 14.88 6.79
CA ARG E 322 23.04 13.83 6.29
C ARG E 322 23.92 13.29 7.41
N LEU E 323 24.49 12.11 7.16
CA LEU E 323 25.18 11.37 8.20
C LEU E 323 26.25 10.46 7.61
N PRO E 332 22.88 7.42 2.00
CA PRO E 332 21.89 6.74 2.83
C PRO E 332 21.95 7.22 4.27
N MET E 333 21.08 6.67 5.12
CA MET E 333 21.04 6.95 6.57
C MET E 333 20.82 8.43 6.84
N TYR E 334 19.64 8.91 6.45
CA TYR E 334 19.19 10.24 6.81
C TYR E 334 18.26 10.16 8.01
N ILE E 335 18.17 11.26 8.77
CA ILE E 335 17.29 11.34 9.93
C ILE E 335 16.48 12.64 9.89
N GLN E 336 15.45 12.69 10.71
CA GLN E 336 14.59 13.86 10.82
C GLN E 336 15.36 15.04 11.39
N MET E 337 14.71 16.21 11.41
CA MET E 337 15.37 17.46 11.77
C MET E 337 15.09 17.94 13.19
N VAL E 338 13.82 18.10 13.57
CA VAL E 338 13.49 18.65 14.88
C VAL E 338 14.02 17.77 16.00
N THR E 339 14.18 16.48 15.74
CA THR E 339 14.80 15.61 16.71
C THR E 339 16.27 15.92 16.87
N ALA E 340 16.94 16.23 15.75
CA ALA E 340 18.33 16.65 15.82
C ALA E 340 18.45 17.95 16.60
N LEU E 341 17.52 18.87 16.38
CA LEU E 341 17.51 20.13 17.08
C LEU E 341 17.41 19.93 18.60
N VAL E 342 16.45 19.12 19.02
CA VAL E 342 16.24 18.95 20.46
C VAL E 342 17.42 18.21 21.09
N LEU E 343 17.93 17.15 20.43
CA LEU E 343 19.08 16.46 21.01
C LEU E 343 20.29 17.37 21.12
N GLN E 344 20.55 18.19 20.08
CA GLN E 344 21.69 19.11 20.15
C GLN E 344 21.55 20.05 21.33
N LEU E 345 20.36 20.60 21.53
CA LEU E 345 20.09 21.44 22.70
C LEU E 345 20.42 20.69 23.99
N ILE E 346 19.75 19.55 24.21
CA ILE E 346 19.92 18.83 25.47
C ILE E 346 21.36 18.41 25.71
N GLN E 347 22.12 18.09 24.67
CA GLN E 347 23.53 17.78 24.90
C GLN E 347 24.38 19.02 25.15
N CYS E 348 23.91 20.21 24.77
CA CYS E 348 24.81 21.35 24.75
C CYS E 348 25.22 21.85 26.14
N VAL E 349 24.28 21.91 27.07
CA VAL E 349 24.55 22.54 28.37
C VAL E 349 25.31 21.67 29.35
N VAL E 350 26.64 21.78 29.37
CA VAL E 350 27.45 21.08 30.37
C VAL E 350 28.25 22.02 31.27
N HIS E 351 28.78 23.13 30.72
CA HIS E 351 29.42 24.22 31.47
C HIS E 351 30.56 23.67 32.34
N LEU E 352 31.59 23.19 31.64
CA LEU E 352 32.74 22.58 32.29
C LEU E 352 33.82 23.62 32.58
N PRO E 353 34.13 23.92 33.85
CA PRO E 353 35.10 24.97 34.21
C PRO E 353 36.53 24.65 33.81
N ASP E 372 34.71 19.11 40.67
CA ASP E 372 33.93 19.07 41.91
C ASP E 372 32.44 18.99 41.61
N VAL E 373 31.66 19.81 42.33
CA VAL E 373 30.21 19.81 42.24
C VAL E 373 29.69 20.14 40.85
N VAL E 374 30.54 20.72 39.99
CA VAL E 374 30.13 21.11 38.64
C VAL E 374 29.65 19.91 37.83
N ILE E 375 30.35 18.77 37.93
CA ILE E 375 29.99 17.59 37.15
C ILE E 375 28.60 17.10 37.54
N THR E 376 28.40 16.95 38.85
CA THR E 376 27.12 16.54 39.42
C THR E 376 26.00 17.45 38.96
N ASN E 377 26.10 18.75 39.28
CA ASN E 377 24.98 19.65 39.01
C ASN E 377 24.72 19.80 37.52
N SER E 378 25.75 19.65 36.68
CA SER E 378 25.54 19.74 35.25
C SER E 378 24.76 18.53 34.73
N TYR E 379 25.18 17.34 35.14
CA TYR E 379 24.46 16.14 34.73
C TYR E 379 23.03 16.16 35.24
N GLU E 380 22.81 16.66 36.46
CA GLU E 380 21.46 16.84 36.99
C GLU E 380 20.64 17.83 36.17
N THR E 381 21.25 18.96 35.80
CA THR E 381 20.53 19.96 34.99
C THR E 381 20.10 19.37 33.66
N ALA E 382 20.99 18.61 33.03
CA ALA E 382 20.68 17.95 31.77
C ALA E 382 19.51 16.98 31.94
N MET E 383 19.62 16.10 32.94
CA MET E 383 18.56 15.13 33.18
C MET E 383 17.22 15.80 33.49
N ARG E 384 17.23 16.84 34.32
CA ARG E 384 16.00 17.52 34.68
C ARG E 384 15.33 18.13 33.45
N THR E 385 16.13 18.77 32.60
CA THR E 385 15.61 19.35 31.36
C THR E 385 15.00 18.28 30.45
N ALA E 386 15.70 17.16 30.29
CA ALA E 386 15.21 16.06 29.46
C ALA E 386 13.91 15.50 30.02
N GLN E 387 13.89 15.25 31.33
CA GLN E 387 12.71 14.74 32.03
C GLN E 387 11.51 15.62 31.78
N ASN E 388 11.72 16.93 31.88
CA ASN E 388 10.62 17.88 31.69
C ASN E 388 10.13 17.83 30.24
N PHE E 389 11.07 17.88 29.30
CA PHE E 389 10.73 17.83 27.87
C PHE E 389 9.91 16.60 27.53
N LEU E 390 10.36 15.44 27.99
CA LEU E 390 9.70 14.18 27.62
C LEU E 390 8.33 14.06 28.27
N SER E 391 8.22 14.52 29.53
CA SER E 391 6.93 14.49 30.21
C SER E 391 5.91 15.34 29.47
N ILE E 392 6.31 16.58 29.14
CA ILE E 392 5.43 17.48 28.39
C ILE E 392 4.99 16.84 27.08
N PHE E 393 5.95 16.28 26.32
CA PHE E 393 5.64 15.65 25.05
C PHE E 393 4.61 14.55 25.23
N LEU E 394 4.89 13.60 26.12
CA LEU E 394 4.05 12.42 26.22
C LEU E 394 2.65 12.77 26.70
N LYS E 395 2.54 13.59 27.75
CA LYS E 395 1.21 13.96 28.25
C LYS E 395 0.40 14.71 27.20
N LYS E 396 1.01 15.68 26.49
CA LYS E 396 0.24 16.37 25.46
C LYS E 396 -0.08 15.45 24.28
N CYS E 397 0.75 14.42 24.06
CA CYS E 397 0.58 13.57 22.89
C CYS E 397 -0.51 12.53 23.06
N GLY E 398 -0.44 11.76 24.14
CA GLY E 398 -1.21 10.52 24.31
C GLY E 398 -2.69 10.52 24.01
N SER E 399 -3.52 11.21 24.79
CA SER E 399 -4.95 11.19 24.56
C SER E 399 -5.27 11.84 23.23
N LYS E 400 -6.27 11.31 22.54
CA LYS E 400 -6.66 11.89 21.27
C LYS E 400 -7.46 13.15 21.54
N GLN E 401 -6.96 14.28 21.06
CA GLN E 401 -7.60 15.57 21.28
C GLN E 401 -8.61 15.85 20.17
N GLY E 402 -9.09 17.08 20.13
CA GLY E 402 -10.00 17.53 19.10
C GLY E 402 -9.27 18.04 17.87
N GLU E 403 -9.54 17.40 16.72
CA GLU E 403 -9.14 17.80 15.38
C GLU E 403 -7.66 17.60 15.08
N GLU E 404 -6.86 17.08 16.00
CA GLU E 404 -5.43 16.95 15.71
C GLU E 404 -4.79 15.88 16.58
N ASP E 405 -3.83 15.18 15.99
CA ASP E 405 -3.07 14.13 16.65
C ASP E 405 -1.59 14.46 16.64
N TYR E 406 -0.83 13.73 17.47
CA TYR E 406 0.62 13.82 17.59
C TYR E 406 1.35 12.49 17.34
N ARG E 407 0.61 11.39 17.31
CA ARG E 407 1.18 10.04 17.21
C ARG E 407 2.17 9.83 16.06
N PRO E 408 1.93 10.30 14.82
CA PRO E 408 2.99 10.15 13.81
C PRO E 408 4.26 10.88 14.15
N LEU E 409 4.12 12.08 14.74
CA LEU E 409 5.29 12.85 15.16
C LEU E 409 6.13 12.06 16.16
N PHE E 410 5.49 11.50 17.19
CA PHE E 410 6.25 10.73 18.16
C PHE E 410 6.88 9.50 17.51
N GLU E 411 6.15 8.87 16.57
CA GLU E 411 6.68 7.73 15.85
C GLU E 411 7.95 8.08 15.09
N ASN E 412 7.96 9.22 14.40
CA ASN E 412 9.15 9.62 13.66
C ASN E 412 10.30 9.92 14.59
N PHE E 413 10.01 10.60 15.71
CA PHE E 413 11.02 10.91 16.71
C PHE E 413 11.70 9.64 17.20
N VAL E 414 10.90 8.61 17.51
CA VAL E 414 11.49 7.42 18.12
C VAL E 414 12.19 6.57 17.07
N GLN E 415 11.64 6.49 15.86
CA GLN E 415 12.34 5.82 14.76
C GLN E 415 13.70 6.45 14.50
N ASP E 416 13.78 7.77 14.59
CA ASP E 416 15.07 8.44 14.44
C ASP E 416 16.01 7.98 15.55
N LEU E 417 15.58 8.11 16.81
CA LEU E 417 16.36 7.64 17.96
C LEU E 417 16.91 6.23 17.78
N LEU E 418 16.06 5.27 17.40
CA LEU E 418 16.55 3.92 17.18
C LEU E 418 17.53 3.86 16.01
N SER E 419 17.32 4.67 14.97
CA SER E 419 18.27 4.70 13.88
C SER E 419 19.62 5.29 14.31
N THR E 420 19.65 6.05 15.40
CA THR E 420 20.86 6.74 15.85
C THR E 420 21.35 6.35 17.24
N VAL E 421 21.48 5.06 17.52
CA VAL E 421 21.63 4.64 18.91
C VAL E 421 23.06 4.83 19.39
N ASN E 422 24.05 4.42 18.61
CA ASN E 422 25.41 4.47 19.13
C ASN E 422 26.41 4.95 18.07
N LYS E 423 26.66 6.24 18.04
CA LYS E 423 27.73 6.84 17.27
C LYS E 423 28.66 7.60 18.20
N PRO E 424 29.90 7.89 17.78
CA PRO E 424 30.78 8.66 18.65
C PRO E 424 30.32 10.07 18.91
N GLU E 425 29.59 10.70 18.00
CA GLU E 425 29.38 12.14 18.09
C GLU E 425 27.91 12.46 18.30
N TRP E 426 27.19 11.58 19.00
CA TRP E 426 25.85 11.88 19.49
C TRP E 426 25.59 11.13 20.79
N PRO E 427 26.23 11.55 21.88
CA PRO E 427 25.82 11.04 23.20
C PRO E 427 24.44 11.47 23.62
N ALA E 428 24.06 11.06 24.85
CA ALA E 428 22.79 11.34 25.52
C ALA E 428 21.57 10.66 24.88
N ALA E 429 21.76 9.99 23.76
CA ALA E 429 20.65 9.25 23.18
C ALA E 429 20.26 8.08 24.07
N GLU E 430 21.26 7.36 24.59
CA GLU E 430 21.01 6.31 25.56
C GLU E 430 20.39 6.87 26.83
N LEU E 431 20.72 8.10 27.18
CA LEU E 431 20.09 8.76 28.32
C LEU E 431 18.61 8.96 28.07
N LEU E 432 18.29 9.48 26.89
CA LEU E 432 16.90 9.63 26.46
C LEU E 432 16.17 8.30 26.49
N LEU E 433 16.80 7.24 25.99
CA LEU E 433 16.16 5.92 25.98
C LEU E 433 15.92 5.39 27.37
N SER E 434 16.90 5.53 28.27
CA SER E 434 16.75 5.04 29.64
C SER E 434 15.60 5.74 30.35
N LEU E 435 15.59 7.07 30.30
CA LEU E 435 14.54 7.81 30.97
C LEU E 435 13.19 7.52 30.31
N LEU E 436 13.18 7.37 28.99
CA LEU E 436 11.99 7.01 28.25
C LEU E 436 11.42 5.68 28.73
N GLY E 437 12.29 4.68 28.86
CA GLY E 437 11.86 3.36 29.33
C GLY E 437 11.24 3.43 30.71
N ARG E 438 11.95 4.05 31.67
CA ARG E 438 11.42 4.11 33.02
C ARG E 438 10.12 4.90 33.06
N LEU E 439 10.04 5.97 32.29
CA LEU E 439 8.85 6.79 32.25
C LEU E 439 7.66 6.01 31.70
N LEU E 440 7.87 5.29 30.60
CA LEU E 440 6.81 4.48 30.01
C LEU E 440 6.28 3.44 30.99
N VAL E 441 7.20 2.66 31.58
CA VAL E 441 6.75 1.55 32.41
C VAL E 441 6.11 2.06 33.69
N HIS E 442 6.67 3.12 34.31
CA HIS E 442 6.01 3.70 35.46
C HIS E 442 4.77 4.49 35.09
N GLN E 443 4.52 4.69 33.80
CA GLN E 443 3.35 5.45 33.38
C GLN E 443 2.15 4.56 33.09
N PHE E 444 2.31 3.43 32.40
CA PHE E 444 1.12 2.68 32.04
C PHE E 444 0.80 1.56 33.03
N SER E 445 1.57 1.44 34.10
CA SER E 445 1.31 0.41 35.11
C SER E 445 -0.02 0.67 35.80
N ASN E 446 -0.15 1.85 36.42
CA ASN E 446 -1.31 2.17 37.25
C ASN E 446 -2.60 2.23 36.41
N LYS E 447 -3.71 2.42 37.11
CA LYS E 447 -5.03 2.36 36.53
C LYS E 447 -5.73 3.72 36.53
N SER E 448 -4.97 4.80 36.68
CA SER E 448 -5.62 6.10 36.77
C SER E 448 -5.79 6.80 35.43
N THR E 449 -4.89 6.57 34.48
CA THR E 449 -5.00 7.24 33.20
C THR E 449 -6.16 6.67 32.39
N GLU E 450 -6.34 7.20 31.19
CA GLU E 450 -7.33 6.69 30.26
C GLU E 450 -6.72 5.51 29.49
N MET E 451 -7.36 5.11 28.41
CA MET E 451 -6.95 3.91 27.70
C MET E 451 -5.96 4.18 26.57
N ALA E 452 -6.37 5.01 25.59
CA ALA E 452 -5.60 5.23 24.37
C ALA E 452 -4.16 5.67 24.63
N LEU E 453 -3.92 6.38 25.73
CA LEU E 453 -2.56 6.78 26.06
C LEU E 453 -1.73 5.58 26.44
N ARG E 454 -2.31 4.68 27.24
CA ARG E 454 -1.65 3.44 27.59
C ARG E 454 -1.37 2.62 26.35
N VAL E 455 -2.36 2.55 25.45
CA VAL E 455 -2.22 1.84 24.18
C VAL E 455 -1.01 2.33 23.42
N ALA E 456 -0.96 3.64 23.18
CA ALA E 456 0.10 4.22 22.37
C ALA E 456 1.46 3.99 23.00
N SER E 457 1.56 4.19 24.32
CA SER E 457 2.82 4.03 25.03
C SER E 457 3.32 2.60 24.93
N LEU E 458 2.45 1.63 25.18
CA LEU E 458 2.84 0.24 25.09
C LEU E 458 3.29 -0.13 23.68
N ASP E 459 2.64 0.47 22.67
CA ASP E 459 3.07 0.24 21.29
C ASP E 459 4.48 0.75 21.06
N TYR E 460 4.75 1.97 21.50
CA TYR E 460 6.07 2.56 21.30
C TYR E 460 7.14 1.73 21.99
N LEU E 461 6.87 1.30 23.23
CA LEU E 461 7.82 0.47 23.95
C LEU E 461 8.08 -0.85 23.23
N GLY E 462 7.03 -1.44 22.68
CA GLY E 462 7.22 -2.68 21.92
C GLY E 462 8.11 -2.48 20.72
N THR E 463 7.88 -1.41 19.96
CA THR E 463 8.71 -1.14 18.77
C THR E 463 10.17 -0.94 19.15
N VAL E 464 10.42 -0.13 20.17
CA VAL E 464 11.81 0.18 20.52
C VAL E 464 12.49 -1.05 21.12
N ALA E 465 11.75 -1.87 21.88
CA ALA E 465 12.31 -3.11 22.41
C ALA E 465 12.69 -4.06 21.28
N ALA E 466 11.82 -4.15 20.27
CA ALA E 466 12.09 -4.98 19.10
C ALA E 466 13.40 -4.57 18.42
N ARG E 467 13.51 -3.29 18.07
CA ARG E 467 14.73 -2.83 17.39
C ARG E 467 15.96 -3.04 18.28
N LEU E 468 15.80 -2.85 19.60
CA LEU E 468 16.89 -3.07 20.53
C LEU E 468 17.39 -4.51 20.44
N ARG E 469 16.47 -5.47 20.56
CA ARG E 469 16.85 -6.88 20.49
C ARG E 469 17.43 -7.21 19.12
N LYS E 470 16.96 -6.55 18.07
CA LYS E 470 17.45 -6.87 16.73
C LYS E 470 18.89 -6.40 16.59
N ASP E 471 19.16 -5.17 17.03
CA ASP E 471 20.53 -4.66 17.09
C ASP E 471 21.42 -5.57 17.94
N ALA E 472 20.86 -6.11 19.03
CA ALA E 472 21.58 -7.09 19.83
C ALA E 472 21.98 -8.30 19.01
N VAL E 473 20.98 -9.01 18.48
CA VAL E 473 21.22 -10.27 17.77
C VAL E 473 22.05 -10.07 16.51
N THR E 474 22.12 -8.86 15.99
CA THR E 474 22.94 -8.60 14.81
C THR E 474 24.30 -8.00 15.15
N SER E 475 24.50 -7.62 16.42
CA SER E 475 25.70 -6.91 16.85
C SER E 475 26.70 -7.84 17.55
N LYS E 476 26.24 -8.53 18.60
CA LYS E 476 27.12 -9.30 19.47
C LYS E 476 27.85 -10.41 18.73
N MET E 477 27.10 -11.32 18.11
CA MET E 477 27.75 -12.42 17.39
C MET E 477 28.36 -11.94 16.07
N ASP E 494 42.73 -1.66 34.29
CA ASP E 494 42.91 -0.23 34.09
C ASP E 494 42.86 0.16 32.62
N GLU E 495 42.92 -0.85 31.76
CA GLU E 495 42.96 -0.67 30.30
C GLU E 495 41.80 0.18 29.79
N ILE E 496 40.64 0.06 30.45
CA ILE E 496 39.44 0.83 30.12
C ILE E 496 39.75 2.32 30.07
N GLN E 497 40.62 2.78 30.97
CA GLN E 497 41.01 4.17 30.96
C GLN E 497 41.81 4.49 29.69
N GLN E 498 42.70 3.58 29.27
CA GLN E 498 43.42 3.75 28.01
C GLN E 498 42.45 3.86 26.83
N LEU E 499 41.39 3.05 26.82
CA LEU E 499 40.38 3.20 25.77
C LEU E 499 39.73 4.58 25.82
N GLN E 500 39.37 5.04 27.02
CA GLN E 500 38.83 6.40 27.18
C GLN E 500 39.78 7.42 26.57
N LYS E 501 41.08 7.25 26.83
CA LYS E 501 42.10 8.11 26.27
C LYS E 501 42.06 8.09 24.74
N ALA E 502 41.97 6.88 24.17
CA ALA E 502 41.98 6.71 22.72
C ALA E 502 40.78 7.40 22.08
N LEU E 503 39.58 7.19 22.66
CA LEU E 503 38.39 7.84 22.14
C LEU E 503 38.54 9.35 22.22
N LEU E 504 39.16 9.84 23.30
CA LEU E 504 39.36 11.27 23.44
C LEU E 504 40.26 11.80 22.33
N ASP E 505 41.27 11.02 21.91
CA ASP E 505 42.11 11.48 20.81
C ASP E 505 41.36 11.48 19.48
N TYR E 506 40.53 10.46 19.24
CA TYR E 506 39.67 10.43 18.05
C TYR E 506 38.79 11.65 17.95
N LEU E 507 38.02 11.92 19.02
CA LEU E 507 37.17 13.09 19.01
C LEU E 507 37.98 14.37 18.89
N ASP E 508 39.16 14.42 19.53
CA ASP E 508 39.99 15.62 19.49
C ASP E 508 40.36 15.97 18.05
N GLU E 509 40.78 14.97 17.27
CA GLU E 509 41.00 15.21 15.85
C GLU E 509 39.72 15.71 15.17
N ASN E 510 38.58 15.11 15.54
CA ASN E 510 37.35 15.53 14.87
C ASN E 510 36.92 16.95 15.24
N THR E 511 37.36 17.45 16.41
CA THR E 511 37.16 18.87 16.73
C THR E 511 37.78 19.76 15.66
N GLU E 512 39.04 19.49 15.31
CA GLU E 512 39.68 20.14 14.18
C GLU E 512 38.85 19.99 12.91
N THR E 513 38.34 18.79 12.65
CA THR E 513 37.55 18.61 11.43
C THR E 513 36.25 19.42 11.47
N ASP E 514 35.54 19.38 12.59
CA ASP E 514 34.18 19.90 12.62
C ASP E 514 33.89 20.43 14.02
N PRO E 515 33.31 21.63 14.15
CA PRO E 515 32.94 22.12 15.49
C PRO E 515 31.83 21.29 16.16
N SER E 516 31.45 21.73 17.36
CA SER E 516 30.41 21.18 18.23
C SER E 516 30.84 19.86 18.89
N LEU E 517 31.98 19.32 18.47
CA LEU E 517 32.48 18.08 19.05
C LEU E 517 32.98 18.27 20.47
N VAL E 518 33.33 19.51 20.82
CA VAL E 518 33.79 19.83 22.16
C VAL E 518 32.71 19.50 23.17
N PHE E 519 31.46 19.74 22.80
CA PHE E 519 30.32 19.47 23.68
C PHE E 519 30.25 17.99 24.00
N SER E 520 30.40 17.16 22.96
CA SER E 520 30.43 15.71 23.14
C SER E 520 31.57 15.30 24.05
N ARG E 521 32.74 15.93 23.87
CA ARG E 521 33.89 15.59 24.69
C ARG E 521 33.62 15.83 26.17
N LYS E 522 33.12 17.03 26.47
CA LYS E 522 32.78 17.37 27.85
C LYS E 522 31.67 16.47 28.40
N PHE E 523 30.73 16.06 27.54
CA PHE E 523 29.64 15.21 27.98
C PHE E 523 30.14 13.83 28.37
N TYR E 524 30.94 13.21 27.49
CA TYR E 524 31.58 11.93 27.81
C TYR E 524 32.41 12.03 29.09
N ILE E 525 33.14 13.13 29.25
CA ILE E 525 33.95 13.31 30.44
C ILE E 525 33.08 13.23 31.68
N ALA E 526 32.01 14.03 31.71
CA ALA E 526 31.10 14.03 32.84
C ALA E 526 30.48 12.67 33.07
N GLN E 527 30.21 11.92 31.99
CA GLN E 527 29.57 10.63 32.17
C GLN E 527 30.52 9.61 32.78
N TRP E 528 31.77 9.60 32.31
CA TRP E 528 32.78 8.76 32.97
C TRP E 528 32.93 9.12 34.43
N PHE E 529 32.90 10.42 34.73
CA PHE E 529 33.06 10.88 36.10
C PHE E 529 31.96 10.34 37.00
N ARG E 530 30.71 10.54 36.57
CA ARG E 530 29.58 10.07 37.36
C ARG E 530 29.51 8.55 37.43
N ASP E 531 29.94 7.84 36.39
CA ASP E 531 29.89 6.39 36.43
C ASP E 531 30.91 5.83 37.40
N THR E 532 32.11 6.41 37.45
CA THR E 532 33.09 5.97 38.44
C THR E 532 32.59 6.25 39.86
N THR E 533 32.00 7.42 40.09
CA THR E 533 31.42 7.70 41.41
C THR E 533 30.29 6.73 41.76
N LEU E 534 29.41 6.43 40.81
CA LEU E 534 28.28 5.56 41.08
C LEU E 534 28.71 4.12 41.34
N GLU E 535 29.78 3.66 40.68
CA GLU E 535 30.29 2.33 41.03
C GLU E 535 31.03 2.35 42.35
N THR E 536 31.69 3.47 42.67
CA THR E 536 32.29 3.70 43.98
C THR E 536 31.27 3.50 45.10
N GLU E 537 30.07 4.06 44.92
CA GLU E 537 29.03 3.97 45.95
C GLU E 537 28.69 2.52 46.30
N LYS E 538 28.72 1.62 45.31
CA LYS E 538 28.39 0.20 45.47
C LYS E 538 27.04 -0.05 46.10
N LYS E 556 36.44 -0.83 51.05
CA LYS E 556 36.19 0.33 50.19
C LYS E 556 37.45 1.11 49.91
N GLU E 557 38.35 1.13 50.90
CA GLU E 557 39.60 1.87 50.79
C GLU E 557 40.46 1.47 49.58
N ILE E 558 40.43 0.19 49.17
CA ILE E 558 41.15 -0.21 47.97
C ILE E 558 40.59 0.51 46.74
N GLU E 559 39.26 0.46 46.57
CA GLU E 559 38.64 1.16 45.46
C GLU E 559 38.58 2.65 45.70
N THR E 560 38.64 3.10 46.96
CA THR E 560 38.82 4.52 47.25
C THR E 560 40.11 5.04 46.63
N THR E 561 41.23 4.35 46.87
CA THR E 561 42.50 4.79 46.29
C THR E 561 42.48 4.66 44.77
N GLY E 562 41.85 3.59 44.26
CA GLY E 562 41.72 3.44 42.83
C GLY E 562 40.93 4.57 42.19
N GLN E 563 39.76 4.89 42.76
CA GLN E 563 38.95 5.96 42.21
C GLN E 563 39.56 7.33 42.42
N ILE E 564 40.36 7.53 43.47
CA ILE E 564 40.96 8.86 43.58
C ILE E 564 42.06 9.05 42.55
N MET E 565 42.79 7.99 42.19
CA MET E 565 43.70 8.14 41.05
C MET E 565 42.93 8.28 39.74
N HIS E 566 41.86 7.50 39.59
CA HIS E 566 40.95 7.60 38.46
C HIS E 566 40.44 9.03 38.25
N ARG E 567 39.82 9.59 39.27
CA ARG E 567 39.23 10.93 39.20
C ARG E 567 40.28 12.01 39.03
N ALA E 568 41.44 11.87 39.69
CA ALA E 568 42.50 12.85 39.50
C ALA E 568 43.00 12.82 38.07
N GLU E 569 43.13 11.62 37.50
CA GLU E 569 43.50 11.47 36.10
C GLU E 569 42.47 12.08 35.18
N ASN E 570 41.18 11.92 35.52
CA ASN E 570 40.12 12.58 34.77
C ASN E 570 40.27 14.10 34.77
N ARG E 571 40.46 14.70 35.96
CA ARG E 571 40.64 16.15 36.07
C ARG E 571 41.84 16.62 35.24
N LYS E 572 42.97 15.93 35.38
CA LYS E 572 44.17 16.23 34.61
C LYS E 572 43.89 16.15 33.12
N LYS E 573 43.25 15.07 32.68
CA LYS E 573 43.08 14.83 31.26
C LYS E 573 42.12 15.84 30.64
N PHE E 574 41.10 16.27 31.39
CA PHE E 574 40.27 17.37 30.95
C PHE E 574 41.12 18.62 30.75
N LEU E 575 42.01 18.91 31.70
CA LEU E 575 42.91 20.05 31.55
C LEU E 575 43.79 19.90 30.31
N ARG E 576 44.14 18.67 29.95
CA ARG E 576 44.99 18.35 28.80
C ARG E 576 44.34 18.66 27.44
N SER E 577 43.15 19.27 27.32
CA SER E 577 42.52 19.50 26.02
C SER E 577 43.28 20.54 25.21
N ASP E 594 47.56 8.32 19.05
CA ASP E 594 47.52 8.86 17.71
C ASP E 594 47.06 7.81 16.68
N THR E 595 46.80 8.25 15.45
CA THR E 595 46.53 7.47 14.24
C THR E 595 45.22 6.69 14.30
N VAL E 596 44.48 6.73 15.41
CA VAL E 596 43.25 5.98 15.54
C VAL E 596 42.17 6.58 14.64
N ASP E 597 41.40 5.71 13.97
CA ASP E 597 40.38 6.22 13.05
C ASP E 597 38.96 5.69 13.31
N TYR E 598 38.07 5.98 12.35
CA TYR E 598 36.61 5.89 12.46
C TYR E 598 36.07 4.56 12.96
N ASP E 599 36.29 3.48 12.18
CA ASP E 599 35.76 2.16 12.54
C ASP E 599 36.24 1.71 13.92
N ASP E 600 37.50 2.00 14.23
CA ASP E 600 38.04 1.68 15.55
C ASP E 600 37.21 2.36 16.62
N ALA E 601 36.93 3.65 16.44
CA ALA E 601 36.13 4.39 17.38
C ALA E 601 34.73 3.78 17.51
N CYS E 602 34.14 3.35 16.40
CA CYS E 602 32.85 2.68 16.46
C CYS E 602 32.89 1.44 17.34
N LEU E 603 33.88 0.58 17.13
CA LEU E 603 33.94 -0.65 17.91
C LEU E 603 34.24 -0.40 19.39
N ILE E 604 35.16 0.52 19.70
CA ILE E 604 35.45 0.82 21.10
C ILE E 604 34.20 1.34 21.81
N VAL E 605 33.52 2.33 21.22
CA VAL E 605 32.38 2.90 21.93
C VAL E 605 31.25 1.88 22.01
N ARG E 606 31.13 0.98 21.02
CA ARG E 606 30.18 -0.11 21.15
C ARG E 606 30.50 -0.98 22.36
N TYR E 607 31.78 -1.33 22.53
CA TYR E 607 32.20 -2.12 23.69
C TYR E 607 31.89 -1.41 25.01
N LEU E 608 32.39 -0.18 25.15
CA LEU E 608 32.18 0.59 26.37
C LEU E 608 30.70 0.81 26.67
N ALA E 609 29.87 0.94 25.63
CA ALA E 609 28.44 0.99 25.85
C ALA E 609 27.93 -0.36 26.34
N SER E 610 28.39 -1.44 25.72
CA SER E 610 28.05 -2.79 26.16
C SER E 610 28.51 -3.09 27.58
N MET E 611 29.39 -2.27 28.15
CA MET E 611 29.63 -2.38 29.59
C MET E 611 28.58 -1.66 30.41
N ARG E 612 27.95 -0.62 29.85
CA ARG E 612 27.05 0.25 30.61
C ARG E 612 25.78 -0.52 31.01
N PRO E 613 25.04 -0.05 32.05
CA PRO E 613 23.82 -0.75 32.49
C PRO E 613 22.59 -0.44 31.63
N PHE E 614 22.76 -0.55 30.32
CA PHE E 614 21.66 -0.42 29.37
C PHE E 614 21.51 -1.62 28.45
N ALA E 615 22.61 -2.18 27.94
CA ALA E 615 22.51 -3.32 27.05
C ALA E 615 21.91 -4.53 27.74
N GLN E 616 22.14 -4.69 29.03
CA GLN E 616 21.49 -5.75 29.79
C GLN E 616 20.20 -5.26 30.46
N SER E 617 19.35 -4.60 29.69
CA SER E 617 18.05 -4.19 30.19
C SER E 617 16.88 -4.93 29.55
N PHE E 618 17.06 -5.37 28.29
CA PHE E 618 15.99 -6.00 27.51
C PHE E 618 15.27 -7.08 28.28
N ASP E 619 16.06 -8.00 28.87
CA ASP E 619 15.56 -9.06 29.73
C ASP E 619 14.53 -8.52 30.71
N ILE E 620 14.94 -7.55 31.54
CA ILE E 620 14.08 -6.89 32.51
C ILE E 620 12.77 -6.46 31.86
N TYR E 621 12.88 -5.78 30.71
CA TYR E 621 11.71 -5.25 30.01
C TYR E 621 10.70 -6.34 29.75
N LEU E 622 11.17 -7.50 29.27
CA LEU E 622 10.30 -8.64 28.99
C LEU E 622 9.42 -8.96 30.18
N THR E 623 10.05 -9.09 31.36
CA THR E 623 9.36 -9.36 32.62
C THR E 623 8.20 -8.39 32.83
N GLN E 624 8.46 -7.10 32.61
CA GLN E 624 7.44 -6.06 32.77
C GLN E 624 6.23 -6.38 31.91
N ILE E 625 6.48 -6.73 30.65
CA ILE E 625 5.42 -7.06 29.70
C ILE E 625 4.51 -8.16 30.24
N LEU E 626 5.10 -9.15 30.91
CA LEU E 626 4.28 -10.27 31.33
C LEU E 626 3.37 -9.89 32.49
N ARG E 627 3.70 -8.81 33.20
CA ARG E 627 2.79 -8.27 34.20
C ARG E 627 1.51 -7.74 33.55
N VAL E 628 1.62 -7.26 32.32
CA VAL E 628 0.49 -6.63 31.64
C VAL E 628 -0.58 -7.64 31.30
N LEU E 629 -0.18 -8.86 30.94
CA LEU E 629 -1.07 -9.83 30.32
C LEU E 629 -2.27 -10.17 31.21
N GLY E 630 -2.11 -10.09 32.52
CA GLY E 630 -3.22 -10.18 33.43
C GLY E 630 -3.73 -8.81 33.86
N GLU E 631 -4.75 -8.30 33.19
CA GLU E 631 -5.21 -6.94 33.48
C GLU E 631 -6.71 -6.89 33.20
N ASN E 632 -7.31 -5.74 33.48
CA ASN E 632 -8.76 -5.61 33.44
C ASN E 632 -9.14 -4.54 32.42
N ALA E 633 -8.53 -4.61 31.25
CA ALA E 633 -8.88 -3.77 30.12
C ALA E 633 -8.50 -4.51 28.85
N ILE E 634 -9.41 -4.48 27.87
CA ILE E 634 -9.26 -5.37 26.72
C ILE E 634 -8.19 -4.87 25.76
N ALA E 635 -8.29 -3.60 25.36
CA ALA E 635 -7.42 -3.01 24.34
C ALA E 635 -5.95 -3.13 24.69
N VAL E 636 -5.60 -2.89 25.95
CA VAL E 636 -4.19 -2.92 26.35
C VAL E 636 -3.62 -4.32 26.17
N ARG E 637 -4.38 -5.34 26.54
CA ARG E 637 -3.93 -6.72 26.38
C ARG E 637 -3.82 -7.10 24.92
N THR E 638 -4.79 -6.68 24.09
CA THR E 638 -4.70 -6.89 22.65
C THR E 638 -3.41 -6.34 22.07
N LYS E 639 -3.13 -5.07 22.38
CA LYS E 639 -1.97 -4.41 21.79
C LYS E 639 -0.68 -5.01 22.31
N ALA E 640 -0.62 -5.34 23.60
CA ALA E 640 0.52 -6.04 24.16
C ALA E 640 0.79 -7.35 23.42
N MET E 641 -0.27 -8.11 23.15
CA MET E 641 -0.09 -9.39 22.48
C MET E 641 0.41 -9.16 21.06
N LYS E 642 -0.13 -8.14 20.40
CA LYS E 642 0.26 -7.85 19.01
C LYS E 642 1.71 -7.43 18.92
N CYS E 643 2.15 -6.56 19.85
CA CYS E 643 3.54 -6.13 19.84
C CYS E 643 4.46 -7.29 20.15
N LEU E 644 4.05 -8.16 21.08
CA LEU E 644 4.83 -9.38 21.33
C LEU E 644 4.94 -10.25 20.10
N SER E 645 3.87 -10.32 19.31
CA SER E 645 3.92 -11.10 18.08
C SER E 645 4.96 -10.51 17.14
N GLU E 646 5.02 -9.19 17.08
CA GLU E 646 6.04 -8.51 16.30
C GLU E 646 7.44 -8.83 16.83
N VAL E 647 7.61 -8.72 18.16
CA VAL E 647 8.87 -9.05 18.83
C VAL E 647 9.38 -10.43 18.44
N VAL E 648 8.54 -11.44 18.61
CA VAL E 648 8.98 -12.81 18.34
C VAL E 648 9.29 -12.97 16.85
N ALA E 649 8.47 -12.37 15.98
CA ALA E 649 8.74 -12.49 14.55
C ALA E 649 9.99 -11.74 14.13
N VAL E 650 10.55 -10.89 15.00
CA VAL E 650 11.89 -10.37 14.73
C VAL E 650 12.95 -11.40 15.14
N ASP E 651 12.90 -11.87 16.39
CA ASP E 651 13.89 -12.81 16.92
C ASP E 651 13.24 -14.16 17.18
N PRO E 652 13.25 -15.07 16.20
CA PRO E 652 12.47 -16.32 16.31
C PRO E 652 12.95 -17.27 17.40
N SER E 653 14.14 -17.10 17.96
CA SER E 653 14.60 -17.99 19.03
C SER E 653 14.31 -17.46 20.42
N ILE E 654 13.07 -17.04 20.68
CA ILE E 654 12.68 -16.57 22.01
C ILE E 654 11.55 -17.38 22.61
N LEU E 655 10.93 -18.28 21.86
CA LEU E 655 9.94 -19.20 22.41
C LEU E 655 10.60 -20.37 23.15
N ALA E 656 11.39 -20.03 24.13
CA ALA E 656 12.11 -21.00 24.95
C ALA E 656 11.83 -20.81 26.42
N ARG E 657 11.73 -19.56 26.87
CA ARG E 657 11.41 -19.28 28.26
C ARG E 657 10.01 -19.78 28.57
N LEU E 658 9.90 -20.58 29.64
CA LEU E 658 8.65 -21.29 29.95
C LEU E 658 7.51 -20.34 30.32
N ASP E 659 7.84 -19.19 30.93
CA ASP E 659 6.81 -18.25 31.34
C ASP E 659 6.07 -17.65 30.15
N MET E 660 6.79 -17.28 29.09
CA MET E 660 6.14 -16.77 27.89
C MET E 660 5.28 -17.85 27.24
N GLN E 661 5.76 -19.10 27.26
CA GLN E 661 4.98 -20.23 26.77
C GLN E 661 3.63 -20.32 27.49
N ARG E 662 3.67 -20.36 28.82
CA ARG E 662 2.43 -20.43 29.57
C ARG E 662 1.57 -19.19 29.34
N GLY E 663 2.21 -18.03 29.12
CA GLY E 663 1.47 -16.84 28.80
C GLY E 663 0.66 -16.98 27.52
N VAL E 664 1.31 -17.44 26.44
CA VAL E 664 0.61 -17.53 25.17
C VAL E 664 -0.44 -18.63 25.22
N HIS E 665 -0.22 -19.67 26.03
CA HIS E 665 -1.27 -20.67 26.22
C HIS E 665 -2.50 -20.06 26.92
N GLY E 666 -2.27 -19.41 28.07
CA GLY E 666 -3.33 -18.70 28.76
C GLY E 666 -4.12 -17.77 27.86
N ARG E 667 -3.41 -16.93 27.11
CA ARG E 667 -4.08 -16.03 26.19
C ARG E 667 -4.75 -16.76 25.05
N LEU E 668 -4.30 -17.97 24.71
CA LEU E 668 -5.01 -18.76 23.73
C LEU E 668 -6.34 -19.24 24.28
N MET E 669 -6.41 -19.47 25.59
CA MET E 669 -7.66 -19.81 26.24
C MET E 669 -8.39 -18.60 26.82
N ASP E 670 -7.92 -17.38 26.55
CA ASP E 670 -8.47 -16.18 27.17
C ASP E 670 -9.93 -15.99 26.71
N ASN E 671 -10.68 -15.21 27.51
CA ASN E 671 -12.11 -15.01 27.31
C ASN E 671 -12.42 -13.66 26.65
N SER E 672 -11.82 -13.42 25.48
CA SER E 672 -12.19 -12.29 24.62
C SER E 672 -11.65 -12.43 23.21
N THR E 673 -12.54 -12.34 22.22
CA THR E 673 -12.24 -12.69 20.83
C THR E 673 -11.00 -11.99 20.28
N SER E 674 -10.79 -10.74 20.70
CA SER E 674 -9.68 -9.93 20.21
C SER E 674 -8.33 -10.55 20.52
N VAL E 675 -8.07 -10.80 21.80
CA VAL E 675 -6.78 -11.35 22.18
C VAL E 675 -6.63 -12.73 21.61
N ARG E 676 -7.75 -13.43 21.42
CA ARG E 676 -7.71 -14.76 20.82
C ARG E 676 -7.18 -14.71 19.40
N GLU E 677 -7.68 -13.76 18.58
CA GLU E 677 -7.16 -13.68 17.23
C GLU E 677 -5.71 -13.20 17.22
N ALA E 678 -5.35 -12.32 18.15
CA ALA E 678 -3.96 -11.87 18.24
C ALA E 678 -3.03 -13.04 18.54
N ALA E 679 -3.41 -13.86 19.51
CA ALA E 679 -2.59 -15.00 19.90
C ALA E 679 -2.45 -16.00 18.77
N VAL E 680 -3.56 -16.32 18.10
CA VAL E 680 -3.44 -17.29 17.02
C VAL E 680 -2.61 -16.72 15.87
N GLU E 681 -2.62 -15.40 15.68
CA GLU E 681 -1.80 -14.84 14.62
C GLU E 681 -0.32 -14.96 14.97
N LEU E 682 0.01 -14.65 16.23
CA LEU E 682 1.37 -14.87 16.73
C LEU E 682 1.83 -16.30 16.47
N LEU E 683 1.04 -17.26 16.94
CA LEU E 683 1.47 -18.66 16.83
C LEU E 683 1.60 -19.08 15.39
N GLY E 684 0.72 -18.59 14.52
CA GLY E 684 0.79 -18.96 13.12
C GLY E 684 1.99 -18.38 12.40
N ARG E 685 2.27 -17.10 12.63
CA ARG E 685 3.45 -16.50 12.00
C ARG E 685 4.73 -17.16 12.51
N PHE E 686 4.79 -17.47 13.82
CA PHE E 686 5.98 -18.14 14.34
C PHE E 686 6.17 -19.50 13.69
N VAL E 687 5.07 -20.22 13.48
CA VAL E 687 5.14 -21.52 12.82
C VAL E 687 5.63 -21.35 11.38
N LEU E 688 5.11 -20.33 10.71
CA LEU E 688 5.49 -20.10 9.32
C LEU E 688 6.96 -19.75 9.16
N CYS E 689 7.50 -18.95 10.08
CA CYS E 689 8.89 -18.50 9.97
C CYS E 689 9.87 -19.66 10.02
N ARG E 690 9.92 -20.35 11.14
CA ARG E 690 10.79 -21.50 11.30
C ARG E 690 10.14 -22.72 10.66
N PRO E 691 10.63 -23.17 9.49
CA PRO E 691 9.93 -24.23 8.73
C PRO E 691 9.74 -25.55 9.47
N GLN E 692 10.82 -26.16 9.93
CA GLN E 692 10.72 -27.36 10.73
C GLN E 692 10.34 -27.02 12.16
N LEU E 693 10.24 -28.05 13.01
CA LEU E 693 9.91 -27.92 14.43
C LEU E 693 8.53 -27.30 14.65
N ALA E 694 7.66 -27.35 13.64
CA ALA E 694 6.33 -26.79 13.77
C ALA E 694 5.26 -27.81 14.13
N GLU E 695 5.56 -29.10 14.00
CA GLU E 695 4.63 -30.16 14.40
C GLU E 695 4.37 -30.23 15.90
N GLN E 696 5.00 -29.39 16.73
CA GLN E 696 4.73 -29.41 18.16
C GLN E 696 3.63 -28.44 18.53
N TYR E 697 3.40 -27.42 17.68
CA TYR E 697 2.34 -26.46 17.90
C TYR E 697 1.15 -26.71 16.99
N TYR E 698 1.30 -27.64 16.04
CA TYR E 698 0.25 -27.90 15.05
C TYR E 698 -1.03 -28.40 15.68
N ASP E 699 -0.91 -29.25 16.70
CA ASP E 699 -2.10 -29.84 17.31
C ASP E 699 -2.91 -28.78 18.05
N MET E 700 -2.24 -28.02 18.92
CA MET E 700 -2.87 -26.91 19.62
C MET E 700 -3.34 -25.83 18.67
N LEU E 701 -2.73 -25.73 17.48
CA LEU E 701 -3.20 -24.79 16.49
C LEU E 701 -4.51 -25.25 15.87
N ILE E 702 -4.48 -26.40 15.20
CA ILE E 702 -5.63 -26.89 14.46
C ILE E 702 -6.79 -27.30 15.34
N GLU E 703 -6.61 -27.36 16.66
CA GLU E 703 -7.78 -27.49 17.52
C GLU E 703 -8.68 -26.26 17.45
N ARG E 704 -8.14 -25.09 17.15
CA ARG E 704 -8.83 -23.84 17.43
C ARG E 704 -9.80 -23.36 16.34
N ILE E 705 -9.97 -24.10 15.24
CA ILE E 705 -10.82 -23.66 14.13
C ILE E 705 -12.23 -23.33 14.58
N LEU E 706 -12.78 -24.10 15.50
CA LEU E 706 -14.18 -23.96 15.92
C LEU E 706 -14.21 -23.06 17.15
N ASP E 707 -14.22 -21.75 16.91
CA ASP E 707 -13.99 -20.80 18.00
C ASP E 707 -15.03 -19.67 17.98
N THR E 708 -16.14 -19.88 17.28
CA THR E 708 -17.40 -19.12 17.41
C THR E 708 -17.22 -17.61 17.18
N GLY E 709 -16.06 -17.17 16.70
CA GLY E 709 -15.89 -15.83 16.20
C GLY E 709 -15.85 -15.85 14.68
N ILE E 710 -15.69 -14.65 14.11
CA ILE E 710 -15.47 -14.56 12.68
C ILE E 710 -14.07 -14.09 12.34
N SER E 711 -13.38 -13.38 13.25
CA SER E 711 -11.98 -13.03 13.06
C SER E 711 -11.12 -14.28 12.99
N VAL E 712 -11.12 -15.03 14.09
CA VAL E 712 -10.25 -16.18 14.29
C VAL E 712 -10.34 -17.17 13.13
N ARG E 713 -11.54 -17.34 12.58
CA ARG E 713 -11.73 -18.24 11.45
C ARG E 713 -10.92 -17.79 10.25
N LYS E 714 -10.98 -16.49 9.93
CA LYS E 714 -10.23 -15.95 8.81
C LYS E 714 -8.74 -16.07 9.03
N ARG E 715 -8.30 -15.83 10.26
CA ARG E 715 -6.85 -15.89 10.52
C ARG E 715 -6.32 -17.32 10.39
N VAL E 716 -7.01 -18.29 11.00
CA VAL E 716 -6.54 -19.67 10.94
C VAL E 716 -6.59 -20.20 9.51
N ILE E 717 -7.61 -19.80 8.73
CA ILE E 717 -7.65 -20.29 7.36
C ILE E 717 -6.54 -19.67 6.54
N LYS E 718 -6.18 -18.41 6.83
CA LYS E 718 -5.05 -17.77 6.14
C LYS E 718 -3.77 -18.55 6.40
N ILE E 719 -3.56 -18.91 7.67
CA ILE E 719 -2.39 -19.69 8.05
C ILE E 719 -2.39 -21.03 7.31
N LEU E 720 -3.55 -21.67 7.22
CA LEU E 720 -3.64 -22.94 6.54
C LEU E 720 -3.32 -22.82 5.06
N ARG E 721 -3.79 -21.74 4.43
CA ARG E 721 -3.49 -21.54 3.01
C ARG E 721 -2.01 -21.39 2.78
N ASP E 722 -1.34 -20.63 3.65
CA ASP E 722 0.10 -20.44 3.51
C ASP E 722 0.83 -21.77 3.73
N ILE E 723 0.35 -22.58 4.68
CA ILE E 723 0.92 -23.91 4.89
C ILE E 723 0.81 -24.75 3.63
N CYS E 724 -0.40 -24.91 3.10
CA CYS E 724 -0.57 -25.80 1.96
C CYS E 724 0.08 -25.27 0.68
N ILE E 725 0.38 -23.97 0.62
CA ILE E 725 1.10 -23.46 -0.54
C ILE E 725 2.60 -23.65 -0.40
N GLU E 726 3.16 -23.34 0.76
CA GLU E 726 4.60 -23.12 0.81
C GLU E 726 5.42 -24.41 0.82
N GLN E 727 5.21 -25.28 1.80
CA GLN E 727 6.01 -26.49 1.97
C GLN E 727 5.17 -27.76 1.86
N PRO E 728 4.71 -28.11 0.64
CA PRO E 728 3.99 -29.38 0.46
C PRO E 728 4.84 -30.61 0.79
N THR E 729 4.18 -31.77 0.72
CA THR E 729 4.60 -33.08 1.22
C THR E 729 4.60 -33.14 2.74
N PHE E 730 4.05 -32.12 3.39
CA PHE E 730 3.73 -32.25 4.81
C PHE E 730 2.67 -33.33 4.99
N PRO E 731 2.75 -34.13 6.06
CA PRO E 731 1.77 -35.21 6.23
C PRO E 731 0.32 -34.76 6.32
N LYS E 732 0.04 -33.69 7.07
CA LYS E 732 -1.34 -33.38 7.44
C LYS E 732 -2.09 -32.56 6.40
N ILE E 733 -1.69 -32.62 5.13
CA ILE E 733 -2.34 -31.84 4.07
C ILE E 733 -3.80 -32.25 3.92
N THR E 734 -4.03 -33.56 3.81
CA THR E 734 -5.34 -34.13 3.54
C THR E 734 -6.36 -33.68 4.58
N GLU E 735 -6.00 -33.80 5.85
CA GLU E 735 -6.89 -33.38 6.94
C GLU E 735 -7.19 -31.90 6.85
N MET E 736 -6.21 -31.09 6.47
CA MET E 736 -6.44 -29.66 6.31
C MET E 736 -7.49 -29.40 5.25
N CYS E 737 -7.39 -30.13 4.14
CA CYS E 737 -8.38 -30.01 3.08
C CYS E 737 -9.75 -30.46 3.59
N VAL E 738 -9.77 -31.52 4.41
CA VAL E 738 -11.03 -32.04 4.93
C VAL E 738 -11.70 -30.98 5.82
N LYS E 739 -10.92 -30.35 6.68
CA LYS E 739 -11.49 -29.36 7.58
C LYS E 739 -11.97 -28.12 6.82
N MET E 740 -11.16 -27.64 5.86
CA MET E 740 -11.57 -26.47 5.10
C MET E 740 -12.82 -26.76 4.27
N ILE E 741 -12.92 -27.94 3.67
CA ILE E 741 -14.17 -28.25 2.96
C ILE E 741 -15.30 -28.41 3.96
N ARG E 742 -15.02 -28.85 5.18
CA ARG E 742 -16.07 -28.95 6.20
C ARG E 742 -16.69 -27.59 6.50
N ARG E 743 -15.88 -26.53 6.48
CA ARG E 743 -16.39 -25.20 6.83
C ARG E 743 -16.94 -24.38 5.66
N VAL E 744 -17.19 -24.98 4.49
CA VAL E 744 -17.61 -24.17 3.33
C VAL E 744 -18.97 -23.49 3.51
N ASN E 745 -19.90 -24.10 4.24
CA ASN E 745 -21.25 -23.56 4.28
C ASN E 745 -21.55 -22.72 5.52
N ASP E 746 -20.53 -22.40 6.32
CA ASP E 746 -20.81 -21.83 7.64
C ASP E 746 -21.29 -20.38 7.55
N GLU E 747 -20.69 -19.58 6.67
CA GLU E 747 -20.90 -18.13 6.68
C GLU E 747 -20.80 -17.59 5.27
N GLU E 748 -20.53 -16.28 5.15
CA GLU E 748 -20.47 -15.57 3.88
C GLU E 748 -19.06 -15.18 3.51
N GLY E 749 -18.39 -14.38 4.35
CA GLY E 749 -17.03 -13.98 4.06
C GLY E 749 -16.10 -15.18 3.98
N ILE E 750 -16.26 -16.11 4.92
CA ILE E 750 -15.50 -17.35 4.91
C ILE E 750 -15.75 -18.11 3.62
N LYS E 751 -17.01 -18.13 3.16
CA LYS E 751 -17.38 -18.76 1.90
C LYS E 751 -16.63 -18.17 0.73
N LYS E 752 -16.64 -16.83 0.62
CA LYS E 752 -15.93 -16.16 -0.47
C LYS E 752 -14.45 -16.47 -0.46
N LEU E 753 -13.83 -16.42 0.73
CA LEU E 753 -12.38 -16.67 0.79
C LEU E 753 -12.05 -18.12 0.47
N VAL E 754 -12.81 -19.09 0.99
CA VAL E 754 -12.51 -20.49 0.66
C VAL E 754 -12.72 -20.73 -0.84
N ASN E 755 -13.74 -20.08 -1.42
CA ASN E 755 -14.00 -20.24 -2.84
C ASN E 755 -12.82 -19.74 -3.67
N GLU E 756 -12.27 -18.57 -3.31
CA GLU E 756 -11.16 -18.05 -4.09
C GLU E 756 -9.88 -18.84 -3.82
N THR E 757 -9.75 -19.39 -2.61
CA THR E 757 -8.57 -20.16 -2.28
C THR E 757 -8.57 -21.48 -3.04
N PHE E 758 -9.72 -22.12 -3.12
CA PHE E 758 -9.82 -23.37 -3.86
C PHE E 758 -9.73 -23.11 -5.37
N GLN E 759 -10.21 -21.96 -5.82
CA GLN E 759 -10.05 -21.61 -7.23
C GLN E 759 -8.60 -21.36 -7.61
N LYS E 760 -7.76 -20.93 -6.68
CA LYS E 760 -6.37 -20.76 -7.05
C LYS E 760 -5.50 -21.94 -6.67
N LEU E 761 -5.95 -22.83 -5.78
CA LEU E 761 -5.07 -23.91 -5.37
C LEU E 761 -5.17 -25.15 -6.25
N TRP E 762 -6.35 -25.50 -6.73
CA TRP E 762 -6.47 -26.64 -7.62
C TRP E 762 -6.99 -26.25 -8.99
N PHE E 763 -8.16 -25.62 -9.07
CA PHE E 763 -8.85 -25.40 -10.33
C PHE E 763 -8.27 -24.16 -11.01
N THR E 764 -7.07 -24.36 -11.54
CA THR E 764 -6.33 -23.42 -12.35
C THR E 764 -6.02 -24.06 -13.69
N PRO E 765 -5.94 -23.28 -14.79
CA PRO E 765 -5.88 -23.86 -16.15
C PRO E 765 -4.82 -24.92 -16.41
N THR E 766 -3.74 -24.97 -15.61
CA THR E 766 -2.66 -25.97 -15.58
C THR E 766 -2.17 -26.30 -17.00
N PRO E 767 -1.46 -25.37 -17.64
CA PRO E 767 -1.09 -25.53 -19.07
C PRO E 767 -0.35 -26.82 -19.37
N HIS E 768 -0.49 -27.27 -20.61
CA HIS E 768 -0.07 -28.61 -21.02
C HIS E 768 1.44 -28.76 -21.13
N ASN E 769 2.12 -28.64 -19.99
CA ASN E 769 3.55 -28.89 -19.82
C ASN E 769 3.77 -29.22 -18.35
N ASP E 770 4.87 -29.91 -18.06
CA ASP E 770 5.21 -30.40 -16.72
C ASP E 770 4.05 -31.21 -16.16
N LYS E 771 3.61 -32.20 -16.94
CA LYS E 771 2.45 -33.00 -16.56
C LYS E 771 2.63 -33.72 -15.23
N GLU E 772 3.88 -34.05 -14.85
CA GLU E 772 4.14 -34.75 -13.60
C GLU E 772 3.65 -33.95 -12.37
N ALA E 773 3.84 -32.62 -12.38
CA ALA E 773 3.33 -31.81 -11.28
C ALA E 773 1.82 -31.85 -11.23
N MET E 774 1.19 -31.81 -12.41
CA MET E 774 -0.25 -31.88 -12.53
C MET E 774 -0.78 -33.18 -11.95
N THR E 775 -0.14 -34.30 -12.33
CA THR E 775 -0.44 -35.60 -11.74
C THR E 775 -0.27 -35.60 -10.24
N ARG E 776 0.75 -34.90 -9.72
CA ARG E 776 0.93 -34.85 -8.27
C ARG E 776 -0.24 -34.13 -7.61
N LYS E 777 -0.74 -33.07 -8.25
CA LYS E 777 -1.95 -32.41 -7.74
C LYS E 777 -3.13 -33.37 -7.78
N ILE E 778 -3.20 -34.15 -8.85
CA ILE E 778 -4.25 -35.16 -8.98
C ILE E 778 -4.18 -36.15 -7.82
N LEU E 779 -2.95 -36.58 -7.50
CA LEU E 779 -2.70 -37.43 -6.34
C LEU E 779 -3.23 -36.78 -5.08
N ASN E 780 -3.00 -35.46 -4.95
CA ASN E 780 -3.45 -34.72 -3.77
C ASN E 780 -4.98 -34.78 -3.65
N ILE E 781 -5.68 -34.50 -4.74
CA ILE E 781 -7.14 -34.48 -4.69
C ILE E 781 -7.70 -35.87 -4.40
N THR E 782 -7.15 -36.89 -5.07
CA THR E 782 -7.57 -38.26 -4.83
C THR E 782 -7.32 -38.70 -3.39
N ASP E 783 -6.17 -38.32 -2.82
CA ASP E 783 -5.89 -38.64 -1.43
C ASP E 783 -6.93 -37.99 -0.52
N VAL E 784 -7.23 -36.71 -0.75
CA VAL E 784 -8.20 -35.98 0.06
C VAL E 784 -9.54 -36.69 0.04
N VAL E 785 -10.04 -36.99 -1.16
CA VAL E 785 -11.37 -37.58 -1.26
C VAL E 785 -11.39 -38.99 -0.67
N ALA E 786 -10.37 -39.80 -0.97
CA ALA E 786 -10.29 -41.16 -0.46
C ALA E 786 -10.18 -41.21 1.05
N ALA E 787 -9.63 -40.16 1.67
CA ALA E 787 -9.64 -40.17 3.13
C ALA E 787 -10.95 -39.64 3.70
N CYS E 788 -11.59 -38.66 3.06
CA CYS E 788 -12.87 -38.20 3.61
C CYS E 788 -14.03 -39.10 3.23
N ARG E 789 -13.79 -40.16 2.45
CA ARG E 789 -14.87 -41.05 2.02
C ARG E 789 -15.66 -41.64 3.19
N ASP E 790 -15.03 -41.77 4.37
CA ASP E 790 -15.68 -42.41 5.51
C ASP E 790 -16.87 -41.60 6.02
N THR E 791 -16.73 -40.28 6.13
CA THR E 791 -17.73 -39.50 6.84
C THR E 791 -18.91 -39.13 5.95
N GLY E 792 -18.67 -38.39 4.88
CA GLY E 792 -19.76 -37.98 4.01
C GLY E 792 -19.23 -37.13 2.89
N TYR E 793 -20.09 -36.92 1.90
CA TYR E 793 -19.73 -36.16 0.72
C TYR E 793 -20.46 -34.83 0.60
N ASP E 794 -21.29 -34.47 1.60
CA ASP E 794 -22.18 -33.33 1.45
C ASP E 794 -21.44 -32.02 1.32
N TRP E 795 -20.37 -31.83 2.09
CA TRP E 795 -19.66 -30.57 2.05
C TRP E 795 -18.96 -30.38 0.71
N PHE E 796 -18.28 -31.43 0.24
CA PHE E 796 -17.61 -31.40 -1.05
C PHE E 796 -18.59 -31.05 -2.17
N GLU E 797 -19.74 -31.73 -2.18
CA GLU E 797 -20.76 -31.46 -3.20
C GLU E 797 -21.26 -30.02 -3.10
N GLN E 798 -21.47 -29.52 -1.89
CA GLN E 798 -21.91 -28.13 -1.72
C GLN E 798 -20.87 -27.18 -2.29
N LEU E 799 -19.59 -27.45 -2.00
CA LEU E 799 -18.50 -26.65 -2.54
C LEU E 799 -18.52 -26.68 -4.06
N LEU E 800 -18.78 -27.84 -4.65
CA LEU E 800 -18.76 -27.97 -6.09
C LEU E 800 -19.92 -27.19 -6.71
N GLN E 801 -21.10 -27.26 -6.08
CA GLN E 801 -22.21 -26.38 -6.42
C GLN E 801 -21.79 -24.93 -6.42
N ASN E 802 -21.08 -24.52 -5.37
CA ASN E 802 -20.68 -23.13 -5.24
C ASN E 802 -19.77 -22.70 -6.37
N LEU E 803 -18.71 -23.47 -6.61
CA LEU E 803 -17.76 -23.12 -7.66
C LEU E 803 -18.39 -23.11 -9.05
N LEU E 804 -19.19 -24.12 -9.39
CA LEU E 804 -19.80 -24.14 -10.72
C LEU E 804 -20.86 -23.05 -10.87
N LYS E 805 -21.81 -22.99 -9.92
CA LYS E 805 -22.91 -22.04 -10.02
C LYS E 805 -22.41 -20.62 -10.02
N SER E 806 -21.40 -20.34 -9.20
CA SER E 806 -20.92 -18.98 -8.96
C SER E 806 -20.43 -18.27 -10.21
N GLU E 807 -20.22 -18.98 -11.32
CA GLU E 807 -19.90 -18.34 -12.59
C GLU E 807 -20.87 -18.87 -13.64
N GLU E 808 -22.03 -18.23 -13.75
CA GLU E 808 -23.03 -18.64 -14.74
C GLU E 808 -22.91 -17.81 -15.99
N ASP E 809 -22.42 -16.58 -15.85
CA ASP E 809 -22.14 -15.68 -16.95
C ASP E 809 -20.96 -16.19 -17.76
N SER E 810 -20.66 -15.48 -18.85
CA SER E 810 -19.55 -15.82 -19.72
C SER E 810 -18.25 -15.75 -18.93
N SER E 811 -17.89 -14.55 -18.49
CA SER E 811 -16.77 -14.24 -17.61
C SER E 811 -15.49 -15.02 -17.86
N TYR E 812 -15.14 -15.23 -19.14
CA TYR E 812 -13.97 -15.94 -19.65
C TYR E 812 -13.99 -17.45 -19.39
N LYS E 813 -14.99 -17.91 -18.65
CA LYS E 813 -15.17 -19.32 -18.29
C LYS E 813 -13.93 -20.03 -17.75
N PRO E 814 -13.24 -19.46 -16.75
CA PRO E 814 -11.91 -19.98 -16.38
C PRO E 814 -11.92 -21.41 -15.84
N VAL E 815 -12.96 -21.76 -15.09
CA VAL E 815 -13.01 -23.06 -14.44
C VAL E 815 -13.45 -24.18 -15.35
N LYS E 816 -14.35 -23.91 -16.32
CA LYS E 816 -14.91 -24.97 -17.16
C LYS E 816 -13.82 -25.73 -17.91
N LYS E 817 -12.89 -24.98 -18.50
CA LYS E 817 -11.78 -25.60 -19.22
C LYS E 817 -10.93 -26.44 -18.29
N ALA E 818 -10.58 -25.88 -17.12
CA ALA E 818 -9.71 -26.57 -16.19
C ALA E 818 -10.35 -27.85 -15.65
N CYS E 819 -11.65 -27.81 -15.31
CA CYS E 819 -12.31 -29.01 -14.78
C CYS E 819 -12.38 -30.10 -15.84
N THR E 820 -12.75 -29.71 -17.07
CA THR E 820 -12.80 -30.72 -18.12
C THR E 820 -11.41 -31.30 -18.36
N GLN E 821 -10.38 -30.47 -18.22
CA GLN E 821 -9.02 -30.99 -18.33
C GLN E 821 -8.68 -31.91 -17.17
N LEU E 822 -9.29 -31.69 -15.99
CA LEU E 822 -8.99 -32.60 -14.89
C LEU E 822 -9.64 -33.95 -15.13
N VAL E 823 -10.89 -33.95 -15.59
CA VAL E 823 -11.56 -35.24 -15.80
C VAL E 823 -10.91 -36.00 -16.96
N ASP E 824 -10.57 -35.33 -18.08
CA ASP E 824 -9.96 -36.07 -19.17
C ASP E 824 -8.57 -36.59 -18.80
N ASN E 825 -7.80 -35.80 -18.02
CA ASN E 825 -6.50 -36.30 -17.59
C ASN E 825 -6.63 -37.46 -16.62
N LEU E 826 -7.67 -37.46 -15.78
CA LEU E 826 -7.92 -38.63 -14.95
C LEU E 826 -8.30 -39.84 -15.78
N VAL E 827 -9.13 -39.64 -16.81
CA VAL E 827 -9.43 -40.69 -17.78
C VAL E 827 -8.14 -41.28 -18.35
N GLU E 828 -7.25 -40.39 -18.80
CA GLU E 828 -5.99 -40.82 -19.41
C GLU E 828 -5.12 -41.60 -18.41
N HIS E 829 -5.06 -41.11 -17.16
CA HIS E 829 -4.32 -41.82 -16.12
C HIS E 829 -4.91 -43.21 -15.90
N ILE E 830 -6.25 -43.29 -15.88
CA ILE E 830 -6.95 -44.57 -15.78
C ILE E 830 -6.57 -45.47 -16.94
N LEU E 831 -6.48 -44.89 -18.13
CA LEU E 831 -6.11 -45.64 -19.33
C LEU E 831 -4.73 -46.26 -19.17
N LYS E 832 -3.73 -45.45 -18.83
CA LYS E 832 -2.37 -45.96 -18.69
C LYS E 832 -2.17 -46.78 -17.43
N TYR E 833 -3.11 -46.74 -16.49
CA TYR E 833 -3.08 -47.59 -15.31
C TYR E 833 -2.96 -49.06 -15.68
N GLU E 834 -3.97 -49.59 -16.38
CA GLU E 834 -3.98 -50.88 -17.07
C GLU E 834 -3.94 -52.08 -16.12
N GLU E 835 -3.68 -51.82 -14.83
CA GLU E 835 -3.35 -52.80 -13.79
C GLU E 835 -2.76 -52.04 -12.61
N ASN E 846 -2.70 -50.98 -4.82
CA ASN E 846 -2.89 -49.73 -5.56
C ASN E 846 -4.35 -49.56 -5.97
N SER E 847 -5.09 -50.68 -5.98
CA SER E 847 -6.48 -50.69 -6.41
C SER E 847 -7.37 -49.76 -5.58
N GLY E 848 -6.98 -49.50 -4.31
CA GLY E 848 -7.67 -48.48 -3.53
C GLY E 848 -7.67 -47.13 -4.24
N ARG E 849 -6.56 -46.81 -4.89
CA ARG E 849 -6.48 -45.55 -5.62
C ARG E 849 -7.37 -45.61 -6.84
N LEU E 850 -7.44 -46.78 -7.49
CA LEU E 850 -8.31 -46.99 -8.64
C LEU E 850 -9.77 -46.71 -8.27
N VAL E 851 -10.26 -47.37 -7.22
CA VAL E 851 -11.65 -47.22 -6.82
C VAL E 851 -11.90 -45.79 -6.34
N ALA E 852 -10.91 -45.18 -5.69
CA ALA E 852 -11.08 -43.81 -5.24
C ALA E 852 -11.20 -42.86 -6.42
N CYS E 853 -10.43 -43.08 -7.47
CA CYS E 853 -10.52 -42.26 -8.68
C CYS E 853 -11.87 -42.43 -9.35
N ILE E 854 -12.35 -43.67 -9.45
CA ILE E 854 -13.67 -43.91 -10.02
C ILE E 854 -14.74 -43.23 -9.19
N THR E 855 -14.58 -43.26 -7.86
CA THR E 855 -15.50 -42.59 -6.96
C THR E 855 -15.47 -41.08 -7.20
N THR E 856 -14.28 -40.52 -7.44
CA THR E 856 -14.17 -39.10 -7.72
C THR E 856 -14.88 -38.76 -9.00
N LEU E 857 -14.72 -39.63 -10.01
CA LEU E 857 -15.48 -39.53 -11.24
C LEU E 857 -16.97 -39.53 -10.96
N PHE E 858 -17.41 -40.39 -10.03
CA PHE E 858 -18.82 -40.49 -9.66
C PHE E 858 -19.33 -39.17 -9.09
N LEU E 859 -18.60 -38.61 -8.13
CA LEU E 859 -19.01 -37.33 -7.55
C LEU E 859 -19.05 -36.24 -8.61
N PHE E 860 -18.03 -36.18 -9.46
CA PHE E 860 -17.99 -35.14 -10.48
C PHE E 860 -19.10 -35.31 -11.51
N SER E 861 -19.55 -36.55 -11.73
CA SER E 861 -20.71 -36.74 -12.58
C SER E 861 -21.96 -36.24 -11.87
N LYS E 862 -22.10 -36.55 -10.57
CA LYS E 862 -23.30 -36.17 -9.85
C LYS E 862 -23.49 -34.66 -9.84
N ILE E 863 -22.41 -33.91 -9.59
CA ILE E 863 -22.57 -32.46 -9.50
C ILE E 863 -22.93 -31.88 -10.87
N ARG E 864 -22.28 -32.33 -11.93
CA ARG E 864 -22.70 -31.91 -13.25
C ARG E 864 -22.39 -33.03 -14.23
N PRO E 865 -23.33 -33.40 -15.09
CA PRO E 865 -23.14 -34.58 -15.94
C PRO E 865 -22.42 -34.29 -17.25
N GLN E 866 -22.46 -33.03 -17.73
CA GLN E 866 -21.87 -32.69 -19.02
C GLN E 866 -20.37 -32.98 -19.09
N LEU E 867 -19.69 -32.98 -17.95
CA LEU E 867 -18.24 -33.14 -17.95
C LEU E 867 -17.79 -34.53 -18.37
N MET E 868 -18.61 -35.55 -18.15
CA MET E 868 -18.24 -36.93 -18.45
C MET E 868 -19.13 -37.55 -19.51
N VAL E 869 -19.44 -36.79 -20.56
CA VAL E 869 -20.25 -37.35 -21.63
C VAL E 869 -19.45 -38.27 -22.57
N LYS E 870 -18.19 -37.94 -22.88
CA LYS E 870 -17.55 -38.59 -24.01
C LYS E 870 -16.99 -39.98 -23.73
N HIS E 871 -16.63 -40.30 -22.49
CA HIS E 871 -15.83 -41.50 -22.23
C HIS E 871 -16.62 -42.69 -21.74
N ALA E 872 -17.94 -42.58 -21.58
CA ALA E 872 -18.74 -43.67 -21.00
C ALA E 872 -18.64 -44.97 -21.80
N MET E 873 -18.64 -44.88 -23.13
CA MET E 873 -18.47 -46.07 -23.96
C MET E 873 -17.12 -46.72 -23.71
N THR E 874 -16.11 -45.91 -23.38
CA THR E 874 -14.81 -46.44 -22.99
C THR E 874 -14.83 -46.96 -21.56
N MET E 875 -15.82 -46.55 -20.76
CA MET E 875 -15.93 -47.06 -19.41
C MET E 875 -16.65 -48.41 -19.39
N GLN E 876 -17.39 -48.69 -20.46
CA GLN E 876 -18.12 -49.95 -20.58
C GLN E 876 -17.33 -51.23 -20.30
N PRO E 877 -16.06 -51.41 -20.75
CA PRO E 877 -15.41 -52.72 -20.54
C PRO E 877 -15.24 -53.09 -19.08
N TYR E 878 -15.05 -52.11 -18.19
CA TYR E 878 -14.89 -52.42 -16.78
C TYR E 878 -16.16 -53.04 -16.22
N LEU E 879 -17.31 -52.56 -16.70
CA LEU E 879 -18.62 -53.03 -16.28
C LEU E 879 -18.86 -54.49 -16.62
N THR E 880 -18.18 -55.02 -17.64
CA THR E 880 -18.48 -56.36 -18.14
C THR E 880 -18.18 -57.43 -17.10
N THR E 881 -16.95 -57.45 -16.60
CA THR E 881 -16.50 -58.50 -15.71
C THR E 881 -15.54 -57.84 -14.72
N LYS E 882 -15.48 -58.42 -13.52
CA LYS E 882 -14.67 -57.98 -12.39
C LYS E 882 -14.60 -59.15 -11.41
N CYS E 883 -14.14 -58.87 -10.19
CA CYS E 883 -13.80 -59.91 -9.24
C CYS E 883 -14.80 -59.89 -8.08
N SER E 884 -14.49 -60.70 -7.06
CA SER E 884 -15.37 -60.88 -5.90
C SER E 884 -14.87 -60.14 -4.65
N THR E 885 -14.08 -59.08 -4.82
CA THR E 885 -13.58 -58.31 -3.69
C THR E 885 -14.40 -57.03 -3.54
N GLN E 886 -14.32 -56.44 -2.33
CA GLN E 886 -15.15 -55.30 -1.95
C GLN E 886 -14.95 -54.11 -2.88
N ASN E 887 -13.71 -53.58 -2.91
CA ASN E 887 -13.39 -52.42 -3.74
C ASN E 887 -13.89 -52.57 -5.18
N ASP E 888 -13.77 -53.79 -5.72
CA ASP E 888 -14.31 -54.09 -7.04
C ASP E 888 -15.83 -53.90 -7.07
N PHE E 889 -16.52 -54.35 -6.03
CA PHE E 889 -17.97 -54.16 -5.95
C PHE E 889 -18.30 -52.67 -5.93
N MET E 890 -17.44 -51.89 -5.25
CA MET E 890 -17.59 -50.45 -5.24
C MET E 890 -17.43 -49.88 -6.65
N VAL E 891 -16.50 -50.45 -7.44
CA VAL E 891 -16.37 -50.07 -8.84
C VAL E 891 -17.67 -50.32 -9.58
N ILE E 892 -18.25 -51.51 -9.40
CA ILE E 892 -19.45 -51.88 -10.15
C ILE E 892 -20.60 -50.94 -9.83
N CYS E 893 -20.85 -50.69 -8.54
CA CYS E 893 -21.96 -49.82 -8.18
C CYS E 893 -21.72 -48.39 -8.67
N ASN E 894 -20.50 -47.87 -8.49
CA ASN E 894 -20.25 -46.50 -8.90
C ASN E 894 -20.37 -46.33 -10.40
N VAL E 895 -19.87 -47.29 -11.19
CA VAL E 895 -19.97 -47.11 -12.63
C VAL E 895 -21.42 -47.24 -13.09
N ALA E 896 -22.21 -48.09 -12.41
CA ALA E 896 -23.64 -48.13 -12.69
C ALA E 896 -24.28 -46.79 -12.40
N LYS E 897 -23.90 -46.18 -11.26
CA LYS E 897 -24.40 -44.86 -10.89
C LYS E 897 -24.06 -43.83 -11.96
N ILE E 898 -22.81 -43.85 -12.44
CA ILE E 898 -22.41 -42.92 -13.51
C ILE E 898 -23.28 -43.10 -14.73
N LEU E 899 -23.47 -44.36 -15.16
CA LEU E 899 -24.29 -44.63 -16.34
C LEU E 899 -25.71 -44.13 -16.14
N GLU E 900 -26.29 -44.38 -14.97
CA GLU E 900 -27.61 -43.85 -14.63
C GLU E 900 -27.65 -42.35 -14.79
N LEU E 901 -26.58 -41.69 -14.35
CA LEU E 901 -26.54 -40.23 -14.37
C LEU E 901 -26.38 -39.68 -15.79
N VAL E 902 -25.67 -40.40 -16.67
CA VAL E 902 -25.21 -39.79 -17.90
C VAL E 902 -25.98 -40.25 -19.14
N VAL E 903 -26.51 -41.49 -19.16
CA VAL E 903 -27.08 -42.07 -20.38
C VAL E 903 -28.13 -41.20 -21.09
N PRO E 904 -29.14 -40.63 -20.41
CA PRO E 904 -30.12 -39.81 -21.15
C PRO E 904 -29.54 -38.62 -21.88
N LEU E 905 -28.50 -38.01 -21.33
CA LEU E 905 -27.88 -36.86 -22.00
C LEU E 905 -26.87 -37.26 -23.08
N MET E 906 -26.63 -38.55 -23.29
CA MET E 906 -25.57 -38.94 -24.23
C MET E 906 -26.04 -38.64 -25.64
N GLU E 907 -25.22 -37.93 -26.39
CA GLU E 907 -25.55 -37.51 -27.75
C GLU E 907 -25.56 -38.70 -28.69
N HIS E 908 -26.76 -39.19 -28.99
CA HIS E 908 -27.09 -40.15 -30.05
C HIS E 908 -26.33 -41.47 -29.90
N PRO E 909 -26.67 -42.29 -28.92
CA PRO E 909 -25.91 -43.52 -28.66
C PRO E 909 -26.20 -44.62 -29.68
N SER E 910 -25.37 -45.66 -29.62
CA SER E 910 -25.46 -46.82 -30.50
C SER E 910 -26.25 -47.93 -29.81
N GLU E 911 -27.16 -48.57 -30.56
CA GLU E 911 -28.12 -49.50 -29.96
C GLU E 911 -27.46 -50.79 -29.46
N THR E 912 -26.45 -51.30 -30.18
CA THR E 912 -25.74 -52.50 -29.71
C THR E 912 -25.02 -52.24 -28.40
N PHE E 913 -24.55 -51.02 -28.19
CA PHE E 913 -23.93 -50.62 -26.93
C PHE E 913 -24.91 -50.78 -25.79
N LEU E 914 -26.14 -50.30 -25.99
CA LEU E 914 -27.21 -50.50 -25.01
C LEU E 914 -27.52 -51.97 -24.81
N ALA E 915 -27.51 -52.74 -25.91
CA ALA E 915 -27.82 -54.16 -25.85
C ALA E 915 -26.85 -54.89 -24.94
N THR E 916 -25.54 -54.73 -25.19
CA THR E 916 -24.56 -55.40 -24.34
C THR E 916 -24.59 -54.85 -22.92
N ILE E 917 -24.90 -53.55 -22.74
CA ILE E 917 -25.08 -52.99 -21.41
C ILE E 917 -26.15 -53.77 -20.63
N GLU E 918 -27.33 -53.91 -21.24
CA GLU E 918 -28.42 -54.57 -20.55
C GLU E 918 -28.11 -56.04 -20.29
N GLU E 919 -27.45 -56.69 -21.27
CA GLU E 919 -27.07 -58.08 -21.13
C GLU E 919 -26.12 -58.30 -19.94
N ASP E 920 -25.03 -57.53 -19.88
CA ASP E 920 -24.11 -57.78 -18.78
C ASP E 920 -24.68 -57.30 -17.46
N LEU E 921 -25.57 -56.29 -17.49
CA LEU E 921 -26.25 -55.90 -16.26
C LEU E 921 -27.02 -57.07 -15.67
N MET E 922 -27.73 -57.82 -16.53
CA MET E 922 -28.41 -59.01 -16.02
C MET E 922 -27.40 -60.04 -15.54
N LYS E 923 -26.32 -60.24 -16.31
CA LYS E 923 -25.25 -61.17 -15.91
C LYS E 923 -24.67 -60.80 -14.55
N LEU E 924 -24.61 -59.51 -14.23
CA LEU E 924 -24.09 -59.05 -12.96
C LEU E 924 -25.12 -59.31 -11.87
N ILE E 925 -26.39 -59.10 -12.19
CA ILE E 925 -27.47 -59.36 -11.24
C ILE E 925 -27.41 -60.81 -10.77
N ILE E 926 -27.08 -61.72 -11.68
CA ILE E 926 -27.25 -63.13 -11.35
C ILE E 926 -25.98 -63.68 -10.70
N LYS E 927 -25.09 -62.81 -10.22
CA LYS E 927 -23.82 -63.29 -9.69
C LYS E 927 -23.30 -62.56 -8.45
N TYR E 928 -24.02 -61.60 -7.89
CA TYR E 928 -23.39 -60.79 -6.84
C TYR E 928 -24.40 -60.51 -5.74
N GLY E 929 -24.02 -59.62 -4.83
CA GLY E 929 -24.73 -59.44 -3.58
C GLY E 929 -25.95 -58.54 -3.71
N MET E 930 -26.42 -58.08 -2.55
CA MET E 930 -27.70 -57.36 -2.48
C MET E 930 -27.59 -55.97 -3.07
N THR E 931 -26.79 -55.13 -2.40
CA THR E 931 -26.74 -53.69 -2.69
C THR E 931 -26.33 -53.43 -4.13
N VAL E 932 -25.42 -54.23 -4.66
CA VAL E 932 -25.00 -54.05 -6.05
C VAL E 932 -26.16 -54.33 -7.00
N VAL E 933 -26.93 -55.40 -6.73
CA VAL E 933 -28.12 -55.70 -7.52
C VAL E 933 -29.09 -54.52 -7.49
N GLN E 934 -29.34 -53.98 -6.30
CA GLN E 934 -30.19 -52.80 -6.15
C GLN E 934 -29.69 -51.65 -7.02
N HIS E 935 -28.44 -51.24 -6.80
CA HIS E 935 -27.92 -50.06 -7.45
C HIS E 935 -27.69 -50.26 -8.94
N CYS E 936 -27.77 -51.48 -9.46
CA CYS E 936 -27.69 -51.63 -10.91
C CYS E 936 -29.06 -51.75 -11.55
N VAL E 937 -30.01 -52.43 -10.91
CA VAL E 937 -31.37 -52.47 -11.45
C VAL E 937 -31.98 -51.08 -11.44
N SER E 938 -31.52 -50.20 -10.54
CA SER E 938 -31.84 -48.78 -10.62
C SER E 938 -31.49 -48.24 -12.00
N CYS E 939 -30.24 -48.47 -12.41
CA CYS E 939 -29.76 -47.97 -13.69
C CYS E 939 -30.52 -48.63 -14.83
N LEU E 940 -30.89 -49.89 -14.65
CA LEU E 940 -31.71 -50.59 -15.63
C LEU E 940 -33.04 -49.88 -15.83
N GLY E 941 -33.72 -49.57 -14.72
CA GLY E 941 -34.97 -48.84 -14.80
C GLY E 941 -34.82 -47.49 -15.48
N ALA E 942 -33.74 -46.78 -15.14
CA ALA E 942 -33.49 -45.48 -15.75
C ALA E 942 -33.33 -45.59 -17.26
N VAL E 943 -32.46 -46.50 -17.71
CA VAL E 943 -32.19 -46.61 -19.14
C VAL E 943 -33.42 -47.12 -19.89
N VAL E 944 -34.20 -48.02 -19.28
CA VAL E 944 -35.40 -48.46 -19.99
C VAL E 944 -36.45 -47.35 -20.04
N ASN E 945 -36.50 -46.49 -19.02
CA ASN E 945 -37.49 -45.43 -19.01
C ASN E 945 -37.06 -44.18 -19.77
N LYS E 946 -35.82 -44.11 -20.23
CA LYS E 946 -35.41 -42.93 -20.98
C LYS E 946 -35.27 -43.15 -22.48
N VAL E 947 -34.73 -44.29 -22.92
CA VAL E 947 -34.46 -44.45 -24.34
C VAL E 947 -35.10 -45.66 -25.01
N THR E 948 -34.73 -46.88 -24.59
CA THR E 948 -35.25 -48.08 -25.23
C THR E 948 -36.71 -48.30 -24.85
N GLN E 949 -37.27 -49.40 -25.36
CA GLN E 949 -38.65 -49.73 -25.08
C GLN E 949 -38.85 -51.21 -24.81
N ASN E 950 -37.80 -52.02 -24.75
CA ASN E 950 -37.95 -53.47 -24.63
C ASN E 950 -38.28 -53.89 -23.19
N PHE E 951 -39.43 -53.43 -22.70
CA PHE E 951 -39.84 -53.77 -21.34
C PHE E 951 -40.40 -55.19 -21.23
N LYS E 952 -40.55 -55.89 -22.36
CA LYS E 952 -40.90 -57.30 -22.30
C LYS E 952 -39.83 -58.12 -21.58
N PHE E 953 -38.57 -57.68 -21.66
CA PHE E 953 -37.48 -58.38 -20.98
C PHE E 953 -37.70 -58.38 -19.47
N VAL E 954 -37.80 -57.19 -18.88
CA VAL E 954 -38.03 -57.06 -17.44
C VAL E 954 -39.37 -57.67 -17.08
N TRP E 955 -40.34 -57.60 -17.98
CA TRP E 955 -41.63 -58.26 -17.75
C TRP E 955 -41.45 -59.75 -17.58
N ALA E 956 -40.63 -60.38 -18.43
CA ALA E 956 -40.38 -61.81 -18.33
C ALA E 956 -39.57 -62.16 -17.09
N CYS E 957 -38.60 -61.31 -16.72
CA CYS E 957 -37.84 -61.54 -15.49
C CYS E 957 -38.76 -61.54 -14.28
N PHE E 958 -39.59 -60.51 -14.16
CA PHE E 958 -40.55 -60.42 -13.07
C PHE E 958 -41.55 -61.57 -13.13
N ASN E 959 -41.93 -61.98 -14.34
CA ASN E 959 -42.79 -63.14 -14.51
C ASN E 959 -42.17 -64.38 -13.89
N ARG E 960 -40.90 -64.67 -14.21
CA ARG E 960 -40.24 -65.85 -13.65
C ARG E 960 -40.20 -65.78 -12.13
N TYR E 961 -39.77 -64.63 -11.58
CA TYR E 961 -39.65 -64.53 -10.13
C TYR E 961 -41.01 -64.65 -9.45
N TYR E 962 -42.02 -63.97 -10.00
CA TYR E 962 -43.39 -64.01 -9.51
C TYR E 962 -43.91 -65.44 -9.50
N GLY E 963 -43.70 -66.16 -10.60
CA GLY E 963 -44.10 -67.56 -10.67
C GLY E 963 -43.37 -68.40 -9.65
N ALA E 964 -42.07 -68.16 -9.49
CA ALA E 964 -41.25 -68.89 -8.54
C ALA E 964 -41.77 -68.72 -7.12
N ILE E 965 -42.00 -67.48 -6.70
CA ILE E 965 -42.43 -67.24 -5.32
C ILE E 965 -43.82 -67.79 -5.11
N SER E 966 -44.67 -67.78 -6.14
CA SER E 966 -46.00 -68.37 -5.97
C SER E 966 -45.90 -69.88 -5.82
N LYS E 967 -44.99 -70.51 -6.57
CA LYS E 967 -44.81 -71.96 -6.44
C LYS E 967 -44.29 -72.32 -5.05
N LEU E 968 -43.32 -71.56 -4.54
CA LEU E 968 -42.84 -71.77 -3.18
C LEU E 968 -43.95 -71.58 -2.15
N LYS E 969 -44.72 -70.50 -2.28
CA LYS E 969 -45.82 -70.25 -1.36
C LYS E 969 -46.82 -71.40 -1.35
N SER E 970 -47.28 -71.80 -2.54
CA SER E 970 -48.24 -72.89 -2.66
C SER E 970 -47.71 -74.16 -2.04
N GLN E 971 -46.45 -74.52 -2.35
CA GLN E 971 -45.85 -75.70 -1.76
C GLN E 971 -45.74 -75.59 -0.25
N HIS E 972 -45.53 -74.38 0.27
CA HIS E 972 -45.38 -74.20 1.70
C HIS E 972 -46.70 -74.16 2.46
N GLN E 973 -47.80 -73.81 1.77
CA GLN E 973 -49.07 -73.51 2.45
C GLN E 973 -49.61 -74.70 3.24
N GLU E 974 -49.41 -75.91 2.75
CA GLU E 974 -49.87 -77.11 3.42
C GLU E 974 -48.74 -78.02 3.87
N ASP E 975 -47.49 -77.65 3.59
CA ASP E 975 -46.33 -78.48 3.94
C ASP E 975 -45.31 -77.65 4.74
N PRO E 976 -45.60 -77.35 6.01
CA PRO E 976 -44.65 -76.59 6.82
C PRO E 976 -43.45 -77.41 7.31
N ASN E 977 -43.26 -78.61 6.77
CA ASN E 977 -42.21 -79.52 7.23
C ASN E 977 -41.37 -80.06 6.07
N ASN E 978 -41.53 -79.50 4.88
CA ASN E 978 -40.80 -79.94 3.69
C ASN E 978 -39.31 -79.60 3.79
N THR E 979 -38.56 -80.14 2.83
CA THR E 979 -37.11 -80.11 2.82
C THR E 979 -36.56 -79.26 1.68
N SER E 980 -37.42 -78.85 0.74
CA SER E 980 -37.01 -78.01 -0.38
C SER E 980 -36.48 -76.65 0.07
N LEU E 981 -36.92 -76.16 1.23
CA LEU E 981 -36.45 -74.85 1.70
C LEU E 981 -34.98 -74.88 2.05
N LEU E 982 -34.54 -75.90 2.76
CA LEU E 982 -33.13 -76.11 3.09
C LEU E 982 -32.26 -76.39 1.87
N THR E 983 -32.84 -76.59 0.69
CA THR E 983 -32.08 -76.73 -0.54
C THR E 983 -32.10 -75.49 -1.40
N ASN E 984 -33.26 -74.86 -1.55
CA ASN E 984 -33.45 -73.73 -2.43
C ASN E 984 -33.43 -72.38 -1.72
N LYS E 985 -32.92 -72.32 -0.48
CA LYS E 985 -32.71 -71.05 0.24
C LYS E 985 -32.17 -69.90 -0.62
N PRO E 986 -31.10 -70.05 -1.44
CA PRO E 986 -30.63 -68.90 -2.23
C PRO E 986 -31.66 -68.35 -3.21
N ALA E 987 -32.36 -69.25 -3.91
CA ALA E 987 -33.40 -68.82 -4.85
C ALA E 987 -34.49 -68.02 -4.15
N LEU E 988 -34.92 -68.48 -2.97
CA LEU E 988 -35.96 -67.79 -2.23
C LEU E 988 -35.51 -66.40 -1.79
N LEU E 989 -34.29 -66.31 -1.24
CA LEU E 989 -33.78 -65.03 -0.77
C LEU E 989 -33.64 -64.04 -1.93
N ARG E 990 -32.97 -64.48 -2.99
CA ARG E 990 -32.80 -63.65 -4.16
C ARG E 990 -34.14 -63.27 -4.77
N SER E 991 -35.12 -64.17 -4.71
CA SER E 991 -36.43 -63.88 -5.28
C SER E 991 -37.10 -62.74 -4.52
N LEU E 992 -37.04 -62.77 -3.19
CA LEU E 992 -37.60 -61.67 -2.40
C LEU E 992 -36.91 -60.34 -2.74
N PHE E 993 -35.57 -60.34 -2.72
CA PHE E 993 -34.84 -59.11 -2.99
C PHE E 993 -35.14 -58.57 -4.38
N THR E 994 -35.23 -59.46 -5.37
CA THR E 994 -35.44 -59.04 -6.74
C THR E 994 -36.84 -58.49 -6.93
N VAL E 995 -37.86 -59.14 -6.35
CA VAL E 995 -39.21 -58.63 -6.56
C VAL E 995 -39.36 -57.27 -5.88
N GLY E 996 -38.72 -57.09 -4.72
CA GLY E 996 -38.70 -55.78 -4.10
C GLY E 996 -38.10 -54.70 -4.97
N ALA E 997 -36.86 -54.91 -5.41
CA ALA E 997 -36.17 -53.91 -6.23
C ALA E 997 -36.89 -53.64 -7.55
N LEU E 998 -37.36 -54.71 -8.20
CA LEU E 998 -38.05 -54.57 -9.48
C LEU E 998 -39.33 -53.76 -9.35
N CYS E 999 -40.19 -54.11 -8.39
CA CYS E 999 -41.41 -53.32 -8.21
C CYS E 999 -41.09 -51.90 -7.80
N ARG E 1000 -39.97 -51.68 -7.10
CA ARG E 1000 -39.61 -50.33 -6.70
C ARG E 1000 -39.32 -49.47 -7.92
N HIS E 1001 -38.32 -49.85 -8.70
CA HIS E 1001 -37.72 -48.81 -9.52
C HIS E 1001 -38.48 -48.54 -10.81
N PHE E 1002 -39.36 -49.45 -11.25
CA PHE E 1002 -39.82 -49.44 -12.63
C PHE E 1002 -41.19 -50.09 -12.70
N ASP E 1003 -42.24 -49.27 -12.73
CA ASP E 1003 -43.60 -49.75 -12.48
C ASP E 1003 -44.08 -50.49 -13.72
N PHE E 1004 -44.28 -51.80 -13.57
CA PHE E 1004 -44.80 -52.65 -14.62
C PHE E 1004 -46.25 -53.05 -14.35
N ASP E 1005 -46.98 -52.24 -13.60
CA ASP E 1005 -48.43 -52.43 -13.46
C ASP E 1005 -49.15 -51.39 -14.33
N LEU E 1006 -49.13 -51.65 -15.64
CA LEU E 1006 -49.72 -50.70 -16.58
C LEU E 1006 -50.28 -51.47 -17.78
N GLU E 1007 -50.56 -50.75 -18.86
CA GLU E 1007 -51.41 -51.26 -19.93
C GLU E 1007 -50.69 -52.31 -20.77
N ASP E 1008 -49.39 -52.15 -20.98
CA ASP E 1008 -48.65 -52.91 -21.95
C ASP E 1008 -47.78 -53.99 -21.33
N PHE E 1009 -47.35 -53.77 -20.09
CA PHE E 1009 -46.52 -54.74 -19.38
C PHE E 1009 -47.25 -56.08 -19.28
N LYS E 1010 -48.44 -56.06 -18.68
CA LYS E 1010 -49.29 -57.24 -18.68
C LYS E 1010 -49.80 -57.50 -20.10
N GLY E 1011 -50.17 -56.43 -20.81
CA GLY E 1011 -50.76 -56.55 -22.13
C GLY E 1011 -52.22 -56.90 -22.13
N ASN E 1012 -52.90 -56.79 -20.99
CA ASN E 1012 -54.31 -57.13 -20.86
C ASN E 1012 -54.83 -56.46 -19.60
N SER E 1013 -56.06 -56.80 -19.20
CA SER E 1013 -56.66 -56.23 -18.00
C SER E 1013 -55.83 -56.52 -16.76
N LYS E 1014 -55.63 -55.48 -15.96
CA LYS E 1014 -54.82 -55.58 -14.75
C LYS E 1014 -55.46 -56.49 -13.72
N VAL E 1015 -54.62 -57.27 -13.05
CA VAL E 1015 -55.09 -58.16 -12.00
C VAL E 1015 -54.58 -57.71 -10.63
N ASN E 1016 -54.14 -56.45 -10.52
CA ASN E 1016 -53.63 -55.86 -9.27
C ASN E 1016 -52.49 -56.66 -8.65
N ILE E 1017 -51.44 -56.86 -9.45
CA ILE E 1017 -50.27 -57.64 -9.05
C ILE E 1017 -49.65 -57.07 -7.79
N LYS E 1018 -49.72 -55.76 -7.62
CA LYS E 1018 -49.20 -55.10 -6.42
C LYS E 1018 -49.88 -55.64 -5.17
N ASP E 1019 -51.19 -55.84 -5.24
CA ASP E 1019 -51.92 -56.44 -4.14
C ASP E 1019 -51.47 -57.88 -3.93
N LYS E 1020 -51.23 -58.59 -5.04
CA LYS E 1020 -50.73 -59.96 -4.97
C LYS E 1020 -49.43 -60.04 -4.18
N VAL E 1021 -48.36 -59.41 -4.68
CA VAL E 1021 -47.05 -59.42 -4.04
C VAL E 1021 -47.14 -58.96 -2.58
N LEU E 1022 -47.97 -57.95 -2.31
CA LEU E 1022 -48.21 -57.55 -0.93
C LEU E 1022 -48.74 -58.71 -0.10
N GLU E 1023 -49.74 -59.42 -0.62
CA GLU E 1023 -50.35 -60.51 0.12
C GLU E 1023 -49.38 -61.67 0.32
N LEU E 1024 -48.57 -61.95 -0.69
CA LEU E 1024 -47.64 -63.07 -0.62
C LEU E 1024 -46.55 -62.79 0.40
N LEU E 1025 -45.96 -61.61 0.34
CA LEU E 1025 -44.98 -61.20 1.35
C LEU E 1025 -45.59 -61.21 2.74
N MET E 1026 -46.78 -60.62 2.89
CA MET E 1026 -47.48 -60.62 4.17
C MET E 1026 -47.71 -62.02 4.70
N TYR E 1027 -47.98 -62.97 3.81
CA TYR E 1027 -48.05 -64.37 4.20
C TYR E 1027 -46.70 -64.84 4.73
N PHE E 1028 -45.66 -64.70 3.90
CA PHE E 1028 -44.31 -65.13 4.26
C PHE E 1028 -43.73 -64.40 5.48
N THR E 1029 -44.40 -63.38 6.00
CA THR E 1029 -43.95 -62.72 7.22
C THR E 1029 -43.98 -63.69 8.40
N LYS E 1030 -45.05 -64.47 8.53
CA LYS E 1030 -45.14 -65.45 9.61
C LYS E 1030 -44.44 -66.72 9.18
N HIS E 1031 -43.28 -66.98 9.78
CA HIS E 1031 -42.45 -68.12 9.40
C HIS E 1031 -41.50 -68.39 10.56
N SER E 1032 -40.55 -69.30 10.36
CA SER E 1032 -39.72 -69.83 11.42
C SER E 1032 -38.32 -69.29 11.44
N ASP E 1033 -37.77 -68.87 10.31
CA ASP E 1033 -36.45 -68.26 10.30
C ASP E 1033 -36.59 -66.78 10.61
N GLU E 1034 -35.52 -66.01 10.43
CA GLU E 1034 -35.52 -64.58 10.62
C GLU E 1034 -35.13 -63.82 9.37
N GLU E 1035 -34.10 -64.31 8.66
CA GLU E 1035 -33.58 -63.63 7.47
C GLU E 1035 -34.66 -63.47 6.43
N VAL E 1036 -35.53 -64.48 6.31
CA VAL E 1036 -36.68 -64.42 5.41
C VAL E 1036 -37.55 -63.22 5.76
N GLN E 1037 -37.77 -62.99 7.05
CA GLN E 1037 -38.60 -61.87 7.50
C GLN E 1037 -37.93 -60.56 7.13
N THR E 1038 -36.61 -60.48 7.34
CA THR E 1038 -35.87 -59.27 6.98
C THR E 1038 -35.99 -58.98 5.49
N LYS E 1039 -35.82 -60.00 4.65
CA LYS E 1039 -35.89 -59.80 3.21
C LYS E 1039 -37.30 -59.41 2.79
N ALA E 1040 -38.31 -59.99 3.45
CA ALA E 1040 -39.69 -59.67 3.11
C ALA E 1040 -40.05 -58.23 3.50
N ILE E 1041 -39.61 -57.77 4.67
CA ILE E 1041 -39.91 -56.41 5.07
C ILE E 1041 -39.18 -55.42 4.17
N ILE E 1042 -37.94 -55.73 3.78
CA ILE E 1042 -37.22 -54.89 2.82
C ILE E 1042 -38.00 -54.79 1.51
N GLY E 1043 -38.51 -55.93 1.04
CA GLY E 1043 -39.37 -55.92 -0.14
C GLY E 1043 -40.60 -55.06 0.04
N LEU E 1044 -41.22 -55.15 1.22
CA LEU E 1044 -42.40 -54.35 1.50
C LEU E 1044 -42.08 -52.86 1.42
N GLY E 1045 -40.91 -52.48 1.94
CA GLY E 1045 -40.48 -51.10 1.87
C GLY E 1045 -40.29 -50.66 0.43
N PHE E 1046 -39.65 -51.51 -0.38
CA PHE E 1046 -39.45 -51.17 -1.79
C PHE E 1046 -40.79 -51.02 -2.51
N ALA E 1047 -41.75 -51.88 -2.18
CA ALA E 1047 -43.10 -51.77 -2.74
C ALA E 1047 -43.72 -50.43 -2.35
N PHE E 1048 -43.42 -50.00 -1.12
CA PHE E 1048 -43.99 -48.76 -0.61
C PHE E 1048 -43.46 -47.57 -1.38
N ILE E 1049 -42.16 -47.57 -1.69
CA ILE E 1049 -41.49 -46.44 -2.33
C ILE E 1049 -42.12 -45.98 -3.65
N GLN E 1050 -42.95 -46.80 -4.28
CA GLN E 1050 -43.63 -46.33 -5.48
C GLN E 1050 -45.07 -45.88 -5.23
N HIS E 1051 -45.83 -46.62 -4.43
CA HIS E 1051 -47.20 -46.25 -4.09
C HIS E 1051 -47.37 -46.02 -2.60
N PRO E 1052 -47.30 -44.77 -2.15
CA PRO E 1052 -47.43 -44.48 -0.71
C PRO E 1052 -48.76 -44.90 -0.13
N SER E 1053 -49.84 -44.80 -0.90
CA SER E 1053 -51.18 -45.08 -0.39
C SER E 1053 -51.29 -46.50 0.18
N LEU E 1054 -50.47 -47.44 -0.33
CA LEU E 1054 -50.46 -48.80 0.16
C LEU E 1054 -50.15 -48.89 1.65
N MET E 1055 -49.39 -47.92 2.18
CA MET E 1055 -49.13 -47.87 3.62
C MET E 1055 -50.41 -47.83 4.44
N PHE E 1056 -51.47 -47.22 3.89
CA PHE E 1056 -52.73 -47.06 4.59
C PHE E 1056 -53.41 -48.37 4.98
N GLU E 1057 -53.08 -49.48 4.30
CA GLU E 1057 -53.74 -50.75 4.56
C GLU E 1057 -53.59 -51.19 6.01
N GLN E 1058 -54.65 -51.80 6.52
CA GLN E 1058 -54.73 -52.13 7.95
C GLN E 1058 -53.67 -53.15 8.35
N GLU E 1059 -53.42 -54.14 7.50
CA GLU E 1059 -52.49 -55.22 7.84
C GLU E 1059 -51.06 -54.73 7.99
N VAL E 1060 -50.56 -53.92 7.06
CA VAL E 1060 -49.20 -53.41 7.17
C VAL E 1060 -49.07 -52.49 8.38
N LYS E 1061 -50.08 -51.65 8.61
CA LYS E 1061 -50.09 -50.75 9.75
C LYS E 1061 -49.97 -51.54 11.05
N ASN E 1062 -50.95 -52.40 11.31
CA ASN E 1062 -50.97 -53.21 12.52
C ASN E 1062 -49.71 -54.06 12.65
N LEU E 1063 -49.17 -54.52 11.52
CA LEU E 1063 -47.94 -55.31 11.54
C LEU E 1063 -46.77 -54.49 12.08
N TYR E 1064 -46.60 -53.27 11.55
CA TYR E 1064 -45.50 -52.44 12.00
C TYR E 1064 -45.66 -52.10 13.48
N ASN E 1065 -46.86 -51.64 13.85
CA ASN E 1065 -47.09 -51.27 15.25
C ASN E 1065 -47.13 -52.46 16.19
N ASN E 1066 -47.13 -53.69 15.68
CA ASN E 1066 -46.94 -54.83 16.57
C ASN E 1066 -45.48 -55.23 16.65
N ILE E 1067 -44.77 -55.19 15.52
CA ILE E 1067 -43.37 -55.58 15.49
C ILE E 1067 -42.54 -54.63 16.33
N LEU E 1068 -42.80 -53.32 16.21
CA LEU E 1068 -41.96 -52.36 16.90
C LEU E 1068 -42.22 -52.35 18.40
N SER E 1069 -43.44 -52.69 18.83
CA SER E 1069 -43.73 -52.72 20.25
C SER E 1069 -43.77 -54.16 20.78
N ASP E 1070 -44.24 -54.30 22.02
CA ASP E 1070 -44.69 -55.53 22.69
C ASP E 1070 -43.46 -56.31 23.17
N LYS E 1071 -42.28 -55.67 23.15
CA LYS E 1071 -41.01 -56.23 23.60
C LYS E 1071 -40.71 -57.52 22.80
N ASN E 1072 -40.47 -57.28 21.51
CA ASN E 1072 -40.23 -58.35 20.56
C ASN E 1072 -38.78 -58.85 20.66
N SER E 1073 -38.61 -60.14 20.38
CA SER E 1073 -37.29 -60.78 20.44
C SER E 1073 -36.29 -60.23 19.42
N SER E 1074 -36.72 -60.04 18.17
CA SER E 1074 -35.81 -59.66 17.09
C SER E 1074 -35.11 -58.32 17.33
N VAL E 1075 -33.87 -58.24 16.84
CA VAL E 1075 -33.10 -57.01 16.86
C VAL E 1075 -32.73 -56.55 15.46
N ASN E 1076 -33.05 -57.32 14.42
CA ASN E 1076 -32.86 -56.87 13.05
C ASN E 1076 -34.08 -56.19 12.44
N LEU E 1077 -35.27 -56.54 12.90
CA LEU E 1077 -36.50 -55.91 12.40
C LEU E 1077 -36.53 -54.41 12.67
N LYS E 1078 -36.15 -54.01 13.88
CA LYS E 1078 -36.23 -52.59 14.23
C LYS E 1078 -35.30 -51.76 13.36
N ILE E 1079 -34.05 -52.22 13.22
CA ILE E 1079 -33.09 -51.57 12.33
C ILE E 1079 -33.64 -51.48 10.93
N GLN E 1080 -34.26 -52.55 10.46
CA GLN E 1080 -34.78 -52.56 9.10
C GLN E 1080 -35.94 -51.57 8.94
N VAL E 1081 -36.82 -51.48 9.93
CA VAL E 1081 -37.94 -50.53 9.90
C VAL E 1081 -37.42 -49.11 9.78
N LEU E 1082 -36.51 -48.74 10.68
CA LEU E 1082 -35.94 -47.40 10.63
C LEU E 1082 -35.25 -47.13 9.30
N LYS E 1083 -34.61 -48.14 8.72
CA LYS E 1083 -33.98 -47.95 7.41
C LYS E 1083 -35.03 -47.71 6.33
N ASN E 1084 -36.17 -48.39 6.45
CA ASN E 1084 -37.29 -48.18 5.53
C ASN E 1084 -37.76 -46.74 5.57
N LEU E 1085 -38.01 -46.22 6.77
CA LEU E 1085 -38.47 -44.84 6.89
C LEU E 1085 -37.45 -43.86 6.34
N GLN E 1086 -36.17 -44.07 6.67
CA GLN E 1086 -35.13 -43.16 6.22
C GLN E 1086 -35.04 -43.11 4.71
N THR E 1087 -35.03 -44.28 4.05
CA THR E 1087 -34.92 -44.27 2.60
C THR E 1087 -36.17 -43.69 1.96
N TYR E 1088 -37.34 -43.91 2.56
CA TYR E 1088 -38.57 -43.30 2.05
C TYR E 1088 -38.46 -41.78 2.06
N LEU E 1089 -38.05 -41.24 3.21
CA LEU E 1089 -37.97 -39.80 3.40
C LEU E 1089 -37.00 -39.18 2.40
N GLN E 1090 -35.78 -39.73 2.31
CA GLN E 1090 -34.77 -39.19 1.41
C GLN E 1090 -35.23 -39.23 -0.03
N GLU E 1091 -35.77 -40.37 -0.47
CA GLU E 1091 -36.15 -40.50 -1.87
C GLU E 1091 -37.27 -39.54 -2.22
N GLU E 1092 -38.25 -39.37 -1.31
CA GLU E 1092 -39.35 -38.45 -1.59
C GLU E 1092 -38.85 -37.02 -1.70
N ASP E 1093 -37.99 -36.61 -0.75
CA ASP E 1093 -37.43 -35.27 -0.77
C ASP E 1093 -36.70 -35.00 -2.08
N THR E 1094 -35.79 -35.90 -2.46
CA THR E 1094 -34.99 -35.70 -3.67
C THR E 1094 -35.86 -35.66 -4.91
N ARG E 1095 -36.88 -36.54 -4.99
CA ARG E 1095 -37.76 -36.53 -6.15
C ARG E 1095 -38.49 -35.21 -6.27
N MET E 1096 -39.02 -34.71 -5.15
CA MET E 1096 -39.71 -33.42 -5.14
C MET E 1096 -38.80 -32.31 -5.61
N GLN E 1097 -37.58 -32.26 -5.06
CA GLN E 1097 -36.63 -31.20 -5.40
C GLN E 1097 -36.27 -31.22 -6.89
N GLN E 1098 -35.77 -32.36 -7.39
CA GLN E 1098 -35.36 -32.36 -8.79
C GLN E 1098 -36.56 -32.30 -9.73
N ALA E 1099 -37.78 -32.51 -9.24
CA ALA E 1099 -38.96 -32.30 -10.06
C ALA E 1099 -39.35 -30.83 -10.06
N ASP E 1100 -38.96 -30.11 -9.01
CA ASP E 1100 -39.10 -28.66 -9.03
C ASP E 1100 -38.14 -28.07 -10.04
N ARG E 1101 -36.97 -28.69 -10.16
CA ARG E 1101 -35.87 -28.16 -10.98
C ARG E 1101 -36.29 -27.87 -12.42
N ASP E 1102 -37.08 -28.76 -13.01
CA ASP E 1102 -37.55 -28.62 -14.39
C ASP E 1102 -39.02 -28.18 -14.42
N TRP E 1103 -39.25 -26.94 -14.01
CA TRP E 1103 -40.62 -26.46 -13.90
C TRP E 1103 -41.30 -26.18 -15.23
N LYS E 1104 -40.73 -25.29 -16.03
CA LYS E 1104 -41.44 -24.68 -17.16
C LYS E 1104 -41.93 -25.66 -18.24
N LYS E 1105 -41.37 -26.86 -18.31
CA LYS E 1105 -41.77 -27.72 -19.41
C LYS E 1105 -43.10 -28.46 -19.21
N VAL E 1106 -43.64 -28.55 -18.00
CA VAL E 1106 -44.82 -29.39 -17.82
C VAL E 1106 -45.86 -28.64 -16.98
N ALA E 1107 -45.44 -27.49 -16.45
CA ALA E 1107 -46.26 -26.70 -15.54
C ALA E 1107 -47.60 -26.29 -16.13
N LYS E 1108 -47.56 -25.72 -17.33
CA LYS E 1108 -48.71 -25.13 -18.04
C LYS E 1108 -49.90 -26.04 -18.25
N GLN E 1109 -49.80 -27.34 -17.98
CA GLN E 1109 -50.92 -28.24 -18.21
C GLN E 1109 -51.41 -28.84 -16.90
N GLU E 1110 -51.52 -28.00 -15.89
CA GLU E 1110 -52.17 -28.41 -14.65
C GLU E 1110 -53.03 -27.24 -14.19
N ASP E 1111 -54.17 -27.57 -13.60
CA ASP E 1111 -55.21 -26.61 -13.31
C ASP E 1111 -54.75 -25.64 -12.23
N LEU E 1112 -55.55 -24.60 -12.03
CA LEU E 1112 -55.37 -23.68 -10.92
C LEU E 1112 -56.43 -23.89 -9.85
N LYS E 1113 -57.50 -24.59 -10.19
CA LYS E 1113 -58.62 -24.78 -9.28
C LYS E 1113 -58.50 -26.08 -8.48
N GLU E 1114 -57.42 -26.83 -8.67
CA GLU E 1114 -57.35 -28.16 -8.08
C GLU E 1114 -56.63 -28.13 -6.75
N MET E 1115 -55.37 -27.66 -6.74
CA MET E 1115 -54.53 -27.60 -5.54
C MET E 1115 -54.40 -28.99 -4.92
N GLY E 1116 -53.69 -29.86 -5.65
CA GLY E 1116 -53.61 -31.25 -5.24
C GLY E 1116 -53.03 -31.38 -3.84
N ASP E 1117 -53.42 -32.45 -3.17
CA ASP E 1117 -52.89 -32.67 -1.83
C ASP E 1117 -52.32 -34.06 -1.65
N VAL E 1118 -52.92 -35.07 -2.30
CA VAL E 1118 -52.48 -36.46 -2.13
C VAL E 1118 -51.04 -36.68 -2.57
N SER E 1119 -50.50 -35.84 -3.44
CA SER E 1119 -49.08 -35.88 -3.75
C SER E 1119 -48.22 -35.10 -2.77
N SER E 1120 -48.79 -34.23 -1.94
CA SER E 1120 -48.00 -33.45 -1.01
C SER E 1120 -48.16 -33.82 0.46
N GLY E 1121 -49.39 -33.82 0.97
CA GLY E 1121 -49.64 -34.06 2.38
C GLY E 1121 -49.30 -35.44 2.91
N MET E 1122 -49.22 -36.44 2.01
CA MET E 1122 -49.04 -37.83 2.40
C MET E 1122 -47.88 -38.04 3.34
N SER E 1123 -46.72 -37.48 2.99
CA SER E 1123 -45.49 -37.65 3.76
C SER E 1123 -45.65 -37.24 5.22
N SER E 1124 -46.57 -36.33 5.51
CA SER E 1124 -46.82 -36.03 6.91
C SER E 1124 -47.62 -37.14 7.58
N SER E 1125 -48.79 -37.43 6.98
CA SER E 1125 -49.78 -38.33 7.57
C SER E 1125 -49.19 -39.68 7.95
N ILE E 1126 -48.39 -40.26 7.05
CA ILE E 1126 -47.76 -41.56 7.25
C ILE E 1126 -47.01 -41.58 8.58
N MET E 1127 -46.22 -40.52 8.84
CA MET E 1127 -45.38 -40.44 10.02
C MET E 1127 -46.23 -40.58 11.28
N GLN E 1128 -47.46 -40.05 11.22
CA GLN E 1128 -48.37 -40.00 12.35
C GLN E 1128 -48.75 -41.38 12.84
N LEU E 1129 -48.50 -42.42 12.05
CA LEU E 1129 -48.81 -43.77 12.50
C LEU E 1129 -47.68 -44.42 13.30
N TYR E 1130 -46.44 -43.98 13.13
CA TYR E 1130 -45.35 -44.67 13.79
C TYR E 1130 -44.61 -43.87 14.84
N LEU E 1131 -44.61 -42.54 14.71
CA LEU E 1131 -43.73 -41.63 15.44
C LEU E 1131 -43.57 -41.96 16.91
N LYS E 1132 -44.70 -41.99 17.63
CA LYS E 1132 -44.74 -42.29 19.06
C LYS E 1132 -43.97 -43.56 19.37
N GLN E 1133 -44.32 -44.64 18.65
CA GLN E 1133 -43.66 -45.92 18.84
C GLN E 1133 -42.18 -45.79 18.57
N VAL E 1134 -41.83 -45.13 17.45
CA VAL E 1134 -40.43 -44.85 17.11
C VAL E 1134 -39.78 -44.12 18.27
N LEU E 1135 -40.52 -43.19 18.85
CA LEU E 1135 -40.06 -42.44 20.01
C LEU E 1135 -39.77 -43.38 21.15
N GLU E 1136 -40.73 -44.28 21.44
CA GLU E 1136 -40.53 -45.31 22.45
C GLU E 1136 -39.32 -46.17 22.12
N ALA E 1137 -39.08 -46.40 20.82
CA ALA E 1137 -37.95 -47.21 20.41
C ALA E 1137 -36.62 -46.55 20.68
N PHE E 1138 -36.62 -45.30 21.17
CA PHE E 1138 -35.38 -44.66 21.59
C PHE E 1138 -34.80 -45.35 22.81
N PHE E 1139 -35.65 -45.98 23.61
CA PHE E 1139 -35.24 -46.49 24.91
C PHE E 1139 -34.80 -47.95 24.81
N HIS E 1140 -33.94 -48.27 23.85
CA HIS E 1140 -33.51 -49.64 23.64
C HIS E 1140 -32.06 -49.81 24.05
N THR E 1141 -31.74 -51.00 24.54
CA THR E 1141 -30.44 -51.26 25.14
C THR E 1141 -29.34 -51.34 24.08
N GLN E 1142 -29.64 -51.89 22.92
CA GLN E 1142 -28.66 -51.87 21.82
C GLN E 1142 -28.36 -50.44 21.40
N SER E 1143 -27.23 -50.25 20.72
CA SER E 1143 -26.81 -48.93 20.28
C SER E 1143 -27.15 -48.61 18.83
N SER E 1144 -27.08 -49.60 17.94
CA SER E 1144 -27.32 -49.35 16.52
C SER E 1144 -28.75 -48.89 16.28
N VAL E 1145 -29.70 -49.50 17.00
CA VAL E 1145 -31.10 -49.12 16.89
C VAL E 1145 -31.27 -47.66 17.29
N ARG E 1146 -30.63 -47.26 18.40
CA ARG E 1146 -30.68 -45.88 18.85
C ARG E 1146 -30.12 -44.94 17.80
N HIS E 1147 -28.97 -45.31 17.21
CA HIS E 1147 -28.33 -44.46 16.22
C HIS E 1147 -29.23 -44.22 15.02
N PHE E 1148 -29.85 -45.29 14.52
CA PHE E 1148 -30.69 -45.11 13.34
C PHE E 1148 -32.00 -44.42 13.69
N ALA E 1149 -32.56 -44.72 14.87
CA ALA E 1149 -33.76 -44.05 15.32
C ALA E 1149 -33.57 -42.54 15.41
N LEU E 1150 -32.45 -42.11 16.01
CA LEU E 1150 -32.18 -40.69 16.11
C LEU E 1150 -31.95 -40.07 14.75
N ASN E 1151 -31.31 -40.83 13.84
CA ASN E 1151 -31.13 -40.36 12.48
C ASN E 1151 -32.48 -40.12 11.82
N VAL E 1152 -33.42 -41.05 12.02
CA VAL E 1152 -34.73 -40.97 11.40
C VAL E 1152 -35.52 -39.77 11.91
N ILE E 1153 -35.55 -39.58 13.23
CA ILE E 1153 -36.39 -38.51 13.76
C ILE E 1153 -35.78 -37.13 13.48
N ALA E 1154 -34.46 -37.01 13.60
CA ALA E 1154 -33.87 -35.70 13.34
C ALA E 1154 -33.74 -35.39 11.86
N LEU E 1155 -33.81 -36.40 11.00
CA LEU E 1155 -33.91 -36.10 9.58
C LEU E 1155 -35.33 -35.74 9.22
N THR E 1156 -36.29 -36.37 9.88
CA THR E 1156 -37.70 -36.05 9.70
C THR E 1156 -37.99 -34.58 9.98
N LEU E 1157 -37.71 -34.17 11.23
CA LEU E 1157 -38.14 -32.85 11.73
C LEU E 1157 -37.71 -31.67 10.88
N ASN E 1158 -36.53 -31.74 10.24
CA ASN E 1158 -36.02 -30.62 9.45
C ASN E 1158 -36.85 -30.31 8.21
N GLN E 1159 -37.88 -31.08 7.91
CA GLN E 1159 -38.81 -30.75 6.84
C GLN E 1159 -40.18 -30.35 7.37
N GLY E 1160 -40.31 -30.20 8.68
CA GLY E 1160 -41.50 -29.68 9.30
C GLY E 1160 -42.73 -30.53 9.21
N LEU E 1161 -42.63 -31.75 8.66
CA LEU E 1161 -43.73 -32.69 8.51
C LEU E 1161 -44.65 -32.79 9.72
N ILE E 1162 -44.06 -32.80 10.92
CA ILE E 1162 -44.80 -33.04 12.15
C ILE E 1162 -44.64 -31.86 13.09
N HIS E 1163 -45.53 -31.80 14.07
CA HIS E 1163 -45.53 -30.75 15.07
C HIS E 1163 -44.35 -30.96 16.01
N PRO E 1164 -43.48 -29.96 16.20
CA PRO E 1164 -42.28 -30.18 17.02
C PRO E 1164 -42.57 -30.47 18.48
N VAL E 1165 -43.36 -29.62 19.14
CA VAL E 1165 -43.46 -29.77 20.58
C VAL E 1165 -44.53 -30.78 20.95
N GLN E 1166 -44.24 -32.05 20.68
CA GLN E 1166 -44.74 -33.18 21.44
C GLN E 1166 -43.67 -34.22 21.61
N CYS E 1167 -42.58 -34.13 20.84
CA CYS E 1167 -41.41 -34.99 20.95
C CYS E 1167 -40.14 -34.16 21.14
N VAL E 1168 -40.26 -33.06 21.88
CA VAL E 1168 -39.10 -32.29 22.34
C VAL E 1168 -38.41 -32.83 23.60
N PRO E 1169 -39.12 -33.16 24.70
CA PRO E 1169 -38.41 -33.64 25.90
C PRO E 1169 -37.52 -34.83 25.64
N TYR E 1170 -38.04 -35.83 24.94
CA TYR E 1170 -37.27 -37.00 24.58
C TYR E 1170 -36.08 -36.64 23.72
N LEU E 1171 -36.29 -35.72 22.75
CA LEU E 1171 -35.18 -35.30 21.92
C LEU E 1171 -34.15 -34.50 22.66
N ILE E 1172 -34.45 -34.05 23.87
CA ILE E 1172 -33.45 -33.39 24.70
C ILE E 1172 -32.76 -34.38 25.62
N ALA E 1173 -33.56 -35.19 26.30
CA ALA E 1173 -33.07 -36.23 27.20
C ALA E 1173 -32.24 -37.29 26.48
N MET E 1174 -32.34 -37.40 25.16
CA MET E 1174 -31.44 -38.29 24.47
C MET E 1174 -29.99 -37.78 24.40
N GLY E 1175 -29.67 -36.66 25.04
CA GLY E 1175 -28.36 -36.10 25.13
C GLY E 1175 -27.49 -36.64 26.25
N THR E 1176 -27.91 -37.71 26.92
CA THR E 1176 -27.18 -38.26 28.06
C THR E 1176 -26.95 -39.74 27.88
N ASP E 1177 -26.49 -40.08 26.77
CA ASP E 1177 -25.89 -41.25 26.19
C ASP E 1177 -24.37 -41.14 26.18
N PRO E 1178 -23.66 -42.28 26.18
CA PRO E 1178 -22.18 -42.24 26.13
C PRO E 1178 -21.55 -41.76 24.83
N GLU E 1179 -21.99 -42.33 23.71
CA GLU E 1179 -21.39 -42.07 22.40
C GLU E 1179 -21.47 -40.60 22.01
N PRO E 1180 -20.36 -39.99 21.58
CA PRO E 1180 -20.36 -38.53 21.38
C PRO E 1180 -21.14 -38.04 20.16
N ALA E 1181 -21.02 -38.74 19.02
CA ALA E 1181 -21.65 -38.27 17.79
C ALA E 1181 -23.16 -38.18 17.92
N MET E 1182 -23.76 -39.12 18.64
CA MET E 1182 -25.20 -39.18 18.91
C MET E 1182 -25.71 -37.89 19.52
N ARG E 1183 -25.26 -37.59 20.73
CA ARG E 1183 -25.77 -36.42 21.41
C ARG E 1183 -25.23 -35.15 20.79
N ASN E 1184 -24.11 -35.22 20.08
CA ASN E 1184 -23.63 -34.08 19.32
C ASN E 1184 -24.66 -33.67 18.28
N LYS E 1185 -25.08 -34.63 17.44
CA LYS E 1185 -26.12 -34.38 16.45
C LYS E 1185 -27.41 -33.94 17.12
N ALA E 1186 -27.77 -34.61 18.22
CA ALA E 1186 -28.98 -34.29 18.96
C ALA E 1186 -28.99 -32.84 19.42
N ASP E 1187 -27.97 -32.44 20.17
CA ASP E 1187 -27.89 -31.11 20.75
C ASP E 1187 -27.84 -30.04 19.68
N GLN E 1188 -27.14 -30.31 18.57
CA GLN E 1188 -27.10 -29.34 17.47
C GLN E 1188 -28.50 -29.15 16.87
N GLN E 1189 -29.20 -30.27 16.67
CA GLN E 1189 -30.58 -30.22 16.20
C GLN E 1189 -31.46 -29.44 17.15
N LEU E 1190 -31.22 -29.60 18.45
CA LEU E 1190 -32.04 -28.92 19.45
C LEU E 1190 -31.82 -27.41 19.40
N VAL E 1191 -30.57 -26.99 19.25
CA VAL E 1191 -30.30 -25.55 19.17
C VAL E 1191 -30.94 -24.98 17.92
N GLU E 1192 -31.02 -25.78 16.86
CA GLU E 1192 -31.74 -25.31 15.67
C GLU E 1192 -33.23 -25.20 15.94
N ILE E 1193 -33.80 -26.17 16.65
CA ILE E 1193 -35.21 -26.08 17.06
C ILE E 1193 -35.47 -24.87 17.93
N ASP E 1194 -34.51 -24.49 18.76
CA ASP E 1194 -34.74 -23.42 19.73
C ASP E 1194 -34.63 -22.04 19.11
N LYS E 1195 -33.61 -21.82 18.27
CA LYS E 1195 -33.25 -20.47 17.83
C LYS E 1195 -34.40 -19.73 17.14
N LYS E 1196 -35.36 -20.45 16.55
CA LYS E 1196 -36.48 -19.76 15.94
C LYS E 1196 -37.54 -19.39 16.97
N TYR E 1197 -37.94 -20.36 17.79
CA TYR E 1197 -39.14 -20.27 18.62
C TYR E 1197 -38.70 -20.21 20.07
N ALA E 1198 -38.94 -19.06 20.72
CA ALA E 1198 -38.32 -18.79 22.02
C ALA E 1198 -38.83 -19.72 23.12
N GLY E 1199 -40.14 -19.96 23.17
CA GLY E 1199 -40.71 -20.59 24.36
C GLY E 1199 -40.44 -22.08 24.50
N PHE E 1200 -40.28 -22.79 23.38
CA PHE E 1200 -40.59 -24.21 23.30
C PHE E 1200 -39.89 -25.06 24.37
N ILE E 1201 -38.56 -24.94 24.45
CA ILE E 1201 -37.80 -25.80 25.36
C ILE E 1201 -38.18 -25.51 26.80
N HIS E 1202 -38.43 -24.24 27.10
CA HIS E 1202 -38.80 -23.83 28.44
C HIS E 1202 -40.13 -24.44 28.87
N MET E 1203 -40.93 -24.92 27.91
CA MET E 1203 -42.24 -25.45 28.26
C MET E 1203 -42.14 -26.82 28.93
N LYS E 1204 -41.27 -27.68 28.43
CA LYS E 1204 -41.12 -29.04 28.95
C LYS E 1204 -39.69 -29.23 29.43
N ALA E 1205 -39.45 -29.01 30.70
CA ALA E 1205 -38.11 -29.16 31.23
C ALA E 1205 -38.00 -30.21 32.32
N VAL E 1206 -38.95 -30.28 33.24
CA VAL E 1206 -38.86 -31.25 34.33
C VAL E 1206 -39.12 -32.67 33.83
N ALA E 1207 -40.11 -32.83 32.95
CA ALA E 1207 -40.33 -34.12 32.29
C ALA E 1207 -39.10 -34.55 31.50
N GLY E 1208 -38.37 -33.60 30.94
CA GLY E 1208 -37.11 -33.86 30.28
C GLY E 1208 -36.13 -34.62 31.15
N MET E 1209 -35.78 -34.03 32.30
CA MET E 1209 -34.83 -34.68 33.19
C MET E 1209 -35.39 -35.99 33.75
N LYS E 1210 -36.70 -36.05 34.01
CA LYS E 1210 -37.29 -37.31 34.49
C LYS E 1210 -37.12 -38.43 33.47
N MET E 1211 -37.46 -38.15 32.21
CA MET E 1211 -37.26 -39.14 31.16
C MET E 1211 -35.79 -39.48 30.98
N SER E 1212 -34.91 -38.48 31.12
CA SER E 1212 -33.48 -38.72 31.04
C SER E 1212 -33.05 -39.73 32.09
N TYR E 1213 -33.57 -39.57 33.31
CA TYR E 1213 -33.25 -40.48 34.41
C TYR E 1213 -33.77 -41.88 34.15
N GLN E 1214 -34.99 -41.98 33.60
CA GLN E 1214 -35.52 -43.28 33.21
C GLN E 1214 -34.63 -43.94 32.16
N VAL E 1215 -34.15 -43.15 31.20
CA VAL E 1215 -33.26 -43.66 30.16
C VAL E 1215 -31.98 -44.19 30.79
N GLN E 1216 -31.40 -43.44 31.72
CA GLN E 1216 -30.16 -43.90 32.36
C GLN E 1216 -30.39 -45.17 33.15
N GLN E 1217 -31.53 -45.27 33.84
CA GLN E 1217 -31.83 -46.52 34.55
C GLN E 1217 -32.20 -47.65 33.60
N ALA E 1218 -32.47 -47.34 32.34
CA ALA E 1218 -32.59 -48.37 31.32
C ALA E 1218 -31.24 -48.76 30.72
N ILE E 1219 -30.30 -47.83 30.65
CA ILE E 1219 -29.01 -48.09 30.04
C ILE E 1219 -28.12 -48.91 30.96
N ASN E 1220 -28.11 -48.61 32.25
CA ASN E 1220 -27.26 -49.33 33.18
C ASN E 1220 -28.06 -50.24 34.10
N SER E 1237 -19.15 -35.98 33.24
CA SER E 1237 -19.94 -35.07 34.07
C SER E 1237 -20.62 -34.02 33.21
N ALA E 1238 -21.53 -33.26 33.84
CA ALA E 1238 -22.25 -32.15 33.20
C ALA E 1238 -22.99 -32.57 31.95
N LEU E 1239 -23.69 -33.72 32.01
CA LEU E 1239 -24.45 -34.18 30.87
C LEU E 1239 -25.58 -33.22 30.51
N CYS E 1240 -26.26 -32.68 31.50
CA CYS E 1240 -27.39 -31.79 31.30
C CYS E 1240 -26.97 -30.33 31.12
N SER E 1241 -25.67 -30.06 31.14
CA SER E 1241 -25.15 -28.70 31.09
C SER E 1241 -25.58 -27.92 29.87
N HIS E 1242 -25.68 -28.57 28.72
CA HIS E 1242 -26.03 -27.85 27.49
C HIS E 1242 -27.42 -27.22 27.57
N LEU E 1243 -28.41 -27.97 28.05
CA LEU E 1243 -29.74 -27.39 28.19
C LEU E 1243 -29.73 -26.27 29.22
N TYR E 1244 -28.98 -26.47 30.30
CA TYR E 1244 -28.91 -25.48 31.37
C TYR E 1244 -28.33 -24.17 30.86
N SER E 1245 -27.29 -24.26 30.03
CA SER E 1245 -26.73 -23.06 29.43
C SER E 1245 -27.72 -22.40 28.50
N MET E 1246 -28.46 -23.22 27.74
CA MET E 1246 -29.45 -22.68 26.80
C MET E 1246 -30.58 -21.92 27.49
N ILE E 1247 -31.01 -22.39 28.65
CA ILE E 1247 -32.19 -21.84 29.31
C ILE E 1247 -31.78 -20.75 30.30
N ARG E 1248 -30.57 -20.23 30.16
CA ARG E 1248 -30.13 -19.23 31.12
C ARG E 1248 -30.48 -17.81 30.68
N GLY E 1249 -30.97 -17.63 29.44
CA GLY E 1249 -31.24 -16.29 28.95
C GLY E 1249 -32.37 -15.55 29.65
N ASN E 1250 -33.46 -16.25 29.96
CA ASN E 1250 -34.62 -15.61 30.56
C ASN E 1250 -34.53 -15.74 32.08
N ARG E 1251 -34.62 -14.60 32.76
CA ARG E 1251 -34.48 -14.56 34.20
C ARG E 1251 -35.62 -15.31 34.89
N GLN E 1252 -36.87 -15.04 34.48
CA GLN E 1252 -38.03 -15.65 35.13
C GLN E 1252 -38.08 -17.15 34.88
N HIS E 1253 -37.84 -17.56 33.63
CA HIS E 1253 -37.82 -18.97 33.29
C HIS E 1253 -36.78 -19.70 34.13
N ARG E 1254 -35.62 -19.03 34.30
CA ARG E 1254 -34.50 -19.60 35.05
C ARG E 1254 -34.90 -19.84 36.49
N ARG E 1255 -35.54 -18.84 37.09
CA ARG E 1255 -35.98 -19.00 38.48
C ARG E 1255 -37.02 -20.12 38.55
N ALA E 1256 -37.97 -20.09 37.62
CA ALA E 1256 -39.12 -20.97 37.51
C ALA E 1256 -38.79 -22.45 37.52
N PHE E 1257 -38.11 -22.93 36.47
CA PHE E 1257 -37.91 -24.39 36.37
C PHE E 1257 -37.15 -24.90 37.58
N LEU E 1258 -36.13 -24.15 38.00
CA LEU E 1258 -35.31 -24.53 39.14
C LEU E 1258 -36.13 -24.63 40.42
N ILE E 1259 -36.94 -23.60 40.71
CA ILE E 1259 -37.70 -23.58 41.95
C ILE E 1259 -38.70 -24.73 41.95
N SER E 1260 -39.34 -24.98 40.79
CA SER E 1260 -40.35 -26.02 40.68
C SER E 1260 -39.75 -27.39 40.95
N LEU E 1261 -38.68 -27.72 40.22
CA LEU E 1261 -38.08 -29.05 40.32
C LEU E 1261 -37.53 -29.29 41.73
N LEU E 1262 -36.70 -28.35 42.20
CA LEU E 1262 -35.99 -28.52 43.46
C LEU E 1262 -36.97 -28.66 44.62
N ASN E 1263 -37.96 -27.77 44.69
CA ASN E 1263 -38.90 -27.84 45.80
C ASN E 1263 -39.80 -29.06 45.71
N LEU E 1264 -40.33 -29.38 44.53
CA LEU E 1264 -41.28 -30.48 44.43
C LEU E 1264 -40.63 -31.80 44.80
N PHE E 1265 -39.42 -32.04 44.30
CA PHE E 1265 -38.79 -33.34 44.54
C PHE E 1265 -38.43 -33.56 46.00
N ASP E 1266 -37.77 -32.59 46.62
CA ASP E 1266 -37.21 -32.80 47.95
C ASP E 1266 -38.23 -32.79 49.11
N ASP E 1267 -39.14 -31.81 49.14
CA ASP E 1267 -39.90 -31.59 50.39
C ASP E 1267 -40.90 -32.69 50.75
N THR E 1268 -41.77 -33.09 49.83
CA THR E 1268 -42.85 -33.98 50.25
C THR E 1268 -43.02 -35.20 49.35
N ALA E 1269 -42.21 -35.34 48.31
CA ALA E 1269 -42.43 -36.37 47.31
C ALA E 1269 -41.44 -37.52 47.53
N LYS E 1270 -41.96 -38.74 47.44
CA LYS E 1270 -41.12 -39.94 47.56
C LYS E 1270 -40.42 -40.26 46.24
N THR E 1271 -39.56 -39.33 45.84
CA THR E 1271 -38.79 -39.50 44.62
C THR E 1271 -37.71 -40.54 44.84
N ASP E 1272 -37.31 -41.21 43.76
CA ASP E 1272 -36.30 -42.23 43.85
C ASP E 1272 -34.99 -41.65 44.35
N VAL E 1273 -34.31 -42.40 45.22
CA VAL E 1273 -33.03 -41.97 45.76
C VAL E 1273 -32.01 -41.83 44.64
N THR E 1274 -32.06 -42.75 43.67
CA THR E 1274 -31.21 -42.66 42.49
C THR E 1274 -31.53 -41.39 41.71
N MET E 1275 -32.82 -41.04 41.60
CA MET E 1275 -33.22 -39.80 40.97
C MET E 1275 -32.67 -38.60 41.71
N LEU E 1276 -32.71 -38.65 43.05
CA LEU E 1276 -32.16 -37.57 43.85
C LEU E 1276 -30.66 -37.43 43.61
N LEU E 1277 -29.96 -38.56 43.52
CA LEU E 1277 -28.53 -38.54 43.25
C LEU E 1277 -28.25 -37.95 41.88
N TYR E 1278 -29.02 -38.37 40.88
CA TYR E 1278 -28.86 -37.87 39.52
C TYR E 1278 -29.05 -36.35 39.46
N ILE E 1279 -30.16 -35.86 40.00
CA ILE E 1279 -30.44 -34.43 39.98
C ILE E 1279 -29.39 -33.67 40.79
N ALA E 1280 -28.96 -34.21 41.92
CA ALA E 1280 -27.97 -33.54 42.74
C ALA E 1280 -26.63 -33.41 42.03
N ASP E 1281 -26.19 -34.48 41.38
CA ASP E 1281 -24.93 -34.45 40.64
C ASP E 1281 -25.03 -33.47 39.50
N ASN E 1282 -26.18 -33.45 38.81
CA ASN E 1282 -26.36 -32.53 37.70
C ASN E 1282 -26.32 -31.09 38.19
N LEU E 1283 -26.95 -30.82 39.34
CA LEU E 1283 -26.98 -29.47 39.89
C LEU E 1283 -25.58 -29.01 40.26
N ALA E 1284 -24.82 -29.87 40.92
CA ALA E 1284 -23.45 -29.53 41.31
C ALA E 1284 -22.56 -29.30 40.10
N CYS E 1285 -22.71 -30.14 39.07
CA CYS E 1285 -21.92 -30.00 37.85
C CYS E 1285 -22.20 -28.72 37.07
N PHE E 1286 -23.40 -28.15 37.23
CA PHE E 1286 -23.85 -27.03 36.42
C PHE E 1286 -22.86 -25.86 36.45
N PRO E 1287 -22.45 -25.35 35.30
CA PRO E 1287 -21.60 -24.16 35.28
C PRO E 1287 -22.45 -22.94 35.60
N TYR E 1288 -21.89 -22.04 36.38
CA TYR E 1288 -22.59 -20.83 36.74
C TYR E 1288 -21.81 -19.64 36.21
N GLN E 1289 -22.51 -18.75 35.51
CA GLN E 1289 -21.87 -17.62 34.88
C GLN E 1289 -22.32 -16.30 35.50
N THR E 1290 -23.19 -16.36 36.50
CA THR E 1290 -23.64 -15.16 37.20
C THR E 1290 -23.53 -15.35 38.71
N GLN E 1291 -24.14 -14.46 39.48
CA GLN E 1291 -24.19 -14.59 40.93
C GLN E 1291 -25.59 -14.83 41.46
N GLU E 1292 -26.63 -14.62 40.63
CA GLU E 1292 -28.00 -14.80 41.09
C GLU E 1292 -28.26 -16.24 41.49
N GLU E 1293 -27.76 -17.18 40.68
CA GLU E 1293 -28.11 -18.59 40.86
C GLU E 1293 -27.71 -19.14 42.22
N PRO E 1294 -26.44 -19.07 42.66
CA PRO E 1294 -26.11 -19.70 43.96
C PRO E 1294 -26.82 -19.05 45.12
N LEU E 1295 -27.06 -17.73 45.06
CA LEU E 1295 -27.73 -17.06 46.15
C LEU E 1295 -29.20 -17.45 46.22
N PHE E 1296 -29.86 -17.50 45.06
CA PHE E 1296 -31.26 -17.91 45.00
C PHE E 1296 -31.44 -19.34 45.50
N ILE E 1297 -30.67 -20.27 44.93
CA ILE E 1297 -30.80 -21.67 45.32
C ILE E 1297 -30.52 -21.84 46.81
N MET E 1298 -29.44 -21.20 47.31
CA MET E 1298 -29.06 -21.33 48.71
C MET E 1298 -30.16 -20.81 49.61
N HIS E 1299 -30.76 -19.68 49.22
CA HIS E 1299 -31.80 -19.04 50.00
C HIS E 1299 -32.98 -19.99 50.18
N HIS E 1300 -33.56 -20.46 49.06
CA HIS E 1300 -34.72 -21.34 49.16
C HIS E 1300 -34.42 -22.68 49.85
N ILE E 1301 -33.32 -23.36 49.47
CA ILE E 1301 -32.93 -24.59 50.17
C ILE E 1301 -32.88 -24.37 51.67
N ASP E 1302 -32.17 -23.32 52.12
CA ASP E 1302 -32.10 -22.98 53.54
C ASP E 1302 -33.49 -22.93 54.16
N ILE E 1303 -34.39 -22.10 53.61
CA ILE E 1303 -35.74 -21.95 54.18
C ILE E 1303 -36.44 -23.30 54.34
N THR E 1304 -36.54 -24.06 53.25
CA THR E 1304 -37.23 -25.35 53.32
C THR E 1304 -36.53 -26.31 54.28
N LEU E 1305 -35.19 -26.40 54.17
CA LEU E 1305 -34.35 -27.14 55.10
C LEU E 1305 -34.73 -26.85 56.55
N SER E 1306 -34.69 -25.57 56.92
CA SER E 1306 -35.07 -25.09 58.25
C SER E 1306 -36.37 -25.71 58.72
N VAL E 1307 -37.45 -25.42 58.00
CA VAL E 1307 -38.77 -25.84 58.48
C VAL E 1307 -38.88 -27.37 58.55
N SER E 1308 -38.67 -28.04 57.41
CA SER E 1308 -38.75 -29.50 57.32
C SER E 1308 -37.86 -30.19 58.35
N GLY E 1309 -36.55 -29.89 58.33
CA GLY E 1309 -35.62 -30.48 59.27
C GLY E 1309 -36.01 -30.31 60.73
N SER E 1310 -36.37 -29.08 61.11
CA SER E 1310 -36.82 -28.83 62.48
C SER E 1310 -37.96 -29.76 62.88
N ASN E 1311 -39.02 -29.77 62.05
CA ASN E 1311 -40.16 -30.66 62.27
C ASN E 1311 -39.69 -32.11 62.43
N LEU E 1312 -38.82 -32.55 61.52
CA LEU E 1312 -38.33 -33.92 61.51
C LEU E 1312 -37.64 -34.26 62.82
N LEU E 1313 -36.68 -33.42 63.25
CA LEU E 1313 -35.91 -33.72 64.44
C LEU E 1313 -36.77 -33.71 65.70
N GLN E 1314 -37.75 -32.79 65.78
CA GLN E 1314 -38.59 -32.76 66.96
C GLN E 1314 -39.53 -33.95 66.99
N SER E 1315 -40.01 -34.39 65.83
CA SER E 1315 -40.87 -35.57 65.81
C SER E 1315 -40.10 -36.86 66.12
N PHE E 1316 -38.83 -36.95 65.69
CA PHE E 1316 -38.06 -38.14 66.06
C PHE E 1316 -37.67 -38.16 67.54
N LYS E 1317 -37.32 -36.99 68.11
CA LYS E 1317 -37.01 -36.97 69.54
C LYS E 1317 -38.26 -37.19 70.39
N GLU E 1318 -39.40 -36.62 69.96
CA GLU E 1318 -40.65 -36.83 70.68
C GLU E 1318 -41.08 -38.30 70.62
N SER E 1319 -40.72 -39.00 69.54
CA SER E 1319 -41.05 -40.41 69.41
C SER E 1319 -39.89 -41.27 69.87
N LEU E 1381 -39.71 -47.51 62.09
CA LEU E 1381 -39.48 -46.14 61.64
C LEU E 1381 -38.54 -46.10 60.44
N ILE E 1382 -38.70 -47.07 59.54
CA ILE E 1382 -37.93 -47.08 58.30
C ILE E 1382 -38.31 -45.89 57.41
N GLU E 1383 -39.57 -45.44 57.51
CA GLU E 1383 -40.02 -44.24 56.82
C GLU E 1383 -39.18 -43.03 57.21
N PHE E 1384 -38.85 -42.94 58.51
CA PHE E 1384 -37.93 -41.93 59.00
C PHE E 1384 -36.55 -42.08 58.35
N ALA E 1385 -36.07 -43.32 58.23
CA ALA E 1385 -34.77 -43.55 57.59
C ALA E 1385 -34.73 -43.00 56.18
N ASN E 1386 -35.74 -43.32 55.36
CA ASN E 1386 -35.78 -42.85 53.98
C ASN E 1386 -35.84 -41.32 53.90
N VAL E 1387 -36.84 -40.71 54.54
CA VAL E 1387 -37.01 -39.26 54.38
C VAL E 1387 -35.81 -38.52 54.97
N SER E 1388 -35.18 -39.10 56.00
CA SER E 1388 -33.99 -38.51 56.59
C SER E 1388 -32.81 -38.58 55.61
N GLN E 1389 -32.68 -39.72 54.90
CA GLN E 1389 -31.66 -39.81 53.85
C GLN E 1389 -31.83 -38.71 52.83
N GLY E 1390 -33.07 -38.47 52.40
CA GLY E 1390 -33.38 -37.38 51.48
C GLY E 1390 -32.87 -36.04 51.97
N ILE E 1391 -33.34 -35.68 53.17
CA ILE E 1391 -33.03 -34.36 53.72
C ILE E 1391 -31.53 -34.19 53.95
N LEU E 1392 -30.85 -35.27 54.38
CA LEU E 1392 -29.41 -35.15 54.61
C LEU E 1392 -28.64 -34.96 53.31
N LEU E 1393 -29.01 -35.69 52.25
CA LEU E 1393 -28.34 -35.45 50.98
C LEU E 1393 -28.49 -34.01 50.53
N LEU E 1394 -29.70 -33.44 50.70
CA LEU E 1394 -29.89 -32.04 50.29
C LEU E 1394 -29.04 -31.09 51.13
N LEU E 1395 -28.98 -31.35 52.44
CA LEU E 1395 -28.05 -30.65 53.33
C LEU E 1395 -26.63 -30.68 52.77
N MET E 1396 -26.13 -31.87 52.46
CA MET E 1396 -24.76 -31.99 51.96
C MET E 1396 -24.57 -31.26 50.64
N LEU E 1397 -25.62 -31.19 49.80
CA LEU E 1397 -25.53 -30.37 48.60
C LEU E 1397 -25.28 -28.92 48.97
N LYS E 1398 -26.06 -28.41 49.93
CA LYS E 1398 -25.88 -27.04 50.38
C LYS E 1398 -24.45 -26.80 50.88
N GLN E 1399 -23.93 -27.75 51.66
CA GLN E 1399 -22.60 -27.60 52.21
C GLN E 1399 -21.53 -27.64 51.13
N HIS E 1400 -21.64 -28.57 50.18
CA HIS E 1400 -20.68 -28.66 49.09
C HIS E 1400 -20.69 -27.40 48.24
N LEU E 1401 -21.89 -26.88 47.96
CA LEU E 1401 -22.02 -25.60 47.26
C LEU E 1401 -21.27 -24.50 48.01
N LYS E 1402 -21.52 -24.41 49.32
CA LYS E 1402 -20.90 -23.37 50.13
C LYS E 1402 -19.39 -23.50 50.11
N ASN E 1403 -18.89 -24.74 50.01
CA ASN E 1403 -17.46 -24.95 49.91
C ASN E 1403 -16.96 -24.56 48.52
N LEU E 1404 -17.78 -24.78 47.49
CA LEU E 1404 -17.39 -24.41 46.14
C LEU E 1404 -17.27 -22.90 45.98
N CYS E 1405 -18.04 -22.13 46.74
CA CYS E 1405 -17.87 -20.68 46.68
C CYS E 1405 -17.00 -20.14 47.80
N GLY E 1406 -17.02 -20.78 48.96
CA GLY E 1406 -16.30 -20.33 50.15
C GLY E 1406 -16.75 -18.99 50.65
N PHE E 1407 -18.06 -18.74 50.58
CA PHE E 1407 -18.67 -17.49 51.03
C PHE E 1407 -19.29 -17.64 52.42
N SER E 1408 -19.24 -16.54 53.17
CA SER E 1408 -19.80 -16.53 54.51
C SER E 1408 -21.32 -16.55 54.47
N ASP E 1409 -21.91 -17.32 55.40
CA ASP E 1409 -23.37 -17.42 55.51
C ASP E 1409 -24.00 -16.05 55.70
N SER E 1410 -23.30 -15.14 56.38
CA SER E 1410 -23.76 -13.76 56.54
C SER E 1410 -24.05 -13.10 55.19
N LYS E 1411 -23.08 -13.17 54.26
CA LYS E 1411 -23.26 -12.55 52.95
C LYS E 1411 -24.44 -13.17 52.20
N ILE E 1412 -24.60 -14.49 52.31
CA ILE E 1412 -25.72 -15.16 51.67
C ILE E 1412 -27.05 -14.68 52.24
N GLN E 1413 -27.19 -14.75 53.57
CA GLN E 1413 -28.42 -14.31 54.23
C GLN E 1413 -28.67 -12.82 54.01
N LYS E 1414 -27.62 -12.05 53.72
CA LYS E 1414 -27.79 -10.64 53.38
C LYS E 1414 -28.57 -10.50 52.08
N TYR E 1415 -28.35 -11.42 51.14
CA TYR E 1415 -29.06 -11.39 49.87
C TYR E 1415 -30.52 -11.69 50.11
N SER E 1416 -31.40 -10.99 49.41
CA SER E 1416 -32.82 -11.27 49.48
C SER E 1416 -33.37 -11.31 48.06
N PRO E 1417 -34.45 -12.06 47.83
CA PRO E 1417 -34.98 -12.17 46.47
C PRO E 1417 -35.43 -10.83 45.91
N SER E 1418 -35.03 -10.57 44.67
CA SER E 1418 -35.38 -9.35 43.91
C SER E 1418 -34.88 -8.09 44.59
N GLU E 1419 -33.67 -8.13 45.17
CA GLU E 1419 -33.10 -6.92 45.75
C GLU E 1419 -32.81 -5.87 44.69
N SER E 1420 -32.04 -6.24 43.68
CA SER E 1420 -31.72 -5.38 42.54
C SER E 1420 -31.15 -6.25 41.43
N ALA E 1421 -31.35 -5.80 40.20
CA ALA E 1421 -30.87 -6.54 39.04
C ALA E 1421 -29.35 -6.53 38.96
N LYS E 1422 -28.71 -5.42 39.32
CA LYS E 1422 -27.30 -5.18 39.03
C LYS E 1422 -26.35 -5.37 40.21
N VAL E 1423 -26.84 -5.62 41.42
CA VAL E 1423 -25.96 -5.65 42.59
C VAL E 1423 -25.00 -6.85 42.56
N TYR E 1424 -25.51 -8.05 42.33
CA TYR E 1424 -24.66 -9.25 42.25
C TYR E 1424 -24.33 -9.62 40.80
N ASP E 1425 -23.43 -8.85 40.21
CA ASP E 1425 -23.04 -9.07 38.83
C ASP E 1425 -21.66 -9.70 38.69
N LYS E 1426 -21.05 -10.15 39.79
CA LYS E 1426 -19.69 -10.70 39.72
C LYS E 1426 -19.69 -12.16 39.29
N ALA E 1427 -18.79 -12.48 38.37
CA ALA E 1427 -18.56 -13.86 37.97
C ALA E 1427 -17.95 -14.66 39.10
N ILE E 1428 -18.54 -15.81 39.42
CA ILE E 1428 -18.08 -16.64 40.53
C ILE E 1428 -16.76 -17.30 40.16
N ASN E 1429 -15.73 -17.02 40.95
CA ASN E 1429 -14.45 -17.70 40.79
C ASN E 1429 -14.57 -19.14 41.28
N ARG E 1430 -13.95 -20.07 40.54
CA ARG E 1430 -13.96 -21.48 40.88
C ARG E 1430 -12.55 -21.99 41.12
N LYS E 1431 -12.35 -22.61 42.28
CA LYS E 1431 -11.08 -23.26 42.56
C LYS E 1431 -10.98 -24.53 41.72
N THR E 1432 -9.80 -24.77 41.18
CA THR E 1432 -9.59 -25.92 40.30
C THR E 1432 -9.63 -27.25 41.06
N GLY E 1433 -10.25 -28.24 40.41
CA GLY E 1433 -10.29 -29.62 40.88
C GLY E 1433 -10.92 -29.85 42.23
N VAL E 1434 -11.98 -29.11 42.54
CA VAL E 1434 -12.71 -29.28 43.79
C VAL E 1434 -13.98 -30.10 43.57
N HIS E 1435 -14.11 -30.71 42.39
CA HIS E 1435 -15.33 -31.47 42.10
C HIS E 1435 -15.29 -32.72 42.96
N PHE E 1436 -15.88 -32.60 44.15
CA PHE E 1436 -15.94 -33.68 45.11
C PHE E 1436 -17.34 -34.19 45.36
N HIS E 1437 -18.36 -33.52 44.81
CA HIS E 1437 -19.74 -34.00 44.89
C HIS E 1437 -19.88 -35.48 44.53
N PRO E 1438 -19.35 -35.99 43.39
CA PRO E 1438 -19.44 -37.45 43.15
C PRO E 1438 -18.94 -38.29 44.32
N LYS E 1439 -17.71 -38.00 44.76
CA LYS E 1439 -17.09 -38.73 45.88
C LYS E 1439 -17.96 -38.67 47.14
N GLN E 1440 -18.42 -37.47 47.51
CA GLN E 1440 -19.24 -37.30 48.70
C GLN E 1440 -20.53 -38.11 48.58
N THR E 1441 -21.14 -38.11 47.40
CA THR E 1441 -22.38 -38.84 47.20
C THR E 1441 -22.13 -40.35 47.26
N LEU E 1442 -20.99 -40.81 46.75
CA LEU E 1442 -20.67 -42.23 46.91
C LEU E 1442 -20.49 -42.59 48.38
N ASP E 1443 -19.88 -41.69 49.15
CA ASP E 1443 -19.72 -41.90 50.59
C ASP E 1443 -21.08 -42.01 51.28
N PHE E 1444 -21.95 -41.04 51.04
CA PHE E 1444 -23.26 -41.06 51.67
C PHE E 1444 -24.17 -42.15 51.12
N LEU E 1445 -23.99 -42.54 49.85
CA LEU E 1445 -24.72 -43.68 49.31
C LEU E 1445 -24.30 -44.96 50.03
N ARG E 1446 -23.00 -45.11 50.32
CA ARG E 1446 -22.54 -46.24 51.11
C ARG E 1446 -23.10 -46.15 52.53
N SER E 1447 -23.24 -44.93 53.04
CA SER E 1447 -23.92 -44.73 54.33
C SER E 1447 -25.36 -45.22 54.25
N ASP E 1448 -26.03 -44.91 53.13
CA ASP E 1448 -27.34 -45.48 52.86
C ASP E 1448 -27.23 -46.98 52.66
N MET E 1449 -26.20 -47.41 51.93
CA MET E 1449 -25.77 -48.79 51.68
C MET E 1449 -26.71 -49.58 50.79
N ALA E 1450 -27.72 -48.93 50.19
CA ALA E 1450 -28.68 -49.59 49.29
C ALA E 1450 -29.34 -50.81 49.94
N ASN E 1451 -29.65 -50.71 51.24
CA ASN E 1451 -30.23 -51.83 51.98
C ASN E 1451 -31.50 -51.37 52.69
N SER E 1452 -32.61 -52.02 52.37
CA SER E 1452 -33.92 -51.62 52.88
C SER E 1452 -34.49 -52.71 53.78
N LYS E 1453 -34.72 -52.34 55.05
CA LYS E 1453 -35.40 -53.16 56.06
C LYS E 1453 -34.83 -54.57 56.23
N ILE E 1454 -33.51 -54.74 56.14
CA ILE E 1454 -32.90 -56.02 56.44
C ILE E 1454 -31.75 -55.81 57.43
N THR E 1455 -31.91 -56.36 58.66
CA THR E 1455 -30.97 -56.57 59.77
C THR E 1455 -31.18 -55.61 60.95
N GLU E 1456 -30.64 -55.98 62.12
CA GLU E 1456 -30.66 -55.09 63.27
C GLU E 1456 -29.66 -53.94 63.08
N GLU E 1457 -28.52 -54.25 62.44
CA GLU E 1457 -27.39 -53.31 62.33
C GLU E 1457 -27.76 -52.01 61.62
N VAL E 1458 -28.62 -52.11 60.61
CA VAL E 1458 -29.07 -50.90 59.91
C VAL E 1458 -29.79 -49.96 60.86
N LYS E 1459 -30.51 -50.50 61.85
CA LYS E 1459 -31.15 -49.64 62.85
C LYS E 1459 -30.10 -48.84 63.62
N ARG E 1460 -28.96 -49.48 63.93
CA ARG E 1460 -27.85 -48.77 64.56
C ARG E 1460 -27.32 -47.69 63.64
N SER E 1461 -27.25 -48.00 62.34
CA SER E 1461 -26.83 -46.99 61.36
C SER E 1461 -27.83 -45.84 61.32
N ILE E 1462 -29.12 -46.16 61.47
CA ILE E 1462 -30.18 -45.15 61.51
C ILE E 1462 -29.98 -44.22 62.71
N VAL E 1463 -29.58 -44.80 63.84
CA VAL E 1463 -29.31 -44.00 65.03
C VAL E 1463 -28.08 -43.13 64.81
N LYS E 1464 -27.08 -43.68 64.11
CA LYS E 1464 -25.89 -42.90 63.77
C LYS E 1464 -26.26 -41.76 62.85
N GLN E 1465 -27.19 -42.01 61.93
CA GLN E 1465 -27.68 -40.99 61.01
C GLN E 1465 -28.38 -39.86 61.76
N TYR E 1466 -29.17 -40.20 62.77
CA TYR E 1466 -29.82 -39.17 63.59
C TYR E 1466 -28.76 -38.35 64.33
N LEU E 1467 -27.70 -39.03 64.81
CA LEU E 1467 -26.58 -38.35 65.43
C LEU E 1467 -25.90 -37.42 64.45
N ASP E 1468 -25.80 -37.84 63.19
CA ASP E 1468 -25.25 -37.00 62.13
C ASP E 1468 -26.09 -35.76 61.92
N PHE E 1469 -27.43 -35.89 62.01
CA PHE E 1469 -28.29 -34.71 61.90
C PHE E 1469 -28.02 -33.74 63.03
N LYS E 1470 -27.85 -34.27 64.25
CA LYS E 1470 -27.53 -33.40 65.38
C LYS E 1470 -26.20 -32.71 65.15
N LEU E 1471 -25.23 -33.46 64.60
CA LEU E 1471 -23.93 -32.88 64.27
C LEU E 1471 -24.07 -31.80 63.22
N LEU E 1472 -24.93 -32.03 62.23
CA LEU E 1472 -25.17 -31.04 61.18
C LEU E 1472 -25.73 -29.77 61.76
N MET E 1473 -26.65 -29.90 62.72
CA MET E 1473 -27.19 -28.74 63.41
C MET E 1473 -26.08 -28.03 64.17
N GLU E 1474 -25.19 -28.81 64.79
CA GLU E 1474 -24.06 -28.28 65.53
C GLU E 1474 -23.11 -27.50 64.63
N HIS E 1475 -22.91 -27.98 63.39
CA HIS E 1475 -22.00 -27.34 62.45
C HIS E 1475 -22.41 -25.91 62.12
N LEU E 1476 -21.38 -25.05 62.03
CA LEU E 1476 -21.56 -23.65 61.72
C LEU E 1476 -21.28 -23.38 60.24
#